data_5A2T
#
_entry.id   5A2T
#
_cell.length_a   1.000
_cell.length_b   1.000
_cell.length_c   1.000
_cell.angle_alpha   90.00
_cell.angle_beta   90.00
_cell.angle_gamma   90.00
#
_symmetry.space_group_name_H-M   'P 1'
#
loop_
_entity.id
_entity.type
_entity.pdbx_description
1 polymer 'COAT PROTEIN'
2 polymer 'BAMBOO MOSAIC VIRUS'
#
loop_
_entity_poly.entity_id
_entity_poly.type
_entity_poly.pdbx_seq_one_letter_code
_entity_poly.pdbx_strand_id
1 'polypeptide(L)'
;QPWEAIFTKDDLAAIEPKPASANVPNTKQWIGIQAGLIKAGATDANFMKVLLGLSLEAFDRGSSEATTWDGITEGVEHRA
AANAIKEANCPIHKVTYYLAKPTFAIRQSKNLPPANFAKKNVPSQYKWCAFDAFDGLYDPTCLASELPYDAPSEIDRMAY
ATFKTIQIKIANDQKGFNLNYNPNVTQARLPNAPLPALPEPTSD
;
A,B,C,D,E,F,G,H,I,J,K,L,M,N,O,P,Q,R,S,T,U,V,W,X,Y
2 'polyribonucleotide'
;UUUUUUUUUUUUUUUUUUUUUUUUUUUUUUUUUUUUUUUUUUUUUUUUUUUUUUUUUUUUUUUUUUUUUUUUUUUUUUUU
UUUUUUUUUUUUUUUUUUUUUUUUUUUUUUUUUUUUUUUUUUUUU
;
Z
#
# COMPACT_ATOMS: atom_id res chain seq x y z
N GLN A 1 24.28 -20.93 48.97
CA GLN A 1 23.73 -20.22 47.82
C GLN A 1 24.18 -18.78 47.80
N PRO A 2 25.42 -18.53 47.40
CA PRO A 2 26.00 -17.19 47.40
C PRO A 2 25.24 -16.24 46.50
N TRP A 3 24.62 -16.77 45.45
CA TRP A 3 23.88 -15.94 44.51
C TRP A 3 22.56 -15.47 45.10
N GLU A 4 22.12 -16.10 46.18
CA GLU A 4 20.87 -15.71 46.83
C GLU A 4 21.11 -14.60 47.85
N ALA A 5 22.38 -14.34 48.14
CA ALA A 5 22.74 -13.31 49.12
C ALA A 5 22.57 -11.91 48.54
N ILE A 6 22.26 -10.96 49.41
CA ILE A 6 22.13 -9.57 49.00
C ILE A 6 23.50 -8.92 49.02
N PHE A 7 23.91 -8.35 47.89
CA PHE A 7 25.24 -7.78 47.79
C PHE A 7 25.41 -6.51 48.62
N THR A 8 24.31 -5.80 48.84
CA THR A 8 24.32 -4.56 49.63
C THR A 8 24.93 -3.41 48.84
N LYS A 9 24.17 -2.32 48.73
CA LYS A 9 24.58 -1.14 47.97
C LYS A 9 25.91 -0.58 48.44
N ASP A 10 26.16 -0.66 49.74
CA ASP A 10 27.41 -0.17 50.31
C ASP A 10 28.60 -0.84 49.63
N ASP A 11 28.43 -2.11 49.28
CA ASP A 11 29.47 -2.88 48.63
C ASP A 11 29.50 -2.59 47.14
N LEU A 12 28.33 -2.33 46.56
CA LEU A 12 28.24 -2.01 45.13
C LEU A 12 29.01 -0.73 44.83
N ALA A 13 28.85 0.27 45.70
CA ALA A 13 29.52 1.55 45.54
C ALA A 13 31.02 1.43 45.76
N ALA A 14 31.42 0.37 46.46
CA ALA A 14 32.83 0.15 46.77
C ALA A 14 33.58 -0.47 45.59
N ILE A 15 32.84 -0.91 44.57
CA ILE A 15 33.46 -1.54 43.41
C ILE A 15 34.22 -0.53 42.54
N GLU A 16 33.58 0.59 42.25
CA GLU A 16 34.20 1.65 41.45
C GLU A 16 34.85 1.11 40.18
N PRO A 17 34.04 0.49 39.32
CA PRO A 17 34.53 -0.11 38.07
C PRO A 17 34.83 0.94 37.01
N LYS A 18 35.51 0.51 35.96
CA LYS A 18 35.84 1.36 34.83
C LYS A 18 35.19 0.83 33.56
N PRO A 19 34.72 1.72 32.69
CA PRO A 19 34.12 1.30 31.42
C PRO A 19 35.12 0.47 30.63
N ALA A 20 34.62 -0.54 29.92
CA ALA A 20 35.50 -1.45 29.17
C ALA A 20 35.07 -1.56 27.72
N SER A 21 35.41 -0.55 26.92
CA SER A 21 35.09 -0.56 25.51
C SER A 21 35.93 -1.56 24.76
N ALA A 22 35.34 -2.20 23.74
CA ALA A 22 36.05 -3.16 22.92
C ALA A 22 36.54 -2.53 21.63
N ASN A 23 36.30 -1.22 21.46
CA ASN A 23 36.76 -0.55 20.26
C ASN A 23 38.13 0.08 20.51
N VAL A 24 38.77 -0.33 21.59
CA VAL A 24 40.12 0.14 21.88
C VAL A 24 41.04 -1.07 21.99
N PRO A 25 42.30 -0.88 21.64
CA PRO A 25 43.27 -1.97 21.71
C PRO A 25 43.36 -2.53 23.13
N ASN A 26 43.50 -3.84 23.23
CA ASN A 26 43.67 -4.49 24.52
C ASN A 26 44.97 -4.04 25.13
N THR A 27 45.06 -4.07 26.45
CA THR A 27 46.29 -3.67 27.12
C THR A 27 47.50 -4.34 26.49
N LYS A 28 47.40 -5.63 26.22
CA LYS A 28 48.50 -6.36 25.60
C LYS A 28 48.71 -5.92 24.16
N GLN A 29 47.63 -5.45 23.53
CA GLN A 29 47.72 -4.96 22.16
C GLN A 29 48.36 -3.58 22.17
N TRP A 30 48.09 -2.80 23.20
CA TRP A 30 48.73 -1.51 23.35
C TRP A 30 50.22 -1.73 23.48
N ILE A 31 50.57 -2.78 24.22
CA ILE A 31 51.95 -3.18 24.40
C ILE A 31 52.51 -3.66 23.08
N GLY A 32 51.71 -4.41 22.33
CA GLY A 32 52.11 -4.88 21.02
C GLY A 32 52.44 -3.69 20.12
N ILE A 33 51.63 -2.64 20.23
CA ILE A 33 51.88 -1.43 19.47
C ILE A 33 53.20 -0.83 19.90
N GLN A 34 53.46 -0.83 21.21
CA GLN A 34 54.73 -0.33 21.72
C GLN A 34 55.88 -1.15 21.17
N ALA A 35 55.71 -2.47 21.16
CA ALA A 35 56.75 -3.35 20.67
C ALA A 35 57.11 -3.02 19.24
N GLY A 36 56.12 -2.58 18.47
CA GLY A 36 56.36 -2.20 17.08
C GLY A 36 56.71 -0.72 16.94
N LEU A 37 55.88 0.13 17.50
CA LEU A 37 56.04 1.58 17.38
C LEU A 37 57.28 2.10 18.06
N ILE A 38 57.57 1.61 19.26
CA ILE A 38 58.77 2.04 19.95
C ILE A 38 59.97 1.50 19.21
N LYS A 39 59.86 0.26 18.74
CA LYS A 39 60.88 -0.37 17.93
C LYS A 39 61.11 0.40 16.64
N ALA A 40 60.03 1.00 16.13
CA ALA A 40 60.06 1.76 14.89
C ALA A 40 60.84 3.07 15.05
N GLY A 41 61.14 3.45 16.30
CA GLY A 41 61.91 4.67 16.54
C GLY A 41 61.19 5.65 17.45
N ALA A 42 59.93 5.36 17.78
CA ALA A 42 59.17 6.23 18.67
C ALA A 42 59.56 5.97 20.11
N THR A 43 59.41 6.97 20.96
CA THR A 43 59.74 6.79 22.36
C THR A 43 58.83 7.59 23.29
N ASP A 44 58.50 7.01 24.43
CA ASP A 44 57.68 7.66 25.45
C ASP A 44 56.44 8.33 24.90
N ALA A 45 56.36 9.65 25.05
CA ALA A 45 55.21 10.43 24.63
C ALA A 45 54.97 10.35 23.13
N ASN A 46 56.02 10.04 22.38
CA ASN A 46 55.90 9.93 20.93
C ASN A 46 54.98 8.79 20.57
N PHE A 47 54.80 7.85 21.49
CA PHE A 47 53.91 6.73 21.27
C PHE A 47 52.53 7.24 20.89
N MET A 48 51.98 8.10 21.74
CA MET A 48 50.67 8.68 21.47
C MET A 48 50.72 9.68 20.33
N LYS A 49 51.79 10.47 20.27
CA LYS A 49 51.94 11.49 19.24
C LYS A 49 51.86 10.89 17.84
N VAL A 50 52.60 9.82 17.63
CA VAL A 50 52.62 9.17 16.33
C VAL A 50 51.28 8.54 16.01
N LEU A 51 50.66 7.93 17.02
CA LEU A 51 49.36 7.31 16.83
C LEU A 51 48.31 8.37 16.51
N LEU A 52 48.47 9.56 17.10
CA LEU A 52 47.59 10.67 16.78
C LEU A 52 47.78 11.08 15.34
N GLY A 53 49.02 11.02 14.87
CA GLY A 53 49.30 11.31 13.48
C GLY A 53 48.49 10.38 12.59
N LEU A 54 48.54 9.09 12.92
CA LEU A 54 47.77 8.09 12.18
C LEU A 54 46.28 8.31 12.31
N SER A 55 45.83 8.72 13.49
CA SER A 55 44.41 8.96 13.69
C SER A 55 43.95 10.10 12.79
N LEU A 56 44.83 11.08 12.62
CA LEU A 56 44.57 12.21 11.75
C LEU A 56 44.54 11.72 10.31
N GLU A 57 45.40 10.76 10.01
CA GLU A 57 45.42 10.18 8.68
C GLU A 57 44.18 9.34 8.47
N ALA A 58 43.77 8.63 9.51
CA ALA A 58 42.58 7.79 9.46
C ALA A 58 41.35 8.67 9.24
N PHE A 59 41.41 9.88 9.77
CA PHE A 59 40.35 10.84 9.62
C PHE A 59 40.12 11.13 8.15
N ASP A 60 41.22 11.24 7.40
CA ASP A 60 41.15 11.48 5.96
C ASP A 60 41.36 10.23 5.12
N ARG A 61 41.72 9.12 5.75
CA ARG A 61 41.96 7.89 4.99
C ARG A 61 41.10 6.73 5.44
N GLY A 62 41.45 6.13 6.58
CA GLY A 62 40.71 5.00 7.10
C GLY A 62 41.65 3.91 7.64
N SER A 63 41.14 2.68 7.77
CA SER A 63 41.90 1.54 8.26
C SER A 63 43.20 1.32 7.48
N SER A 64 43.20 0.35 6.55
CA SER A 64 44.40 0.09 5.77
C SER A 64 44.73 1.28 4.89
N GLU A 65 43.77 2.16 4.68
CA GLU A 65 43.99 3.36 3.91
C GLU A 65 45.08 4.21 4.56
N ALA A 66 44.92 4.48 5.86
CA ALA A 66 45.93 5.25 6.58
C ALA A 66 47.21 4.43 6.69
N THR A 67 47.08 3.10 6.66
CA THR A 67 48.23 2.22 6.71
C THR A 67 49.11 2.43 5.48
N THR A 68 48.49 2.62 4.33
CA THR A 68 49.22 2.86 3.09
C THR A 68 49.80 4.27 3.06
N TRP A 69 49.17 5.18 3.80
CA TRP A 69 49.64 6.56 3.83
C TRP A 69 51.02 6.66 4.47
N ASP A 70 51.95 7.26 3.75
CA ASP A 70 53.32 7.45 4.20
C ASP A 70 53.50 8.79 4.91
N GLY A 71 54.75 9.13 5.22
CA GLY A 71 55.05 10.39 5.87
C GLY A 71 55.62 10.16 7.26
N ILE A 72 56.80 10.71 7.50
CA ILE A 72 57.45 10.56 8.79
C ILE A 72 56.91 11.55 9.79
N THR A 73 56.38 11.02 10.87
CA THR A 73 55.83 11.83 11.95
C THR A 73 56.94 12.25 12.88
N GLU A 74 56.55 12.85 14.00
CA GLU A 74 57.51 13.25 15.01
C GLU A 74 58.30 12.07 15.55
N GLY A 75 57.74 10.86 15.41
CA GLY A 75 58.43 9.67 15.89
C GLY A 75 58.85 8.74 14.75
N VAL A 76 57.97 8.51 13.78
CA VAL A 76 58.29 7.59 12.69
C VAL A 76 57.24 7.63 11.58
N GLU A 77 57.60 7.07 10.42
CA GLU A 77 56.70 6.98 9.27
C GLU A 77 55.35 6.39 9.65
N HIS A 78 54.29 6.99 9.11
CA HIS A 78 52.93 6.55 9.38
C HIS A 78 52.77 5.06 9.11
N ARG A 79 53.31 4.62 7.99
CA ARG A 79 53.21 3.22 7.59
C ARG A 79 53.91 2.31 8.59
N ALA A 80 55.06 2.75 9.10
CA ALA A 80 55.80 1.97 10.07
C ALA A 80 55.00 1.83 11.36
N ALA A 81 54.40 2.93 11.78
CA ALA A 81 53.57 2.94 12.97
C ALA A 81 52.32 2.08 12.74
N ALA A 82 51.81 2.14 11.52
CA ALA A 82 50.63 1.36 11.15
C ALA A 82 50.96 -0.12 11.24
N ASN A 83 52.18 -0.47 10.88
CA ASN A 83 52.63 -1.85 10.96
C ASN A 83 52.62 -2.32 12.40
N ALA A 84 53.01 -1.44 13.31
CA ALA A 84 53.02 -1.75 14.74
C ALA A 84 51.61 -2.07 15.20
N ILE A 85 50.65 -1.29 14.70
CA ILE A 85 49.25 -1.52 15.04
C ILE A 85 48.81 -2.87 14.51
N LYS A 86 49.25 -3.21 13.30
CA LYS A 86 48.95 -4.49 12.69
C LYS A 86 49.61 -5.62 13.46
N GLU A 87 50.80 -5.34 14.02
CA GLU A 87 51.50 -6.35 14.83
C GLU A 87 50.68 -6.68 16.07
N ALA A 88 49.93 -5.69 16.56
CA ALA A 88 49.06 -5.87 17.71
C ALA A 88 47.73 -6.52 17.31
N ASN A 89 47.60 -6.84 16.02
CA ASN A 89 46.39 -7.46 15.49
C ASN A 89 45.20 -6.52 15.55
N CYS A 90 45.47 -5.23 15.35
CA CYS A 90 44.41 -4.23 15.35
C CYS A 90 44.44 -3.40 14.07
N PRO A 91 43.29 -2.86 13.69
CA PRO A 91 43.22 -1.91 12.59
C PRO A 91 43.56 -0.53 13.14
N ILE A 92 43.98 0.38 12.27
CA ILE A 92 44.29 1.73 12.72
C ILE A 92 43.07 2.34 13.35
N HIS A 93 41.90 1.99 12.82
CA HIS A 93 40.64 2.48 13.37
C HIS A 93 40.50 2.11 14.84
N LYS A 94 41.00 0.94 15.21
CA LYS A 94 40.93 0.49 16.59
C LYS A 94 41.63 1.47 17.50
N VAL A 95 42.81 1.89 17.10
CA VAL A 95 43.55 2.88 17.86
C VAL A 95 42.89 4.24 17.76
N THR A 96 42.41 4.55 16.56
CA THR A 96 41.76 5.82 16.28
C THR A 96 40.50 5.99 17.11
N TYR A 97 39.80 4.89 17.38
CA TYR A 97 38.60 4.95 18.19
C TYR A 97 38.93 5.52 19.56
N TYR A 98 40.08 5.11 20.10
CA TYR A 98 40.54 5.61 21.39
C TYR A 98 40.97 7.07 21.28
N LEU A 99 41.59 7.41 20.17
CA LEU A 99 42.09 8.76 19.95
C LEU A 99 41.21 9.53 18.98
N ALA A 100 39.93 9.18 18.94
CA ALA A 100 38.98 9.83 18.02
C ALA A 100 38.69 11.27 18.41
N LYS A 101 38.44 11.51 19.69
CA LYS A 101 38.06 12.83 20.15
C LYS A 101 39.19 13.85 20.04
N PRO A 102 40.38 13.50 20.51
CA PRO A 102 41.52 14.42 20.42
C PRO A 102 41.84 14.69 18.96
N THR A 103 41.67 13.67 18.13
CA THR A 103 41.92 13.77 16.70
C THR A 103 40.95 14.75 16.07
N PHE A 104 39.67 14.55 16.36
CA PHE A 104 38.63 15.44 15.87
C PHE A 104 38.84 16.83 16.43
N ALA A 105 39.22 16.89 17.71
CA ALA A 105 39.46 18.15 18.39
C ALA A 105 40.55 18.95 17.71
N ILE A 106 41.60 18.26 17.27
CA ILE A 106 42.68 18.93 16.56
C ILE A 106 42.17 19.59 15.30
N ARG A 107 41.52 18.81 14.47
CA ARG A 107 40.99 19.28 13.21
C ARG A 107 39.88 20.29 13.39
N GLN A 108 39.11 20.14 14.45
CA GLN A 108 38.02 21.05 14.71
C GLN A 108 38.57 22.43 15.03
N SER A 109 39.67 22.46 15.78
CA SER A 109 40.31 23.72 16.12
C SER A 109 41.08 24.29 14.93
N LYS A 110 41.54 23.40 14.05
CA LYS A 110 42.28 23.82 12.87
C LYS A 110 41.36 23.94 11.65
N ASN A 111 40.09 23.60 11.85
CA ASN A 111 39.09 23.66 10.78
C ASN A 111 39.47 22.80 9.58
N LEU A 112 39.92 21.58 9.85
CA LEU A 112 40.31 20.67 8.79
C LEU A 112 39.31 19.53 8.63
N PRO A 113 38.34 19.73 7.75
CA PRO A 113 37.28 18.74 7.54
C PRO A 113 37.84 17.49 6.88
N PRO A 114 37.09 16.40 6.95
CA PRO A 114 37.55 15.12 6.40
C PRO A 114 37.72 15.22 4.90
N ALA A 115 38.84 14.72 4.41
CA ALA A 115 39.17 14.76 2.98
C ALA A 115 38.29 13.82 2.18
N ASN A 116 37.70 12.83 2.84
CA ASN A 116 36.85 11.87 2.16
C ASN A 116 35.39 12.33 2.16
N PHE A 117 35.16 13.53 2.66
CA PHE A 117 33.84 14.14 2.66
C PHE A 117 33.27 14.17 1.25
N ALA A 118 34.10 14.63 0.32
CA ALA A 118 33.73 14.71 -1.09
C ALA A 118 33.42 13.34 -1.67
N LYS A 119 34.28 12.38 -1.35
CA LYS A 119 34.17 11.03 -1.87
C LYS A 119 32.89 10.37 -1.42
N LYS A 120 32.49 10.64 -0.19
CA LYS A 120 31.31 10.03 0.40
C LYS A 120 30.04 10.79 0.04
N ASN A 121 30.18 11.90 -0.67
CA ASN A 121 29.03 12.70 -1.08
C ASN A 121 28.22 13.15 0.13
N VAL A 122 28.89 13.36 1.25
CA VAL A 122 28.22 13.80 2.46
C VAL A 122 27.77 15.25 2.32
N PRO A 123 26.51 15.52 2.64
CA PRO A 123 25.97 16.87 2.54
C PRO A 123 26.82 17.84 3.35
N SER A 124 26.95 19.07 2.86
CA SER A 124 27.74 20.10 3.53
C SER A 124 27.20 20.37 4.93
N GLN A 125 25.91 20.12 5.10
CA GLN A 125 25.27 20.26 6.40
C GLN A 125 25.93 19.34 7.41
N TYR A 126 26.44 18.23 6.92
CA TYR A 126 27.08 17.22 7.74
C TYR A 126 28.56 17.10 7.41
N LYS A 127 29.20 18.22 7.09
CA LYS A 127 30.60 18.24 6.71
C LYS A 127 31.52 17.57 7.73
N TRP A 128 31.22 17.74 9.00
CA TRP A 128 32.05 17.16 10.05
C TRP A 128 31.51 15.83 10.55
N CYS A 129 30.56 15.27 9.82
CA CYS A 129 29.99 13.99 10.21
C CYS A 129 30.70 12.83 9.53
N ALA A 130 31.49 13.13 8.51
CA ALA A 130 32.23 12.10 7.80
C ALA A 130 33.49 11.71 8.57
N PHE A 131 33.29 11.04 9.71
CA PHE A 131 34.38 10.60 10.56
C PHE A 131 34.24 9.13 10.92
N ASP A 132 35.13 8.30 10.40
CA ASP A 132 35.07 6.86 10.62
C ASP A 132 35.05 6.47 12.09
N ALA A 133 35.85 7.16 12.89
CA ALA A 133 35.92 6.87 14.31
C ALA A 133 35.02 7.79 15.13
N PHE A 134 33.90 8.20 14.55
CA PHE A 134 32.96 9.08 15.25
C PHE A 134 32.44 8.45 16.53
N ASP A 135 32.48 7.11 16.60
CA ASP A 135 31.99 6.42 17.79
C ASP A 135 32.83 6.78 19.01
N GLY A 136 34.08 7.13 18.78
CA GLY A 136 34.97 7.51 19.87
C GLY A 136 34.56 8.84 20.48
N LEU A 137 33.73 9.59 19.76
CA LEU A 137 33.23 10.87 20.24
C LEU A 137 32.23 10.67 21.35
N TYR A 138 31.70 9.45 21.44
CA TYR A 138 30.72 9.11 22.45
C TYR A 138 31.30 8.10 23.44
N ASP A 139 32.29 7.34 22.99
CA ASP A 139 32.91 6.31 23.80
C ASP A 139 33.51 6.89 25.08
N PRO A 140 33.03 6.41 26.22
CA PRO A 140 33.46 6.92 27.53
C PRO A 140 34.94 6.65 27.83
N THR A 141 35.53 5.69 27.13
CA THR A 141 36.93 5.36 27.35
C THR A 141 37.84 6.13 26.41
N CYS A 142 37.26 6.81 25.42
CA CYS A 142 38.04 7.56 24.45
C CYS A 142 38.75 8.75 25.09
N LEU A 143 40.01 8.93 24.73
CA LEU A 143 40.84 10.03 25.23
C LEU A 143 40.29 11.37 24.77
N ALA A 144 40.48 12.41 25.59
CA ALA A 144 39.99 13.75 25.22
C ALA A 144 40.32 14.77 26.30
N SER A 145 41.29 15.63 26.00
CA SER A 145 41.68 16.69 26.92
C SER A 145 40.78 17.92 26.77
N GLU A 146 40.17 18.06 25.60
CA GLU A 146 39.29 19.19 25.30
C GLU A 146 38.78 19.14 23.87
N LEU A 147 37.46 19.11 23.72
CA LEU A 147 36.84 19.09 22.39
C LEU A 147 36.23 20.46 22.07
N PRO A 148 36.77 21.13 21.05
CA PRO A 148 36.32 22.48 20.65
C PRO A 148 34.84 22.55 20.30
N TYR A 149 34.30 21.48 19.72
CA TYR A 149 32.90 21.48 19.34
C TYR A 149 32.21 20.18 19.70
N ASP A 150 31.00 20.29 20.23
CA ASP A 150 30.23 19.11 20.61
C ASP A 150 29.68 18.38 19.40
N ALA A 151 30.58 17.66 18.72
CA ALA A 151 30.22 16.86 17.56
C ALA A 151 29.27 15.73 17.96
N PRO A 152 29.31 15.32 19.22
CA PRO A 152 28.38 14.29 19.70
C PRO A 152 26.90 14.71 19.56
N SER A 153 26.64 16.00 19.37
CA SER A 153 25.27 16.51 19.26
C SER A 153 24.34 15.52 18.56
N GLU A 154 23.16 15.35 19.13
CA GLU A 154 22.18 14.38 18.62
C GLU A 154 21.89 14.56 17.14
N ILE A 155 21.84 15.80 16.68
CA ILE A 155 21.63 16.06 15.27
C ILE A 155 22.77 15.47 14.47
N ASP A 156 23.98 15.67 14.97
CA ASP A 156 25.17 15.13 14.35
C ASP A 156 25.20 13.62 14.52
N ARG A 157 24.58 13.13 15.59
CA ARG A 157 24.52 11.70 15.89
C ARG A 157 23.66 10.99 14.86
N MET A 158 22.54 11.59 14.50
CA MET A 158 21.69 11.03 13.48
C MET A 158 22.37 11.18 12.14
N ALA A 159 23.14 12.25 11.99
CA ALA A 159 23.94 12.44 10.79
C ALA A 159 25.03 11.39 10.75
N TYR A 160 25.55 11.04 11.94
CA TYR A 160 26.55 9.99 12.06
C TYR A 160 25.93 8.66 11.71
N ALA A 161 24.64 8.51 12.02
CA ALA A 161 23.92 7.30 11.66
C ALA A 161 23.83 7.24 10.14
N THR A 162 23.57 8.38 9.52
CA THR A 162 23.53 8.46 8.07
C THR A 162 24.92 8.13 7.54
N PHE A 163 25.93 8.62 8.25
CA PHE A 163 27.30 8.31 7.93
C PHE A 163 27.55 6.82 8.07
N LYS A 164 26.93 6.20 9.07
CA LYS A 164 27.05 4.77 9.26
C LYS A 164 26.55 4.04 8.04
N THR A 165 25.52 4.58 7.40
CA THR A 165 24.99 4.00 6.16
C THR A 165 26.10 3.93 5.12
N ILE A 166 26.93 4.97 5.07
CA ILE A 166 28.06 4.98 4.17
C ILE A 166 28.99 3.84 4.50
N GLN A 167 29.26 3.69 5.78
CA GLN A 167 30.14 2.65 6.27
C GLN A 167 29.58 1.28 5.94
N ILE A 168 28.25 1.17 6.07
CA ILE A 168 27.55 -0.06 5.75
C ILE A 168 27.61 -0.35 4.26
N LYS A 169 27.38 0.68 3.46
CA LYS A 169 27.41 0.55 2.02
C LYS A 169 28.75 0.01 1.56
N ILE A 170 29.82 0.64 2.02
CA ILE A 170 31.15 0.20 1.63
C ILE A 170 31.40 -1.21 2.14
N ALA A 171 30.88 -1.50 3.32
CA ALA A 171 30.99 -2.85 3.86
C ALA A 171 30.30 -3.82 2.91
N ASN A 172 29.14 -3.44 2.41
CA ASN A 172 28.43 -4.28 1.46
C ASN A 172 29.25 -4.40 0.18
N ASP A 173 29.95 -3.34 -0.16
CA ASP A 173 30.77 -3.31 -1.36
C ASP A 173 32.02 -4.17 -1.24
N GLN A 174 32.56 -4.29 -0.03
CA GLN A 174 33.78 -5.10 0.16
C GLN A 174 33.58 -6.25 1.13
N LYS A 175 32.99 -5.97 2.28
CA LYS A 175 32.73 -7.02 3.28
C LYS A 175 31.69 -7.99 2.75
N GLY A 176 30.85 -7.50 1.85
CA GLY A 176 29.80 -8.30 1.25
C GLY A 176 30.36 -9.32 0.25
N PHE A 177 31.66 -9.26 -0.01
CA PHE A 177 32.28 -10.23 -0.90
C PHE A 177 32.04 -11.63 -0.37
N ASN A 178 31.61 -12.52 -1.25
CA ASN A 178 31.28 -13.88 -0.84
C ASN A 178 32.49 -14.79 -0.78
N LEU A 179 32.97 -15.05 0.44
CA LEU A 179 34.07 -15.96 0.63
C LEU A 179 33.54 -17.39 0.63
N ASN A 180 33.15 -17.85 -0.55
CA ASN A 180 32.57 -19.16 -0.73
C ASN A 180 33.60 -20.27 -0.93
N TYR A 181 34.87 -19.90 -0.93
CA TYR A 181 35.90 -20.92 -1.04
C TYR A 181 37.22 -20.43 -0.47
N ASN A 182 38.05 -21.39 -0.10
CA ASN A 182 39.38 -21.08 0.40
C ASN A 182 40.43 -21.50 -0.63
N PRO A 183 40.55 -22.81 -0.89
CA PRO A 183 41.58 -23.32 -1.79
C PRO A 183 41.24 -23.11 -3.26
N ASN A 184 40.97 -21.87 -3.64
CA ASN A 184 40.68 -21.55 -5.04
C ASN A 184 39.60 -22.41 -5.68
N VAL A 185 38.50 -22.66 -4.98
CA VAL A 185 37.43 -23.45 -5.59
C VAL A 185 36.59 -22.60 -6.52
N THR A 186 37.18 -22.25 -7.66
CA THR A 186 36.52 -21.44 -8.66
C THR A 186 35.50 -22.23 -9.44
N GLN A 187 35.60 -23.56 -9.34
CA GLN A 187 34.65 -24.43 -9.99
C GLN A 187 33.28 -24.33 -9.36
N ALA A 188 33.25 -23.94 -8.09
CA ALA A 188 31.98 -23.72 -7.42
C ALA A 188 31.45 -22.36 -7.83
N ARG A 189 32.30 -21.34 -7.64
CA ARG A 189 31.98 -19.98 -8.05
C ARG A 189 33.24 -19.28 -8.53
N LEU A 190 33.17 -18.73 -9.73
CA LEU A 190 34.30 -18.06 -10.34
C LEU A 190 34.62 -16.72 -9.70
N PRO A 191 35.87 -16.30 -9.82
CA PRO A 191 36.31 -15.01 -9.29
C PRO A 191 35.47 -13.90 -9.90
N ASN A 192 35.09 -12.94 -9.06
CA ASN A 192 34.29 -11.81 -9.49
C ASN A 192 32.90 -12.19 -9.97
N ALA A 193 32.48 -13.42 -9.67
CA ALA A 193 31.14 -13.86 -10.03
C ALA A 193 30.10 -13.12 -9.19
N PRO A 194 30.46 -12.73 -7.97
CA PRO A 194 29.55 -11.98 -7.10
C PRO A 194 29.22 -10.59 -7.66
N LEU A 195 29.96 -10.13 -8.66
CA LEU A 195 29.71 -8.82 -9.23
C LEU A 195 28.27 -8.71 -9.71
N PRO A 196 27.58 -7.66 -9.26
CA PRO A 196 26.18 -7.43 -9.65
C PRO A 196 26.05 -7.29 -11.15
N ALA A 197 24.94 -7.82 -11.69
CA ALA A 197 24.67 -7.74 -13.11
C ALA A 197 24.40 -6.30 -13.51
N LEU A 198 24.64 -5.98 -14.77
CA LEU A 198 24.43 -4.63 -15.27
C LEU A 198 22.95 -4.29 -15.23
N PRO A 199 22.64 -3.06 -14.85
CA PRO A 199 21.25 -2.62 -14.72
C PRO A 199 20.55 -2.56 -16.07
N GLU A 200 19.31 -3.01 -16.10
CA GLU A 200 18.49 -2.98 -17.31
C GLU A 200 17.87 -1.61 -17.48
N PRO A 201 17.48 -1.27 -18.70
CA PRO A 201 16.84 0.03 -18.95
C PRO A 201 15.36 0.02 -18.58
N THR A 202 14.78 -1.18 -18.44
CA THR A 202 13.37 -1.29 -18.12
C THR A 202 13.11 -1.18 -16.62
N SER A 203 11.89 -0.84 -16.26
CA SER A 203 11.51 -0.67 -14.86
C SER A 203 11.35 -2.01 -14.15
N ASP A 204 11.13 -3.06 -14.93
CA ASP A 204 10.94 -4.40 -14.36
C ASP A 204 11.83 -5.41 -15.06
N GLN B 1 41.17 24.21 -42.45
CA GLN B 1 40.22 23.53 -41.58
C GLN B 1 38.79 23.87 -41.96
N PRO B 2 38.30 23.25 -43.04
CA PRO B 2 36.96 23.55 -43.56
C PRO B 2 35.88 23.23 -42.53
N TRP B 3 36.14 22.27 -41.66
CA TRP B 3 35.16 21.88 -40.66
C TRP B 3 35.03 22.93 -39.55
N GLU B 4 36.03 23.81 -39.46
CA GLU B 4 35.99 24.86 -38.45
C GLU B 4 35.23 26.08 -38.93
N ALA B 5 34.91 26.10 -40.22
CA ALA B 5 34.20 27.23 -40.82
C ALA B 5 32.73 27.20 -40.45
N ILE B 6 32.12 28.38 -40.39
CA ILE B 6 30.70 28.48 -40.10
C ILE B 6 29.93 28.37 -41.41
N PHE B 7 29.01 27.41 -41.47
CA PHE B 7 28.27 27.15 -42.69
C PHE B 7 27.30 28.27 -43.06
N THR B 8 26.83 29.00 -42.05
CA THR B 8 25.90 30.11 -42.25
C THR B 8 24.50 29.62 -42.58
N LYS B 9 23.52 30.07 -41.80
CA LYS B 9 22.14 29.65 -41.94
C LYS B 9 21.59 29.92 -43.33
N ASP B 10 22.03 31.01 -43.95
CA ASP B 10 21.59 31.34 -45.30
C ASP B 10 21.89 30.20 -46.25
N ASP B 11 23.00 29.51 -46.02
CA ASP B 11 23.40 28.40 -46.86
C ASP B 11 22.66 27.12 -46.44
N LEU B 12 22.39 26.99 -45.15
CA LEU B 12 21.66 25.83 -44.65
C LEU B 12 20.27 25.76 -45.26
N ALA B 13 19.61 26.91 -45.34
CA ALA B 13 18.26 27.02 -45.89
C ALA B 13 18.27 26.79 -47.40
N ALA B 14 19.43 26.97 -48.02
CA ALA B 14 19.58 26.80 -49.46
C ALA B 14 19.71 25.33 -49.84
N ILE B 15 19.91 24.46 -48.85
CA ILE B 15 20.08 23.03 -49.13
C ILE B 15 18.77 22.38 -49.59
N GLU B 16 17.69 22.64 -48.85
CA GLU B 16 16.38 22.09 -49.19
C GLU B 16 16.41 20.59 -49.46
N PRO B 17 16.84 19.83 -48.45
CA PRO B 17 16.97 18.38 -48.59
C PRO B 17 15.62 17.67 -48.53
N LYS B 18 15.63 16.39 -48.89
CA LYS B 18 14.43 15.56 -48.86
C LYS B 18 14.64 14.40 -47.89
N PRO B 19 13.59 14.03 -47.16
CA PRO B 19 13.67 12.90 -46.24
C PRO B 19 14.10 11.64 -46.99
N ALA B 20 14.89 10.80 -46.34
CA ALA B 20 15.41 9.60 -46.97
C ALA B 20 15.13 8.35 -46.15
N SER B 21 13.89 7.88 -46.22
CA SER B 21 13.50 6.67 -45.50
C SER B 21 14.12 5.43 -46.13
N ALA B 22 14.48 4.47 -45.28
CA ALA B 22 15.07 3.22 -45.75
C ALA B 22 14.02 2.12 -45.84
N ASN B 23 12.76 2.46 -45.52
CA ASN B 23 11.70 1.47 -45.60
C ASN B 23 11.03 1.53 -46.96
N VAL B 24 11.66 2.22 -47.90
CA VAL B 24 11.15 2.28 -49.25
C VAL B 24 12.22 1.74 -50.19
N PRO B 25 11.79 1.15 -51.31
CA PRO B 25 12.73 0.59 -52.28
C PRO B 25 13.67 1.68 -52.78
N ASN B 26 14.93 1.31 -52.98
CA ASN B 26 15.91 2.22 -53.53
C ASN B 26 15.52 2.58 -54.94
N THR B 27 15.95 3.74 -55.42
CA THR B 27 15.62 4.16 -56.77
C THR B 27 15.91 3.05 -57.76
N LYS B 28 17.07 2.41 -57.63
CA LYS B 28 17.44 1.32 -58.52
C LYS B 28 16.56 0.10 -58.29
N GLN B 29 16.05 -0.03 -57.07
CA GLN B 29 15.16 -1.13 -56.75
C GLN B 29 13.79 -0.87 -57.33
N TRP B 30 13.40 0.42 -57.34
CA TRP B 30 12.15 0.80 -57.97
C TRP B 30 12.23 0.45 -59.44
N ILE B 31 13.40 0.69 -60.01
CA ILE B 31 13.66 0.35 -61.40
C ILE B 31 13.65 -1.15 -61.57
N GLY B 32 14.22 -1.86 -60.60
CA GLY B 32 14.22 -3.32 -60.62
C GLY B 32 12.79 -3.83 -60.64
N ILE B 33 11.92 -3.17 -59.88
CA ILE B 33 10.52 -3.53 -59.86
C ILE B 33 9.93 -3.29 -61.24
N GLN B 34 10.30 -2.17 -61.86
CA GLN B 34 9.83 -1.89 -63.21
C GLN B 34 10.31 -2.95 -64.18
N ALA B 35 11.56 -3.35 -64.04
CA ALA B 35 12.13 -4.36 -64.92
C ALA B 35 11.34 -5.64 -64.84
N GLY B 36 10.80 -5.94 -63.67
CA GLY B 36 9.99 -7.14 -63.48
C GLY B 36 8.51 -6.88 -63.74
N LEU B 37 7.97 -5.87 -63.07
CA LEU B 37 6.55 -5.55 -63.15
C LEU B 37 6.12 -5.10 -64.54
N ILE B 38 6.91 -4.24 -65.16
CA ILE B 38 6.58 -3.78 -66.51
C ILE B 38 6.72 -4.96 -67.46
N LYS B 39 7.76 -5.76 -67.24
CA LYS B 39 7.99 -6.97 -68.01
C LYS B 39 6.84 -7.95 -67.82
N ALA B 40 6.25 -7.93 -66.64
CA ALA B 40 5.15 -8.82 -66.29
C ALA B 40 3.87 -8.44 -67.04
N GLY B 41 3.85 -7.28 -67.68
CA GLY B 41 2.69 -6.86 -68.46
C GLY B 41 2.12 -5.52 -67.99
N ALA B 42 2.64 -4.99 -66.89
CA ALA B 42 2.17 -3.70 -66.40
C ALA B 42 2.82 -2.58 -67.21
N THR B 43 2.15 -1.43 -67.28
CA THR B 43 2.71 -0.31 -68.00
C THR B 43 2.33 1.03 -67.37
N ASP B 44 3.28 1.96 -67.41
CA ASP B 44 3.07 3.32 -66.91
C ASP B 44 2.41 3.36 -65.53
N ALA B 45 1.21 3.95 -65.47
CA ALA B 45 0.48 4.13 -64.21
C ALA B 45 0.14 2.80 -63.57
N ASN B 46 0.08 1.74 -64.36
CA ASN B 46 -0.25 0.42 -63.83
C ASN B 46 0.83 -0.03 -62.87
N PHE B 47 2.02 0.55 -62.99
CA PHE B 47 3.11 0.21 -62.11
C PHE B 47 2.68 0.40 -60.66
N MET B 48 2.19 1.60 -60.35
CA MET B 48 1.71 1.89 -59.01
C MET B 48 0.42 1.17 -58.71
N LYS B 49 -0.47 1.09 -59.69
CA LYS B 49 -1.77 0.44 -59.51
C LYS B 49 -1.62 -0.99 -59.05
N VAL B 50 -0.75 -1.73 -59.72
CA VAL B 50 -0.54 -3.13 -59.38
C VAL B 50 0.11 -3.27 -58.02
N LEU B 51 1.07 -2.40 -57.73
CA LEU B 51 1.75 -2.43 -56.46
C LEU B 51 0.77 -2.10 -55.34
N LEU B 52 -0.19 -1.22 -55.63
CA LEU B 52 -1.23 -0.90 -54.66
C LEU B 52 -2.08 -2.14 -54.41
N GLY B 53 -2.31 -2.90 -55.47
CA GLY B 53 -3.05 -4.15 -55.33
C GLY B 53 -2.34 -5.03 -54.32
N LEU B 54 -1.03 -5.17 -54.49
CA LEU B 54 -0.22 -5.97 -53.58
C LEU B 54 -0.20 -5.39 -52.18
N SER B 55 -0.19 -4.06 -52.08
CA SER B 55 -0.18 -3.43 -50.77
C SER B 55 -1.48 -3.75 -50.05
N LEU B 56 -2.56 -3.82 -50.82
CA LEU B 56 -3.86 -4.17 -50.28
C LEU B 56 -3.84 -5.63 -49.85
N GLU B 57 -3.12 -6.44 -50.62
CA GLU B 57 -2.98 -7.85 -50.27
C GLU B 57 -2.11 -7.98 -49.03
N ALA B 58 -1.06 -7.17 -48.96
CA ALA B 58 -0.15 -7.17 -47.83
C ALA B 58 -0.90 -6.75 -46.57
N PHE B 59 -1.90 -5.90 -46.76
CA PHE B 59 -2.73 -5.43 -45.66
C PHE B 59 -3.42 -6.62 -45.01
N ASP B 60 -3.88 -7.56 -45.85
CA ASP B 60 -4.54 -8.76 -45.36
C ASP B 60 -3.63 -9.99 -45.35
N ARG B 61 -2.44 -9.88 -45.91
CA ARG B 61 -1.53 -11.03 -45.95
C ARG B 61 -0.19 -10.76 -45.29
N GLY B 62 0.67 -10.01 -45.96
CA GLY B 62 2.00 -9.72 -45.43
C GLY B 62 3.07 -9.83 -46.52
N SER B 63 4.33 -9.99 -46.09
CA SER B 63 5.47 -10.11 -47.00
C SER B 63 5.29 -11.24 -48.02
N SER B 64 5.91 -12.39 -47.78
CA SER B 64 5.79 -13.51 -48.70
C SER B 64 4.36 -14.00 -48.75
N GLU B 65 3.59 -13.65 -47.74
CA GLU B 65 2.18 -14.02 -47.70
C GLU B 65 1.44 -13.43 -48.90
N ALA B 66 1.61 -12.13 -49.13
CA ALA B 66 0.98 -11.49 -50.28
C ALA B 66 1.64 -12.00 -51.55
N THR B 67 2.90 -12.42 -51.46
CA THR B 67 3.61 -12.97 -52.60
C THR B 67 2.94 -14.24 -53.08
N THR B 68 2.48 -15.06 -52.14
CA THR B 68 1.79 -16.30 -52.49
C THR B 68 0.38 -16.03 -52.99
N TRP B 69 -0.20 -14.90 -52.57
CA TRP B 69 -1.53 -14.54 -53.01
C TRP B 69 -1.59 -14.30 -54.51
N ASP B 70 -2.49 -15.01 -55.17
CA ASP B 70 -2.69 -14.89 -56.61
C ASP B 70 -3.77 -13.86 -56.95
N GLY B 71 -4.13 -13.79 -58.21
CA GLY B 71 -5.17 -12.87 -58.66
C GLY B 71 -4.59 -11.84 -59.61
N ILE B 72 -5.18 -11.76 -60.80
CA ILE B 72 -4.73 -10.81 -61.80
C ILE B 72 -5.29 -9.43 -61.54
N THR B 73 -4.39 -8.47 -61.36
CA THR B 73 -4.77 -7.09 -61.13
C THR B 73 -5.01 -6.40 -62.44
N GLU B 74 -5.18 -5.09 -62.38
CA GLU B 74 -5.38 -4.29 -63.58
C GLU B 74 -4.19 -4.40 -64.52
N GLY B 75 -3.03 -4.78 -63.98
CA GLY B 75 -1.83 -4.91 -64.80
C GLY B 75 -1.35 -6.35 -64.91
N VAL B 76 -1.33 -7.08 -63.79
CA VAL B 76 -0.82 -8.44 -63.81
C VAL B 76 -1.08 -9.17 -62.48
N GLU B 77 -0.95 -10.50 -62.50
CA GLU B 77 -1.11 -11.34 -61.32
C GLU B 77 -0.27 -10.82 -60.15
N HIS B 78 -0.88 -10.84 -58.96
CA HIS B 78 -0.21 -10.37 -57.75
C HIS B 78 1.12 -11.07 -57.56
N ARG B 79 1.15 -12.37 -57.76
CA ARG B 79 2.35 -13.16 -57.59
C ARG B 79 3.44 -12.72 -58.57
N ALA B 80 3.04 -12.44 -59.80
CA ALA B 80 3.98 -12.00 -60.82
C ALA B 80 4.59 -10.67 -60.42
N ALA B 81 3.76 -9.77 -59.93
CA ALA B 81 4.22 -8.46 -59.48
C ALA B 81 5.09 -8.62 -58.25
N ALA B 82 4.73 -9.57 -57.40
CA ALA B 82 5.50 -9.84 -56.20
C ALA B 82 6.88 -10.32 -56.57
N ASN B 83 6.96 -11.10 -57.66
CA ASN B 83 8.23 -11.59 -58.14
C ASN B 83 9.12 -10.44 -58.56
N ALA B 84 8.52 -9.43 -59.18
CA ALA B 84 9.24 -8.24 -59.59
C ALA B 84 9.85 -7.55 -58.39
N ILE B 85 9.09 -7.49 -57.30
CA ILE B 85 9.56 -6.89 -56.08
C ILE B 85 10.73 -7.70 -55.53
N LYS B 86 10.62 -9.02 -55.61
CA LYS B 86 11.69 -9.90 -55.18
C LYS B 86 12.91 -9.74 -56.07
N GLU B 87 12.70 -9.47 -57.35
CA GLU B 87 13.80 -9.24 -58.29
C GLU B 87 14.59 -8.01 -57.86
N ALA B 88 13.89 -7.05 -57.26
CA ALA B 88 14.51 -5.83 -56.76
C ALA B 88 15.16 -6.05 -55.40
N ASN B 89 15.09 -7.29 -54.91
CA ASN B 89 15.65 -7.66 -53.61
C ASN B 89 14.92 -6.99 -52.47
N CYS B 90 13.61 -6.81 -52.63
CA CYS B 90 12.79 -6.21 -51.60
C CYS B 90 11.62 -7.11 -51.24
N PRO B 91 11.13 -6.97 -50.00
CA PRO B 91 9.89 -7.65 -49.60
C PRO B 91 8.71 -6.79 -50.05
N ILE B 92 7.55 -7.40 -50.18
CA ILE B 92 6.37 -6.63 -50.57
C ILE B 92 6.12 -5.53 -49.57
N HIS B 93 6.43 -5.82 -48.30
CA HIS B 93 6.29 -4.83 -47.24
C HIS B 93 7.09 -3.59 -47.55
N LYS B 94 8.27 -3.76 -48.15
CA LYS B 94 9.12 -2.63 -48.49
C LYS B 94 8.38 -1.67 -49.41
N VAL B 95 7.72 -2.22 -50.41
CA VAL B 95 6.93 -1.39 -51.31
C VAL B 95 5.69 -0.86 -50.61
N THR B 96 5.09 -1.72 -49.79
CA THR B 96 3.88 -1.38 -49.07
C THR B 96 4.12 -0.25 -48.09
N TYR B 97 5.33 -0.18 -47.54
CA TYR B 97 5.67 0.89 -46.61
C TYR B 97 5.51 2.24 -47.31
N TYR B 98 5.91 2.29 -48.57
CA TYR B 98 5.78 3.49 -49.37
C TYR B 98 4.32 3.77 -49.71
N LEU B 99 3.59 2.70 -49.99
CA LEU B 99 2.18 2.81 -50.37
C LEU B 99 1.26 2.41 -49.22
N ALA B 100 1.73 2.60 -47.99
CA ALA B 100 0.95 2.22 -46.81
C ALA B 100 -0.26 3.12 -46.60
N LYS B 101 -0.06 4.43 -46.72
CA LYS B 101 -1.12 5.38 -46.45
C LYS B 101 -2.26 5.31 -47.47
N PRO B 102 -1.92 5.31 -48.77
CA PRO B 102 -2.95 5.22 -49.81
C PRO B 102 -3.69 3.91 -49.67
N THR B 103 -2.95 2.85 -49.31
CA THR B 103 -3.52 1.53 -49.13
C THR B 103 -4.52 1.54 -47.99
N PHE B 104 -4.10 2.07 -46.86
CA PHE B 104 -4.97 2.18 -45.70
C PHE B 104 -6.14 3.10 -46.03
N ALA B 105 -5.85 4.17 -46.75
CA ALA B 105 -6.85 5.15 -47.14
C ALA B 105 -7.95 4.49 -47.97
N ILE B 106 -7.57 3.59 -48.86
CA ILE B 106 -8.54 2.88 -49.68
C ILE B 106 -9.48 2.09 -48.81
N ARG B 107 -8.91 1.25 -47.97
CA ARG B 107 -9.69 0.40 -47.10
C ARG B 107 -10.45 1.19 -46.05
N GLN B 108 -9.88 2.30 -45.62
CA GLN B 108 -10.56 3.12 -44.63
C GLN B 108 -11.81 3.72 -45.21
N SER B 109 -11.76 4.11 -46.48
CA SER B 109 -12.91 4.66 -47.16
C SER B 109 -13.90 3.56 -47.54
N LYS B 110 -13.39 2.35 -47.76
CA LYS B 110 -14.23 1.22 -48.10
C LYS B 110 -14.60 0.40 -46.87
N ASN B 111 -14.07 0.80 -45.72
CA ASN B 111 -14.35 0.13 -44.45
C ASN B 111 -13.95 -1.34 -44.50
N LEU B 112 -12.76 -1.62 -45.04
CA LEU B 112 -12.26 -2.98 -45.13
C LEU B 112 -11.12 -3.23 -44.15
N PRO B 113 -11.46 -3.70 -42.96
CA PRO B 113 -10.47 -3.94 -41.91
C PRO B 113 -9.55 -5.10 -42.30
N PRO B 114 -8.40 -5.19 -41.64
CA PRO B 114 -7.43 -6.22 -41.94
C PRO B 114 -7.99 -7.60 -41.66
N ALA B 115 -7.80 -8.51 -42.62
CA ALA B 115 -8.31 -9.87 -42.53
C ALA B 115 -7.56 -10.68 -41.47
N ASN B 116 -6.36 -10.24 -41.11
CA ASN B 116 -5.56 -10.95 -40.13
C ASN B 116 -5.82 -10.42 -38.73
N PHE B 117 -6.77 -9.51 -38.61
CA PHE B 117 -7.20 -8.96 -37.34
C PHE B 117 -7.59 -10.08 -36.40
N ALA B 118 -8.40 -10.99 -36.90
CA ALA B 118 -8.87 -12.14 -36.14
C ALA B 118 -7.72 -13.03 -35.72
N LYS B 119 -6.80 -13.29 -36.66
CA LYS B 119 -5.67 -14.17 -36.43
C LYS B 119 -4.75 -13.64 -35.35
N LYS B 120 -4.59 -12.33 -35.32
CA LYS B 120 -3.71 -11.68 -34.37
C LYS B 120 -4.37 -11.43 -33.03
N ASN B 121 -5.65 -11.75 -32.94
CA ASN B 121 -6.41 -11.55 -31.70
C ASN B 121 -6.38 -10.09 -31.25
N VAL B 122 -6.31 -9.18 -32.21
CA VAL B 122 -6.28 -7.76 -31.91
C VAL B 122 -7.63 -7.31 -31.40
N PRO B 123 -7.64 -6.60 -30.28
CA PRO B 123 -8.89 -6.10 -29.70
C PRO B 123 -9.66 -5.28 -30.73
N SER B 124 -10.98 -5.35 -30.67
CA SER B 124 -11.84 -4.62 -31.60
C SER B 124 -11.61 -3.13 -31.48
N GLN B 125 -11.17 -2.69 -30.30
CA GLN B 125 -10.84 -1.30 -30.06
C GLN B 125 -9.74 -0.86 -31.01
N TYR B 126 -8.89 -1.81 -31.38
CA TYR B 126 -7.76 -1.55 -32.26
C TYR B 126 -7.92 -2.29 -33.57
N LYS B 127 -9.16 -2.38 -34.06
CA LYS B 127 -9.46 -3.09 -35.30
C LYS B 127 -8.63 -2.63 -36.48
N TRP B 128 -8.36 -1.33 -36.56
CA TRP B 128 -7.59 -0.79 -37.68
C TRP B 128 -6.12 -0.63 -37.34
N CYS B 129 -5.69 -1.23 -36.24
CA CYS B 129 -4.30 -1.13 -35.83
C CYS B 129 -3.50 -2.32 -36.34
N ALA B 130 -4.19 -3.35 -36.81
CA ALA B 130 -3.52 -4.53 -37.34
C ALA B 130 -3.05 -4.28 -38.77
N PHE B 131 -2.04 -3.42 -38.92
CA PHE B 131 -1.50 -3.08 -40.23
C PHE B 131 0.01 -3.20 -40.24
N ASP B 132 0.53 -4.18 -40.97
CA ASP B 132 1.97 -4.43 -41.00
C ASP B 132 2.78 -3.21 -41.41
N ALA B 133 2.28 -2.47 -42.39
CA ALA B 133 2.99 -1.29 -42.88
C ALA B 133 2.47 -0.02 -42.23
N PHE B 134 2.03 -0.12 -40.97
CA PHE B 134 1.53 1.05 -40.26
C PHE B 134 2.57 2.15 -40.15
N ASP B 135 3.85 1.77 -40.24
CA ASP B 135 4.92 2.75 -40.13
C ASP B 135 4.86 3.76 -41.27
N GLY B 136 4.31 3.34 -42.40
CA GLY B 136 4.18 4.20 -43.56
C GLY B 136 3.16 5.31 -43.29
N LEU B 137 2.32 5.11 -42.28
CA LEU B 137 1.32 6.09 -41.91
C LEU B 137 1.97 7.31 -41.27
N TYR B 138 3.21 7.14 -40.83
CA TYR B 138 3.96 8.20 -40.19
C TYR B 138 5.14 8.62 -41.05
N ASP B 139 5.60 7.70 -41.88
CA ASP B 139 6.75 7.94 -42.75
C ASP B 139 6.52 9.13 -43.67
N PRO B 140 7.38 10.13 -43.56
CA PRO B 140 7.24 11.38 -44.34
C PRO B 140 7.42 11.17 -45.84
N THR B 141 8.04 10.06 -46.23
CA THR B 141 8.25 9.79 -47.65
C THR B 141 7.13 8.94 -48.24
N CYS B 142 6.26 8.42 -47.37
CA CYS B 142 5.17 7.57 -47.82
C CYS B 142 4.15 8.35 -48.65
N LEU B 143 3.72 7.75 -49.75
CA LEU B 143 2.74 8.35 -50.65
C LEU B 143 1.40 8.51 -49.96
N ALA B 144 0.64 9.54 -50.35
CA ALA B 144 -0.68 9.77 -49.75
C ALA B 144 -1.35 11.00 -50.34
N SER B 145 -2.38 10.75 -51.15
CA SER B 145 -3.14 11.82 -51.77
C SER B 145 -4.25 12.32 -50.83
N GLU B 146 -4.66 11.46 -49.90
CA GLU B 146 -5.71 11.80 -48.94
C GLU B 146 -6.04 10.62 -48.05
N LEU B 147 -5.91 10.81 -46.74
CA LEU B 147 -6.22 9.77 -45.77
C LEU B 147 -7.55 10.09 -45.06
N PRO B 148 -8.55 9.23 -45.26
CA PRO B 148 -9.89 9.43 -44.69
C PRO B 148 -9.89 9.53 -43.16
N TYR B 149 -9.00 8.81 -42.51
CA TYR B 149 -8.94 8.83 -41.04
C TYR B 149 -7.53 8.90 -40.53
N ASP B 150 -7.32 9.74 -39.52
CA ASP B 150 -6.01 9.91 -38.93
C ASP B 150 -5.62 8.71 -38.08
N ALA B 151 -5.24 7.63 -38.76
CA ALA B 151 -4.80 6.41 -38.10
C ALA B 151 -3.51 6.66 -37.33
N PRO B 152 -2.73 7.66 -37.74
CA PRO B 152 -1.51 8.00 -37.02
C PRO B 152 -1.77 8.41 -35.56
N SER B 153 -3.02 8.72 -35.22
CA SER B 153 -3.37 9.15 -33.86
C SER B 153 -2.54 8.43 -32.80
N GLU B 154 -2.07 9.20 -31.83
CA GLU B 154 -1.20 8.69 -30.77
C GLU B 154 -1.77 7.48 -30.07
N ILE B 155 -3.10 7.49 -29.86
CA ILE B 155 -3.73 6.34 -29.23
C ILE B 155 -3.55 5.12 -30.11
N ASP B 156 -3.74 5.33 -31.42
CA ASP B 156 -3.56 4.27 -32.39
C ASP B 156 -2.08 3.92 -32.49
N ARG B 157 -1.21 4.91 -32.24
CA ARG B 157 0.23 4.72 -32.29
C ARG B 157 0.69 3.78 -31.19
N MET B 158 0.14 3.95 -30.00
CA MET B 158 0.46 3.07 -28.90
C MET B 158 -0.16 1.71 -29.17
N ALA B 159 -1.31 1.72 -29.84
CA ALA B 159 -1.95 0.49 -30.25
C ALA B 159 -1.09 -0.17 -31.32
N TYR B 160 -0.46 0.64 -32.15
CA TYR B 160 0.45 0.15 -33.18
C TYR B 160 1.68 -0.44 -32.52
N ALA B 161 2.07 0.14 -31.38
CA ALA B 161 3.18 -0.40 -30.62
C ALA B 161 2.78 -1.77 -30.10
N THR B 162 1.55 -1.89 -29.63
CA THR B 162 1.04 -3.17 -29.18
C THR B 162 1.02 -4.12 -30.36
N PHE B 163 0.65 -3.59 -31.52
CA PHE B 163 0.69 -4.34 -32.76
C PHE B 163 2.11 -4.76 -33.07
N LYS B 164 3.06 -3.89 -32.78
CA LYS B 164 4.48 -4.22 -32.99
C LYS B 164 4.85 -5.44 -32.17
N THR B 165 4.26 -5.56 -30.98
CA THR B 165 4.50 -6.74 -30.15
C THR B 165 4.12 -7.99 -30.91
N ILE B 166 3.02 -7.92 -31.66
CA ILE B 166 2.60 -9.04 -32.47
C ILE B 166 3.67 -9.36 -33.49
N GLN B 167 4.17 -8.32 -34.13
CA GLN B 167 5.20 -8.44 -35.15
C GLN B 167 6.46 -9.03 -34.53
N ILE B 168 6.76 -8.61 -33.32
CA ILE B 168 7.91 -9.11 -32.58
C ILE B 168 7.72 -10.56 -32.21
N LYS B 169 6.53 -10.90 -31.73
CA LYS B 169 6.20 -12.27 -31.36
C LYS B 169 6.42 -13.22 -32.51
N ILE B 170 5.85 -12.88 -33.66
CA ILE B 170 5.99 -13.71 -34.83
C ILE B 170 7.44 -13.77 -35.26
N ALA B 171 8.14 -12.66 -35.11
CA ALA B 171 9.56 -12.64 -35.40
C ALA B 171 10.27 -13.65 -34.50
N ASN B 172 9.90 -13.66 -33.23
CA ASN B 172 10.48 -14.61 -32.30
C ASN B 172 10.12 -16.03 -32.71
N ASP B 173 8.93 -16.18 -33.26
CA ASP B 173 8.43 -17.47 -33.70
C ASP B 173 9.14 -17.98 -34.95
N GLN B 174 9.56 -17.06 -35.83
CA GLN B 174 10.23 -17.47 -37.06
C GLN B 174 11.64 -16.92 -37.19
N LYS B 175 11.80 -15.62 -36.94
CA LYS B 175 13.12 -14.99 -37.01
C LYS B 175 13.99 -15.51 -35.89
N GLY B 176 13.37 -15.94 -34.81
CA GLY B 176 14.06 -16.48 -33.65
C GLY B 176 14.66 -17.85 -33.92
N PHE B 177 14.37 -18.42 -35.10
CA PHE B 177 14.94 -19.71 -35.46
C PHE B 177 16.45 -19.62 -35.42
N ASN B 178 17.08 -20.59 -34.78
CA ASN B 178 18.52 -20.57 -34.61
C ASN B 178 19.26 -21.12 -35.81
N LEU B 179 19.82 -20.24 -36.63
CA LEU B 179 20.62 -20.66 -37.76
C LEU B 179 22.03 -20.98 -37.30
N ASN B 180 22.15 -22.10 -36.60
CA ASN B 180 23.40 -22.54 -36.01
C ASN B 180 24.26 -23.34 -36.97
N TYR B 181 23.77 -23.56 -38.18
CA TYR B 181 24.57 -24.26 -39.17
C TYR B 181 24.14 -23.94 -40.57
N ASN B 182 25.05 -24.13 -41.51
CA ASN B 182 24.75 -23.93 -42.91
C ASN B 182 24.72 -25.28 -43.63
N PRO B 183 25.86 -25.97 -43.70
CA PRO B 183 25.94 -27.23 -44.45
C PRO B 183 25.35 -28.42 -43.69
N ASN B 184 24.09 -28.29 -43.28
CA ASN B 184 23.39 -29.37 -42.60
C ASN B 184 24.13 -29.95 -41.42
N VAL B 185 24.70 -29.10 -40.56
CA VAL B 185 25.41 -29.63 -39.39
C VAL B 185 24.42 -29.98 -38.29
N THR B 186 23.67 -31.05 -38.51
CA THR B 186 22.67 -31.51 -37.58
C THR B 186 23.31 -32.21 -36.40
N GLN B 187 24.58 -32.59 -36.56
CA GLN B 187 25.31 -33.22 -35.48
C GLN B 187 25.57 -32.24 -34.35
N ALA B 188 25.59 -30.95 -34.67
CA ALA B 188 25.74 -29.93 -33.64
C ALA B 188 24.39 -29.72 -32.99
N ARG B 189 23.39 -29.45 -33.82
CA ARG B 189 22.02 -29.29 -33.36
C ARG B 189 21.06 -29.83 -34.41
N LEU B 190 20.18 -30.72 -33.99
CA LEU B 190 19.23 -31.36 -34.87
C LEU B 190 18.13 -30.43 -35.33
N PRO B 191 17.54 -30.74 -36.47
CA PRO B 191 16.43 -29.95 -37.02
C PRO B 191 15.29 -29.91 -36.02
N ASN B 192 14.69 -28.73 -35.87
CA ASN B 192 13.57 -28.54 -34.95
C ASN B 192 13.96 -28.74 -33.48
N ALA B 193 15.26 -28.76 -33.20
CA ALA B 193 15.72 -28.87 -31.83
C ALA B 193 15.41 -27.60 -31.05
N PRO B 194 15.36 -26.46 -31.75
CA PRO B 194 15.02 -25.19 -31.10
C PRO B 194 13.59 -25.14 -30.59
N LEU B 195 12.76 -26.10 -31.00
CA LEU B 195 11.37 -26.12 -30.56
C LEU B 195 11.29 -26.14 -29.04
N PRO B 196 10.52 -25.21 -28.48
CA PRO B 196 10.34 -25.12 -27.02
C PRO B 196 9.78 -26.41 -26.46
N ALA B 197 10.24 -26.77 -25.26
CA ALA B 197 9.76 -27.97 -24.59
C ALA B 197 8.31 -27.79 -24.17
N LEU B 198 7.60 -28.90 -24.05
CA LEU B 198 6.19 -28.85 -23.65
C LEU B 198 6.06 -28.31 -22.23
N PRO B 199 5.04 -27.48 -22.02
CA PRO B 199 4.83 -26.86 -20.71
C PRO B 199 4.44 -27.88 -19.65
N GLU B 200 5.01 -27.72 -18.47
CA GLU B 200 4.72 -28.59 -17.34
C GLU B 200 3.44 -28.14 -16.67
N PRO B 201 2.80 -29.03 -15.93
CA PRO B 201 1.56 -28.68 -15.21
C PRO B 201 1.86 -27.95 -13.89
N THR B 202 3.10 -28.06 -13.42
CA THR B 202 3.47 -27.43 -12.15
C THR B 202 3.85 -25.97 -12.35
N SER B 203 3.78 -25.20 -11.26
CA SER B 203 4.09 -23.78 -11.31
C SER B 203 5.60 -23.53 -11.39
N ASP B 204 6.38 -24.51 -10.99
CA ASP B 204 7.83 -24.39 -11.00
C ASP B 204 8.48 -25.59 -11.67
N GLN C 1 -2.15 38.98 -46.84
CA GLN C 1 -2.47 38.48 -45.50
C GLN C 1 -3.98 38.45 -45.29
N PRO C 2 -4.64 37.46 -45.85
CA PRO C 2 -6.10 37.34 -45.78
C PRO C 2 -6.59 37.22 -44.34
N TRP C 3 -5.76 36.64 -43.48
CA TRP C 3 -6.15 36.47 -42.08
C TRP C 3 -6.14 37.79 -41.32
N GLU C 4 -5.48 38.80 -41.88
CA GLU C 4 -5.42 40.12 -41.24
C GLU C 4 -6.63 40.96 -41.61
N ALA C 5 -7.39 40.50 -42.59
CA ALA C 5 -8.56 41.24 -43.06
C ALA C 5 -9.72 41.11 -42.09
N ILE C 6 -10.56 42.13 -42.05
CA ILE C 6 -11.75 42.11 -41.21
C ILE C 6 -12.87 41.43 -41.96
N PHE C 7 -13.44 40.39 -41.39
CA PHE C 7 -14.48 39.61 -42.06
C PHE C 7 -15.78 40.39 -42.21
N THR C 8 -16.03 41.33 -41.32
CA THR C 8 -17.25 42.15 -41.33
C THR C 8 -18.47 41.35 -40.89
N LYS C 9 -19.16 41.89 -39.88
CA LYS C 9 -20.34 41.23 -39.29
C LYS C 9 -21.40 40.93 -40.33
N ASP C 10 -21.55 41.80 -41.31
CA ASP C 10 -22.53 41.61 -42.37
C ASP C 10 -22.31 40.27 -43.06
N ASP C 11 -21.05 39.88 -43.18
CA ASP C 11 -20.70 38.63 -43.81
C ASP C 11 -20.82 37.47 -42.84
N LEU C 12 -20.55 37.73 -41.56
CA LEU C 12 -20.68 36.70 -40.54
C LEU C 12 -22.13 36.22 -40.43
N ALA C 13 -23.06 37.17 -40.48
CA ALA C 13 -24.48 36.86 -40.40
C ALA C 13 -24.98 36.15 -41.65
N ALA C 14 -24.22 36.30 -42.75
CA ALA C 14 -24.59 35.69 -44.02
C ALA C 14 -24.20 34.21 -44.06
N ILE C 15 -23.42 33.76 -43.09
CA ILE C 15 -22.96 32.37 -43.07
C ILE C 15 -24.10 31.41 -42.73
N GLU C 16 -24.85 31.72 -41.69
CA GLU C 16 -26.00 30.90 -41.27
C GLU C 16 -25.63 29.42 -41.17
N PRO C 17 -24.67 29.10 -40.30
CA PRO C 17 -24.20 27.73 -40.14
C PRO C 17 -25.17 26.89 -39.34
N LYS C 18 -24.93 25.58 -39.34
CA LYS C 18 -25.75 24.63 -38.59
C LYS C 18 -24.88 23.91 -37.56
N PRO C 19 -25.44 23.63 -36.39
CA PRO C 19 -24.70 22.90 -35.36
C PRO C 19 -24.25 21.56 -35.90
N ALA C 20 -23.07 21.10 -35.48
CA ALA C 20 -22.50 19.86 -35.98
C ALA C 20 -22.09 18.92 -34.85
N SER C 21 -23.08 18.27 -34.26
CA SER C 21 -22.82 17.33 -33.18
C SER C 21 -22.14 16.07 -33.70
N ALA C 22 -21.25 15.51 -32.90
CA ALA C 22 -20.56 14.29 -33.27
C ALA C 22 -21.21 13.07 -32.62
N ASN C 23 -22.29 13.29 -31.88
CA ASN C 23 -22.97 12.17 -31.24
C ASN C 23 -24.10 11.67 -32.14
N VAL C 24 -24.09 12.10 -33.40
CA VAL C 24 -25.05 11.63 -34.36
C VAL C 24 -24.31 10.98 -35.52
N PRO C 25 -24.93 10.00 -36.15
CA PRO C 25 -24.31 9.30 -37.28
C PRO C 25 -23.97 10.29 -38.39
N ASN C 26 -22.83 10.08 -39.02
CA ASN C 26 -22.42 10.90 -40.15
C ASN C 26 -23.40 10.70 -41.29
N THR C 27 -23.53 11.69 -42.16
CA THR C 27 -24.43 11.58 -43.29
C THR C 27 -24.23 10.26 -44.02
N LYS C 28 -22.97 9.89 -44.25
CA LYS C 28 -22.67 8.64 -44.94
C LYS C 28 -23.03 7.44 -44.06
N GLN C 29 -22.98 7.64 -42.74
CA GLN C 29 -23.33 6.59 -41.81
C GLN C 29 -24.85 6.43 -41.78
N TRP C 30 -25.55 7.56 -41.91
CA TRP C 30 -27.00 7.52 -42.00
C TRP C 30 -27.38 6.71 -43.22
N ILE C 31 -26.63 6.92 -44.30
CA ILE C 31 -26.81 6.19 -45.54
C ILE C 31 -26.46 4.74 -45.33
N GLY C 32 -25.40 4.48 -44.57
CA GLY C 32 -25.00 3.12 -44.25
C GLY C 32 -26.13 2.42 -43.52
N ILE C 33 -26.79 3.16 -42.63
CA ILE C 33 -27.93 2.60 -41.90
C ILE C 33 -29.03 2.27 -42.90
N GLN C 34 -29.25 3.16 -43.87
CA GLN C 34 -30.24 2.91 -44.89
C GLN C 34 -29.89 1.67 -45.69
N ALA C 35 -28.62 1.54 -46.03
CA ALA C 35 -28.15 0.41 -46.81
C ALA C 35 -28.46 -0.90 -46.08
N GLY C 36 -28.42 -0.86 -44.76
CA GLY C 36 -28.72 -2.03 -43.97
C GLY C 36 -30.20 -2.12 -43.60
N LEU C 37 -30.72 -1.04 -43.02
CA LEU C 37 -32.09 -1.00 -42.54
C LEU C 37 -33.12 -1.10 -43.65
N ILE C 38 -32.90 -0.38 -44.75
CA ILE C 38 -33.82 -0.46 -45.87
C ILE C 38 -33.71 -1.84 -46.48
N LYS C 39 -32.49 -2.36 -46.57
CA LYS C 39 -32.23 -3.71 -47.04
C LYS C 39 -32.90 -4.73 -46.15
N ALA C 40 -32.99 -4.41 -44.87
CA ALA C 40 -33.58 -5.29 -43.87
C ALA C 40 -35.10 -5.40 -44.05
N GLY C 41 -35.68 -4.53 -44.87
CA GLY C 41 -37.12 -4.58 -45.13
C GLY C 41 -37.82 -3.27 -44.79
N ALA C 42 -37.11 -2.33 -44.20
CA ALA C 42 -37.69 -1.03 -43.87
C ALA C 42 -37.74 -0.16 -45.11
N THR C 43 -38.69 0.78 -45.15
CA THR C 43 -38.77 1.68 -46.29
C THR C 43 -39.24 3.07 -45.89
N ASP C 44 -38.69 4.07 -46.56
CA ASP C 44 -39.07 5.46 -46.35
C ASP C 44 -39.15 5.86 -44.88
N ALA C 45 -40.36 6.24 -44.44
CA ALA C 45 -40.59 6.71 -43.08
C ALA C 45 -40.27 5.64 -42.04
N ASN C 46 -40.33 4.37 -42.46
CA ASN C 46 -40.04 3.28 -41.55
C ASN C 46 -38.60 3.34 -41.08
N PHE C 47 -37.76 4.03 -41.84
CA PHE C 47 -36.37 4.18 -41.48
C PHE C 47 -36.27 4.76 -40.08
N MET C 48 -36.93 5.90 -39.88
CA MET C 48 -36.93 6.54 -38.58
C MET C 48 -37.76 5.77 -37.57
N LYS C 49 -38.89 5.23 -38.01
CA LYS C 49 -39.78 4.49 -37.14
C LYS C 49 -39.07 3.33 -36.46
N VAL C 50 -38.35 2.56 -37.25
CA VAL C 50 -37.63 1.40 -36.72
C VAL C 50 -36.52 1.82 -35.79
N LEU C 51 -35.81 2.89 -36.18
CA LEU C 51 -34.73 3.39 -35.36
C LEU C 51 -35.27 3.91 -34.04
N LEU C 52 -36.47 4.49 -34.08
CA LEU C 52 -37.13 4.93 -32.85
C LEU C 52 -37.43 3.74 -31.98
N GLY C 53 -37.82 2.63 -32.60
CA GLY C 53 -38.07 1.41 -31.86
C GLY C 53 -36.81 1.02 -31.10
N LEU C 54 -35.68 1.05 -31.79
CA LEU C 54 -34.39 0.75 -31.16
C LEU C 54 -34.03 1.75 -30.10
N SER C 55 -34.34 3.02 -30.33
CA SER C 55 -34.04 4.04 -29.35
C SER C 55 -34.82 3.78 -28.07
N LEU C 56 -36.05 3.29 -28.25
CA LEU C 56 -36.89 2.94 -27.13
C LEU C 56 -36.31 1.73 -26.42
N GLU C 57 -35.72 0.83 -27.20
CA GLU C 57 -35.07 -0.34 -26.64
C GLU C 57 -33.81 0.08 -25.92
N ALA C 58 -33.09 1.03 -26.51
CA ALA C 58 -31.86 1.55 -25.93
C ALA C 58 -32.17 2.22 -24.61
N PHE C 59 -33.36 2.81 -24.53
CA PHE C 59 -33.82 3.48 -23.32
C PHE C 59 -33.86 2.48 -22.18
N ASP C 60 -34.31 1.26 -22.48
CA ASP C 60 -34.38 0.20 -21.49
C ASP C 60 -33.22 -0.80 -21.59
N ARG C 61 -32.40 -0.69 -22.62
CA ARG C 61 -31.29 -1.63 -22.79
C ARG C 61 -29.93 -0.97 -22.87
N GLY C 62 -29.63 -0.36 -24.01
CA GLY C 62 -28.35 0.31 -24.20
C GLY C 62 -27.77 0.00 -25.58
N SER C 63 -26.46 0.20 -25.73
CA SER C 63 -25.75 -0.03 -27.00
C SER C 63 -25.98 -1.45 -27.54
N SER C 64 -25.00 -2.35 -27.33
CA SER C 64 -25.14 -3.72 -27.82
C SER C 64 -26.29 -4.41 -27.10
N GLU C 65 -26.70 -3.87 -25.97
CA GLU C 65 -27.82 -4.42 -25.24
C GLU C 65 -29.08 -4.40 -26.09
N ALA C 66 -29.39 -3.23 -26.65
CA ALA C 66 -30.55 -3.12 -27.53
C ALA C 66 -30.30 -3.91 -28.81
N THR C 67 -29.03 -4.06 -29.18
CA THR C 67 -28.68 -4.85 -30.35
C THR C 67 -29.09 -6.30 -30.17
N THR C 68 -28.91 -6.82 -28.96
CA THR C 68 -29.30 -8.19 -28.67
C THR C 68 -30.81 -8.33 -28.55
N TRP C 69 -31.48 -7.23 -28.21
CA TRP C 69 -32.93 -7.25 -28.08
C TRP C 69 -33.61 -7.53 -29.41
N ASP C 70 -34.46 -8.55 -29.42
CA ASP C 70 -35.20 -8.95 -30.61
C ASP C 70 -36.56 -8.27 -30.66
N GLY C 71 -37.38 -8.70 -31.62
CA GLY C 71 -38.72 -8.14 -31.77
C GLY C 71 -38.86 -7.41 -33.09
N ILE C 72 -39.85 -7.82 -33.88
CA ILE C 72 -40.07 -7.20 -35.18
C ILE C 72 -40.87 -5.92 -35.02
N THR C 73 -40.28 -4.82 -35.49
CA THR C 73 -40.91 -3.54 -35.44
C THR C 73 -41.81 -3.36 -36.64
N GLU C 74 -42.32 -2.15 -36.82
CA GLU C 74 -43.16 -1.84 -37.96
C GLU C 74 -42.43 -2.06 -39.27
N GLY C 75 -41.09 -2.04 -39.23
CA GLY C 75 -40.30 -2.26 -40.43
C GLY C 75 -39.51 -3.56 -40.40
N VAL C 76 -38.87 -3.86 -39.26
CA VAL C 76 -38.04 -5.06 -39.18
C VAL C 76 -37.57 -5.33 -37.74
N GLU C 77 -37.09 -6.55 -37.51
CA GLU C 77 -36.55 -6.96 -36.21
C GLU C 77 -35.52 -5.97 -35.69
N HIS C 78 -35.62 -5.68 -34.40
CA HIS C 78 -34.70 -4.74 -33.75
C HIS C 78 -33.25 -5.11 -34.01
N ARG C 79 -32.95 -6.39 -33.88
CA ARG C 79 -31.60 -6.88 -34.08
C ARG C 79 -31.12 -6.63 -35.50
N ALA C 80 -32.01 -6.84 -36.47
CA ALA C 80 -31.68 -6.62 -37.87
C ALA C 80 -31.37 -5.15 -38.11
N ALA C 81 -32.18 -4.28 -37.52
CA ALA C 81 -31.97 -2.84 -37.65
C ALA C 81 -30.70 -2.45 -36.93
N ALA C 82 -30.43 -3.10 -35.81
CA ALA C 82 -29.23 -2.84 -35.04
C ALA C 82 -28.00 -3.20 -35.86
N ASN C 83 -28.12 -4.26 -36.65
CA ASN C 83 -27.03 -4.69 -37.51
C ASN C 83 -26.74 -3.61 -38.54
N ALA C 84 -27.78 -2.98 -39.05
CA ALA C 84 -27.63 -1.89 -40.01
C ALA C 84 -26.83 -0.75 -39.39
N ILE C 85 -27.12 -0.46 -38.13
CA ILE C 85 -26.41 0.58 -37.42
C ILE C 85 -24.95 0.19 -37.27
N LYS C 86 -24.71 -1.08 -36.97
CA LYS C 86 -23.35 -1.59 -36.86
C LYS C 86 -22.65 -1.54 -38.22
N GLU C 87 -23.40 -1.75 -39.30
CA GLU C 87 -22.83 -1.67 -40.64
C GLU C 87 -22.33 -0.27 -40.90
N ALA C 88 -22.99 0.72 -40.31
CA ALA C 88 -22.60 2.11 -40.43
C ALA C 88 -21.45 2.46 -39.49
N ASN C 89 -20.99 1.46 -38.74
CA ASN C 89 -19.90 1.64 -37.78
C ASN C 89 -20.31 2.53 -36.62
N CYS C 90 -21.58 2.43 -36.23
CA CYS C 90 -22.09 3.21 -35.12
C CYS C 90 -22.74 2.31 -34.07
N PRO C 91 -22.75 2.77 -32.83
CA PRO C 91 -23.50 2.09 -31.77
C PRO C 91 -24.95 2.54 -31.85
N ILE C 92 -25.86 1.75 -31.30
CA ILE C 92 -27.27 2.15 -31.30
C ILE C 92 -27.42 3.47 -30.58
N HIS C 93 -26.60 3.67 -29.56
CA HIS C 93 -26.60 4.92 -28.80
C HIS C 93 -26.35 6.11 -29.71
N LYS C 94 -25.50 5.92 -30.72
CA LYS C 94 -25.18 7.00 -31.66
C LYS C 94 -26.45 7.47 -32.34
N VAL C 95 -27.25 6.53 -32.80
CA VAL C 95 -28.53 6.86 -33.42
C VAL C 95 -29.50 7.40 -32.39
N THR C 96 -29.49 6.77 -31.22
CA THR C 96 -30.38 7.13 -30.14
C THR C 96 -30.13 8.56 -29.67
N TYR C 97 -28.88 8.99 -29.74
CA TYR C 97 -28.53 10.35 -29.33
C TYR C 97 -29.30 11.35 -30.18
N TYR C 98 -29.43 11.04 -31.46
CA TYR C 98 -30.20 11.87 -32.39
C TYR C 98 -31.69 11.79 -32.10
N LEU C 99 -32.14 10.59 -31.77
CA LEU C 99 -33.54 10.35 -31.50
C LEU C 99 -33.82 10.22 -30.01
N ALA C 100 -33.01 10.87 -29.19
CA ALA C 100 -33.15 10.79 -27.74
C ALA C 100 -34.39 11.51 -27.24
N LYS C 101 -34.63 12.72 -27.74
CA LYS C 101 -35.75 13.52 -27.27
C LYS C 101 -37.11 12.94 -27.63
N PRO C 102 -37.29 12.56 -28.90
CA PRO C 102 -38.56 11.97 -29.33
C PRO C 102 -38.79 10.68 -28.58
N THR C 103 -37.71 9.94 -28.34
CA THR C 103 -37.78 8.68 -27.62
C THR C 103 -38.24 8.90 -26.20
N PHE C 104 -37.60 9.85 -25.53
CA PHE C 104 -37.96 10.20 -24.17
C PHE C 104 -39.37 10.75 -24.15
N ALA C 105 -39.69 11.55 -25.16
CA ALA C 105 -40.99 12.17 -25.29
C ALA C 105 -42.09 11.13 -25.37
N ILE C 106 -41.82 10.04 -26.10
CA ILE C 106 -42.79 8.96 -26.22
C ILE C 106 -43.08 8.37 -24.86
N ARG C 107 -42.03 7.96 -24.18
CA ARG C 107 -42.15 7.33 -22.88
C ARG C 107 -42.66 8.29 -21.83
N GLN C 108 -42.31 9.57 -21.97
CA GLN C 108 -42.76 10.54 -21.00
C GLN C 108 -44.28 10.71 -21.10
N SER C 109 -44.80 10.67 -22.31
CA SER C 109 -46.23 10.77 -22.52
C SER C 109 -46.93 9.47 -22.16
N LYS C 110 -46.21 8.36 -22.28
CA LYS C 110 -46.78 7.05 -21.95
C LYS C 110 -46.41 6.64 -20.52
N ASN C 111 -45.63 7.48 -19.86
CA ASN C 111 -45.21 7.22 -18.49
C ASN C 111 -44.45 5.91 -18.36
N LEU C 112 -43.53 5.66 -19.27
CA LEU C 112 -42.74 4.44 -19.25
C LEU C 112 -41.30 4.71 -18.86
N PRO C 113 -41.02 4.61 -17.55
CA PRO C 113 -39.68 4.89 -17.03
C PRO C 113 -38.70 3.84 -17.49
N PRO C 114 -37.41 4.15 -17.39
CA PRO C 114 -36.36 3.24 -17.85
C PRO C 114 -36.37 1.95 -17.04
N ALA C 115 -36.30 0.83 -17.74
CA ALA C 115 -36.34 -0.48 -17.11
C ALA C 115 -35.05 -0.78 -16.33
N ASN C 116 -33.98 -0.05 -16.66
CA ASN C 116 -32.71 -0.26 -15.99
C ASN C 116 -32.56 0.65 -14.78
N PHE C 117 -33.63 1.39 -14.48
CA PHE C 117 -33.68 2.27 -13.32
C PHE C 117 -33.35 1.47 -12.06
N ALA C 118 -34.01 0.32 -11.93
CA ALA C 118 -33.81 -0.56 -10.80
C ALA C 118 -32.39 -1.08 -10.73
N LYS C 119 -31.86 -1.48 -11.88
CA LYS C 119 -30.52 -2.04 -11.98
C LYS C 119 -29.46 -1.05 -11.56
N LYS C 120 -29.67 0.20 -11.92
CA LYS C 120 -28.72 1.26 -11.64
C LYS C 120 -28.89 1.84 -10.25
N ASN C 121 -29.90 1.37 -9.52
CA ASN C 121 -30.16 1.84 -8.17
C ASN C 121 -30.37 3.35 -8.14
N VAL C 122 -30.92 3.89 -9.21
CA VAL C 122 -31.19 5.31 -9.30
C VAL C 122 -32.31 5.70 -8.37
N PRO C 123 -32.11 6.73 -7.56
CA PRO C 123 -33.14 7.19 -6.63
C PRO C 123 -34.43 7.50 -7.37
N SER C 124 -35.56 7.23 -6.73
CA SER C 124 -36.87 7.48 -7.33
C SER C 124 -37.04 8.95 -7.68
N GLN C 125 -36.34 9.80 -6.94
CA GLN C 125 -36.34 11.23 -7.21
C GLN C 125 -35.85 11.50 -8.62
N TYR C 126 -34.97 10.63 -9.09
CA TYR C 126 -34.37 10.75 -10.41
C TYR C 126 -34.79 9.60 -11.31
N LYS C 127 -36.05 9.16 -11.16
CA LYS C 127 -36.58 8.05 -11.94
C LYS C 127 -36.41 8.21 -13.44
N TRP C 128 -36.58 9.43 -13.93
CA TRP C 128 -36.46 9.68 -15.36
C TRP C 128 -35.08 10.18 -15.76
N CYS C 129 -34.12 10.05 -14.84
CA CYS C 129 -32.76 10.49 -15.13
C CYS C 129 -31.91 9.35 -15.65
N ALA C 130 -32.41 8.12 -15.50
CA ALA C 130 -31.67 6.96 -15.98
C ALA C 130 -31.87 6.78 -17.48
N PHE C 131 -31.28 7.69 -18.25
CA PHE C 131 -31.38 7.65 -19.71
C PHE C 131 -30.00 7.79 -20.35
N ASP C 132 -29.54 6.71 -20.99
CA ASP C 132 -28.22 6.69 -21.59
C ASP C 132 -27.99 7.81 -22.59
N ALA C 133 -29.01 8.10 -23.40
CA ALA C 133 -28.90 9.14 -24.40
C ALA C 133 -29.47 10.47 -23.91
N PHE C 134 -29.37 10.72 -22.61
CA PHE C 134 -29.87 11.96 -22.04
C PHE C 134 -29.21 13.19 -22.66
N ASP C 135 -28.01 13.01 -23.22
CA ASP C 135 -27.30 14.12 -23.83
C ASP C 135 -28.06 14.67 -25.02
N GLY C 136 -28.86 13.81 -25.66
CA GLY C 136 -29.65 14.21 -26.81
C GLY C 136 -30.76 15.17 -26.39
N LEU C 137 -31.06 15.20 -25.10
CA LEU C 137 -32.10 16.07 -24.57
C LEU C 137 -31.63 17.52 -24.59
N TYR C 138 -30.31 17.69 -24.70
CA TYR C 138 -29.70 19.02 -24.74
C TYR C 138 -29.10 19.31 -26.10
N ASP C 139 -28.75 18.25 -26.81
CA ASP C 139 -28.12 18.36 -28.12
C ASP C 139 -29.00 19.12 -29.10
N PRO C 140 -28.49 20.22 -29.62
CA PRO C 140 -29.24 21.11 -30.52
C PRO C 140 -29.60 20.44 -31.85
N THR C 141 -28.87 19.39 -32.21
CA THR C 141 -29.13 18.69 -33.46
C THR C 141 -30.11 17.53 -33.28
N CYS C 142 -30.41 17.20 -32.02
CA CYS C 142 -31.30 16.09 -31.73
C CYS C 142 -32.73 16.37 -32.19
N LEU C 143 -33.35 15.38 -32.81
CA LEU C 143 -34.72 15.49 -33.30
C LEU C 143 -35.70 15.66 -32.15
N ALA C 144 -36.81 16.36 -32.39
CA ALA C 144 -37.81 16.59 -31.35
C ALA C 144 -38.97 17.42 -31.85
N SER C 145 -40.11 16.75 -32.05
CA SER C 145 -41.33 17.43 -32.50
C SER C 145 -42.09 18.03 -31.32
N GLU C 146 -41.88 17.47 -30.13
CA GLU C 146 -42.53 17.95 -28.92
C GLU C 146 -42.16 17.09 -27.71
N LEU C 147 -41.61 17.73 -26.69
CA LEU C 147 -41.23 17.03 -25.46
C LEU C 147 -42.22 17.35 -24.34
N PRO C 148 -42.95 16.34 -23.87
CA PRO C 148 -43.97 16.50 -22.83
C PRO C 148 -43.44 17.11 -21.53
N TYR C 149 -42.20 16.79 -21.19
CA TYR C 149 -41.61 17.29 -19.95
C TYR C 149 -40.19 17.76 -20.14
N ASP C 150 -39.88 18.91 -19.56
CA ASP C 150 -38.54 19.47 -19.66
C ASP C 150 -37.54 18.69 -18.81
N ALA C 151 -37.15 17.53 -19.31
CA ALA C 151 -36.17 16.68 -18.65
C ALA C 151 -34.81 17.36 -18.61
N PRO C 152 -34.57 18.28 -19.55
CA PRO C 152 -33.31 19.03 -19.53
C PRO C 152 -33.10 19.86 -18.25
N SER C 153 -34.18 20.06 -17.48
CA SER C 153 -34.11 20.85 -16.25
C SER C 153 -32.77 20.67 -15.53
N GLU C 154 -32.20 21.79 -15.08
CA GLU C 154 -30.90 21.80 -14.43
C GLU C 154 -30.81 20.81 -13.27
N ILE C 155 -31.89 20.68 -12.50
CA ILE C 155 -31.91 19.73 -11.42
C ILE C 155 -31.73 18.33 -11.98
N ASP C 156 -32.44 18.06 -13.07
CA ASP C 156 -32.34 16.78 -13.74
C ASP C 156 -30.98 16.65 -14.41
N ARG C 157 -30.40 17.78 -14.79
CA ARG C 157 -29.09 17.82 -15.43
C ARG C 157 -28.01 17.39 -14.46
N MET C 158 -28.10 17.86 -13.23
CA MET C 158 -27.15 17.45 -12.20
C MET C 158 -27.43 15.99 -11.84
N ALA C 159 -28.69 15.60 -11.92
CA ALA C 159 -29.07 14.23 -11.71
C ALA C 159 -28.52 13.39 -12.85
N TYR C 160 -28.50 13.97 -14.05
CA TYR C 160 -27.93 13.31 -15.21
C TYR C 160 -26.43 13.17 -15.05
N ALA C 161 -25.84 14.15 -14.37
CA ALA C 161 -24.41 14.08 -14.08
C ALA C 161 -24.18 12.91 -13.13
N THR C 162 -25.07 12.76 -12.15
CA THR C 162 -25.00 11.64 -11.23
C THR C 162 -25.18 10.35 -12.03
N PHE C 163 -26.08 10.42 -12.99
CA PHE C 163 -26.30 9.31 -13.90
C PHE C 163 -25.04 9.02 -14.70
N LYS C 164 -24.33 10.09 -15.08
CA LYS C 164 -23.08 9.93 -15.80
C LYS C 164 -22.10 9.13 -14.97
N THR C 165 -22.15 9.32 -13.65
CA THR C 165 -21.29 8.54 -12.75
C THR C 165 -21.55 7.06 -12.95
N ILE C 166 -22.81 6.71 -13.14
CA ILE C 166 -23.19 5.32 -13.40
C ILE C 166 -22.52 4.86 -14.67
N GLN C 167 -22.61 5.70 -15.69
CA GLN C 167 -22.05 5.41 -16.99
C GLN C 167 -20.55 5.26 -16.88
N ILE C 168 -19.94 6.11 -16.06
CA ILE C 168 -18.51 6.06 -15.80
C ILE C 168 -18.12 4.80 -15.05
N LYS C 169 -18.92 4.47 -14.04
CA LYS C 169 -18.67 3.27 -13.26
C LYS C 169 -18.65 2.03 -14.13
N ILE C 170 -19.67 1.88 -14.95
CA ILE C 170 -19.75 0.72 -15.83
C ILE C 170 -18.61 0.76 -16.81
N ALA C 171 -18.24 1.95 -17.26
CA ALA C 171 -17.10 2.09 -18.14
C ALA C 171 -15.85 1.58 -17.44
N ASN C 172 -15.71 1.93 -16.17
CA ASN C 172 -14.57 1.45 -15.40
C ASN C 172 -14.65 -0.07 -15.26
N ASP C 173 -15.87 -0.58 -15.18
CA ASP C 173 -16.11 -2.00 -15.03
C ASP C 173 -15.80 -2.78 -16.31
N GLN C 174 -16.01 -2.15 -17.47
CA GLN C 174 -15.77 -2.84 -18.73
C GLN C 174 -14.72 -2.14 -19.60
N LYS C 175 -14.86 -0.83 -19.76
CA LYS C 175 -13.90 -0.07 -20.55
C LYS C 175 -12.55 -0.04 -19.85
N GLY C 176 -12.58 -0.18 -18.52
CA GLY C 176 -11.39 -0.18 -17.70
C GLY C 176 -10.57 -1.46 -17.89
N PHE C 177 -11.11 -2.42 -18.63
CA PHE C 177 -10.38 -3.65 -18.89
C PHE C 177 -9.05 -3.32 -19.55
N ASN C 178 -7.98 -3.91 -19.04
CA ASN C 178 -6.65 -3.61 -19.53
C ASN C 178 -6.28 -4.42 -20.77
N LEU C 179 -6.34 -3.77 -21.93
CA LEU C 179 -5.95 -4.41 -23.17
C LEU C 179 -4.43 -4.33 -23.30
N ASN C 180 -3.75 -5.12 -22.49
CA ASN C 180 -2.30 -5.14 -22.43
C ASN C 180 -1.67 -6.07 -23.45
N TYR C 181 -2.49 -6.76 -24.23
CA TYR C 181 -1.95 -7.62 -25.28
C TYR C 181 -2.94 -7.85 -26.38
N ASN C 182 -2.44 -8.19 -27.55
CA ASN C 182 -3.28 -8.53 -28.67
C ASN C 182 -3.20 -10.02 -28.97
N PRO C 183 -2.02 -10.50 -29.37
CA PRO C 183 -1.88 -11.91 -29.76
C PRO C 183 -1.79 -12.85 -28.56
N ASN C 184 -2.78 -12.79 -27.69
CA ASN C 184 -2.85 -13.69 -26.53
C ASN C 184 -1.58 -13.71 -25.69
N VAL C 185 -1.00 -12.55 -25.41
CA VAL C 185 0.21 -12.54 -24.57
C VAL C 185 -0.16 -12.66 -23.10
N THR C 186 -0.60 -13.84 -22.72
CA THR C 186 -1.00 -14.13 -21.35
C THR C 186 0.21 -14.29 -20.45
N GLN C 187 1.36 -14.49 -21.06
CA GLN C 187 2.60 -14.60 -20.30
C GLN C 187 2.97 -13.27 -19.66
N ALA C 188 2.51 -12.17 -20.25
CA ALA C 188 2.73 -10.86 -19.66
C ALA C 188 1.72 -10.66 -18.55
N ARG C 189 0.46 -10.84 -18.90
CA ARG C 189 -0.63 -10.76 -17.93
C ARG C 189 -1.73 -11.76 -18.30
N LEU C 190 -2.09 -12.58 -17.33
CA LEU C 190 -3.07 -13.63 -17.54
C LEU C 190 -4.49 -13.08 -17.67
N PRO C 191 -5.34 -13.85 -18.32
CA PRO C 191 -6.75 -13.46 -18.49
C PRO C 191 -7.39 -13.26 -17.13
N ASN C 192 -8.20 -12.22 -17.02
CA ASN C 192 -8.91 -11.92 -15.78
C ASN C 192 -7.97 -11.55 -14.63
N ALA C 193 -6.70 -11.27 -14.94
CA ALA C 193 -5.74 -10.85 -13.94
C ALA C 193 -6.10 -9.45 -13.42
N PRO C 194 -6.72 -8.64 -14.28
CA PRO C 194 -7.14 -7.28 -13.87
C PRO C 194 -8.23 -7.31 -12.79
N LEU C 195 -8.84 -8.47 -12.56
CA LEU C 195 -9.90 -8.55 -11.57
C LEU C 195 -9.40 -8.08 -10.21
N PRO C 196 -10.14 -7.14 -9.61
CA PRO C 196 -9.77 -6.61 -8.30
C PRO C 196 -9.70 -7.71 -7.25
N ALA C 197 -8.76 -7.57 -6.33
CA ALA C 197 -8.58 -8.53 -5.25
C ALA C 197 -9.76 -8.46 -4.30
N LEU C 198 -10.03 -9.55 -3.61
CA LEU C 198 -11.14 -9.61 -2.67
C LEU C 198 -10.87 -8.65 -1.50
N PRO C 199 -11.93 -7.97 -1.06
CA PRO C 199 -11.80 -6.99 0.01
C PRO C 199 -11.46 -7.65 1.34
N GLU C 200 -10.57 -7.02 2.08
CA GLU C 200 -10.16 -7.50 3.39
C GLU C 200 -11.17 -7.05 4.44
N PRO C 201 -11.22 -7.74 5.57
CA PRO C 201 -12.13 -7.37 6.65
C PRO C 201 -11.60 -6.20 7.49
N THR C 202 -10.29 -5.95 7.38
CA THR C 202 -9.67 -4.89 8.17
C THR C 202 -9.81 -3.54 7.48
N SER C 203 -9.68 -2.48 8.28
CA SER C 203 -9.82 -1.12 7.76
C SER C 203 -8.60 -0.67 6.98
N ASP C 204 -7.47 -1.34 7.20
CA ASP C 204 -6.24 -1.00 6.52
C ASP C 204 -5.57 -2.24 5.95
N GLN D 1 29.66 24.72 50.45
CA GLN D 1 28.55 24.90 49.52
C GLN D 1 28.53 26.31 48.97
N PRO D 2 29.42 26.59 48.02
CA PRO D 2 29.55 27.95 47.46
C PRO D 2 28.26 28.40 46.79
N TRP D 3 27.49 27.46 46.27
CA TRP D 3 26.24 27.81 45.59
C TRP D 3 25.16 28.24 46.58
N GLU D 4 25.35 27.94 47.85
CA GLU D 4 24.39 28.33 48.87
C GLU D 4 24.66 29.73 49.39
N ALA D 5 25.81 30.28 49.02
CA ALA D 5 26.21 31.60 49.47
C ALA D 5 25.45 32.69 48.71
N ILE D 6 25.23 33.82 49.38
CA ILE D 6 24.57 34.96 48.74
C ILE D 6 25.61 35.78 48.02
N PHE D 7 25.40 36.00 46.72
CA PHE D 7 26.37 36.70 45.90
C PHE D 7 26.47 38.19 46.25
N THR D 8 25.38 38.75 46.77
CA THR D 8 25.33 40.17 47.16
C THR D 8 25.25 41.07 45.93
N LYS D 9 24.23 41.93 45.91
CA LYS D 9 23.98 42.84 44.80
C LYS D 9 25.19 43.72 44.49
N ASP D 10 25.91 44.12 45.52
CA ASP D 10 27.08 44.96 45.35
C ASP D 10 28.07 44.30 44.40
N ASP D 11 28.15 42.97 44.47
CA ASP D 11 29.04 42.21 43.62
C ASP D 11 28.43 41.98 42.25
N LEU D 12 27.10 41.84 42.20
CA LEU D 12 26.41 41.66 40.93
C LEU D 12 26.61 42.87 40.03
N ALA D 13 26.52 44.06 40.62
CA ALA D 13 26.68 45.31 39.88
C ALA D 13 28.13 45.51 39.45
N ALA D 14 29.05 44.82 40.12
CA ALA D 14 30.47 44.93 39.82
C ALA D 14 30.86 44.08 38.62
N ILE D 15 29.95 43.21 38.16
CA ILE D 15 30.25 42.34 37.03
C ILE D 15 30.31 43.11 35.72
N GLU D 16 29.31 43.96 35.47
CA GLU D 16 29.27 44.77 34.26
C GLU D 16 29.52 43.95 32.99
N PRO D 17 28.66 42.97 32.76
CA PRO D 17 28.80 42.08 31.60
C PRO D 17 28.39 42.74 30.30
N LYS D 18 28.71 42.10 29.19
CA LYS D 18 28.34 42.57 27.86
C LYS D 18 27.45 41.54 27.18
N PRO D 19 26.45 42.01 26.42
CA PRO D 19 25.57 41.10 25.69
C PRO D 19 26.40 40.22 24.75
N ALA D 20 25.98 38.97 24.59
CA ALA D 20 26.71 38.02 23.77
C ALA D 20 25.83 37.36 22.72
N SER D 21 25.55 38.08 21.65
CA SER D 21 24.74 37.56 20.56
C SER D 21 25.50 36.51 19.77
N ALA D 22 24.78 35.50 19.32
CA ALA D 22 25.37 34.43 18.52
C ALA D 22 25.15 34.67 17.02
N ASN D 23 24.51 35.79 16.68
CA ASN D 23 24.28 36.09 15.28
C ASN D 23 25.39 36.96 14.75
N VAL D 24 26.49 37.05 15.50
CA VAL D 24 27.65 37.79 15.06
C VAL D 24 28.84 36.85 15.02
N PRO D 25 29.77 37.10 14.13
CA PRO D 25 30.97 36.27 14.01
C PRO D 25 31.72 36.23 15.33
N ASN D 26 32.26 35.07 15.67
CA ASN D 26 33.06 34.92 16.86
C ASN D 26 34.33 35.75 16.71
N THR D 27 34.91 36.17 17.83
CA THR D 27 36.13 36.96 17.77
C THR D 27 37.16 36.32 16.85
N LYS D 28 37.33 35.01 16.95
CA LYS D 28 38.28 34.29 16.12
C LYS D 28 37.79 34.26 14.67
N GLN D 29 36.48 34.31 14.49
CA GLN D 29 35.92 34.34 13.15
C GLN D 29 36.09 35.72 12.55
N TRP D 30 36.02 36.75 13.38
CA TRP D 30 36.28 38.11 12.93
C TRP D 30 37.71 38.17 12.44
N ILE D 31 38.58 37.50 13.17
CA ILE D 31 39.98 37.39 12.81
C ILE D 31 40.13 36.59 11.53
N GLY D 32 39.34 35.52 11.40
CA GLY D 32 39.35 34.72 10.21
C GLY D 32 38.96 35.58 9.01
N ILE D 33 38.00 36.46 9.20
CA ILE D 33 37.58 37.38 8.16
C ILE D 33 38.75 38.29 7.81
N GLN D 34 39.47 38.75 8.83
CA GLN D 34 40.65 39.59 8.59
C GLN D 34 41.69 38.82 7.80
N ALA D 35 41.90 37.57 8.18
CA ALA D 35 42.89 36.74 7.51
C ALA D 35 42.58 36.63 6.03
N GLY D 36 41.30 36.65 5.69
CA GLY D 36 40.88 36.56 4.30
C GLY D 36 40.73 37.95 3.67
N LEU D 37 39.95 38.81 4.32
CA LEU D 37 39.64 40.13 3.81
C LEU D 37 40.86 41.03 3.72
N ILE D 38 41.69 41.02 4.76
CA ILE D 38 42.89 41.84 4.73
C ILE D 38 43.83 41.28 3.68
N LYS D 39 43.89 39.96 3.61
CA LYS D 39 44.68 39.26 2.61
C LYS D 39 44.17 39.58 1.21
N ALA D 40 42.87 39.80 1.11
CA ALA D 40 42.22 40.10 -0.16
C ALA D 40 42.60 41.50 -0.67
N GLY D 41 43.23 42.31 0.18
CA GLY D 41 43.66 43.64 -0.23
C GLY D 41 43.07 44.74 0.65
N ALA D 42 42.17 44.39 1.55
CA ALA D 42 41.59 45.38 2.44
C ALA D 42 42.54 45.67 3.59
N THR D 43 42.44 46.87 4.16
CA THR D 43 43.31 47.22 5.28
C THR D 43 42.61 48.12 6.28
N ASP D 44 42.91 47.91 7.56
CA ASP D 44 42.40 48.72 8.65
C ASP D 44 40.89 48.98 8.55
N ALA D 45 40.51 50.24 8.41
CA ALA D 45 39.11 50.65 8.37
C ALA D 45 38.37 50.03 7.19
N ASN D 46 39.10 49.66 6.15
CA ASN D 46 38.50 49.06 4.98
C ASN D 46 37.86 47.72 5.33
N PHE D 47 38.31 47.14 6.44
CA PHE D 47 37.76 45.88 6.89
C PHE D 47 36.25 46.02 7.05
N MET D 48 35.83 47.01 7.84
CA MET D 48 34.42 47.26 8.04
C MET D 48 33.76 47.81 6.79
N LYS D 49 34.47 48.69 6.09
CA LYS D 49 33.92 49.33 4.89
C LYS D 49 33.49 48.30 3.86
N VAL D 50 34.38 47.33 3.60
CA VAL D 50 34.09 46.30 2.62
C VAL D 50 32.96 45.41 3.08
N LEU D 51 32.97 45.07 4.37
CA LEU D 51 31.91 44.23 4.92
C LEU D 51 30.58 44.95 4.85
N LEU D 52 30.60 46.27 5.01
CA LEU D 52 29.39 47.07 4.87
C LEU D 52 28.90 47.00 3.43
N GLY D 53 29.84 46.98 2.50
CA GLY D 53 29.48 46.84 1.09
C GLY D 53 28.71 45.54 0.91
N LEU D 54 29.23 44.46 1.47
CA LEU D 54 28.56 43.17 1.41
C LEU D 54 27.23 43.17 2.13
N SER D 55 27.16 43.88 3.25
CA SER D 55 25.90 43.95 3.98
C SER D 55 24.85 44.64 3.14
N LEU D 56 25.29 45.64 2.38
CA LEU D 56 24.41 46.35 1.48
C LEU D 56 23.99 45.42 0.36
N GLU D 57 24.91 44.56 -0.06
CA GLU D 57 24.60 43.57 -1.08
C GLU D 57 23.65 42.54 -0.53
N ALA D 58 23.88 42.14 0.72
CA ALA D 58 23.03 41.17 1.40
C ALA D 58 21.64 41.72 1.55
N PHE D 59 21.54 43.03 1.70
CA PHE D 59 20.27 43.72 1.81
C PHE D 59 19.44 43.45 0.56
N ASP D 60 20.11 43.48 -0.60
CA ASP D 60 19.44 43.22 -1.88
C ASP D 60 19.66 41.80 -2.40
N ARG D 61 20.54 41.04 -1.75
CA ARG D 61 20.81 39.68 -2.22
C ARG D 61 20.54 38.61 -1.18
N GLY D 62 21.43 38.50 -0.21
CA GLY D 62 21.30 37.49 0.84
C GLY D 62 22.64 36.81 1.14
N SER D 63 22.57 35.64 1.77
CA SER D 63 23.76 34.85 2.13
C SER D 63 24.68 34.59 0.93
N SER D 64 24.60 33.39 0.36
CA SER D 64 25.44 33.06 -0.79
C SER D 64 25.08 33.93 -1.98
N GLU D 65 23.90 34.53 -1.93
CA GLU D 65 23.48 35.42 -2.99
C GLU D 65 24.43 36.60 -3.10
N ALA D 66 24.71 37.26 -1.98
CA ALA D 66 25.65 38.37 -1.97
C ALA D 66 27.06 37.85 -2.25
N THR D 67 27.30 36.58 -1.90
CA THR D 67 28.59 35.96 -2.16
C THR D 67 28.86 35.89 -3.66
N THR D 68 27.81 35.59 -4.43
CA THR D 68 27.94 35.51 -5.88
C THR D 68 28.04 36.90 -6.49
N TRP D 69 27.50 37.90 -5.80
CA TRP D 69 27.55 39.27 -6.30
C TRP D 69 28.97 39.78 -6.37
N ASP D 70 29.35 40.24 -7.55
CA ASP D 70 30.68 40.79 -7.81
C ASP D 70 30.72 42.30 -7.59
N GLY D 71 31.85 42.90 -7.94
CA GLY D 71 32.00 44.35 -7.81
C GLY D 71 33.09 44.69 -6.80
N ILE D 72 34.06 45.46 -7.24
CA ILE D 72 35.16 45.85 -6.38
C ILE D 72 34.77 47.02 -5.50
N THR D 73 34.86 46.80 -4.19
CA THR D 73 34.55 47.83 -3.23
C THR D 73 35.75 48.71 -3.00
N GLU D 74 35.67 49.57 -2.00
CA GLU D 74 36.78 50.43 -1.64
C GLU D 74 38.01 49.63 -1.24
N GLY D 75 37.81 48.38 -0.85
CA GLY D 75 38.92 47.53 -0.44
C GLY D 75 39.15 46.36 -1.40
N VAL D 76 38.06 45.70 -1.80
CA VAL D 76 38.19 44.52 -2.65
C VAL D 76 36.84 44.02 -3.17
N GLU D 77 36.88 43.18 -4.20
CA GLU D 77 35.69 42.57 -4.79
C GLU D 77 34.80 41.94 -3.72
N HIS D 78 33.49 42.14 -3.86
CA HIS D 78 32.52 41.60 -2.93
C HIS D 78 32.70 40.11 -2.74
N ARG D 79 32.88 39.41 -3.85
CA ARG D 79 33.04 37.97 -3.82
C ARG D 79 34.28 37.56 -3.04
N ALA D 80 35.37 38.31 -3.22
CA ALA D 80 36.61 38.02 -2.51
C ALA D 80 36.41 38.20 -1.02
N ALA D 81 35.72 39.27 -0.65
CA ALA D 81 35.43 39.54 0.75
C ALA D 81 34.49 38.48 1.31
N ALA D 82 33.56 38.05 0.46
CA ALA D 82 32.62 37.01 0.84
C ALA D 82 33.35 35.71 1.13
N ASN D 83 34.40 35.47 0.35
CA ASN D 83 35.21 34.28 0.54
C ASN D 83 35.87 34.32 1.91
N ALA D 84 36.31 35.50 2.31
CA ALA D 84 36.93 35.68 3.63
C ALA D 84 35.94 35.32 4.72
N ILE D 85 34.70 35.73 4.54
CA ILE D 85 33.65 35.41 5.49
C ILE D 85 33.44 33.90 5.55
N LYS D 86 33.47 33.27 4.38
CA LYS D 86 33.34 31.82 4.30
C LYS D 86 34.54 31.13 4.94
N GLU D 87 35.71 31.75 4.83
CA GLU D 87 36.91 31.21 5.47
C GLU D 87 36.74 31.18 6.98
N ALA D 88 35.98 32.14 7.49
CA ALA D 88 35.69 32.22 8.92
C ALA D 88 34.55 31.27 9.31
N ASN D 89 34.05 30.53 8.34
CA ASN D 89 32.95 29.58 8.53
C ASN D 89 31.66 30.30 8.89
N CYS D 90 31.46 31.47 8.30
CA CYS D 90 30.24 32.24 8.52
C CYS D 90 29.56 32.60 7.22
N PRO D 91 28.24 32.78 7.27
CA PRO D 91 27.51 33.29 6.12
C PRO D 91 27.63 34.81 6.11
N ILE D 92 27.42 35.43 4.96
CA ILE D 92 27.48 36.89 4.90
C ILE D 92 26.46 37.48 5.84
N HIS D 93 25.33 36.79 5.98
CA HIS D 93 24.28 37.22 6.89
C HIS D 93 24.81 37.35 8.31
N LYS D 94 25.72 36.46 8.69
CA LYS D 94 26.29 36.48 10.02
C LYS D 94 26.98 37.82 10.27
N VAL D 95 27.76 38.26 9.30
CA VAL D 95 28.42 39.55 9.40
C VAL D 95 27.41 40.67 9.29
N THR D 96 26.45 40.49 8.39
CA THR D 96 25.41 41.49 8.14
C THR D 96 24.56 41.72 9.37
N TYR D 97 24.36 40.67 10.17
CA TYR D 97 23.57 40.80 11.38
C TYR D 97 24.22 41.84 12.30
N TYR D 98 25.54 41.82 12.36
CA TYR D 98 26.30 42.79 13.14
C TYR D 98 26.22 44.18 12.53
N LEU D 99 26.27 44.22 11.20
CA LEU D 99 26.24 45.48 10.48
C LEU D 99 24.88 45.74 9.85
N ALA D 100 23.84 45.21 10.45
CA ALA D 100 22.49 45.35 9.92
C ALA D 100 21.95 46.77 10.05
N LYS D 101 22.15 47.37 11.22
CA LYS D 101 21.61 48.70 11.47
C LYS D 101 22.27 49.79 10.64
N PRO D 102 23.61 49.81 10.60
CA PRO D 102 24.32 50.81 9.80
C PRO D 102 23.98 50.62 8.34
N THR D 103 23.82 49.37 7.93
CA THR D 103 23.47 49.04 6.56
C THR D 103 22.10 49.59 6.21
N PHE D 104 21.13 49.30 7.07
CA PHE D 104 19.78 49.80 6.89
C PHE D 104 19.78 51.31 6.96
N ALA D 105 20.58 51.84 7.88
CA ALA D 105 20.69 53.28 8.08
C ALA D 105 21.17 53.97 6.82
N ILE D 106 22.13 53.35 6.12
CA ILE D 106 22.64 53.91 4.89
C ILE D 106 21.53 54.03 3.87
N ARG D 107 20.87 52.91 3.62
CA ARG D 107 19.81 52.86 2.64
C ARG D 107 18.60 53.69 3.05
N GLN D 108 18.35 53.76 4.35
CA GLN D 108 17.22 54.54 4.83
C GLN D 108 17.45 56.01 4.54
N SER D 109 18.69 56.46 4.70
CA SER D 109 19.03 57.84 4.41
C SER D 109 19.11 58.09 2.91
N LYS D 110 19.44 57.05 2.16
CA LYS D 110 19.53 57.16 0.71
C LYS D 110 18.24 56.73 0.04
N ASN D 111 17.28 56.28 0.84
CA ASN D 111 15.98 55.84 0.35
C ASN D 111 16.11 54.70 -0.66
N LEU D 112 16.96 53.71 -0.34
CA LEU D 112 17.16 52.57 -1.21
C LEU D 112 16.54 51.31 -0.64
N PRO D 113 15.29 51.05 -1.02
CA PRO D 113 14.56 49.89 -0.51
C PRO D 113 15.16 48.59 -1.04
N PRO D 114 14.83 47.49 -0.38
CA PRO D 114 15.39 46.19 -0.76
C PRO D 114 14.95 45.80 -2.17
N ALA D 115 15.91 45.35 -2.97
CA ALA D 115 15.65 44.98 -4.36
C ALA D 115 14.85 43.69 -4.44
N ASN D 116 14.84 42.90 -3.37
CA ASN D 116 14.10 41.64 -3.37
C ASN D 116 12.69 41.84 -2.84
N PHE D 117 12.33 43.09 -2.58
CA PHE D 117 11.00 43.46 -2.14
C PHE D 117 9.96 42.92 -3.12
N ALA D 118 10.21 43.17 -4.40
CA ALA D 118 9.34 42.73 -5.48
C ALA D 118 9.25 41.21 -5.52
N LYS D 119 10.39 40.55 -5.40
CA LYS D 119 10.47 39.10 -5.47
C LYS D 119 9.69 38.43 -4.37
N LYS D 120 9.73 39.04 -3.19
CA LYS D 120 9.07 38.48 -2.03
C LYS D 120 7.60 38.87 -1.95
N ASN D 121 7.16 39.69 -2.89
CA ASN D 121 5.76 40.12 -2.93
C ASN D 121 5.36 40.81 -1.63
N VAL D 122 6.31 41.49 -1.01
CA VAL D 122 6.04 42.19 0.24
C VAL D 122 5.18 43.41 -0.03
N PRO D 123 4.12 43.57 0.74
CA PRO D 123 3.22 44.73 0.58
C PRO D 123 4.01 46.03 0.67
N SER D 124 3.59 47.02 -0.11
CA SER D 124 4.25 48.32 -0.11
C SER D 124 4.22 48.95 1.27
N GLN D 125 3.21 48.59 2.06
CA GLN D 125 3.09 49.04 3.43
C GLN D 125 4.31 48.64 4.23
N TYR D 126 4.89 47.51 3.84
CA TYR D 126 6.04 46.95 4.52
C TYR D 126 7.27 46.95 3.60
N LYS D 127 7.38 47.99 2.78
CA LYS D 127 8.48 48.11 1.83
C LYS D 127 9.86 47.97 2.46
N TRP D 128 10.02 48.51 3.67
CA TRP D 128 11.31 48.44 4.34
C TRP D 128 11.40 47.28 5.32
N CYS D 129 10.44 46.37 5.24
CA CYS D 129 10.44 45.22 6.13
C CYS D 129 11.15 44.02 5.50
N ALA D 130 11.39 44.10 4.19
CA ALA D 130 12.07 43.01 3.50
C ALA D 130 13.57 43.09 3.72
N PHE D 131 14.00 42.81 4.94
CA PHE D 131 15.42 42.87 5.30
C PHE D 131 15.84 41.59 6.02
N ASP D 132 16.67 40.79 5.37
CA ASP D 132 17.09 39.50 5.92
C ASP D 132 17.73 39.65 7.30
N ALA D 133 18.55 40.67 7.48
CA ALA D 133 19.23 40.89 8.76
C ALA D 133 18.47 41.87 9.64
N PHE D 134 17.14 41.88 9.53
CA PHE D 134 16.33 42.78 10.34
C PHE D 134 16.52 42.54 11.83
N ASP D 135 16.96 41.34 12.20
CA ASP D 135 17.16 41.00 13.60
C ASP D 135 18.26 41.87 14.20
N GLY D 136 19.19 42.33 13.37
CA GLY D 136 20.27 43.17 13.83
C GLY D 136 19.75 44.55 14.24
N LEU D 137 18.54 44.88 13.79
CA LEU D 137 17.93 46.15 14.12
C LEU D 137 17.51 46.18 15.59
N TYR D 138 17.42 45.00 16.18
CA TYR D 138 17.02 44.85 17.56
C TYR D 138 18.17 44.33 18.41
N ASP D 139 19.10 43.64 17.76
CA ASP D 139 20.25 43.06 18.43
C ASP D 139 21.09 44.11 19.14
N PRO D 140 21.24 43.96 20.46
CA PRO D 140 21.96 44.94 21.28
C PRO D 140 23.44 45.02 20.95
N THR D 141 23.98 43.98 20.30
CA THR D 141 25.40 43.97 19.96
C THR D 141 25.64 44.52 18.56
N CYS D 142 24.57 44.72 17.81
CA CYS D 142 24.68 45.22 16.44
C CYS D 142 25.21 46.65 16.41
N LEU D 143 26.14 46.90 15.49
CA LEU D 143 26.74 48.22 15.31
C LEU D 143 25.72 49.23 14.84
N ALA D 144 25.89 50.50 15.21
CA ALA D 144 24.95 51.54 14.80
C ALA D 144 25.35 52.90 15.34
N SER D 145 25.85 53.76 14.46
CA SER D 145 26.24 55.12 14.83
C SER D 145 25.05 56.06 14.80
N GLU D 146 24.03 55.71 14.02
CA GLU D 146 22.81 56.52 13.90
C GLU D 146 21.84 55.92 12.89
N LEU D 147 20.63 55.63 13.34
CA LEU D 147 19.60 55.08 12.47
C LEU D 147 18.56 56.15 12.14
N PRO D 148 18.46 56.52 10.86
CA PRO D 148 17.54 57.57 10.39
C PRO D 148 16.08 57.30 10.73
N TYR D 149 15.69 56.02 10.73
CA TYR D 149 14.30 55.68 11.00
C TYR D 149 14.20 54.47 11.92
N ASP D 150 13.29 54.56 12.89
CA ASP D 150 13.08 53.47 13.83
C ASP D 150 12.36 52.30 13.19
N ALA D 151 13.10 51.54 12.39
CA ALA D 151 12.57 50.36 11.73
C ALA D 151 12.19 49.30 12.75
N PRO D 152 12.82 49.34 13.92
CA PRO D 152 12.47 48.40 14.98
C PRO D 152 11.00 48.50 15.43
N SER D 153 10.32 49.60 15.07
CA SER D 153 8.94 49.82 15.45
C SER D 153 8.13 48.54 15.49
N GLU D 154 7.34 48.37 16.55
CA GLU D 154 6.56 47.15 16.76
C GLU D 154 5.71 46.78 15.57
N ILE D 155 5.14 47.78 14.89
CA ILE D 155 4.34 47.51 13.71
C ILE D 155 5.23 46.87 12.65
N ASP D 156 6.43 47.43 12.50
CA ASP D 156 7.41 46.90 11.57
C ASP D 156 7.92 45.55 12.06
N ARG D 157 7.91 45.36 13.38
CA ARG D 157 8.36 44.12 13.98
C ARG D 157 7.43 42.98 13.64
N MET D 158 6.12 43.26 13.69
CA MET D 158 5.15 42.25 13.31
C MET D 158 5.22 42.05 11.81
N ALA D 159 5.54 43.12 11.09
CA ALA D 159 5.75 43.02 9.66
C ALA D 159 6.99 42.21 9.39
N TYR D 160 7.99 42.35 10.27
CA TYR D 160 9.21 41.57 10.18
C TYR D 160 8.92 40.12 10.47
N ALA D 161 7.93 39.88 11.34
CA ALA D 161 7.50 38.52 11.62
C ALA D 161 6.88 37.95 10.36
N THR D 162 6.09 38.77 9.67
CA THR D 162 5.49 38.35 8.42
C THR D 162 6.61 38.08 7.43
N PHE D 163 7.63 38.93 7.48
CA PHE D 163 8.82 38.76 6.67
C PHE D 163 9.51 37.45 7.03
N LYS D 164 9.50 37.11 8.32
CA LYS D 164 10.09 35.87 8.77
C LYS D 164 9.39 34.69 8.10
N THR D 165 8.09 34.84 7.87
CA THR D 165 7.33 33.79 7.18
C THR D 165 7.94 33.56 5.81
N ILE D 166 8.37 34.64 5.15
CA ILE D 166 9.02 34.53 3.85
C ILE D 166 10.29 33.72 4.01
N GLN D 167 11.05 34.06 5.04
CA GLN D 167 12.31 33.39 5.31
C GLN D 167 12.07 31.91 5.60
N ILE D 168 10.98 31.65 6.32
CA ILE D 168 10.58 30.29 6.65
C ILE D 168 10.15 29.53 5.40
N LYS D 169 9.36 30.19 4.56
CA LYS D 169 8.90 29.59 3.32
C LYS D 169 10.06 29.15 2.46
N ILE D 170 11.01 30.05 2.25
CA ILE D 170 12.16 29.72 1.43
C ILE D 170 12.97 28.63 2.10
N ALA D 171 13.02 28.66 3.43
CA ALA D 171 13.70 27.60 4.14
C ALA D 171 13.02 26.28 3.85
N ASN D 172 11.69 26.29 3.85
CA ASN D 172 10.95 25.07 3.54
C ASN D 172 11.23 24.66 2.09
N ASP D 173 11.44 25.65 1.24
CA ASP D 173 11.70 25.41 -0.16
C ASP D 173 13.09 24.84 -0.41
N GLN D 174 14.06 25.21 0.43
CA GLN D 174 15.42 24.72 0.25
C GLN D 174 15.95 23.94 1.44
N LYS D 175 15.78 24.48 2.64
CA LYS D 175 16.21 23.81 3.86
C LYS D 175 15.37 22.56 4.09
N GLY D 176 14.14 22.59 3.57
CA GLY D 176 13.22 21.47 3.70
C GLY D 176 13.62 20.29 2.84
N PHE D 177 14.67 20.46 2.02
CA PHE D 177 15.15 19.36 1.19
C PHE D 177 15.54 18.20 2.09
N ASN D 178 15.08 17.01 1.73
CA ASN D 178 15.32 15.83 2.55
C ASN D 178 16.67 15.19 2.28
N LEU D 179 17.61 15.43 3.19
CA LEU D 179 18.93 14.82 3.09
C LEU D 179 18.85 13.40 3.66
N ASN D 180 18.21 12.53 2.91
CA ASN D 180 17.99 11.15 3.32
C ASN D 180 19.13 10.22 2.96
N TYR D 181 20.16 10.76 2.31
CA TYR D 181 21.32 9.94 2.00
C TYR D 181 22.56 10.78 1.80
N ASN D 182 23.70 10.14 1.98
CA ASN D 182 24.97 10.81 1.75
C ASN D 182 25.63 10.24 0.50
N PRO D 183 26.01 8.95 0.53
CA PRO D 183 26.74 8.35 -0.59
C PRO D 183 25.83 7.99 -1.76
N ASN D 184 25.09 8.98 -2.27
CA ASN D 184 24.24 8.77 -3.42
C ASN D 184 23.28 7.59 -3.30
N VAL D 185 22.64 7.42 -2.15
CA VAL D 185 21.69 6.31 -2.02
C VAL D 185 20.36 6.65 -2.66
N THR D 186 20.36 6.70 -3.98
CA THR D 186 19.16 7.03 -4.75
C THR D 186 18.21 5.86 -4.80
N GLN D 187 18.71 4.68 -4.44
CA GLN D 187 17.87 3.50 -4.39
C GLN D 187 16.87 3.59 -3.25
N ALA D 188 17.19 4.37 -2.23
CA ALA D 188 16.26 4.60 -1.14
C ALA D 188 15.26 5.64 -1.58
N ARG D 189 15.79 6.78 -2.04
CA ARG D 189 14.97 7.86 -2.57
C ARG D 189 15.71 8.56 -3.71
N LEU D 190 15.05 8.66 -4.84
CA LEU D 190 15.64 9.25 -6.03
C LEU D 190 15.78 10.76 -5.92
N PRO D 191 16.71 11.31 -6.69
CA PRO D 191 16.94 12.75 -6.73
C PRO D 191 15.66 13.46 -7.14
N ASN D 192 15.37 14.56 -6.47
CA ASN D 192 14.18 15.37 -6.77
C ASN D 192 12.88 14.62 -6.47
N ALA D 193 12.96 13.51 -5.75
CA ALA D 193 11.77 12.77 -5.36
C ALA D 193 10.95 13.57 -4.35
N PRO D 194 11.62 14.40 -3.55
CA PRO D 194 10.92 15.24 -2.57
C PRO D 194 10.03 16.30 -3.23
N LEU D 195 10.18 16.51 -4.54
CA LEU D 195 9.38 17.51 -5.22
C LEU D 195 7.89 17.22 -5.03
N PRO D 196 7.16 18.23 -4.58
CA PRO D 196 5.71 18.10 -4.36
C PRO D 196 5.00 17.71 -5.64
N ALA D 197 3.97 16.87 -5.49
CA ALA D 197 3.18 16.43 -6.63
C ALA D 197 2.37 17.59 -7.19
N LEU D 198 2.04 17.51 -8.47
CA LEU D 198 1.28 18.56 -9.12
C LEU D 198 -0.11 18.66 -8.51
N PRO D 199 -0.58 19.89 -8.34
CA PRO D 199 -1.90 20.12 -7.72
C PRO D 199 -3.02 19.62 -8.60
N GLU D 200 -4.02 19.00 -7.97
CA GLU D 200 -5.19 18.49 -8.66
C GLU D 200 -6.18 19.62 -8.87
N PRO D 201 -7.08 19.47 -9.83
CA PRO D 201 -8.11 20.48 -10.07
C PRO D 201 -9.28 20.37 -9.10
N THR D 202 -9.39 19.22 -8.44
CA THR D 202 -10.50 18.99 -7.51
C THR D 202 -10.19 19.56 -6.13
N SER D 203 -11.25 19.80 -5.35
CA SER D 203 -11.10 20.36 -4.02
C SER D 203 -10.60 19.33 -3.02
N ASP D 204 -10.78 18.05 -3.34
CA ASP D 204 -10.36 16.98 -2.46
C ASP D 204 -9.56 15.93 -3.22
N GLN E 1 -49.31 -17.24 -23.50
CA GLN E 1 -48.33 -16.52 -22.70
C GLN E 1 -48.75 -16.48 -21.23
N PRO E 2 -48.58 -17.59 -20.53
CA PRO E 2 -49.01 -17.69 -19.13
C PRO E 2 -48.29 -16.69 -18.24
N TRP E 3 -47.07 -16.31 -18.61
CA TRP E 3 -46.31 -15.36 -17.81
C TRP E 3 -46.85 -13.94 -17.95
N GLU E 4 -47.66 -13.70 -18.97
CA GLU E 4 -48.25 -12.38 -19.19
C GLU E 4 -49.54 -12.22 -18.39
N ALA E 5 -50.04 -13.32 -17.86
CA ALA E 5 -51.29 -13.30 -17.10
C ALA E 5 -51.09 -12.70 -15.72
N ILE E 6 -52.13 -12.08 -15.19
CA ILE E 6 -52.09 -11.52 -13.85
C ILE E 6 -52.45 -12.60 -12.85
N PHE E 7 -51.56 -12.83 -11.88
CA PHE E 7 -51.77 -13.91 -10.93
C PHE E 7 -52.91 -13.63 -9.96
N THR E 8 -53.20 -12.35 -9.73
CA THR E 8 -54.27 -11.94 -8.82
C THR E 8 -53.89 -12.16 -7.36
N LYS E 9 -53.99 -11.09 -6.57
CA LYS E 9 -53.62 -11.12 -5.16
C LYS E 9 -54.38 -12.19 -4.37
N ASP E 10 -55.63 -12.40 -4.75
CA ASP E 10 -56.44 -13.42 -4.09
C ASP E 10 -55.77 -14.77 -4.14
N ASP E 11 -55.08 -15.03 -5.24
CA ASP E 11 -54.37 -16.29 -5.43
C ASP E 11 -53.02 -16.26 -4.72
N LEU E 12 -52.39 -15.08 -4.69
CA LEU E 12 -51.11 -14.93 -4.01
C LEU E 12 -51.24 -15.25 -2.53
N ALA E 13 -52.32 -14.76 -1.92
CA ALA E 13 -52.58 -14.98 -0.50
C ALA E 13 -52.95 -16.42 -0.22
N ALA E 14 -53.38 -17.13 -1.26
CA ALA E 14 -53.79 -18.52 -1.13
C ALA E 14 -52.57 -19.47 -1.12
N ILE E 15 -51.40 -18.93 -1.45
CA ILE E 15 -50.20 -19.76 -1.50
C ILE E 15 -49.72 -20.17 -0.10
N GLU E 16 -49.66 -19.20 0.81
CA GLU E 16 -49.25 -19.47 2.19
C GLU E 16 -47.96 -20.29 2.27
N PRO E 17 -46.89 -19.75 1.71
CA PRO E 17 -45.60 -20.45 1.67
C PRO E 17 -44.89 -20.42 3.01
N LYS E 18 -43.85 -21.22 3.13
CA LYS E 18 -43.03 -21.28 4.33
C LYS E 18 -41.59 -20.88 4.01
N PRO E 19 -40.94 -20.18 4.93
CA PRO E 19 -39.55 -19.78 4.73
C PRO E 19 -38.69 -21.01 4.51
N ALA E 20 -37.68 -20.89 3.65
CA ALA E 20 -36.83 -22.03 3.31
C ALA E 20 -35.35 -21.70 3.49
N SER E 21 -34.91 -21.71 4.74
CA SER E 21 -33.52 -21.45 5.05
C SER E 21 -32.62 -22.60 4.61
N ALA E 22 -31.42 -22.26 4.15
CA ALA E 22 -30.46 -23.27 3.73
C ALA E 22 -29.45 -23.57 4.82
N ASN E 23 -29.60 -22.92 5.97
CA ASN E 23 -28.69 -23.16 7.08
C ASN E 23 -29.24 -24.25 7.99
N VAL E 24 -30.26 -24.96 7.52
CA VAL E 24 -30.82 -26.07 8.26
C VAL E 24 -30.71 -27.32 7.41
N PRO E 25 -30.57 -28.47 8.06
CA PRO E 25 -30.46 -29.74 7.35
C PRO E 25 -31.67 -29.97 6.46
N ASN E 26 -31.45 -30.52 5.28
CA ASN E 26 -32.54 -30.86 4.37
C ASN E 26 -33.39 -31.93 5.01
N THR E 27 -34.65 -31.99 4.62
CA THR E 27 -35.55 -33.00 5.16
C THR E 27 -34.91 -34.39 5.12
N LYS E 28 -34.30 -34.72 3.98
CA LYS E 28 -33.64 -36.01 3.84
C LYS E 28 -32.40 -36.10 4.71
N GLN E 29 -31.79 -34.95 5.00
CA GLN E 29 -30.63 -34.91 5.87
C GLN E 29 -31.07 -35.07 7.30
N TRP E 30 -32.25 -34.52 7.63
CA TRP E 30 -32.81 -34.71 8.96
C TRP E 30 -33.04 -36.19 9.17
N ILE E 31 -33.51 -36.84 8.11
CA ILE E 31 -33.74 -38.27 8.12
C ILE E 31 -32.40 -39.00 8.24
N GLY E 32 -31.40 -38.49 7.53
CA GLY E 32 -30.07 -39.07 7.60
C GLY E 32 -29.56 -39.00 9.04
N ILE E 33 -29.85 -37.90 9.72
CA ILE E 33 -29.48 -37.75 11.11
C ILE E 33 -30.21 -38.81 11.94
N GLN E 34 -31.48 -39.02 11.63
CA GLN E 34 -32.26 -40.05 12.32
C GLN E 34 -31.65 -41.42 12.09
N ALA E 35 -31.26 -41.68 10.85
CA ALA E 35 -30.69 -42.96 10.50
C ALA E 35 -29.45 -43.24 11.32
N GLY E 36 -28.72 -42.17 11.65
CA GLY E 36 -27.52 -42.31 12.46
C GLY E 36 -27.80 -42.17 13.95
N LEU E 37 -28.47 -41.08 14.31
CA LEU E 37 -28.76 -40.76 15.71
C LEU E 37 -29.70 -41.77 16.36
N ILE E 38 -30.75 -42.15 15.66
CA ILE E 38 -31.66 -43.13 16.22
C ILE E 38 -30.95 -44.47 16.31
N LYS E 39 -30.15 -44.76 15.29
CA LYS E 39 -29.34 -45.97 15.26
C LYS E 39 -28.33 -45.96 16.40
N ALA E 40 -27.88 -44.76 16.76
CA ALA E 40 -26.90 -44.58 17.82
C ALA E 40 -27.49 -44.88 19.20
N GLY E 41 -28.82 -45.02 19.28
CA GLY E 41 -29.46 -45.33 20.54
C GLY E 41 -30.51 -44.31 20.95
N ALA E 42 -30.60 -43.21 20.21
CA ALA E 42 -31.59 -42.18 20.52
C ALA E 42 -32.95 -42.60 19.98
N THR E 43 -34.02 -42.11 20.59
CA THR E 43 -35.35 -42.43 20.12
C THR E 43 -36.33 -41.29 20.32
N ASP E 44 -37.23 -41.14 19.36
CA ASP E 44 -38.29 -40.14 19.41
C ASP E 44 -37.79 -38.75 19.79
N ALA E 45 -38.28 -38.25 20.93
CA ALA E 45 -37.94 -36.91 21.41
C ALA E 45 -36.45 -36.76 21.69
N ASN E 46 -35.78 -37.86 21.95
CA ASN E 46 -34.35 -37.83 22.23
C ASN E 46 -33.59 -37.34 21.01
N PHE E 47 -34.21 -37.45 19.85
CA PHE E 47 -33.59 -36.98 18.62
C PHE E 47 -33.21 -35.51 18.77
N MET E 48 -34.17 -34.69 19.13
CA MET E 48 -33.91 -33.28 19.34
C MET E 48 -33.09 -33.03 20.60
N LYS E 49 -33.38 -33.79 21.65
CA LYS E 49 -32.67 -33.62 22.92
C LYS E 49 -31.18 -33.77 22.76
N VAL E 50 -30.77 -34.83 22.07
CA VAL E 50 -29.36 -35.09 21.86
C VAL E 50 -28.74 -34.03 20.97
N LEU E 51 -29.46 -33.63 19.94
CA LEU E 51 -28.96 -32.60 19.04
C LEU E 51 -28.81 -31.28 19.77
N LEU E 52 -29.71 -31.03 20.73
CA LEU E 52 -29.60 -29.84 21.56
C LEU E 52 -28.35 -29.92 22.41
N GLY E 53 -28.02 -31.12 22.87
CA GLY E 53 -26.80 -31.33 23.62
C GLY E 53 -25.62 -30.89 22.77
N LEU E 54 -25.60 -31.35 21.53
CA LEU E 54 -24.53 -30.97 20.60
C LEU E 54 -24.54 -29.48 20.30
N SER E 55 -25.73 -28.90 20.20
CA SER E 55 -25.81 -27.46 19.93
C SER E 55 -25.21 -26.69 21.09
N LEU E 56 -25.40 -27.21 22.29
CA LEU E 56 -24.83 -26.61 23.48
C LEU E 56 -23.32 -26.78 23.45
N GLU E 57 -22.88 -27.92 22.93
CA GLU E 57 -21.46 -28.17 22.78
C GLU E 57 -20.89 -27.26 21.71
N ALA E 58 -21.64 -27.09 20.64
CA ALA E 58 -21.24 -26.23 19.53
C ALA E 58 -21.11 -24.80 20.01
N PHE E 59 -21.95 -24.45 20.98
CA PHE E 59 -21.94 -23.13 21.58
C PHE E 59 -20.57 -22.86 22.20
N ASP E 60 -20.02 -23.89 22.84
CA ASP E 60 -18.70 -23.77 23.47
C ASP E 60 -17.58 -24.40 22.63
N ARG E 61 -17.94 -25.09 21.54
CA ARG E 61 -16.91 -25.73 20.72
C ARG E 61 -16.93 -25.29 19.27
N GLY E 62 -17.91 -25.78 18.52
CA GLY E 62 -18.03 -25.43 17.10
C GLY E 62 -18.36 -26.66 16.25
N SER E 63 -18.10 -26.58 14.95
CA SER E 63 -18.36 -27.66 14.00
C SER E 63 -17.70 -28.98 14.41
N SER E 64 -16.55 -29.31 13.81
CA SER E 64 -15.87 -30.55 14.15
C SER E 64 -15.40 -30.51 15.59
N GLU E 65 -15.32 -29.31 16.15
CA GLU E 65 -14.92 -29.15 17.54
C GLU E 65 -15.89 -29.89 18.46
N ALA E 66 -17.19 -29.63 18.28
CA ALA E 66 -18.20 -30.31 19.07
C ALA E 66 -18.24 -31.79 18.69
N THR E 67 -17.85 -32.09 17.45
CA THR E 67 -17.79 -33.47 16.99
C THR E 67 -16.79 -34.26 17.80
N THR E 68 -15.65 -33.63 18.12
CA THR E 68 -14.62 -34.28 18.91
C THR E 68 -15.03 -34.37 20.37
N TRP E 69 -15.90 -33.45 20.81
CA TRP E 69 -16.36 -33.46 22.19
C TRP E 69 -17.15 -34.72 22.52
N ASP E 70 -16.73 -35.42 23.55
CA ASP E 70 -17.38 -36.64 24.01
C ASP E 70 -18.43 -36.35 25.08
N GLY E 71 -18.96 -37.41 25.67
CA GLY E 71 -19.96 -37.26 26.72
C GLY E 71 -21.29 -37.84 26.29
N ILE E 72 -21.80 -38.78 27.08
CA ILE E 72 -23.07 -39.41 26.77
C ILE E 72 -24.23 -38.54 27.21
N THR E 73 -25.08 -38.19 26.25
CA THR E 73 -26.24 -37.38 26.52
C THR E 73 -27.38 -38.27 26.97
N GLU E 74 -28.56 -37.67 27.07
CA GLU E 74 -29.75 -38.43 27.44
C GLU E 74 -30.05 -39.54 26.45
N GLY E 75 -29.53 -39.41 25.23
CA GLY E 75 -29.74 -40.43 24.21
C GLY E 75 -28.47 -41.17 23.82
N VAL E 76 -27.38 -40.44 23.63
CA VAL E 76 -26.13 -41.07 23.20
C VAL E 76 -24.95 -40.09 23.24
N GLU E 77 -23.73 -40.63 23.17
CA GLU E 77 -22.50 -39.85 23.15
C GLU E 77 -22.55 -38.75 22.10
N HIS E 78 -22.07 -37.57 22.47
CA HIS E 78 -22.05 -36.42 21.58
C HIS E 78 -21.38 -36.76 20.27
N ARG E 79 -20.25 -37.46 20.34
CA ARG E 79 -19.50 -37.83 19.16
C ARG E 79 -20.29 -38.75 18.26
N ALA E 80 -21.02 -39.68 18.87
CA ALA E 80 -21.84 -40.61 18.10
C ALA E 80 -22.94 -39.86 17.36
N ALA E 81 -23.56 -38.92 18.06
CA ALA E 81 -24.60 -38.10 17.46
C ALA E 81 -24.02 -37.21 16.37
N ALA E 82 -22.80 -36.74 16.62
CA ALA E 82 -22.11 -35.89 15.66
C ALA E 82 -21.84 -36.68 14.39
N ASN E 83 -21.55 -37.96 14.55
CA ASN E 83 -21.30 -38.83 13.42
C ASN E 83 -22.56 -38.93 12.56
N ALA E 84 -23.71 -39.00 13.23
CA ALA E 84 -24.99 -39.07 12.53
C ALA E 84 -25.19 -37.82 11.67
N ILE E 85 -24.80 -36.68 12.23
CA ILE E 85 -24.90 -35.42 11.51
C ILE E 85 -23.98 -35.46 10.29
N LYS E 86 -22.79 -36.01 10.49
CA LYS E 86 -21.84 -36.16 9.39
C LYS E 86 -22.36 -37.14 8.34
N GLU E 87 -23.09 -38.15 8.79
CA GLU E 87 -23.69 -39.11 7.87
C GLU E 87 -24.69 -38.42 6.96
N ALA E 88 -25.32 -37.38 7.48
CA ALA E 88 -26.28 -36.57 6.73
C ALA E 88 -25.57 -35.55 5.84
N ASN E 89 -24.25 -35.56 5.88
CA ASN E 89 -23.42 -34.63 5.11
C ASN E 89 -23.59 -33.20 5.58
N CYS E 90 -23.77 -33.04 6.89
CA CYS E 90 -23.91 -31.72 7.48
C CYS E 90 -22.91 -31.51 8.61
N PRO E 91 -22.56 -30.26 8.85
CA PRO E 91 -21.75 -29.91 10.02
C PRO E 91 -22.67 -29.77 11.22
N ILE E 92 -22.13 -29.90 12.42
CA ILE E 92 -22.95 -29.74 13.61
C ILE E 92 -23.58 -28.36 13.62
N HIS E 93 -22.85 -27.39 13.10
CA HIS E 93 -23.34 -26.02 12.99
C HIS E 93 -24.64 -25.98 12.20
N LYS E 94 -24.74 -26.82 11.17
CA LYS E 94 -25.93 -26.86 10.34
C LYS E 94 -27.15 -27.18 11.19
N VAL E 95 -27.01 -28.18 12.05
CA VAL E 95 -28.09 -28.54 12.96
C VAL E 95 -28.28 -27.46 14.01
N THR E 96 -27.15 -26.94 14.50
CA THR E 96 -27.15 -25.92 15.53
C THR E 96 -27.84 -24.65 15.06
N TYR E 97 -27.73 -24.35 13.77
CA TYR E 97 -28.37 -23.17 13.23
C TYR E 97 -29.87 -23.25 13.44
N TYR E 98 -30.42 -24.46 13.27
CA TYR E 98 -31.83 -24.71 13.49
C TYR E 98 -32.17 -24.63 14.98
N LEU E 99 -31.28 -25.15 15.80
CA LEU E 99 -31.48 -25.18 17.24
C LEU E 99 -30.65 -24.12 17.95
N ALA E 100 -30.37 -23.02 17.26
CA ALA E 100 -29.55 -21.95 17.82
C ALA E 100 -30.27 -21.18 18.93
N LYS E 101 -31.53 -20.84 18.69
CA LYS E 101 -32.28 -20.04 19.65
C LYS E 101 -32.57 -20.78 20.95
N PRO E 102 -33.07 -22.01 20.86
CA PRO E 102 -33.35 -22.79 22.07
C PRO E 102 -32.07 -23.04 22.83
N THR E 103 -30.99 -23.24 22.09
CA THR E 103 -29.67 -23.48 22.68
C THR E 103 -29.21 -22.26 23.45
N PHE E 104 -29.29 -21.10 22.80
CA PHE E 104 -28.94 -19.85 23.43
C PHE E 104 -29.86 -19.57 24.60
N ALA E 105 -31.14 -19.88 24.40
CA ALA E 105 -32.16 -19.67 25.40
C ALA E 105 -31.84 -20.46 26.66
N ILE E 106 -31.36 -21.69 26.49
CA ILE E 106 -31.00 -22.52 27.63
C ILE E 106 -29.91 -21.85 28.43
N ARG E 107 -28.82 -21.52 27.76
CA ARG E 107 -27.68 -20.90 28.40
C ARG E 107 -27.99 -19.51 28.93
N GLN E 108 -28.87 -18.81 28.24
CA GLN E 108 -29.23 -17.47 28.68
C GLN E 108 -29.97 -17.53 30.00
N SER E 109 -30.81 -18.54 30.15
CA SER E 109 -31.55 -18.74 31.39
C SER E 109 -30.65 -19.31 32.48
N LYS E 110 -29.64 -20.06 32.06
CA LYS E 110 -28.70 -20.65 33.01
C LYS E 110 -27.47 -19.77 33.19
N ASN E 111 -27.41 -18.67 32.43
CA ASN E 111 -26.30 -17.73 32.50
C ASN E 111 -24.97 -18.41 32.18
N LEU E 112 -24.94 -19.22 31.13
CA LEU E 112 -23.73 -19.92 30.73
C LEU E 112 -23.17 -19.34 29.44
N PRO E 113 -22.27 -18.38 29.57
CA PRO E 113 -21.67 -17.71 28.41
C PRO E 113 -20.77 -18.67 27.65
N PRO E 114 -20.47 -18.31 26.41
CA PRO E 114 -19.65 -19.17 25.54
C PRO E 114 -18.26 -19.34 26.11
N ALA E 115 -17.80 -20.58 26.15
CA ALA E 115 -16.49 -20.91 26.69
C ALA E 115 -15.36 -20.41 25.80
N ASN E 116 -15.67 -20.15 24.54
CA ASN E 116 -14.65 -19.68 23.60
C ASN E 116 -14.60 -18.16 23.57
N PHE E 117 -15.38 -17.53 24.45
CA PHE E 117 -15.38 -16.08 24.60
C PHE E 117 -13.98 -15.58 24.86
N ALA E 118 -13.30 -16.23 25.79
CA ALA E 118 -11.94 -15.90 26.16
C ALA E 118 -10.99 -16.07 25.00
N LYS E 119 -11.13 -17.18 24.29
CA LYS E 119 -10.26 -17.53 23.17
C LYS E 119 -10.36 -16.51 22.05
N LYS E 120 -11.57 -16.02 21.83
CA LYS E 120 -11.83 -15.09 20.75
C LYS E 120 -11.54 -13.65 21.15
N ASN E 121 -11.17 -13.44 22.41
CA ASN E 121 -10.86 -12.11 22.90
C ASN E 121 -12.03 -11.16 22.72
N VAL E 122 -13.25 -11.70 22.79
CA VAL E 122 -14.44 -10.89 22.64
C VAL E 122 -14.63 -9.99 23.85
N PRO E 123 -14.86 -8.71 23.62
CA PRO E 123 -15.06 -7.76 24.72
C PRO E 123 -16.20 -8.23 25.62
N SER E 124 -16.06 -7.96 26.91
CA SER E 124 -17.07 -8.36 27.89
C SER E 124 -18.41 -7.72 27.57
N GLN E 125 -18.37 -6.59 26.90
CA GLN E 125 -19.58 -5.90 26.47
C GLN E 125 -20.37 -6.80 25.54
N TYR E 126 -19.67 -7.65 24.82
CA TYR E 126 -20.28 -8.56 23.87
C TYR E 126 -20.09 -10.01 24.30
N LYS E 127 -20.16 -10.25 25.61
CA LYS E 127 -19.97 -11.58 26.17
C LYS E 127 -20.87 -12.63 25.55
N TRP E 128 -22.10 -12.26 25.25
CA TRP E 128 -23.04 -13.21 24.67
C TRP E 128 -23.11 -13.12 23.15
N CYS E 129 -22.15 -12.43 22.55
CA CYS E 129 -22.12 -12.30 21.11
C CYS E 129 -21.24 -13.36 20.47
N ALA E 130 -20.45 -14.04 21.29
CA ALA E 130 -19.58 -15.09 20.77
C ALA E 130 -20.36 -16.39 20.57
N PHE E 131 -21.24 -16.38 19.58
CA PHE E 131 -22.07 -17.55 19.26
C PHE E 131 -22.01 -17.88 17.79
N ASP E 132 -21.39 -19.01 17.46
CA ASP E 132 -21.22 -19.40 16.06
C ASP E 132 -22.52 -19.47 15.28
N ALA E 133 -23.57 -19.99 15.92
CA ALA E 133 -24.86 -20.11 15.27
C ALA E 133 -25.77 -18.93 15.59
N PHE E 134 -25.19 -17.75 15.80
CA PHE E 134 -25.99 -16.57 16.10
C PHE E 134 -26.99 -16.25 15.00
N ASP E 135 -26.71 -16.72 13.78
CA ASP E 135 -27.60 -16.45 12.67
C ASP E 135 -28.97 -17.09 12.89
N GLY E 136 -28.99 -18.17 13.66
CA GLY E 136 -30.23 -18.86 13.96
C GLY E 136 -31.12 -18.01 14.86
N LEU E 137 -30.53 -17.01 15.50
CA LEU E 137 -31.27 -16.12 16.38
C LEU E 137 -32.17 -15.20 15.57
N TYR E 138 -31.87 -15.09 14.27
CA TYR E 138 -32.62 -14.25 13.37
C TYR E 138 -33.38 -15.10 12.35
N ASP E 139 -32.86 -16.29 12.09
CA ASP E 139 -33.44 -17.20 11.12
C ASP E 139 -34.89 -17.54 11.46
N PRO E 140 -35.81 -17.22 10.54
CA PRO E 140 -37.24 -17.42 10.76
C PRO E 140 -37.62 -18.90 10.88
N THR E 141 -36.77 -19.79 10.39
CA THR E 141 -37.06 -21.21 10.46
C THR E 141 -36.47 -21.86 11.70
N CYS E 142 -35.64 -21.12 12.42
CA CYS E 142 -34.99 -21.63 13.61
C CYS E 142 -36.00 -21.90 14.73
N LEU E 143 -35.85 -23.04 15.39
CA LEU E 143 -36.72 -23.44 16.49
C LEU E 143 -36.57 -22.50 17.68
N ALA E 144 -37.64 -22.32 18.44
CA ALA E 144 -37.60 -21.44 19.60
C ALA E 144 -38.93 -21.39 20.33
N SER E 145 -38.99 -22.02 21.50
CA SER E 145 -40.19 -22.03 22.31
C SER E 145 -40.27 -20.79 23.20
N GLU E 146 -39.11 -20.19 23.48
CA GLU E 146 -39.03 -18.99 24.31
C GLU E 146 -37.58 -18.57 24.53
N LEU E 147 -37.28 -17.34 24.14
CA LEU E 147 -35.94 -16.79 24.32
C LEU E 147 -35.92 -15.78 25.47
N PRO E 148 -35.18 -16.10 26.54
CA PRO E 148 -35.10 -15.25 27.73
C PRO E 148 -34.61 -13.83 27.45
N TYR E 149 -33.72 -13.69 26.49
CA TYR E 149 -33.18 -12.36 26.16
C TYR E 149 -33.10 -12.13 24.67
N ASP E 150 -33.49 -10.94 24.25
CA ASP E 150 -33.45 -10.58 22.83
C ASP E 150 -32.04 -10.34 22.36
N ALA E 151 -31.31 -11.43 22.17
CA ALA E 151 -29.94 -11.38 21.66
C ALA E 151 -29.91 -10.84 20.24
N PRO E 152 -31.01 -10.98 19.52
CA PRO E 152 -31.09 -10.43 18.16
C PRO E 152 -30.90 -8.91 18.13
N SER E 153 -31.02 -8.23 19.27
CA SER E 153 -30.89 -6.78 19.35
C SER E 153 -29.84 -6.25 18.38
N GLU E 154 -30.21 -5.16 17.69
CA GLU E 154 -29.35 -4.57 16.67
C GLU E 154 -27.95 -4.27 17.17
N ILE E 155 -27.83 -3.84 18.42
CA ILE E 155 -26.52 -3.58 18.98
C ILE E 155 -25.74 -4.88 19.03
N ASP E 156 -26.41 -5.94 19.44
CA ASP E 156 -25.82 -7.26 19.48
C ASP E 156 -25.58 -7.77 18.07
N ARG E 157 -26.41 -7.33 17.13
CA ARG E 157 -26.30 -7.72 15.74
C ARG E 157 -25.03 -7.17 15.12
N MET E 158 -24.72 -5.92 15.43
CA MET E 158 -23.48 -5.32 14.96
C MET E 158 -22.32 -5.96 15.68
N ALA E 159 -22.56 -6.34 16.93
CA ALA E 159 -21.55 -7.06 17.70
C ALA E 159 -21.37 -8.44 17.09
N TYR E 160 -22.46 -9.01 16.57
CA TYR E 160 -22.42 -10.30 15.90
C TYR E 160 -21.66 -10.15 14.60
N ALA E 161 -21.77 -8.98 13.98
CA ALA E 161 -21.01 -8.71 12.77
C ALA E 161 -19.53 -8.68 13.13
N THR E 162 -19.22 -8.06 14.27
CA THR E 162 -17.84 -8.04 14.74
C THR E 162 -17.41 -9.47 15.01
N PHE E 163 -18.34 -10.25 15.56
CA PHE E 163 -18.12 -11.67 15.80
C PHE E 163 -17.88 -12.39 14.48
N LYS E 164 -18.60 -11.97 13.44
CA LYS E 164 -18.42 -12.55 12.12
C LYS E 164 -17.00 -12.33 11.65
N THR E 165 -16.41 -11.20 12.03
CA THR E 165 -15.02 -10.93 11.69
C THR E 165 -14.13 -12.02 12.25
N ILE E 166 -14.46 -12.47 13.46
CA ILE E 166 -13.72 -13.55 14.09
C ILE E 166 -13.84 -14.80 13.23
N GLN E 167 -15.07 -15.08 12.81
CA GLN E 167 -15.37 -16.23 12.00
C GLN E 167 -14.62 -16.15 10.68
N ILE E 168 -14.55 -14.94 10.14
CA ILE E 168 -13.85 -14.68 8.89
C ILE E 168 -12.35 -14.86 9.09
N LYS E 169 -11.83 -14.33 10.19
CA LYS E 169 -10.41 -14.45 10.49
C LYS E 169 -9.99 -15.90 10.54
N ILE E 170 -10.72 -16.70 11.29
CA ILE E 170 -10.39 -18.10 11.42
C ILE E 170 -10.54 -18.78 10.07
N ALA E 171 -11.54 -18.36 9.30
CA ALA E 171 -11.70 -18.88 7.97
C ALA E 171 -10.46 -18.58 7.15
N ASN E 172 -9.94 -17.36 7.28
CA ASN E 172 -8.73 -17.00 6.57
C ASN E 172 -7.56 -17.84 7.07
N ASP E 173 -7.60 -18.18 8.36
CA ASP E 173 -6.56 -18.96 8.98
C ASP E 173 -6.59 -20.43 8.54
N GLN E 174 -7.77 -20.94 8.24
CA GLN E 174 -7.90 -22.35 7.84
C GLN E 174 -8.49 -22.52 6.44
N LYS E 175 -9.60 -21.83 6.19
CA LYS E 175 -10.25 -21.91 4.87
C LYS E 175 -9.37 -21.25 3.83
N GLY E 176 -8.53 -20.31 4.27
CA GLY E 176 -7.61 -19.60 3.40
C GLY E 176 -6.47 -20.49 2.93
N PHE E 177 -6.38 -21.71 3.46
CA PHE E 177 -5.34 -22.63 3.03
C PHE E 177 -5.45 -22.85 1.52
N ASN E 178 -4.33 -22.75 0.84
CA ASN E 178 -4.32 -22.87 -0.61
C ASN E 178 -4.28 -24.31 -1.08
N LEU E 179 -5.43 -24.81 -1.52
CA LEU E 179 -5.51 -26.16 -2.08
C LEU E 179 -5.07 -26.11 -3.53
N ASN E 180 -3.77 -25.93 -3.73
CA ASN E 180 -3.17 -25.80 -5.06
C ASN E 180 -2.81 -27.14 -5.68
N TYR E 181 -3.06 -28.23 -4.97
CA TYR E 181 -2.81 -29.54 -5.53
C TYR E 181 -3.64 -30.61 -4.87
N ASN E 182 -3.85 -31.70 -5.58
CA ASN E 182 -4.55 -32.83 -5.04
C ASN E 182 -3.59 -33.99 -4.81
N PRO E 183 -3.00 -34.54 -5.88
CA PRO E 183 -2.13 -35.71 -5.77
C PRO E 183 -0.73 -35.35 -5.26
N ASN E 184 -0.66 -34.71 -4.11
CA ASN E 184 0.62 -34.36 -3.50
C ASN E 184 1.59 -33.65 -4.42
N VAL E 185 1.11 -32.66 -5.19
CA VAL E 185 2.03 -31.93 -6.06
C VAL E 185 2.80 -30.88 -5.27
N THR E 186 3.72 -31.35 -4.45
CA THR E 186 4.54 -30.48 -3.62
C THR E 186 5.62 -29.81 -4.43
N GLN E 187 5.87 -30.32 -5.63
CA GLN E 187 6.84 -29.74 -6.53
C GLN E 187 6.36 -28.38 -7.04
N ALA E 188 5.04 -28.20 -7.06
CA ALA E 188 4.49 -26.90 -7.43
C ALA E 188 4.59 -25.97 -6.24
N ARG E 189 4.05 -26.43 -5.12
CA ARG E 189 4.12 -25.71 -3.86
C ARG E 189 4.24 -26.68 -2.70
N LEU E 190 5.25 -26.47 -1.88
CA LEU E 190 5.52 -27.34 -0.75
C LEU E 190 4.51 -27.19 0.37
N PRO E 191 4.38 -28.23 1.17
CA PRO E 191 3.48 -28.22 2.33
C PRO E 191 3.86 -27.08 3.25
N ASN E 192 2.85 -26.38 3.76
CA ASN E 192 3.05 -25.27 4.69
C ASN E 192 3.78 -24.09 4.05
N ALA E 193 3.88 -24.08 2.72
CA ALA E 193 4.49 -22.97 2.01
C ALA E 193 3.62 -21.73 2.12
N PRO E 194 2.30 -21.91 2.24
CA PRO E 194 1.38 -20.78 2.39
C PRO E 194 1.58 -20.03 3.71
N LEU E 195 2.33 -20.61 4.65
CA LEU E 195 2.55 -19.96 5.92
C LEU E 195 3.15 -18.58 5.72
N PRO E 196 2.53 -17.57 6.33
CA PRO E 196 3.00 -16.18 6.23
C PRO E 196 4.43 -16.05 6.74
N ALA E 197 5.21 -15.19 6.09
CA ALA E 197 6.58 -14.95 6.48
C ALA E 197 6.61 -14.23 7.83
N LEU E 198 7.71 -14.40 8.55
CA LEU E 198 7.85 -13.76 9.86
C LEU E 198 7.90 -12.24 9.70
N PRO E 199 7.24 -11.54 10.62
CA PRO E 199 7.17 -10.09 10.56
C PRO E 199 8.52 -9.45 10.79
N GLU E 200 8.82 -8.42 10.01
CA GLU E 200 10.06 -7.67 10.13
C GLU E 200 9.94 -6.64 11.24
N PRO E 201 11.05 -6.19 11.77
CA PRO E 201 11.04 -5.18 12.84
C PRO E 201 10.86 -3.77 12.27
N THR E 202 11.11 -3.61 10.98
CA THR E 202 11.01 -2.29 10.35
C THR E 202 9.57 -1.99 9.93
N SER E 203 9.27 -0.70 9.77
CA SER E 203 7.94 -0.26 9.40
C SER E 203 7.63 -0.53 7.93
N ASP E 204 8.68 -0.68 7.13
CA ASP E 204 8.51 -0.92 5.71
C ASP E 204 9.36 -2.10 5.25
N GLN F 1 -46.26 44.49 -35.05
CA GLN F 1 -45.91 44.43 -33.64
C GLN F 1 -47.15 44.23 -32.78
N PRO F 2 -47.66 43.00 -32.75
CA PRO F 2 -48.90 42.69 -32.02
C PRO F 2 -48.76 42.98 -30.52
N TRP F 3 -47.55 42.87 -30.01
CA TRP F 3 -47.32 43.11 -28.59
C TRP F 3 -47.40 44.58 -28.24
N GLU F 4 -47.31 45.44 -29.25
CA GLU F 4 -47.38 46.89 -29.03
C GLU F 4 -48.83 47.37 -29.02
N ALA F 5 -49.75 46.49 -29.43
CA ALA F 5 -51.16 46.83 -29.50
C ALA F 5 -51.78 46.85 -28.12
N ILE F 6 -52.81 47.69 -27.95
CA ILE F 6 -53.53 47.76 -26.69
C ILE F 6 -54.63 46.71 -26.69
N PHE F 7 -54.61 45.84 -25.69
CA PHE F 7 -55.56 44.74 -25.64
C PHE F 7 -56.99 45.20 -25.39
N THR F 8 -57.14 46.34 -24.71
CA THR F 8 -58.45 46.91 -24.39
C THR F 8 -59.14 46.12 -23.28
N LYS F 9 -59.54 46.84 -22.23
CA LYS F 9 -60.17 46.24 -21.05
C LYS F 9 -61.41 45.44 -21.41
N ASP F 10 -62.16 45.91 -22.40
CA ASP F 10 -63.36 45.22 -22.83
C ASP F 10 -63.04 43.78 -23.22
N ASP F 11 -61.86 43.58 -23.79
CA ASP F 11 -61.43 42.26 -24.20
C ASP F 11 -60.86 41.48 -23.02
N LEU F 12 -60.22 42.20 -22.10
CA LEU F 12 -59.66 41.56 -20.91
C LEU F 12 -60.76 40.92 -20.07
N ALA F 13 -61.87 41.64 -19.92
CA ALA F 13 -63.02 41.16 -19.16
C ALA F 13 -63.72 40.01 -19.86
N ALA F 14 -63.50 39.90 -21.17
CA ALA F 14 -64.12 38.85 -21.97
C ALA F 14 -63.38 37.52 -21.83
N ILE F 15 -62.20 37.54 -21.23
CA ILE F 15 -61.40 36.33 -21.07
C ILE F 15 -62.00 35.37 -20.05
N GLU F 16 -62.38 35.89 -18.90
CA GLU F 16 -63.00 35.08 -17.84
C GLU F 16 -62.22 33.80 -17.56
N PRO F 17 -60.96 33.94 -17.16
CA PRO F 17 -60.09 32.80 -16.91
C PRO F 17 -60.42 32.12 -15.58
N LYS F 18 -59.84 30.94 -15.39
CA LYS F 18 -60.01 30.18 -14.15
C LYS F 18 -58.66 29.98 -13.48
N PRO F 19 -58.64 30.03 -12.14
CA PRO F 19 -57.39 29.81 -11.40
C PRO F 19 -56.81 28.44 -11.75
N ALA F 20 -55.49 28.36 -11.81
CA ALA F 20 -54.83 27.12 -12.20
C ALA F 20 -53.78 26.70 -11.18
N SER F 21 -54.24 26.13 -10.07
CA SER F 21 -53.35 25.65 -9.03
C SER F 21 -52.60 24.41 -9.48
N ALA F 22 -51.35 24.29 -9.05
CA ALA F 22 -50.53 23.13 -9.39
C ALA F 22 -50.51 22.11 -8.25
N ASN F 23 -51.26 22.40 -7.19
CA ASN F 23 -51.32 21.47 -6.06
C ASN F 23 -52.50 20.53 -6.24
N VAL F 24 -53.07 20.51 -7.43
CA VAL F 24 -54.15 19.60 -7.73
C VAL F 24 -53.74 18.73 -8.91
N PRO F 25 -54.26 17.51 -8.95
CA PRO F 25 -53.94 16.59 -10.04
C PRO F 25 -54.33 17.19 -11.38
N ASN F 26 -53.49 16.97 -12.38
CA ASN F 26 -53.78 17.41 -13.73
C ASN F 26 -55.02 16.69 -14.25
N THR F 27 -55.73 17.31 -15.18
CA THR F 27 -56.92 16.68 -15.73
C THR F 27 -56.64 15.24 -16.14
N LYS F 28 -55.52 15.03 -16.81
CA LYS F 28 -55.14 13.68 -17.24
C LYS F 28 -54.80 12.81 -16.04
N GLN F 29 -54.33 13.43 -14.97
CA GLN F 29 -54.00 12.71 -13.76
C GLN F 29 -55.27 12.34 -13.02
N TRP F 30 -56.26 13.23 -13.10
CA TRP F 30 -57.57 12.93 -12.52
C TRP F 30 -58.14 11.72 -13.23
N ILE F 31 -57.93 11.68 -14.54
CA ILE F 31 -58.35 10.56 -15.36
C ILE F 31 -57.54 9.32 -14.99
N GLY F 32 -56.26 9.52 -14.74
CA GLY F 32 -55.39 8.43 -14.32
C GLY F 32 -55.93 7.83 -13.02
N ILE F 33 -56.38 8.70 -12.13
CA ILE F 33 -56.97 8.25 -10.87
C ILE F 33 -58.22 7.44 -11.17
N GLN F 34 -59.02 7.91 -12.13
CA GLN F 34 -60.22 7.18 -12.52
C GLN F 34 -59.85 5.82 -13.08
N ALA F 35 -58.81 5.79 -13.91
CA ALA F 35 -58.37 4.54 -14.51
C ALA F 35 -58.01 3.52 -13.45
N GLY F 36 -57.50 4.01 -12.32
CA GLY F 36 -57.13 3.12 -11.22
C GLY F 36 -58.28 2.94 -10.23
N LEU F 37 -58.82 4.05 -9.76
CA LEU F 37 -59.87 4.04 -8.75
C LEU F 37 -61.16 3.41 -9.24
N ILE F 38 -61.58 3.75 -10.46
CA ILE F 38 -62.79 3.16 -11.01
C ILE F 38 -62.54 1.68 -11.25
N LYS F 39 -61.34 1.38 -11.74
CA LYS F 39 -60.91 0.01 -11.95
C LYS F 39 -60.88 -0.76 -10.64
N ALA F 40 -60.58 -0.04 -9.57
CA ALA F 40 -60.48 -0.64 -8.24
C ALA F 40 -61.85 -1.02 -7.70
N GLY F 41 -62.92 -0.58 -8.36
CA GLY F 41 -64.27 -0.94 -7.94
C GLY F 41 -65.14 0.28 -7.65
N ALA F 42 -64.55 1.46 -7.67
CA ALA F 42 -65.31 2.69 -7.43
C ALA F 42 -66.06 3.09 -8.69
N THR F 43 -67.17 3.79 -8.53
CA THR F 43 -67.93 4.24 -9.69
C THR F 43 -68.60 5.58 -9.47
N ASP F 44 -68.63 6.39 -10.52
CA ASP F 44 -69.28 7.69 -10.50
C ASP F 44 -68.92 8.54 -9.29
N ALA F 45 -69.92 8.85 -8.47
CA ALA F 45 -69.75 9.70 -7.29
C ALA F 45 -68.79 9.09 -6.28
N ASN F 46 -68.64 7.78 -6.32
CA ASN F 46 -67.73 7.10 -5.40
C ASN F 46 -66.30 7.54 -5.64
N PHE F 47 -66.04 8.05 -6.83
CA PHE F 47 -64.71 8.54 -7.17
C PHE F 47 -64.28 9.56 -6.13
N MET F 48 -65.10 10.58 -5.94
CA MET F 48 -64.80 11.61 -4.96
C MET F 48 -64.94 11.09 -3.54
N LYS F 49 -65.95 10.27 -3.31
CA LYS F 49 -66.21 9.74 -1.98
C LYS F 49 -65.01 9.00 -1.43
N VAL F 50 -64.44 8.12 -2.24
CA VAL F 50 -63.29 7.33 -1.83
C VAL F 50 -62.08 8.21 -1.62
N LEU F 51 -61.88 9.18 -2.52
CA LEU F 51 -60.76 10.09 -2.40
C LEU F 51 -60.90 10.94 -1.13
N LEU F 52 -62.14 11.26 -0.77
CA LEU F 52 -62.39 11.98 0.47
C LEU F 52 -62.01 11.12 1.64
N GLY F 53 -62.26 9.82 1.52
CA GLY F 53 -61.86 8.89 2.56
C GLY F 53 -60.36 8.99 2.76
N LEU F 54 -59.62 8.95 1.66
CA LEU F 54 -58.16 9.07 1.71
C LEU F 54 -57.73 10.42 2.24
N SER F 55 -58.45 11.48 1.88
CA SER F 55 -58.10 12.81 2.36
C SER F 55 -58.25 12.87 3.87
N LEU F 56 -59.26 12.16 4.37
CA LEU F 56 -59.49 12.07 5.79
C LEU F 56 -58.37 11.27 6.43
N GLU F 57 -57.90 10.26 5.70
CA GLU F 57 -56.77 9.46 6.18
C GLU F 57 -55.51 10.29 6.16
N ALA F 58 -55.36 11.09 5.10
CA ALA F 58 -54.20 11.97 4.95
C ALA F 58 -54.18 12.99 6.06
N PHE F 59 -55.36 13.37 6.52
CA PHE F 59 -55.51 14.31 7.60
C PHE F 59 -54.84 13.75 8.85
N ASP F 60 -55.00 12.45 9.08
CA ASP F 60 -54.39 11.78 10.22
C ASP F 60 -53.12 11.00 9.86
N ARG F 61 -52.82 10.88 8.58
CA ARG F 61 -51.63 10.13 8.17
C ARG F 61 -50.65 10.95 7.34
N GLY F 62 -50.98 11.18 6.08
CA GLY F 62 -50.10 11.93 5.19
C GLY F 62 -50.02 11.28 3.82
N SER F 63 -48.98 11.62 3.06
CA SER F 63 -48.74 11.09 1.71
C SER F 63 -48.75 9.55 1.67
N SER F 64 -47.56 8.95 1.63
CA SER F 64 -47.48 7.49 1.60
C SER F 64 -48.03 6.90 2.88
N GLU F 65 -48.13 7.72 3.92
CA GLU F 65 -48.68 7.27 5.18
C GLU F 65 -50.13 6.82 4.99
N ALA F 66 -50.94 7.66 4.35
CA ALA F 66 -52.32 7.30 4.08
C ALA F 66 -52.36 6.17 3.05
N THR F 67 -51.33 6.10 2.21
CA THR F 67 -51.22 5.04 1.22
C THR F 67 -51.13 3.69 1.90
N THR F 68 -50.37 3.63 2.99
CA THR F 68 -50.22 2.39 3.74
C THR F 68 -51.47 2.07 4.53
N TRP F 69 -52.24 3.11 4.88
CA TRP F 69 -53.47 2.90 5.62
C TRP F 69 -54.49 2.09 4.84
N ASP F 70 -54.95 1.00 5.44
CA ASP F 70 -55.94 0.11 4.84
C ASP F 70 -57.36 0.52 5.23
N GLY F 71 -58.32 -0.31 4.85
CA GLY F 71 -59.71 -0.07 5.18
C GLY F 71 -60.54 0.15 3.93
N ILE F 72 -61.58 -0.64 3.78
CA ILE F 72 -62.45 -0.53 2.61
C ILE F 72 -63.44 0.59 2.79
N THR F 73 -63.40 1.54 1.87
CA THR F 73 -64.32 2.67 1.88
C THR F 73 -65.61 2.28 1.20
N GLU F 74 -66.46 3.27 0.98
CA GLU F 74 -67.72 3.05 0.29
C GLU F 74 -67.49 2.52 -1.13
N GLY F 75 -66.30 2.76 -1.67
CA GLY F 75 -65.99 2.28 -3.01
C GLY F 75 -64.91 1.21 -3.03
N VAL F 76 -63.84 1.40 -2.26
CA VAL F 76 -62.74 0.45 -2.27
C VAL F 76 -61.71 0.74 -1.17
N GLU F 77 -60.86 -0.24 -0.89
CA GLU F 77 -59.78 -0.10 0.10
C GLU F 77 -58.96 1.15 -0.14
N HIS F 78 -58.63 1.84 0.96
CA HIS F 78 -57.85 3.07 0.90
C HIS F 78 -56.57 2.87 0.13
N ARG F 79 -55.89 1.76 0.40
CA ARG F 79 -54.63 1.45 -0.25
C ARG F 79 -54.81 1.29 -1.76
N ALA F 80 -55.91 0.64 -2.15
CA ALA F 80 -56.19 0.43 -3.57
C ALA F 80 -56.41 1.77 -4.26
N ALA F 81 -57.16 2.63 -3.59
CA ALA F 81 -57.42 3.96 -4.13
C ALA F 81 -56.14 4.77 -4.16
N ALA F 82 -55.30 4.58 -3.15
CA ALA F 82 -54.03 5.27 -3.08
C ALA F 82 -53.15 4.85 -4.24
N ASN F 83 -53.25 3.58 -4.62
CA ASN F 83 -52.49 3.07 -5.75
C ASN F 83 -52.90 3.79 -7.01
N ALA F 84 -54.20 4.04 -7.14
CA ALA F 84 -54.73 4.75 -8.30
C ALA F 84 -54.13 6.14 -8.39
N ILE F 85 -53.99 6.78 -7.24
CA ILE F 85 -53.39 8.10 -7.17
C ILE F 85 -51.94 8.02 -7.61
N LYS F 86 -51.25 6.98 -7.16
CA LYS F 86 -49.86 6.74 -7.54
C LYS F 86 -49.75 6.45 -9.03
N GLU F 87 -50.77 5.78 -9.58
CA GLU F 87 -50.79 5.50 -11.02
C GLU F 87 -50.83 6.79 -11.81
N ALA F 88 -51.47 7.80 -11.23
CA ALA F 88 -51.57 9.12 -11.84
C ALA F 88 -50.31 9.94 -11.60
N ASN F 89 -49.32 9.33 -10.92
CA ASN F 89 -48.06 9.98 -10.61
C ASN F 89 -48.25 11.13 -9.63
N CYS F 90 -49.19 10.97 -8.72
CA CYS F 90 -49.45 11.98 -7.70
C CYS F 90 -49.39 11.39 -6.30
N PRO F 91 -49.06 12.23 -5.33
CA PRO F 91 -49.14 11.83 -3.92
C PRO F 91 -50.57 12.00 -3.45
N ILE F 92 -50.96 11.31 -2.39
CA ILE F 92 -52.31 11.46 -1.87
C ILE F 92 -52.55 12.90 -1.49
N HIS F 93 -51.50 13.56 -1.00
CA HIS F 93 -51.57 14.96 -0.66
C HIS F 93 -52.02 15.80 -1.84
N LYS F 94 -51.58 15.43 -3.03
CA LYS F 94 -51.97 16.17 -4.23
C LYS F 94 -53.47 16.19 -4.38
N VAL F 95 -54.09 15.03 -4.20
CA VAL F 95 -55.54 14.94 -4.28
C VAL F 95 -56.17 15.62 -3.07
N THR F 96 -55.55 15.43 -1.92
CA THR F 96 -56.04 15.99 -0.66
C THR F 96 -56.04 17.51 -0.71
N TYR F 97 -55.08 18.10 -1.42
CA TYR F 97 -55.00 19.55 -1.54
C TYR F 97 -56.29 20.07 -2.17
N TYR F 98 -56.79 19.33 -3.16
CA TYR F 98 -58.04 19.68 -3.82
C TYR F 98 -59.22 19.46 -2.89
N LEU F 99 -59.17 18.39 -2.12
CA LEU F 99 -60.24 18.03 -1.21
C LEU F 99 -59.90 18.36 0.23
N ALA F 100 -59.06 19.36 0.43
CA ALA F 100 -58.63 19.75 1.76
C ALA F 100 -59.73 20.40 2.58
N LYS F 101 -60.48 21.31 1.97
CA LYS F 101 -61.51 22.04 2.68
C LYS F 101 -62.68 21.17 3.09
N PRO F 102 -63.21 20.37 2.17
CA PRO F 102 -64.33 19.49 2.49
C PRO F 102 -63.89 18.49 3.55
N THR F 103 -62.64 18.06 3.45
CA THR F 103 -62.07 17.10 4.40
C THR F 103 -62.02 17.71 5.79
N PHE F 104 -61.46 18.91 5.87
CA PHE F 104 -61.38 19.64 7.11
C PHE F 104 -62.78 19.94 7.62
N ALA F 105 -63.66 20.30 6.70
CA ALA F 105 -65.04 20.63 7.01
C ALA F 105 -65.74 19.46 7.67
N ILE F 106 -65.47 18.25 7.19
CA ILE F 106 -66.07 17.06 7.76
C ILE F 106 -65.65 16.91 9.20
N ARG F 107 -64.34 16.91 9.42
CA ARG F 107 -63.79 16.74 10.75
C ARG F 107 -64.12 17.91 11.67
N GLN F 108 -64.22 19.10 11.09
CA GLN F 108 -64.55 20.27 11.89
C GLN F 108 -65.96 20.15 12.44
N SER F 109 -66.86 19.62 11.63
CA SER F 109 -68.24 19.42 12.05
C SER F 109 -68.36 18.22 12.97
N LYS F 110 -67.46 17.25 12.82
CA LYS F 110 -67.46 16.06 13.66
C LYS F 110 -66.50 16.22 14.83
N ASN F 111 -65.79 17.34 14.86
CA ASN F 111 -64.84 17.63 15.93
C ASN F 111 -63.75 16.56 16.03
N LEU F 112 -63.20 16.17 14.88
CA LEU F 112 -62.15 15.16 14.84
C LEU F 112 -60.80 15.78 14.49
N PRO F 113 -60.05 16.16 15.51
CA PRO F 113 -58.75 16.81 15.31
C PRO F 113 -57.75 15.82 14.73
N PRO F 114 -56.67 16.34 14.17
CA PRO F 114 -55.65 15.52 13.53
C PRO F 114 -55.00 14.59 14.54
N ALA F 115 -54.88 13.32 14.18
CA ALA F 115 -54.30 12.30 15.04
C ALA F 115 -52.80 12.49 15.21
N ASN F 116 -52.18 13.21 14.29
CA ASN F 116 -50.74 13.44 14.36
C ASN F 116 -50.43 14.72 15.13
N PHE F 117 -51.46 15.34 15.68
CA PHE F 117 -51.32 16.52 16.51
C PHE F 117 -50.34 16.26 17.64
N ALA F 118 -50.54 15.14 18.31
CA ALA F 118 -49.70 14.71 19.41
C ALA F 118 -48.27 14.49 18.97
N LYS F 119 -48.12 13.81 17.83
CA LYS F 119 -46.81 13.46 17.30
C LYS F 119 -46.00 14.68 16.95
N LYS F 120 -46.68 15.70 16.44
CA LYS F 120 -46.02 16.93 16.02
C LYS F 120 -45.81 17.91 17.16
N ASN F 121 -46.31 17.56 18.34
CA ASN F 121 -46.17 18.40 19.52
C ASN F 121 -46.76 19.79 19.29
N VAL F 122 -47.81 19.84 18.47
CA VAL F 122 -48.48 21.10 18.17
C VAL F 122 -49.23 21.58 19.39
N PRO F 123 -49.05 22.84 19.76
CA PRO F 123 -49.74 23.42 20.91
C PRO F 123 -51.24 23.25 20.76
N SER F 124 -51.93 23.05 21.88
CA SER F 124 -53.37 22.87 21.87
C SER F 124 -54.06 24.09 21.31
N GLN F 125 -53.41 25.24 21.43
CA GLN F 125 -53.93 26.48 20.86
C GLN F 125 -54.08 26.34 19.36
N TYR F 126 -53.25 25.51 18.77
CA TYR F 126 -53.23 25.28 17.34
C TYR F 126 -53.62 23.85 17.01
N LYS F 127 -54.55 23.30 17.79
CA LYS F 127 -55.00 21.91 17.62
C LYS F 127 -55.45 21.59 16.21
N TRP F 128 -56.12 22.54 15.55
CA TRP F 128 -56.63 22.32 14.21
C TRP F 128 -55.69 22.86 13.14
N CYS F 129 -54.47 23.21 13.55
CA CYS F 129 -53.49 23.73 12.60
C CYS F 129 -52.61 22.62 12.04
N ALA F 130 -52.65 21.45 12.67
CA ALA F 130 -51.86 20.32 12.21
C ALA F 130 -52.53 19.63 11.03
N PHE F 131 -52.55 20.31 9.89
CA PHE F 131 -53.18 19.78 8.68
C PHE F 131 -52.24 19.90 7.50
N ASP F 132 -51.76 18.77 7.00
CA ASP F 132 -50.80 18.75 5.89
C ASP F 132 -51.30 19.51 4.66
N ALA F 133 -52.58 19.34 4.34
CA ALA F 133 -53.16 20.00 3.18
C ALA F 133 -53.85 21.30 3.56
N PHE F 134 -53.34 21.99 4.56
CA PHE F 134 -53.93 23.25 4.98
C PHE F 134 -53.92 24.29 3.87
N ASP F 135 -53.02 24.13 2.90
CA ASP F 135 -52.92 25.07 1.80
C ASP F 135 -54.19 25.06 0.97
N GLY F 136 -54.90 23.92 0.97
CA GLY F 136 -56.14 23.80 0.23
C GLY F 136 -57.24 24.65 0.85
N LEU F 137 -57.03 25.05 2.10
CA LEU F 137 -58.00 25.89 2.81
C LEU F 137 -58.00 27.29 2.24
N TYR F 138 -56.93 27.63 1.52
CA TYR F 138 -56.78 28.95 0.92
C TYR F 138 -56.82 28.85 -0.60
N ASP F 139 -56.49 27.69 -1.12
CA ASP F 139 -56.45 27.45 -2.56
C ASP F 139 -57.81 27.70 -3.20
N PRO F 140 -57.85 28.64 -4.13
CA PRO F 140 -59.10 29.04 -4.79
C PRO F 140 -59.73 27.92 -5.63
N THR F 141 -58.92 26.92 -6.00
CA THR F 141 -59.42 25.83 -6.82
C THR F 141 -59.88 24.67 -5.96
N CYS F 142 -59.59 24.72 -4.66
CA CYS F 142 -59.97 23.65 -3.75
C CYS F 142 -61.47 23.55 -3.59
N LEU F 143 -61.98 22.31 -3.62
CA LEU F 143 -63.41 22.03 -3.46
C LEU F 143 -63.90 22.43 -2.08
N ALA F 144 -65.16 22.82 -1.97
CA ALA F 144 -65.71 23.21 -0.68
C ALA F 144 -67.16 23.64 -0.79
N SER F 145 -68.07 22.78 -0.31
CA SER F 145 -69.49 23.07 -0.32
C SER F 145 -69.90 23.90 0.89
N GLU F 146 -69.11 23.82 1.96
CA GLU F 146 -69.37 24.55 3.20
C GLU F 146 -68.35 24.21 4.27
N LEU F 147 -67.67 25.23 4.77
CA LEU F 147 -66.68 25.05 5.82
C LEU F 147 -67.23 25.57 7.16
N PRO F 148 -67.41 24.66 8.12
CA PRO F 148 -67.98 25.00 9.45
C PRO F 148 -67.19 26.08 10.19
N TYR F 149 -65.87 26.09 10.02
CA TYR F 149 -65.05 27.07 10.71
C TYR F 149 -63.98 27.65 9.81
N ASP F 150 -63.80 28.97 9.90
CA ASP F 150 -62.82 29.67 9.10
C ASP F 150 -61.41 29.39 9.57
N ALA F 151 -60.92 28.19 9.25
CA ALA F 151 -59.56 27.78 9.59
C ALA F 151 -58.54 28.64 8.87
N PRO F 152 -58.93 29.23 7.72
CA PRO F 152 -58.03 30.12 7.01
C PRO F 152 -57.60 31.34 7.84
N SER F 153 -58.32 31.62 8.92
CA SER F 153 -58.02 32.78 9.78
C SER F 153 -56.53 33.06 9.86
N GLU F 154 -56.17 34.34 9.73
CA GLU F 154 -54.77 34.76 9.73
C GLU F 154 -53.99 34.25 10.92
N ILE F 155 -54.63 34.21 12.08
CA ILE F 155 -53.96 33.69 13.27
C ILE F 155 -53.62 32.23 13.04
N ASP F 156 -54.58 31.50 12.46
CA ASP F 156 -54.37 30.10 12.13
C ASP F 156 -53.39 29.97 10.99
N ARG F 157 -53.34 31.00 10.13
CA ARG F 157 -52.43 31.01 9.00
C ARG F 157 -50.98 31.10 9.45
N MET F 158 -50.74 31.94 10.45
CA MET F 158 -49.41 32.04 11.02
C MET F 158 -49.11 30.78 11.80
N ALA F 159 -50.15 30.19 12.39
CA ALA F 159 -50.00 28.91 13.06
C ALA F 159 -49.71 27.83 12.02
N TYR F 160 -50.31 27.99 10.84
CA TYR F 160 -50.06 27.07 9.74
C TYR F 160 -48.63 27.24 9.25
N ALA F 161 -48.12 28.46 9.35
CA ALA F 161 -46.73 28.72 8.99
C ALA F 161 -45.85 27.98 9.99
N THR F 162 -46.23 28.04 11.26
CA THR F 162 -45.50 27.31 12.29
C THR F 162 -45.59 25.82 11.98
N PHE F 163 -46.77 25.42 11.53
CA PHE F 163 -46.99 24.05 11.10
C PHE F 163 -46.09 23.72 9.92
N LYS F 164 -45.90 24.69 9.03
CA LYS F 164 -45.03 24.50 7.89
C LYS F 164 -43.62 24.19 8.37
N THR F 165 -43.22 24.79 9.48
CA THR F 165 -41.91 24.50 10.07
C THR F 165 -41.81 23.02 10.36
N ILE F 166 -42.89 22.43 10.84
CA ILE F 166 -42.93 20.99 11.11
C ILE F 166 -42.69 20.25 9.81
N GLN F 167 -43.39 20.68 8.78
CA GLN F 167 -43.29 20.05 7.47
C GLN F 167 -41.87 20.18 6.94
N ILE F 168 -41.27 21.35 7.19
CA ILE F 168 -39.89 21.62 6.79
C ILE F 168 -38.92 20.74 7.56
N LYS F 169 -39.15 20.65 8.86
CA LYS F 169 -38.31 19.83 9.73
C LYS F 169 -38.25 18.41 9.25
N ILE F 170 -39.43 17.83 9.02
CA ILE F 170 -39.49 16.45 8.57
C ILE F 170 -38.87 16.32 7.20
N ALA F 171 -39.04 17.35 6.37
CA ALA F 171 -38.41 17.37 5.07
C ALA F 171 -36.90 17.32 5.26
N ASN F 172 -36.39 18.08 6.21
CA ASN F 172 -34.96 18.06 6.49
C ASN F 172 -34.55 16.70 7.00
N ASP F 173 -35.46 16.06 7.73
CA ASP F 173 -35.21 14.74 8.29
C ASP F 173 -35.20 13.64 7.24
N GLN F 174 -35.99 13.80 6.18
CA GLN F 174 -36.06 12.78 5.14
C GLN F 174 -35.65 13.31 3.76
N LYS F 175 -36.20 14.45 3.37
CA LYS F 175 -35.86 15.06 2.08
C LYS F 175 -34.41 15.53 2.10
N GLY F 176 -33.92 15.83 3.29
CA GLY F 176 -32.55 16.29 3.47
C GLY F 176 -31.53 15.17 3.26
N PHE F 177 -32.03 13.94 3.07
CA PHE F 177 -31.12 12.83 2.82
C PHE F 177 -30.29 13.13 1.58
N ASN F 178 -28.99 12.91 1.70
CA ASN F 178 -28.06 13.23 0.62
C ASN F 178 -27.98 12.13 -0.43
N LEU F 179 -28.65 12.34 -1.56
CA LEU F 179 -28.59 11.39 -2.66
C LEU F 179 -27.32 11.66 -3.46
N ASN F 180 -26.18 11.29 -2.86
CA ASN F 180 -24.88 11.53 -3.45
C ASN F 180 -24.43 10.43 -4.39
N TYR F 181 -25.25 9.39 -4.55
CA TYR F 181 -24.93 8.33 -5.49
C TYR F 181 -26.16 7.60 -5.95
N ASN F 182 -26.04 6.97 -7.11
CA ASN F 182 -27.11 6.15 -7.63
C ASN F 182 -26.73 4.68 -7.57
N PRO F 183 -25.70 4.27 -8.32
CA PRO F 183 -25.32 2.86 -8.39
C PRO F 183 -24.53 2.40 -7.17
N ASN F 184 -25.10 2.58 -5.99
CA ASN F 184 -24.48 2.13 -4.75
C ASN F 184 -23.03 2.58 -4.58
N VAL F 185 -22.73 3.85 -4.86
CA VAL F 185 -21.37 4.33 -4.66
C VAL F 185 -21.11 4.65 -3.21
N THR F 186 -21.02 3.60 -2.40
CA THR F 186 -20.79 3.73 -0.97
C THR F 186 -19.34 4.07 -0.68
N GLN F 187 -18.49 3.87 -1.66
CA GLN F 187 -17.08 4.20 -1.53
C GLN F 187 -16.89 5.71 -1.46
N ALA F 188 -17.83 6.46 -2.01
CA ALA F 188 -17.78 7.91 -1.92
C ALA F 188 -18.32 8.31 -0.56
N ARG F 189 -19.52 7.83 -0.26
CA ARG F 189 -20.15 8.04 1.03
C ARG F 189 -20.97 6.83 1.43
N LEU F 190 -20.69 6.33 2.62
CA LEU F 190 -21.35 5.14 3.13
C LEU F 190 -22.80 5.38 3.52
N PRO F 191 -23.59 4.32 3.50
CA PRO F 191 -25.00 4.40 3.88
C PRO F 191 -25.12 4.93 5.29
N ASN F 192 -26.08 5.81 5.51
CA ASN F 192 -26.33 6.40 6.82
C ASN F 192 -25.17 7.27 7.31
N ALA F 193 -24.25 7.62 6.41
CA ALA F 193 -23.15 8.50 6.77
C ALA F 193 -23.67 9.92 7.04
N PRO F 194 -24.76 10.30 6.38
CA PRO F 194 -25.36 11.62 6.60
C PRO F 194 -25.92 11.78 8.01
N LEU F 195 -26.05 10.69 8.76
CA LEU F 195 -26.59 10.78 10.11
C LEU F 195 -25.78 11.75 10.95
N PRO F 196 -26.46 12.69 11.59
CA PRO F 196 -25.81 13.69 12.43
C PRO F 196 -25.04 13.03 13.57
N ALA F 197 -23.90 13.60 13.91
CA ALA F 197 -23.08 13.10 15.00
C ALA F 197 -23.79 13.30 16.33
N LEU F 198 -23.45 12.46 17.30
CA LEU F 198 -24.07 12.56 18.62
C LEU F 198 -23.68 13.87 19.29
N PRO F 199 -24.64 14.49 19.96
CA PRO F 199 -24.41 15.78 20.61
C PRO F 199 -23.43 15.65 21.78
N GLU F 200 -22.53 16.62 21.88
CA GLU F 200 -21.55 16.68 22.95
C GLU F 200 -22.18 17.28 24.18
N PRO F 201 -21.60 17.01 25.35
CA PRO F 201 -22.12 17.58 26.60
C PRO F 201 -21.66 19.02 26.81
N THR F 202 -20.61 19.43 26.09
CA THR F 202 -20.06 20.77 26.24
C THR F 202 -20.84 21.78 25.40
N SER F 203 -20.73 23.05 25.78
CA SER F 203 -21.42 24.13 25.07
C SER F 203 -20.75 24.46 23.75
N ASP F 204 -19.49 24.10 23.61
CA ASP F 204 -18.75 24.38 22.40
C ASP F 204 -18.02 23.14 21.90
N GLN G 1 -19.59 -20.29 -58.46
CA GLN G 1 -18.96 -20.10 -57.16
C GLN G 1 -19.97 -20.28 -56.03
N PRO G 2 -20.30 -21.53 -55.73
CA PRO G 2 -21.31 -21.83 -54.71
C PRO G 2 -20.92 -21.30 -53.33
N TRP G 3 -19.63 -21.21 -53.08
CA TRP G 3 -19.15 -20.73 -51.79
C TRP G 3 -19.35 -19.23 -51.63
N GLU G 4 -19.58 -18.53 -52.75
CA GLU G 4 -19.78 -17.10 -52.71
C GLU G 4 -21.25 -16.77 -52.46
N ALA G 5 -22.11 -17.77 -52.54
CA ALA G 5 -23.54 -17.59 -52.34
C ALA G 5 -23.87 -17.41 -50.87
N ILE G 6 -24.93 -16.66 -50.60
CA ILE G 6 -25.39 -16.47 -49.23
C ILE G 6 -26.33 -17.60 -48.85
N PHE G 7 -26.00 -18.30 -47.77
CA PHE G 7 -26.78 -19.46 -47.36
C PHE G 7 -28.17 -19.11 -46.87
N THR G 8 -28.33 -17.90 -46.34
CA THR G 8 -29.61 -17.42 -45.82
C THR G 8 -29.96 -18.08 -44.49
N LYS G 9 -30.22 -17.24 -43.48
CA LYS G 9 -30.51 -17.71 -42.13
C LYS G 9 -31.70 -18.66 -42.09
N ASP G 10 -32.67 -18.44 -42.96
CA ASP G 10 -33.84 -19.30 -43.02
C ASP G 10 -33.43 -20.74 -43.26
N ASP G 11 -32.38 -20.92 -44.05
CA ASP G 11 -31.87 -22.24 -44.36
C ASP G 11 -30.97 -22.76 -43.25
N LEU G 12 -30.26 -21.85 -42.59
CA LEU G 12 -29.40 -22.23 -41.47
C LEU G 12 -30.21 -22.84 -40.34
N ALA G 13 -31.36 -22.22 -40.06
CA ALA G 13 -32.24 -22.68 -38.99
C ALA G 13 -32.92 -23.99 -39.37
N ALA G 14 -32.96 -24.28 -40.66
CA ALA G 14 -33.59 -25.50 -41.16
C ALA G 14 -32.67 -26.71 -41.02
N ILE G 15 -31.41 -26.47 -40.69
CA ILE G 15 -30.45 -27.57 -40.56
C ILE G 15 -30.71 -28.41 -39.31
N GLU G 16 -30.90 -27.74 -38.17
CA GLU G 16 -31.19 -28.44 -36.91
C GLU G 16 -30.21 -29.58 -36.65
N PRO G 17 -28.92 -29.25 -36.55
CA PRO G 17 -27.88 -30.24 -36.33
C PRO G 17 -27.85 -30.74 -34.89
N LYS G 18 -27.10 -31.80 -34.67
CA LYS G 18 -26.92 -32.38 -33.35
C LYS G 18 -25.45 -32.34 -32.95
N PRO G 19 -25.16 -32.07 -31.68
CA PRO G 19 -23.78 -32.05 -31.19
C PRO G 19 -23.11 -33.39 -31.48
N ALA G 20 -21.82 -33.35 -31.81
CA ALA G 20 -21.10 -34.58 -32.16
C ALA G 20 -19.82 -34.74 -31.35
N SER G 21 -19.98 -35.16 -30.11
CA SER G 21 -18.84 -35.38 -29.24
C SER G 21 -18.03 -36.60 -29.67
N ALA G 22 -16.72 -36.51 -29.50
CA ALA G 22 -15.85 -37.62 -29.84
C ALA G 22 -15.48 -38.44 -28.62
N ASN G 23 -16.02 -38.07 -27.46
CA ASN G 23 -15.73 -38.82 -26.25
C ASN G 23 -16.80 -39.88 -26.03
N VAL G 24 -17.59 -40.14 -27.05
CA VAL G 24 -18.59 -41.20 -26.99
C VAL G 24 -18.32 -42.19 -28.10
N PRO G 25 -18.66 -43.45 -27.86
CA PRO G 25 -18.45 -44.50 -28.85
C PRO G 25 -19.17 -44.16 -30.15
N ASN G 26 -18.54 -44.46 -31.27
CA ASN G 26 -19.14 -44.25 -32.58
C ASN G 26 -20.36 -45.15 -32.71
N THR G 27 -21.31 -44.78 -33.53
CA THR G 27 -22.50 -45.59 -33.72
C THR G 27 -22.13 -47.04 -33.99
N LYS G 28 -21.13 -47.25 -34.85
CA LYS G 28 -20.70 -48.60 -35.16
C LYS G 28 -20.00 -49.24 -33.97
N GLN G 29 -19.42 -48.41 -33.12
CA GLN G 29 -18.76 -48.90 -31.92
C GLN G 29 -19.80 -49.27 -30.89
N TRP G 30 -20.90 -48.50 -30.86
CA TRP G 30 -22.00 -48.83 -29.98
C TRP G 30 -22.54 -50.20 -30.38
N ILE G 31 -22.59 -50.42 -31.69
CA ILE G 31 -23.02 -51.69 -32.24
C ILE G 31 -22.01 -52.77 -31.89
N GLY G 32 -20.73 -52.42 -31.95
CA GLY G 32 -19.68 -53.34 -31.59
C GLY G 32 -19.86 -53.77 -30.14
N ILE G 33 -20.24 -52.81 -29.29
CA ILE G 33 -20.49 -53.11 -27.89
C ILE G 33 -21.66 -54.08 -27.80
N GLN G 34 -22.69 -53.85 -28.61
CA GLN G 34 -23.84 -54.75 -28.64
C GLN G 34 -23.42 -56.13 -29.06
N ALA G 35 -22.57 -56.20 -30.09
CA ALA G 35 -22.10 -57.47 -30.61
C ALA G 35 -21.41 -58.26 -29.52
N GLY G 36 -20.75 -57.56 -28.61
CA GLY G 36 -20.06 -58.22 -27.51
C GLY G 36 -20.95 -58.36 -26.28
N LEU G 37 -21.53 -57.24 -25.84
CA LEU G 37 -22.35 -57.20 -24.64
C LEU G 37 -23.61 -58.02 -24.75
N ILE G 38 -24.30 -57.92 -25.88
CA ILE G 38 -25.51 -58.70 -26.07
C ILE G 38 -25.12 -60.16 -26.17
N LYS G 39 -24.03 -60.43 -26.86
CA LYS G 39 -23.47 -61.77 -26.97
C LYS G 39 -23.09 -62.31 -25.61
N ALA G 40 -22.66 -61.41 -24.73
CA ALA G 40 -22.23 -61.76 -23.39
C ALA G 40 -23.40 -62.20 -22.52
N GLY G 41 -24.62 -61.97 -22.98
CA GLY G 41 -25.81 -62.39 -22.23
C GLY G 41 -26.75 -61.23 -21.93
N ALA G 42 -26.33 -60.01 -22.23
CA ALA G 42 -27.19 -58.85 -22.00
C ALA G 42 -28.22 -58.72 -23.11
N THR G 43 -29.35 -58.12 -22.80
CA THR G 43 -30.38 -57.94 -23.82
C THR G 43 -31.15 -56.64 -23.64
N ASP G 44 -31.51 -56.02 -24.76
CA ASP G 44 -32.30 -54.80 -24.78
C ASP G 44 -31.82 -53.74 -23.79
N ALA G 45 -32.66 -53.41 -22.82
CA ALA G 45 -32.37 -52.37 -21.84
C ALA G 45 -31.15 -52.71 -20.99
N ASN G 46 -30.85 -53.99 -20.89
CA ASN G 46 -29.71 -54.42 -20.10
C ASN G 46 -28.41 -53.90 -20.71
N PHE G 47 -28.47 -53.55 -21.99
CA PHE G 47 -27.31 -53.01 -22.66
C PHE G 47 -26.81 -51.79 -21.89
N MET G 48 -27.69 -50.83 -21.67
CA MET G 48 -27.34 -49.63 -20.92
C MET G 48 -27.12 -49.94 -19.45
N LYS G 49 -27.95 -50.81 -18.89
CA LYS G 49 -27.87 -51.15 -17.48
C LYS G 49 -26.49 -51.67 -17.11
N VAL G 50 -25.99 -52.60 -17.91
CA VAL G 50 -24.69 -53.20 -17.65
C VAL G 50 -23.59 -52.18 -17.83
N LEU G 51 -23.71 -51.36 -18.86
CA LEU G 51 -22.71 -50.33 -19.12
C LEU G 51 -22.70 -49.32 -17.98
N LEU G 52 -23.87 -49.06 -17.40
CA LEU G 52 -23.96 -48.18 -16.25
C LEU G 52 -23.23 -48.80 -15.08
N GLY G 53 -23.34 -50.13 -14.96
CA GLY G 53 -22.62 -50.84 -13.92
C GLY G 53 -21.14 -50.57 -14.07
N LEU G 54 -20.64 -50.70 -15.30
CA LEU G 54 -19.23 -50.43 -15.57
C LEU G 54 -18.87 -48.98 -15.35
N SER G 55 -19.78 -48.07 -15.67
CA SER G 55 -19.52 -46.65 -15.47
C SER G 55 -19.37 -46.38 -13.98
N LEU G 56 -20.16 -47.09 -13.19
CA LEU G 56 -20.08 -46.97 -11.74
C LEU G 56 -18.76 -47.55 -11.26
N GLU G 57 -18.31 -48.61 -11.93
CA GLU G 57 -17.04 -49.20 -11.60
C GLU G 57 -15.91 -48.27 -12.02
N ALA G 58 -16.08 -47.64 -13.18
CA ALA G 58 -15.10 -46.69 -13.69
C ALA G 58 -14.98 -45.51 -12.76
N PHE G 59 -16.09 -45.18 -12.12
CA PHE G 59 -16.14 -44.09 -11.15
C PHE G 59 -15.16 -44.38 -10.03
N ASP G 60 -15.11 -45.64 -9.60
CA ASP G 60 -14.20 -46.06 -8.53
C ASP G 60 -12.94 -46.75 -9.05
N ARG G 61 -12.89 -47.04 -10.34
CA ARG G 61 -11.72 -47.73 -10.90
C ARG G 61 -11.04 -46.97 -12.01
N GLY G 62 -11.65 -46.98 -13.20
CA GLY G 62 -11.07 -46.30 -14.35
C GLY G 62 -11.19 -47.14 -15.61
N SER G 63 -10.36 -46.82 -16.61
CA SER G 63 -10.34 -47.54 -17.90
C SER G 63 -10.16 -49.05 -17.73
N SER G 64 -8.94 -49.54 -17.94
CA SER G 64 -8.68 -50.97 -17.80
C SER G 64 -8.87 -51.40 -16.35
N GLU G 65 -8.87 -50.43 -15.45
CA GLU G 65 -9.10 -50.73 -14.05
C GLU G 65 -10.48 -51.35 -13.86
N ALA G 66 -11.50 -50.70 -14.41
CA ALA G 66 -12.85 -51.24 -14.32
C ALA G 66 -12.95 -52.51 -15.15
N THR G 67 -12.11 -52.61 -16.19
CA THR G 67 -12.07 -53.80 -17.02
C THR G 67 -11.66 -55.01 -16.20
N THR G 68 -10.70 -54.82 -15.30
CA THR G 68 -10.24 -55.91 -14.44
C THR G 68 -11.27 -56.21 -13.35
N TRP G 69 -12.08 -55.22 -13.01
CA TRP G 69 -13.09 -55.43 -11.98
C TRP G 69 -14.14 -56.45 -12.41
N ASP G 70 -14.32 -57.47 -11.58
CA ASP G 70 -15.29 -58.52 -11.83
C ASP G 70 -16.65 -58.21 -11.21
N GLY G 71 -17.54 -59.17 -11.25
CA GLY G 71 -18.86 -59.01 -10.66
C GLY G 71 -19.94 -59.08 -11.72
N ILE G 72 -20.88 -59.98 -11.54
CA ILE G 72 -21.97 -60.14 -12.49
C ILE G 72 -23.05 -59.11 -12.25
N THR G 73 -23.32 -58.32 -13.27
CA THR G 73 -24.35 -57.30 -13.21
C THR G 73 -25.69 -57.91 -13.54
N GLU G 74 -26.69 -57.06 -13.69
CA GLU G 74 -28.02 -57.50 -14.06
C GLU G 74 -28.02 -58.23 -15.40
N GLY G 75 -27.00 -57.97 -16.23
CA GLY G 75 -26.91 -58.61 -17.53
C GLY G 75 -25.73 -59.57 -17.63
N VAL G 76 -24.56 -59.15 -17.15
CA VAL G 76 -23.36 -59.98 -17.26
C VAL G 76 -22.18 -59.42 -16.47
N GLU G 77 -21.16 -60.25 -16.25
CA GLU G 77 -19.95 -59.86 -15.56
C GLU G 77 -19.35 -58.58 -16.13
N HIS G 78 -18.91 -57.70 -15.23
CA HIS G 78 -18.32 -56.43 -15.62
C HIS G 78 -17.20 -56.63 -16.62
N ARG G 79 -16.34 -57.61 -16.36
CA ARG G 79 -15.21 -57.89 -17.22
C ARG G 79 -15.66 -58.31 -18.61
N ALA G 80 -16.73 -59.11 -18.66
CA ALA G 80 -17.25 -59.56 -19.95
C ALA G 80 -17.79 -58.39 -20.74
N ALA G 81 -18.49 -57.50 -20.06
CA ALA G 81 -19.02 -56.31 -20.69
C ALA G 81 -17.89 -55.39 -21.12
N ALA G 82 -16.84 -55.34 -20.30
CA ALA G 82 -15.68 -54.53 -20.59
C ALA G 82 -15.01 -55.04 -21.85
N ASN G 83 -15.02 -56.35 -22.02
CA ASN G 83 -14.44 -56.96 -23.21
C ASN G 83 -15.20 -56.50 -24.45
N ALA G 84 -16.51 -56.39 -24.33
CA ALA G 84 -17.35 -55.93 -25.43
C ALA G 84 -16.96 -54.52 -25.82
N ILE G 85 -16.68 -53.69 -24.83
CA ILE G 85 -16.25 -52.33 -25.07
C ILE G 85 -14.92 -52.33 -25.80
N LYS G 86 -14.03 -53.23 -25.37
CA LYS G 86 -12.72 -53.37 -26.00
C LYS G 86 -12.88 -53.90 -27.43
N GLU G 87 -13.89 -54.74 -27.66
CA GLU G 87 -14.16 -55.25 -28.99
C GLU G 87 -14.54 -54.10 -29.93
N ALA G 88 -15.16 -53.08 -29.37
CA ALA G 88 -15.56 -51.89 -30.11
C ALA G 88 -14.37 -50.92 -30.27
N ASN G 89 -13.22 -51.31 -29.75
CA ASN G 89 -12.00 -50.51 -29.81
C ASN G 89 -12.14 -49.24 -28.98
N CYS G 90 -12.85 -49.34 -27.85
CA CYS G 90 -13.03 -48.22 -26.96
C CYS G 90 -12.61 -48.57 -25.54
N PRO G 91 -12.20 -47.56 -24.78
CA PRO G 91 -11.95 -47.74 -23.35
C PRO G 91 -13.27 -47.63 -22.61
N ILE G 92 -13.33 -48.18 -21.40
CA ILE G 92 -14.57 -48.09 -20.63
C ILE G 92 -14.91 -46.64 -20.40
N HIS G 93 -13.88 -45.80 -20.26
CA HIS G 93 -14.05 -44.38 -20.09
C HIS G 93 -14.84 -43.78 -21.23
N LYS G 94 -14.61 -44.30 -22.45
CA LYS G 94 -15.31 -43.79 -23.62
C LYS G 94 -16.81 -43.95 -23.45
N VAL G 95 -17.23 -45.12 -22.98
CA VAL G 95 -18.63 -45.36 -22.72
C VAL G 95 -19.09 -44.56 -21.51
N THR G 96 -18.23 -44.50 -20.50
CA THR G 96 -18.53 -43.80 -19.27
C THR G 96 -18.73 -42.32 -19.51
N TYR G 97 -18.01 -41.76 -20.48
CA TYR G 97 -18.16 -40.35 -20.81
C TYR G 97 -19.60 -40.06 -21.21
N TYR G 98 -20.19 -40.98 -21.95
CA TYR G 98 -21.58 -40.87 -22.37
C TYR G 98 -22.52 -41.06 -21.19
N LEU G 99 -22.17 -41.98 -20.31
CA LEU G 99 -22.99 -42.30 -19.15
C LEU G 99 -22.41 -41.70 -17.87
N ALA G 100 -21.68 -40.60 -18.00
CA ALA G 100 -21.04 -39.97 -16.86
C ALA G 100 -22.03 -39.32 -15.92
N LYS G 101 -22.99 -38.59 -16.47
CA LYS G 101 -23.95 -37.86 -15.64
C LYS G 101 -24.89 -38.77 -14.88
N PRO G 102 -25.49 -39.75 -15.55
CA PRO G 102 -26.40 -40.68 -14.87
C PRO G 102 -25.63 -41.45 -13.81
N THR G 103 -24.38 -41.77 -14.12
CA THR G 103 -23.52 -42.49 -13.20
C THR G 103 -23.25 -41.67 -11.95
N PHE G 104 -22.86 -40.43 -12.16
CA PHE G 104 -22.62 -39.51 -11.06
C PHE G 104 -23.91 -39.27 -10.31
N ALA G 105 -25.01 -39.15 -11.06
CA ALA G 105 -26.33 -38.91 -10.50
C ALA G 105 -26.72 -40.02 -9.55
N ILE G 106 -26.40 -41.26 -9.93
CA ILE G 106 -26.72 -42.40 -9.08
C ILE G 106 -26.00 -42.28 -7.76
N ARG G 107 -24.69 -42.11 -7.83
CA ARG G 107 -23.87 -42.02 -6.64
C ARG G 107 -24.16 -40.76 -5.84
N GLN G 108 -24.52 -39.69 -6.53
CA GLN G 108 -24.82 -38.44 -5.85
C GLN G 108 -26.06 -38.61 -4.99
N SER G 109 -27.05 -39.35 -5.52
CA SER G 109 -28.27 -39.61 -4.78
C SER G 109 -28.04 -40.66 -3.69
N LYS G 110 -27.08 -41.54 -3.92
CA LYS G 110 -26.75 -42.57 -2.94
C LYS G 110 -25.60 -42.15 -2.04
N ASN G 111 -25.05 -40.97 -2.31
CA ASN G 111 -23.95 -40.42 -1.52
C ASN G 111 -22.74 -41.35 -1.52
N LEU G 112 -22.39 -41.87 -2.70
CA LEU G 112 -21.25 -42.76 -2.83
C LEU G 112 -20.09 -42.08 -3.55
N PRO G 113 -19.19 -41.47 -2.77
CA PRO G 113 -18.06 -40.74 -3.34
C PRO G 113 -17.07 -41.70 -3.98
N PRO G 114 -16.21 -41.16 -4.83
CA PRO G 114 -15.24 -41.98 -5.56
C PRO G 114 -14.28 -42.68 -4.60
N ALA G 115 -14.08 -43.97 -4.81
CA ALA G 115 -13.21 -44.78 -3.97
C ALA G 115 -11.75 -44.42 -4.14
N ASN G 116 -11.42 -43.80 -5.27
CA ASN G 116 -10.05 -43.42 -5.54
C ASN G 116 -9.74 -42.01 -5.04
N PHE G 117 -10.72 -41.41 -4.36
CA PHE G 117 -10.57 -40.10 -3.76
C PHE G 117 -9.36 -40.08 -2.84
N ALA G 118 -9.27 -41.11 -2.00
CA ALA G 118 -8.18 -41.27 -1.06
C ALA G 118 -6.85 -41.42 -1.77
N LYS G 119 -6.84 -42.25 -2.81
CA LYS G 119 -5.64 -42.55 -3.57
C LYS G 119 -5.07 -41.32 -4.24
N LYS G 120 -5.96 -40.47 -4.72
CA LYS G 120 -5.58 -39.27 -5.44
C LYS G 120 -5.26 -38.11 -4.51
N ASN G 121 -5.46 -38.31 -3.21
CA ASN G 121 -5.20 -37.29 -2.22
C ASN G 121 -6.01 -36.02 -2.50
N VAL G 122 -7.19 -36.20 -3.07
CA VAL G 122 -8.06 -35.07 -3.38
C VAL G 122 -8.62 -34.48 -2.11
N PRO G 123 -8.52 -33.16 -1.96
CA PRO G 123 -9.04 -32.48 -0.77
C PRO G 123 -10.51 -32.80 -0.57
N SER G 124 -10.92 -32.90 0.69
CA SER G 124 -12.30 -33.22 1.03
C SER G 124 -13.24 -32.18 0.46
N GLN G 125 -12.74 -30.96 0.28
CA GLN G 125 -13.50 -29.88 -0.31
C GLN G 125 -13.94 -30.27 -1.72
N TYR G 126 -13.14 -31.10 -2.36
CA TYR G 126 -13.39 -31.56 -3.72
C TYR G 126 -13.64 -33.06 -3.75
N LYS G 127 -14.32 -33.56 -2.72
CA LYS G 127 -14.61 -35.00 -2.61
C LYS G 127 -15.30 -35.58 -3.84
N TRP G 128 -16.19 -34.81 -4.44
CA TRP G 128 -16.93 -35.29 -5.60
C TRP G 128 -16.29 -34.83 -6.90
N CYS G 129 -15.08 -34.31 -6.84
CA CYS G 129 -14.39 -33.85 -8.03
C CYS G 129 -13.50 -34.95 -8.61
N ALA G 130 -13.26 -36.00 -7.84
CA ALA G 130 -12.43 -37.10 -8.30
C ALA G 130 -13.25 -38.04 -9.21
N PHE G 131 -13.59 -37.55 -10.39
CA PHE G 131 -14.37 -38.33 -11.36
C PHE G 131 -13.71 -38.30 -12.73
N ASP G 132 -13.20 -39.45 -13.16
CA ASP G 132 -12.49 -39.54 -14.43
C ASP G 132 -13.31 -39.05 -15.60
N ALA G 133 -14.59 -39.38 -15.62
CA ALA G 133 -15.48 -38.98 -16.71
C ALA G 133 -16.24 -37.70 -16.38
N PHE G 134 -15.63 -36.82 -15.60
CA PHE G 134 -16.28 -35.57 -15.23
C PHE G 134 -16.63 -34.73 -16.45
N ASP G 135 -15.92 -34.95 -17.56
CA ASP G 135 -16.18 -34.18 -18.77
C ASP G 135 -17.59 -34.46 -19.30
N GLY G 136 -18.11 -35.64 -19.00
CA GLY G 136 -19.46 -36.00 -19.43
C GLY G 136 -20.50 -35.18 -18.70
N LEU G 137 -20.10 -34.55 -17.58
CA LEU G 137 -21.01 -33.72 -16.80
C LEU G 137 -21.30 -32.42 -17.54
N TYR G 138 -20.45 -32.11 -18.51
CA TYR G 138 -20.58 -30.89 -19.30
C TYR G 138 -20.93 -31.24 -20.75
N ASP G 139 -20.55 -32.42 -21.17
CA ASP G 139 -20.79 -32.88 -22.54
C ASP G 139 -22.26 -32.86 -22.89
N PRO G 140 -22.62 -32.10 -23.92
CA PRO G 140 -24.02 -31.93 -24.33
C PRO G 140 -24.64 -33.22 -24.86
N THR G 141 -23.81 -34.18 -25.26
CA THR G 141 -24.32 -35.44 -25.79
C THR G 141 -24.44 -36.49 -24.70
N CYS G 142 -23.91 -36.20 -23.53
CA CYS G 142 -23.95 -37.15 -22.42
C CYS G 142 -25.37 -37.38 -21.92
N LEU G 143 -25.70 -38.64 -21.67
CA LEU G 143 -27.02 -39.03 -21.18
C LEU G 143 -27.27 -38.47 -19.78
N ALA G 144 -28.52 -38.18 -19.46
CA ALA G 144 -28.85 -37.65 -18.14
C ALA G 144 -30.34 -37.39 -17.99
N SER G 145 -31.01 -38.24 -17.21
CA SER G 145 -32.43 -38.11 -16.95
C SER G 145 -32.69 -37.14 -15.80
N GLU G 146 -31.71 -36.97 -14.93
CA GLU G 146 -31.81 -36.08 -13.78
C GLU G 146 -30.56 -36.14 -12.92
N LEU G 147 -29.92 -34.99 -12.71
CA LEU G 147 -28.73 -34.91 -11.89
C LEU G 147 -29.06 -34.24 -10.55
N PRO G 148 -28.93 -34.99 -9.46
CA PRO G 148 -29.25 -34.51 -8.10
C PRO G 148 -28.47 -33.26 -7.70
N TYR G 149 -27.23 -33.15 -8.15
CA TYR G 149 -26.41 -31.99 -7.79
C TYR G 149 -25.65 -31.45 -8.98
N ASP G 150 -25.62 -30.14 -9.09
CA ASP G 150 -24.91 -29.48 -10.19
C ASP G 150 -23.41 -29.54 -9.99
N ALA G 151 -22.85 -30.71 -10.25
CA ALA G 151 -21.41 -30.94 -10.16
C ALA G 151 -20.67 -30.10 -11.20
N PRO G 152 -21.35 -29.76 -12.29
CA PRO G 152 -20.73 -28.90 -13.30
C PRO G 152 -20.31 -27.52 -12.75
N SER G 153 -20.83 -27.14 -11.58
CA SER G 153 -20.51 -25.84 -10.99
C SER G 153 -19.08 -25.41 -11.27
N GLU G 154 -18.92 -24.14 -11.64
CA GLU G 154 -17.63 -23.58 -12.01
C GLU G 154 -16.56 -23.83 -10.95
N ILE G 155 -16.93 -23.75 -9.68
CA ILE G 155 -15.99 -24.01 -8.62
C ILE G 155 -15.51 -25.45 -8.72
N ASP G 156 -16.47 -26.35 -8.97
CA ASP G 156 -16.16 -27.75 -9.15
C ASP G 156 -15.41 -27.96 -10.45
N ARG G 157 -15.67 -27.09 -11.43
CA ARG G 157 -15.02 -27.16 -12.72
C ARG G 157 -13.54 -26.86 -12.60
N MET G 158 -13.21 -25.86 -11.80
CA MET G 158 -11.80 -25.54 -11.56
C MET G 158 -11.19 -26.63 -10.70
N ALA G 159 -12.01 -27.22 -9.83
CA ALA G 159 -11.57 -28.35 -9.04
C ALA G 159 -11.36 -29.54 -9.96
N TYR G 160 -12.19 -29.64 -10.99
CA TYR G 160 -12.06 -30.69 -11.99
C TYR G 160 -10.79 -30.47 -12.79
N ALA G 161 -10.44 -29.19 -12.98
CA ALA G 161 -9.19 -28.87 -13.65
C ALA G 161 -8.04 -29.35 -12.78
N THR G 162 -8.16 -29.13 -11.48
CA THR G 162 -7.14 -29.61 -10.55
C THR G 162 -7.11 -31.13 -10.62
N PHE G 163 -8.30 -31.72 -10.75
CA PHE G 163 -8.43 -33.15 -10.94
C PHE G 163 -7.75 -33.58 -12.23
N LYS G 164 -7.86 -32.74 -13.26
CA LYS G 164 -7.21 -33.01 -14.54
C LYS G 164 -5.71 -33.11 -14.33
N THR G 165 -5.18 -32.31 -13.41
CA THR G 165 -3.76 -32.37 -13.10
C THR G 165 -3.40 -33.77 -12.64
N ILE G 166 -4.28 -34.38 -11.86
CA ILE G 166 -4.07 -35.75 -11.41
C ILE G 166 -4.01 -36.67 -12.60
N GLN G 167 -4.95 -36.48 -13.52
CA GLN G 167 -5.04 -37.29 -14.72
C GLN G 167 -3.78 -37.10 -15.55
N ILE G 168 -3.29 -35.86 -15.60
CA ILE G 168 -2.08 -35.53 -16.32
C ILE G 168 -0.87 -36.16 -15.67
N LYS G 169 -0.81 -36.08 -14.34
CA LYS G 169 0.29 -36.66 -13.59
C LYS G 169 0.42 -38.14 -13.87
N ILE G 170 -0.69 -38.85 -13.76
CA ILE G 170 -0.67 -40.29 -13.99
C ILE G 170 -0.31 -40.56 -15.44
N ALA G 171 -0.78 -39.70 -16.34
CA ALA G 171 -0.43 -39.83 -17.74
C ALA G 171 1.07 -39.71 -17.88
N ASN G 172 1.66 -38.75 -17.17
CA ASN G 172 3.11 -38.58 -17.21
C ASN G 172 3.78 -39.81 -16.62
N ASP G 173 3.13 -40.41 -15.63
CA ASP G 173 3.65 -41.60 -14.96
C ASP G 173 3.59 -42.83 -15.84
N GLN G 174 2.59 -42.91 -16.71
CA GLN G 174 2.45 -44.09 -17.58
C GLN G 174 2.50 -43.75 -19.06
N LYS G 175 1.74 -42.74 -19.47
CA LYS G 175 1.74 -42.32 -20.87
C LYS G 175 3.09 -41.72 -21.24
N GLY G 176 3.77 -41.18 -20.23
CA GLY G 176 5.08 -40.57 -20.41
C GLY G 176 6.16 -41.61 -20.68
N PHE G 177 5.81 -42.90 -20.59
CA PHE G 177 6.78 -43.94 -20.89
C PHE G 177 7.30 -43.76 -22.30
N ASN G 178 8.61 -43.83 -22.45
CA ASN G 178 9.25 -43.60 -23.74
C ASN G 178 9.26 -44.84 -24.61
N LEU G 179 8.36 -44.87 -25.60
CA LEU G 179 8.33 -45.97 -26.55
C LEU G 179 9.36 -45.71 -27.63
N ASN G 180 10.63 -45.86 -27.25
CA ASN G 180 11.75 -45.60 -28.14
C ASN G 180 12.13 -46.79 -29.00
N TYR G 181 11.43 -47.91 -28.82
CA TYR G 181 11.70 -49.06 -29.66
C TYR G 181 10.51 -49.99 -29.74
N ASN G 182 10.47 -50.77 -30.81
CA ASN G 182 9.42 -51.75 -30.97
C ASN G 182 10.00 -53.17 -30.80
N PRO G 183 10.90 -53.58 -31.70
CA PRO G 183 11.45 -54.93 -31.66
C PRO G 183 12.51 -55.13 -30.58
N ASN G 184 12.17 -54.81 -29.34
CA ASN G 184 13.08 -55.00 -28.22
C ASN G 184 14.46 -54.38 -28.42
N VAL G 185 14.53 -53.16 -28.93
CA VAL G 185 15.84 -52.53 -29.11
C VAL G 185 16.34 -51.96 -27.79
N THR G 186 16.72 -52.84 -26.89
CA THR G 186 17.21 -52.47 -25.58
C THR G 186 18.64 -51.95 -25.66
N GLN G 187 19.29 -52.23 -26.78
CA GLN G 187 20.64 -51.73 -26.99
C GLN G 187 20.65 -50.22 -27.17
N ALA G 188 19.52 -49.67 -27.61
CA ALA G 188 19.41 -48.22 -27.72
C ALA G 188 19.11 -47.67 -26.34
N ARG G 189 18.07 -48.21 -25.72
CA ARG G 189 17.69 -47.85 -24.36
C ARG G 189 17.13 -49.06 -23.64
N LEU G 190 17.70 -49.34 -22.47
CA LEU G 190 17.32 -50.50 -21.68
C LEU G 190 15.95 -50.33 -21.03
N PRO G 191 15.32 -51.46 -20.73
CA PRO G 191 14.01 -51.46 -20.07
C PRO G 191 14.12 -50.72 -18.74
N ASN G 192 13.11 -49.91 -18.44
CA ASN G 192 13.06 -49.15 -17.20
C ASN G 192 14.17 -48.11 -17.10
N ALA G 193 14.83 -47.81 -18.21
CA ALA G 193 15.86 -46.79 -18.22
C ALA G 193 15.24 -45.40 -18.04
N PRO G 194 13.99 -45.25 -18.49
CA PRO G 194 13.29 -43.96 -18.32
C PRO G 194 13.00 -43.63 -16.86
N LEU G 195 13.18 -44.61 -15.96
CA LEU G 195 12.90 -44.36 -14.55
C LEU G 195 13.74 -43.19 -14.04
N PRO G 196 13.07 -42.22 -13.41
CA PRO G 196 13.76 -41.05 -12.87
C PRO G 196 14.81 -41.45 -11.85
N ALA G 197 15.91 -40.72 -11.84
CA ALA G 197 17.00 -40.97 -10.90
C ALA G 197 16.55 -40.63 -9.49
N LEU G 198 17.18 -41.26 -8.51
CA LEU G 198 16.83 -41.01 -7.12
C LEU G 198 17.18 -39.59 -6.73
N PRO G 199 16.30 -38.96 -5.94
CA PRO G 199 16.49 -37.57 -5.54
C PRO G 199 17.69 -37.41 -4.62
N GLU G 200 18.45 -36.36 -4.85
CA GLU G 200 19.61 -36.04 -4.03
C GLU G 200 19.17 -35.31 -2.78
N PRO G 201 20.01 -35.33 -1.74
CA PRO G 201 19.69 -34.63 -0.49
C PRO G 201 19.99 -33.14 -0.59
N THR G 202 20.81 -32.75 -1.56
CA THR G 202 21.20 -31.35 -1.72
C THR G 202 20.15 -30.57 -2.50
N SER G 203 20.17 -29.25 -2.32
CA SER G 203 19.22 -28.37 -3.00
C SER G 203 19.55 -28.18 -4.46
N ASP G 204 20.80 -28.45 -4.82
CA ASP G 204 21.25 -28.29 -6.20
C ASP G 204 22.01 -29.51 -6.68
N GLN H 1 -14.02 69.28 -29.36
CA GLN H 1 -14.51 68.72 -28.11
C GLN H 1 -16.03 68.75 -28.06
N PRO H 2 -16.67 67.84 -28.77
CA PRO H 2 -18.15 67.81 -28.85
C PRO H 2 -18.79 67.61 -27.49
N TRP H 3 -18.09 66.94 -26.59
CA TRP H 3 -18.63 66.69 -25.26
C TRP H 3 -18.64 67.95 -24.40
N GLU H 4 -17.87 68.96 -24.81
CA GLU H 4 -17.81 70.20 -24.07
C GLU H 4 -18.93 71.15 -24.50
N ALA H 5 -19.60 70.81 -25.59
CA ALA H 5 -20.66 71.65 -26.12
C ALA H 5 -21.93 71.52 -25.29
N ILE H 6 -22.72 72.58 -25.24
CA ILE H 6 -23.99 72.57 -24.53
C ILE H 6 -25.06 72.03 -25.45
N PHE H 7 -25.74 70.97 -25.02
CA PHE H 7 -26.74 70.33 -25.85
C PHE H 7 -27.98 71.19 -26.09
N THR H 8 -28.27 72.07 -25.14
CA THR H 8 -29.43 72.97 -25.23
C THR H 8 -30.74 72.22 -24.97
N LYS H 9 -31.51 72.72 -24.00
CA LYS H 9 -32.76 72.09 -23.60
C LYS H 9 -33.73 71.93 -24.76
N ASP H 10 -33.73 72.89 -25.68
CA ASP H 10 -34.60 72.82 -26.83
C ASP H 10 -34.37 71.53 -27.60
N ASP H 11 -33.13 71.07 -27.63
CA ASP H 11 -32.77 69.84 -28.32
C ASP H 11 -33.08 68.63 -27.45
N LEU H 12 -32.92 68.79 -26.13
CA LEU H 12 -33.22 67.69 -25.21
C LEU H 12 -34.68 67.29 -25.30
N ALA H 13 -35.56 68.29 -25.37
CA ALA H 13 -37.00 68.08 -25.45
C ALA H 13 -37.39 67.49 -26.81
N ALA H 14 -36.52 67.66 -27.80
CA ALA H 14 -36.78 67.17 -29.14
C ALA H 14 -36.46 65.68 -29.26
N ILE H 15 -35.81 65.11 -28.25
CA ILE H 15 -35.45 63.70 -28.28
C ILE H 15 -36.65 62.78 -28.15
N GLU H 16 -37.51 63.07 -27.17
CA GLU H 16 -38.72 62.28 -26.93
C GLU H 16 -38.45 60.79 -26.91
N PRO H 17 -37.61 60.36 -25.98
CA PRO H 17 -37.23 58.95 -25.86
C PRO H 17 -38.32 58.11 -25.23
N LYS H 18 -38.15 56.79 -25.32
CA LYS H 18 -39.09 55.85 -24.73
C LYS H 18 -38.38 54.99 -23.68
N PRO H 19 -39.08 54.68 -22.60
CA PRO H 19 -38.50 53.82 -21.54
C PRO H 19 -38.06 52.49 -22.14
N ALA H 20 -36.95 51.95 -21.64
CA ALA H 20 -36.41 50.71 -22.18
C ALA H 20 -36.17 49.68 -21.09
N SER H 21 -37.25 49.04 -20.65
CA SER H 21 -37.16 48.02 -19.63
C SER H 21 -36.50 46.75 -20.17
N ALA H 22 -35.73 46.09 -19.32
CA ALA H 22 -35.07 44.84 -19.71
C ALA H 22 -35.84 43.63 -19.23
N ASN H 23 -36.99 43.87 -18.59
CA ASN H 23 -37.80 42.75 -18.12
C ASN H 23 -38.84 42.38 -19.16
N VAL H 24 -38.67 42.89 -20.37
CA VAL H 24 -39.55 42.55 -21.47
C VAL H 24 -38.72 41.94 -22.59
N PRO H 25 -39.33 41.05 -23.35
CA PRO H 25 -38.63 40.41 -24.47
C PRO H 25 -38.12 41.44 -25.45
N ASN H 26 -36.93 41.21 -25.97
CA ASN H 26 -36.35 42.08 -26.99
C ASN H 26 -37.21 42.02 -28.23
N THR H 27 -37.19 43.07 -29.03
CA THR H 27 -37.98 43.11 -30.26
C THR H 27 -37.77 41.82 -31.06
N LYS H 28 -36.51 41.40 -31.19
CA LYS H 28 -36.21 40.18 -31.93
C LYS H 28 -36.71 38.96 -31.19
N GLN H 29 -36.80 39.06 -29.87
CA GLN H 29 -37.31 37.97 -29.07
C GLN H 29 -38.82 37.90 -29.19
N TRP H 30 -39.46 39.07 -29.32
CA TRP H 30 -40.88 39.12 -29.56
C TRP H 30 -41.18 38.43 -30.87
N ILE H 31 -40.29 38.67 -31.85
CA ILE H 31 -40.38 38.05 -33.15
C ILE H 31 -40.14 36.55 -33.02
N GLY H 32 -39.18 36.19 -32.17
CA GLY H 32 -38.89 34.79 -31.91
C GLY H 32 -40.12 34.10 -31.36
N ILE H 33 -40.85 34.81 -30.49
CA ILE H 33 -42.08 34.28 -29.94
C ILE H 33 -43.08 34.09 -31.06
N GLN H 34 -43.14 35.05 -31.98
CA GLN H 34 -44.03 34.93 -33.12
C GLN H 34 -43.66 33.74 -33.96
N ALA H 35 -42.37 33.56 -34.18
CA ALA H 35 -41.88 32.46 -34.99
C ALA H 35 -42.34 31.13 -34.40
N GLY H 36 -42.44 31.07 -33.09
CA GLY H 36 -42.89 29.85 -32.42
C GLY H 36 -44.40 29.84 -32.21
N LEU H 37 -44.92 30.90 -31.61
CA LEU H 37 -46.33 31.00 -31.27
C LEU H 37 -47.23 31.03 -32.50
N ILE H 38 -46.85 31.81 -33.50
CA ILE H 38 -47.65 31.87 -34.71
C ILE H 38 -47.56 30.53 -35.42
N LYS H 39 -46.36 29.95 -35.41
CA LYS H 39 -46.13 28.63 -35.96
C LYS H 39 -46.94 27.58 -35.22
N ALA H 40 -47.15 27.82 -33.94
CA ALA H 40 -47.90 26.90 -33.08
C ALA H 40 -49.39 26.90 -33.42
N GLY H 41 -49.83 27.86 -34.23
CA GLY H 41 -51.23 27.92 -34.64
C GLY H 41 -51.90 29.25 -34.28
N ALA H 42 -51.20 30.10 -33.54
CA ALA H 42 -51.76 31.39 -33.18
C ALA H 42 -51.62 32.36 -34.34
N THR H 43 -52.50 33.34 -34.41
CA THR H 43 -52.42 34.33 -35.48
C THR H 43 -52.86 35.72 -35.03
N ASP H 44 -52.18 36.73 -35.55
CA ASP H 44 -52.51 38.13 -35.28
C ASP H 44 -52.72 38.42 -33.80
N ALA H 45 -53.95 38.84 -33.45
CA ALA H 45 -54.30 39.22 -32.09
C ALA H 45 -54.16 38.06 -31.12
N ASN H 46 -54.23 36.84 -31.63
CA ASN H 46 -54.11 35.66 -30.78
C ASN H 46 -52.72 35.60 -30.16
N PHE H 47 -51.76 36.29 -30.78
CA PHE H 47 -50.41 36.34 -30.27
C PHE H 47 -50.44 36.81 -28.82
N MET H 48 -51.05 37.97 -28.60
CA MET H 48 -51.16 38.52 -27.26
C MET H 48 -52.13 37.72 -26.42
N LYS H 49 -53.24 37.29 -27.02
CA LYS H 49 -54.25 36.55 -26.29
C LYS H 49 -53.69 35.30 -25.64
N VAL H 50 -52.93 34.54 -26.40
CA VAL H 50 -52.34 33.31 -25.90
C VAL H 50 -51.30 33.60 -24.83
N LEU H 51 -50.50 34.63 -25.06
CA LEU H 51 -49.49 35.01 -24.09
C LEU H 51 -50.14 35.47 -22.80
N LEU H 52 -51.30 36.12 -22.92
CA LEU H 52 -52.06 36.52 -21.73
C LEU H 52 -52.52 35.29 -20.99
N GLY H 53 -52.89 34.25 -21.74
CA GLY H 53 -53.29 33.00 -21.13
C GLY H 53 -52.14 32.49 -20.27
N LEU H 54 -50.94 32.49 -20.83
CA LEU H 54 -49.75 32.07 -20.10
C LEU H 54 -49.45 32.97 -18.93
N SER H 55 -49.67 34.26 -19.09
CA SER H 55 -49.42 35.20 -18.01
C SER H 55 -50.35 34.90 -16.85
N LEU H 56 -51.56 34.49 -17.18
CA LEU H 56 -52.55 34.11 -16.18
C LEU H 56 -52.11 32.82 -15.52
N GLU H 57 -51.49 31.95 -16.30
CA GLU H 57 -50.97 30.70 -15.77
C GLU H 57 -49.76 30.99 -14.89
N ALA H 58 -48.94 31.94 -15.32
CA ALA H 58 -47.76 32.34 -14.58
C ALA H 58 -48.17 32.94 -13.26
N PHE H 59 -49.32 33.60 -13.25
CA PHE H 59 -49.88 34.19 -12.06
C PHE H 59 -50.08 33.12 -11.00
N ASP H 60 -50.57 31.96 -11.44
CA ASP H 60 -50.80 30.83 -10.54
C ASP H 60 -49.70 29.78 -10.59
N ARG H 61 -48.76 29.90 -11.53
CA ARG H 61 -47.70 28.91 -11.65
C ARG H 61 -46.30 29.50 -11.54
N GLY H 62 -45.85 30.17 -12.59
CA GLY H 62 -44.52 30.77 -12.60
C GLY H 62 -43.82 30.53 -13.93
N SER H 63 -42.49 30.66 -13.93
CA SER H 63 -41.66 30.46 -15.12
C SER H 63 -41.90 29.11 -15.80
N SER H 64 -41.00 28.14 -15.56
CA SER H 64 -41.16 26.82 -16.16
C SER H 64 -42.41 26.14 -15.63
N GLU H 65 -42.92 26.63 -14.50
CA GLU H 65 -44.13 26.11 -13.94
C GLU H 65 -45.29 26.27 -14.92
N ALA H 66 -45.48 27.48 -15.42
CA ALA H 66 -46.52 27.73 -16.39
C ALA H 66 -46.19 27.02 -17.70
N THR H 67 -44.89 26.80 -17.95
CA THR H 67 -44.46 26.09 -19.13
C THR H 67 -44.96 24.66 -19.11
N THR H 68 -44.94 24.04 -17.94
CA THR H 68 -45.44 22.68 -17.79
C THR H 68 -46.95 22.63 -17.83
N TRP H 69 -47.60 23.74 -17.48
CA TRP H 69 -49.06 23.80 -17.50
C TRP H 69 -49.60 23.66 -18.91
N ASP H 70 -50.50 22.69 -19.09
CA ASP H 70 -51.13 22.42 -20.37
C ASP H 70 -52.44 23.18 -20.53
N GLY H 71 -53.17 22.88 -21.59
CA GLY H 71 -54.45 23.51 -21.84
C GLY H 71 -54.41 24.35 -23.09
N ILE H 72 -55.32 24.07 -24.01
CA ILE H 72 -55.38 24.78 -25.27
C ILE H 72 -56.11 26.10 -25.10
N THR H 73 -55.43 27.18 -25.42
CA THR H 73 -55.99 28.50 -25.34
C THR H 73 -56.75 28.82 -26.61
N GLU H 74 -57.16 30.07 -26.75
CA GLU H 74 -57.85 30.51 -27.94
C GLU H 74 -57.00 30.34 -29.19
N GLY H 75 -55.68 30.26 -29.00
CA GLY H 75 -54.77 30.09 -30.13
C GLY H 75 -54.06 28.74 -30.12
N VAL H 76 -53.57 28.33 -28.95
CA VAL H 76 -52.81 27.08 -28.87
C VAL H 76 -52.51 26.68 -27.42
N GLU H 77 -52.13 25.42 -27.23
CA GLU H 77 -51.75 24.88 -25.93
C GLU H 77 -50.74 25.77 -25.22
N HIS H 78 -50.95 25.97 -23.92
CA HIS H 78 -50.07 26.80 -23.12
C HIS H 78 -48.63 26.36 -23.25
N ARG H 79 -48.40 25.06 -23.19
CA ARG H 79 -47.06 24.51 -23.28
C ARG H 79 -46.42 24.83 -24.63
N ALA H 80 -47.21 24.75 -25.70
CA ALA H 80 -46.71 25.04 -27.03
C ALA H 80 -46.31 26.50 -27.12
N ALA H 81 -47.13 27.38 -26.57
CA ALA H 81 -46.84 28.80 -26.55
C ALA H 81 -45.63 29.07 -25.68
N ALA H 82 -45.51 28.32 -24.59
CA ALA H 82 -44.39 28.45 -23.69
C ALA H 82 -43.11 28.08 -24.40
N ASN H 83 -43.20 27.09 -25.28
CA ASN H 83 -42.05 26.65 -26.05
C ASN H 83 -41.58 27.78 -26.94
N ALA H 84 -42.53 28.52 -27.52
CA ALA H 84 -42.22 29.65 -28.37
C ALA H 84 -41.44 30.70 -27.59
N ILE H 85 -41.84 30.92 -26.34
CA ILE H 85 -41.17 31.86 -25.48
C ILE H 85 -39.75 31.38 -25.22
N LYS H 86 -39.61 30.07 -25.00
CA LYS H 86 -38.30 29.47 -24.79
C LYS H 86 -37.45 29.57 -26.06
N GLU H 87 -38.09 29.49 -27.21
CA GLU H 87 -37.39 29.62 -28.48
C GLU H 87 -36.78 31.01 -28.59
N ALA H 88 -37.45 31.98 -27.99
CA ALA H 88 -36.97 33.37 -27.97
C ALA H 88 -35.92 33.57 -26.88
N ASN H 89 -35.58 32.51 -26.17
CA ASN H 89 -34.60 32.54 -25.09
C ASN H 89 -35.09 33.37 -23.92
N CYS H 90 -36.39 33.32 -23.66
CA CYS H 90 -36.98 34.04 -22.55
C CYS H 90 -37.79 33.12 -21.65
N PRO H 91 -37.90 33.49 -20.39
CA PRO H 91 -38.80 32.78 -19.47
C PRO H 91 -40.20 33.33 -19.66
N ILE H 92 -41.21 32.56 -19.27
CA ILE H 92 -42.58 33.04 -19.39
C ILE H 92 -42.74 34.32 -18.58
N HIS H 93 -42.03 34.39 -17.47
CA HIS H 93 -42.05 35.58 -16.63
C HIS H 93 -41.64 36.81 -17.42
N LYS H 94 -40.69 36.64 -18.34
CA LYS H 94 -40.22 37.76 -19.15
C LYS H 94 -41.37 38.36 -19.93
N VAL H 95 -42.18 37.50 -20.54
CA VAL H 95 -43.35 37.96 -21.27
C VAL H 95 -44.41 38.47 -20.30
N THR H 96 -44.56 37.77 -19.19
CA THR H 96 -45.54 38.11 -18.18
C THR H 96 -45.26 39.48 -17.58
N TYR H 97 -43.99 39.85 -17.48
CA TYR H 97 -43.61 41.14 -16.93
C TYR H 97 -44.24 42.24 -17.78
N TYR H 98 -44.24 42.04 -19.09
CA TYR H 98 -44.85 42.97 -20.03
C TYR H 98 -46.37 42.97 -19.90
N LEU H 99 -46.92 41.77 -19.71
CA LEU H 99 -48.37 41.60 -19.61
C LEU H 99 -48.81 41.38 -18.17
N ALA H 100 -48.05 41.92 -17.22
CA ALA H 100 -48.35 41.75 -15.81
C ALA H 100 -49.60 42.51 -15.38
N LYS H 101 -49.72 43.75 -15.81
CA LYS H 101 -50.83 44.59 -15.39
C LYS H 101 -52.17 44.12 -15.94
N PRO H 102 -52.25 43.85 -17.25
CA PRO H 102 -53.48 43.37 -17.85
C PRO H 102 -53.86 42.04 -17.23
N THR H 103 -52.86 41.22 -16.94
CA THR H 103 -53.07 39.92 -16.32
C THR H 103 -53.67 40.06 -14.95
N PHE H 104 -53.05 40.91 -14.14
CA PHE H 104 -53.54 41.20 -12.80
C PHE H 104 -54.91 41.83 -12.89
N ALA H 105 -55.08 42.72 -13.86
CA ALA H 105 -56.33 43.43 -14.08
C ALA H 105 -57.47 42.46 -14.35
N ILE H 106 -57.18 41.41 -15.12
CA ILE H 106 -58.19 40.41 -15.43
C ILE H 106 -58.65 39.74 -14.16
N ARG H 107 -57.70 39.22 -13.41
CA ARG H 107 -57.99 38.51 -12.18
C ARG H 107 -58.56 39.42 -11.12
N GLN H 108 -58.13 40.68 -11.12
CA GLN H 108 -58.63 41.62 -10.14
C GLN H 108 -60.12 41.88 -10.37
N SER H 109 -60.50 41.94 -11.64
CA SER H 109 -61.90 42.15 -11.98
C SER H 109 -62.71 40.88 -11.80
N LYS H 110 -62.04 39.74 -11.93
CA LYS H 110 -62.70 38.45 -11.76
C LYS H 110 -62.52 37.92 -10.34
N ASN H 111 -61.77 38.65 -9.53
CA ASN H 111 -61.51 38.28 -8.15
C ASN H 111 -60.84 36.91 -8.04
N LEU H 112 -59.84 36.67 -8.87
CA LEU H 112 -59.12 35.40 -8.87
C LEU H 112 -57.72 35.57 -8.30
N PRO H 113 -57.59 35.35 -6.99
CA PRO H 113 -56.30 35.51 -6.31
C PRO H 113 -55.33 34.43 -6.74
N PRO H 114 -54.05 34.67 -6.50
CA PRO H 114 -53.00 33.73 -6.91
C PRO H 114 -53.17 32.39 -6.20
N ALA H 115 -53.08 31.31 -6.97
CA ALA H 115 -53.26 29.96 -6.45
C ALA H 115 -52.08 29.54 -5.57
N ASN H 116 -50.95 30.22 -5.74
CA ASN H 116 -49.77 29.88 -4.96
C ASN H 116 -49.71 30.70 -3.67
N PHE H 117 -50.75 31.48 -3.43
CA PHE H 117 -50.89 32.27 -2.21
C PHE H 117 -50.73 31.37 -0.99
N ALA H 118 -51.46 30.27 -1.02
CA ALA H 118 -51.44 29.28 0.06
C ALA H 118 -50.05 28.68 0.23
N LYS H 119 -49.43 28.33 -0.88
CA LYS H 119 -48.12 27.69 -0.89
C LYS H 119 -47.06 28.59 -0.28
N LYS H 120 -47.16 29.88 -0.57
CA LYS H 120 -46.19 30.85 -0.11
C LYS H 120 -46.48 31.34 1.30
N ASN H 121 -47.59 30.88 1.88
CA ASN H 121 -47.96 31.27 3.22
C ASN H 121 -48.09 32.78 3.35
N VAL H 122 -48.50 33.43 2.26
CA VAL H 122 -48.67 34.87 2.27
C VAL H 122 -49.87 35.26 3.10
N PRO H 123 -49.71 36.21 4.00
CA PRO H 123 -50.80 36.67 4.85
C PRO H 123 -51.99 37.11 4.01
N SER H 124 -53.20 36.86 4.51
CA SER H 124 -54.42 37.23 3.80
C SER H 124 -54.47 38.73 3.55
N GLN H 125 -53.80 39.48 4.42
CA GLN H 125 -53.70 40.93 4.25
C GLN H 125 -53.05 41.27 2.94
N TYR H 126 -52.17 40.38 2.49
CA TYR H 126 -51.44 40.55 1.26
C TYR H 126 -51.82 39.50 0.23
N LYS H 127 -53.09 39.13 0.21
CA LYS H 127 -53.60 38.10 -0.70
C LYS H 127 -53.26 38.36 -2.16
N TRP H 128 -53.31 39.62 -2.56
CA TRP H 128 -53.03 39.97 -3.96
C TRP H 128 -51.59 40.41 -4.16
N CYS H 129 -50.74 40.16 -3.17
CA CYS H 129 -49.34 40.53 -3.28
C CYS H 129 -48.49 39.37 -3.80
N ALA H 130 -49.06 38.18 -3.80
CA ALA H 130 -48.35 37.01 -4.28
C ALA H 130 -48.39 36.96 -5.81
N PHE H 131 -47.68 37.88 -6.44
CA PHE H 131 -47.62 37.95 -7.89
C PHE H 131 -46.19 38.04 -8.38
N ASP H 132 -45.71 36.99 -9.05
CA ASP H 132 -44.33 36.93 -9.50
C ASP H 132 -43.94 38.11 -10.39
N ALA H 133 -44.85 38.51 -11.27
CA ALA H 133 -44.58 39.61 -12.18
C ALA H 133 -45.13 40.93 -11.64
N PHE H 134 -45.15 41.08 -10.32
CA PHE H 134 -45.65 42.32 -9.72
C PHE H 134 -44.85 43.53 -10.18
N ASP H 135 -43.62 43.32 -10.62
CA ASP H 135 -42.78 44.44 -11.05
C ASP H 135 -43.39 45.11 -12.28
N GLY H 136 -44.15 44.34 -13.07
CA GLY H 136 -44.79 44.88 -14.25
C GLY H 136 -45.90 45.87 -13.89
N LEU H 137 -46.33 45.82 -12.63
CA LEU H 137 -47.36 46.72 -12.14
C LEU H 137 -46.82 48.13 -12.01
N TYR H 138 -45.50 48.24 -11.97
CA TYR H 138 -44.82 49.52 -11.83
C TYR H 138 -44.05 49.86 -13.10
N ASP H 139 -43.69 48.84 -13.85
CA ASP H 139 -42.92 49.01 -15.08
C ASP H 139 -43.64 49.88 -16.08
N PRO H 140 -43.01 50.99 -16.46
CA PRO H 140 -43.62 51.98 -17.37
C PRO H 140 -43.86 51.43 -18.77
N THR H 141 -43.17 50.36 -19.12
CA THR H 141 -43.33 49.77 -20.46
C THR H 141 -44.38 48.66 -20.46
N CYS H 142 -44.82 48.26 -19.28
CA CYS H 142 -45.80 47.19 -19.16
C CYS H 142 -47.16 47.60 -19.75
N LEU H 143 -47.76 46.69 -20.50
CA LEU H 143 -49.07 46.91 -21.12
C LEU H 143 -50.15 47.07 -20.06
N ALA H 144 -51.19 47.86 -20.37
CA ALA H 144 -52.28 48.05 -19.42
C ALA H 144 -53.34 48.99 -19.97
N SER H 145 -54.48 48.41 -20.34
CA SER H 145 -55.60 49.19 -20.85
C SER H 145 -56.46 49.76 -19.73
N GLU H 146 -56.40 49.10 -18.56
CA GLU H 146 -57.16 49.53 -17.39
C GLU H 146 -56.97 48.57 -16.23
N LEU H 147 -56.50 49.09 -15.10
CA LEU H 147 -56.29 48.30 -13.90
C LEU H 147 -57.38 48.60 -12.87
N PRO H 148 -58.20 47.60 -12.56
CA PRO H 148 -59.32 47.75 -11.62
C PRO H 148 -58.90 48.21 -10.23
N TYR H 149 -57.72 47.81 -9.78
CA TYR H 149 -57.24 48.19 -8.46
C TYR H 149 -55.79 48.58 -8.46
N ASP H 150 -55.48 49.66 -7.76
CA ASP H 150 -54.10 50.14 -7.69
C ASP H 150 -53.25 49.26 -6.80
N ALA H 151 -52.88 48.10 -7.34
CA ALA H 151 -52.02 47.15 -6.64
C ALA H 151 -50.64 47.75 -6.42
N PRO H 152 -50.24 48.71 -7.25
CA PRO H 152 -48.95 49.38 -7.04
C PRO H 152 -48.85 50.10 -5.69
N SER H 153 -49.99 50.32 -5.02
CA SER H 153 -50.00 51.01 -3.73
C SER H 153 -48.76 50.70 -2.89
N GLU H 154 -48.19 51.75 -2.30
CA GLU H 154 -46.96 51.63 -1.52
C GLU H 154 -47.06 50.56 -0.44
N ILE H 155 -48.22 50.44 0.19
CA ILE H 155 -48.40 49.41 1.21
C ILE H 155 -48.24 48.05 0.56
N ASP H 156 -48.84 47.90 -0.62
CA ASP H 156 -48.73 46.67 -1.38
C ASP H 156 -47.32 46.51 -1.90
N ARG H 157 -46.65 47.63 -2.14
CA ARG H 157 -45.27 47.62 -2.64
C ARG H 157 -44.32 47.07 -1.60
N MET H 158 -44.53 47.45 -0.34
CA MET H 158 -43.71 46.90 0.73
C MET H 158 -44.10 45.46 0.95
N ALA H 159 -45.37 45.15 0.72
CA ALA H 159 -45.84 43.78 0.78
C ALA H 159 -45.22 43.00 -0.36
N TYR H 160 -45.04 43.66 -1.50
CA TYR H 160 -44.39 43.05 -2.65
C TYR H 160 -42.92 42.82 -2.34
N ALA H 161 -42.35 43.70 -1.53
CA ALA H 161 -40.98 43.52 -1.10
C ALA H 161 -40.91 42.28 -0.22
N THR H 162 -41.91 42.12 0.65
CA THR H 162 -41.99 40.93 1.48
C THR H 162 -42.15 39.72 0.57
N PHE H 163 -42.94 39.90 -0.47
CA PHE H 163 -43.13 38.88 -1.49
C PHE H 163 -41.80 38.58 -2.17
N LYS H 164 -40.99 39.61 -2.38
CA LYS H 164 -39.68 39.44 -2.98
C LYS H 164 -38.84 38.52 -2.12
N THR H 165 -39.03 38.61 -0.80
CA THR H 165 -38.31 37.73 0.11
C THR H 165 -38.62 36.29 -0.22
N ILE H 166 -39.88 36.02 -0.57
CA ILE H 166 -40.29 34.68 -0.97
C ILE H 166 -39.52 34.27 -2.20
N GLN H 167 -39.46 35.19 -3.16
CA GLN H 167 -38.78 34.94 -4.41
C GLN H 167 -37.29 34.70 -4.16
N ILE H 168 -36.74 35.45 -3.20
CA ILE H 168 -35.35 35.31 -2.81
C ILE H 168 -35.12 33.96 -2.13
N LYS H 169 -36.03 33.61 -1.23
CA LYS H 169 -35.93 32.35 -0.52
C LYS H 169 -35.88 31.18 -1.47
N ILE H 170 -36.82 31.15 -2.41
CA ILE H 170 -36.86 30.07 -3.38
C ILE H 170 -35.62 30.10 -4.24
N ALA H 171 -35.15 31.30 -4.55
CA ALA H 171 -33.91 31.43 -5.30
C ALA H 171 -32.79 30.80 -4.51
N ASN H 172 -32.75 31.04 -3.20
CA ASN H 172 -31.74 30.44 -2.36
C ASN H 172 -31.90 28.93 -2.34
N ASP H 173 -33.15 28.49 -2.44
CA ASP H 173 -33.48 27.07 -2.43
C ASP H 173 -33.07 26.37 -3.72
N GLN H 174 -33.13 27.09 -4.83
CA GLN H 174 -32.79 26.48 -6.13
C GLN H 174 -31.62 27.17 -6.82
N LYS H 175 -31.66 28.50 -6.90
CA LYS H 175 -30.59 29.26 -7.52
C LYS H 175 -29.32 29.16 -6.68
N GLY H 176 -29.52 28.92 -5.38
CA GLY H 176 -28.40 28.79 -4.44
C GLY H 176 -27.65 27.48 -4.64
N PHE H 177 -28.16 26.61 -5.51
CA PHE H 177 -27.47 25.36 -5.78
C PHE H 177 -26.06 25.66 -6.27
N ASN H 178 -25.08 24.97 -5.70
CA ASN H 178 -23.69 25.21 -6.03
C ASN H 178 -23.24 24.48 -7.28
N LEU H 179 -23.14 25.21 -8.38
CA LEU H 179 -22.65 24.63 -9.62
C LEU H 179 -21.12 24.63 -9.59
N ASN H 180 -20.57 23.73 -8.77
CA ASN H 180 -19.14 23.63 -8.57
C ASN H 180 -18.46 22.74 -9.58
N TYR H 181 -19.22 22.16 -10.50
CA TYR H 181 -18.62 21.35 -11.54
C TYR H 181 -19.51 21.25 -12.76
N ASN H 182 -18.89 20.96 -13.90
CA ASN H 182 -19.62 20.76 -15.12
C ASN H 182 -19.59 19.29 -15.52
N PRO H 183 -18.40 18.76 -15.83
CA PRO H 183 -18.29 17.38 -16.31
C PRO H 183 -18.38 16.35 -15.18
N ASN H 184 -19.46 16.41 -14.41
CA ASN H 184 -19.70 15.45 -13.35
C ASN H 184 -18.52 15.28 -12.39
N VAL H 185 -17.91 16.38 -11.95
CA VAL H 185 -16.82 16.26 -11.00
C VAL H 185 -17.34 16.06 -9.59
N THR H 186 -17.88 14.89 -9.34
CA THR H 186 -18.45 14.53 -8.05
C THR H 186 -17.35 14.23 -7.05
N GLN H 187 -16.15 14.01 -7.54
CA GLN H 187 -15.01 13.76 -6.67
C GLN H 187 -14.64 15.02 -5.90
N ALA H 188 -14.98 16.18 -6.45
CA ALA H 188 -14.75 17.43 -5.75
C ALA H 188 -15.86 17.62 -4.73
N ARG H 189 -17.09 17.54 -5.22
CA ARG H 189 -18.27 17.60 -4.37
C ARG H 189 -19.37 16.71 -4.92
N LEU H 190 -19.88 15.85 -4.07
CA LEU H 190 -20.89 14.88 -4.45
C LEU H 190 -22.24 15.53 -4.68
N PRO H 191 -23.07 14.86 -5.48
CA PRO H 191 -24.43 15.33 -5.77
C PRO H 191 -25.20 15.48 -4.47
N ASN H 192 -25.96 16.55 -4.35
CA ASN H 192 -26.77 16.82 -3.18
C ASN H 192 -25.94 17.04 -1.91
N ALA H 193 -24.65 17.27 -2.07
CA ALA H 193 -23.78 17.56 -0.94
C ALA H 193 -24.11 18.93 -0.36
N PRO H 194 -24.59 19.85 -1.21
CA PRO H 194 -24.98 21.19 -0.74
C PRO H 194 -26.18 21.16 0.21
N LEU H 195 -26.88 20.02 0.28
CA LEU H 195 -28.04 19.93 1.16
C LEU H 195 -27.67 20.28 2.59
N PRO H 196 -28.41 21.21 3.19
CA PRO H 196 -28.16 21.63 4.56
C PRO H 196 -28.26 20.45 5.53
N ALA H 197 -27.40 20.46 6.54
CA ALA H 197 -27.41 19.42 7.56
C ALA H 197 -28.67 19.50 8.39
N LEU H 198 -29.08 18.37 8.96
CA LEU H 198 -30.28 18.33 9.78
C LEU H 198 -30.10 19.18 11.03
N PRO H 199 -31.15 19.89 11.40
CA PRO H 199 -31.10 20.79 12.56
C PRO H 199 -30.94 20.01 13.86
N GLU H 200 -30.09 20.53 14.74
CA GLU H 200 -29.86 19.94 16.04
C GLU H 200 -30.95 20.37 17.01
N PRO H 201 -31.15 19.60 18.08
CA PRO H 201 -32.16 19.96 19.08
C PRO H 201 -31.64 21.02 20.05
N THR H 202 -30.34 21.20 20.10
CA THR H 202 -29.73 22.16 21.03
C THR H 202 -29.74 23.57 20.44
N SER H 203 -29.64 24.57 21.32
CA SER H 203 -29.65 25.96 20.90
C SER H 203 -28.33 26.39 20.28
N ASP H 204 -27.27 25.64 20.57
CA ASP H 204 -25.95 25.95 20.05
C ASP H 204 -25.29 24.71 19.46
N GLN I 1 49.47 -42.78 33.10
CA GLN I 1 48.77 -42.19 31.97
C GLN I 1 49.12 -40.72 31.80
N PRO I 2 50.30 -40.46 31.26
CA PRO I 2 50.80 -39.08 31.10
C PRO I 2 49.88 -38.25 30.22
N TRP I 3 49.20 -38.90 29.28
CA TRP I 3 48.31 -38.19 28.37
C TRP I 3 47.04 -37.72 29.07
N GLU I 4 46.75 -38.31 30.22
CA GLU I 4 45.56 -37.93 30.98
C GLU I 4 45.83 -36.74 31.89
N ALA I 5 47.10 -36.37 32.02
CA ALA I 5 47.49 -35.27 32.88
C ALA I 5 47.19 -33.93 32.23
N ILE I 6 46.91 -32.92 33.05
CA ILE I 6 46.65 -31.58 32.55
C ILE I 6 47.97 -30.85 32.39
N PHE I 7 48.23 -30.37 31.19
CA PHE I 7 49.50 -29.73 30.90
C PHE I 7 49.68 -28.40 31.60
N THR I 8 48.57 -27.72 31.91
CA THR I 8 48.58 -26.43 32.59
C THR I 8 49.03 -25.31 31.66
N LYS I 9 48.21 -24.28 31.56
CA LYS I 9 48.47 -23.14 30.68
C LYS I 9 49.80 -22.47 30.96
N ASP I 10 50.19 -22.44 32.24
CA ASP I 10 51.46 -21.85 32.62
C ASP I 10 52.61 -22.50 31.87
N ASP I 11 52.48 -23.80 31.64
CA ASP I 11 53.50 -24.55 30.93
C ASP I 11 53.35 -24.39 29.42
N LEU I 12 52.11 -24.23 28.96
CA LEU I 12 51.86 -24.03 27.53
C LEU I 12 52.51 -22.74 27.06
N ALA I 13 52.39 -21.69 27.86
CA ALA I 13 52.95 -20.39 27.55
C ALA I 13 54.47 -20.40 27.62
N ALA I 14 55.01 -21.38 28.34
CA ALA I 14 56.46 -21.51 28.51
C ALA I 14 57.11 -22.18 27.30
N ILE I 15 56.30 -22.73 26.40
CA ILE I 15 56.83 -23.42 25.23
C ILE I 15 57.43 -22.44 24.22
N GLU I 16 56.69 -21.37 23.91
CA GLU I 16 57.17 -20.35 22.98
C GLU I 16 57.72 -20.95 21.68
N PRO I 17 56.86 -21.67 20.97
CA PRO I 17 57.26 -22.34 19.73
C PRO I 17 57.38 -21.37 18.56
N LYS I 18 57.97 -21.84 17.47
CA LYS I 18 58.13 -21.06 16.26
C LYS I 18 57.39 -21.72 15.11
N PRO I 19 56.77 -20.93 14.23
CA PRO I 19 56.08 -21.48 13.07
C PRO I 19 57.04 -22.32 12.24
N ALA I 20 56.53 -23.40 11.65
CA ALA I 20 57.37 -24.31 10.89
C ALA I 20 56.82 -24.56 9.50
N SER I 21 57.00 -23.59 8.61
CA SER I 21 56.53 -23.72 7.23
C SER I 21 57.36 -24.74 6.46
N ALA I 22 56.71 -25.47 5.58
CA ALA I 22 57.38 -26.47 4.74
C ALA I 22 57.71 -25.91 3.37
N ASN I 23 57.37 -24.64 3.14
CA ASN I 23 57.66 -24.04 1.85
C ASN I 23 59.00 -23.33 1.90
N VAL I 24 59.77 -23.60 2.93
CA VAL I 24 61.12 -23.05 3.04
C VAL I 24 62.11 -24.19 3.14
N PRO I 25 63.31 -23.97 2.64
CA PRO I 25 64.35 -24.99 2.68
C PRO I 25 64.62 -25.43 4.12
N ASN I 26 64.84 -26.72 4.29
CA ASN I 26 65.19 -27.27 5.61
C ASN I 26 66.52 -26.70 6.03
N THR I 27 66.75 -26.63 7.34
CA THR I 27 68.02 -26.11 7.84
C THR I 27 69.20 -26.75 7.13
N LYS I 28 69.14 -28.07 6.97
CA LYS I 28 70.21 -28.79 6.28
C LYS I 28 70.24 -28.44 4.81
N GLN I 29 69.08 -28.09 4.26
CA GLN I 29 69.00 -27.69 2.87
C GLN I 29 69.55 -26.29 2.70
N TRP I 30 69.34 -25.45 3.70
CA TRP I 30 69.91 -24.11 3.70
C TRP I 30 71.42 -24.26 3.68
N ILE I 31 71.91 -25.21 4.45
CA ILE I 31 73.33 -25.53 4.50
C ILE I 31 73.78 -26.08 3.16
N GLY I 32 72.94 -26.93 2.56
CA GLY I 32 73.23 -27.47 1.25
C GLY I 32 73.39 -26.34 0.24
N ILE I 33 72.54 -25.33 0.36
CA ILE I 33 72.63 -24.16 -0.50
C ILE I 33 73.96 -23.47 -0.26
N GLN I 34 74.35 -23.36 1.01
CA GLN I 34 75.63 -22.75 1.34
C GLN I 34 76.77 -23.55 0.73
N ALA I 35 76.68 -24.87 0.83
CA ALA I 35 77.71 -25.74 0.30
C ALA I 35 77.90 -25.50 -1.19
N GLY I 36 76.82 -25.16 -1.87
CA GLY I 36 76.89 -24.88 -3.30
C GLY I 36 77.13 -23.41 -3.59
N LEU I 37 76.30 -22.55 -3.00
CA LEU I 37 76.36 -21.12 -3.24
C LEU I 37 77.64 -20.48 -2.74
N ILE I 38 78.07 -20.85 -1.54
CA ILE I 38 79.31 -20.31 -1.00
C ILE I 38 80.47 -20.84 -1.84
N LYS I 39 80.37 -22.12 -2.20
CA LYS I 39 81.35 -22.76 -3.08
C LYS I 39 81.39 -22.08 -4.44
N ALA I 40 80.23 -21.56 -4.86
CA ALA I 40 80.09 -20.91 -6.15
C ALA I 40 80.80 -19.55 -6.16
N GLY I 41 81.20 -19.07 -4.99
CA GLY I 41 81.92 -17.79 -4.92
C GLY I 41 81.23 -16.78 -4.01
N ALA I 42 80.03 -17.12 -3.53
CA ALA I 42 79.32 -16.22 -2.63
C ALA I 42 79.88 -16.35 -1.22
N THR I 43 79.75 -15.29 -0.42
CA THR I 43 80.24 -15.35 0.95
C THR I 43 79.38 -14.52 1.90
N ASP I 44 79.21 -15.04 3.11
CA ASP I 44 78.47 -14.35 4.16
C ASP I 44 77.13 -13.80 3.69
N ALA I 45 76.99 -12.46 3.76
CA ALA I 45 75.75 -11.78 3.42
C ALA I 45 75.36 -12.00 1.96
N ASN I 46 76.35 -12.31 1.12
CA ASN I 46 76.09 -12.54 -0.29
C ASN I 46 75.20 -13.75 -0.47
N PHE I 47 75.17 -14.62 0.53
CA PHE I 47 74.34 -15.80 0.48
C PHE I 47 72.90 -15.38 0.22
N MET I 48 72.39 -14.50 1.06
CA MET I 48 71.02 -14.01 0.89
C MET I 48 70.90 -13.10 -0.32
N LYS I 49 71.91 -12.27 -0.54
CA LYS I 49 71.89 -11.32 -1.65
C LYS I 49 71.69 -12.02 -2.98
N VAL I 50 72.47 -13.08 -3.21
CA VAL I 50 72.40 -13.82 -4.44
C VAL I 50 71.07 -14.53 -4.57
N LEU I 51 70.60 -15.11 -3.47
CA LEU I 51 69.32 -15.80 -3.47
C LEU I 51 68.19 -14.82 -3.75
N LEU I 52 68.34 -13.59 -3.27
CA LEU I 52 67.36 -12.55 -3.55
C LEU I 52 67.37 -12.25 -5.04
N GLY I 53 68.56 -12.28 -5.65
CA GLY I 53 68.67 -12.07 -7.07
C GLY I 53 67.84 -13.12 -7.79
N LEU I 54 68.00 -14.38 -7.38
CA LEU I 54 67.22 -15.46 -7.96
C LEU I 54 65.74 -15.33 -7.68
N SER I 55 65.39 -14.85 -6.50
CA SER I 55 63.99 -14.66 -6.17
C SER I 55 63.38 -13.62 -7.08
N LEU I 56 64.17 -12.62 -7.42
CA LEU I 56 63.75 -11.58 -8.33
C LEU I 56 63.60 -12.17 -9.72
N GLU I 57 64.48 -13.10 -10.05
CA GLU I 57 64.41 -13.79 -11.33
C GLU I 57 63.19 -14.69 -11.34
N ALA I 58 62.94 -15.36 -10.22
CA ALA I 58 61.80 -16.25 -10.08
C ALA I 58 60.51 -15.47 -10.22
N PHE I 59 60.55 -14.21 -9.79
CA PHE I 59 59.42 -13.31 -9.89
C PHE I 59 59.03 -13.15 -11.36
N ASP I 60 60.04 -13.05 -12.22
CA ASP I 60 59.80 -12.92 -13.65
C ASP I 60 60.00 -14.22 -14.43
N ARG I 61 60.49 -15.26 -13.76
CA ARG I 61 60.72 -16.53 -14.46
C ARG I 61 59.99 -17.71 -13.82
N GLY I 62 60.48 -18.18 -12.70
CA GLY I 62 59.87 -19.32 -12.02
C GLY I 62 60.93 -20.31 -11.52
N SER I 63 60.51 -21.53 -11.25
CA SER I 63 61.39 -22.60 -10.76
C SER I 63 62.61 -22.82 -11.66
N SER I 64 62.57 -23.84 -12.51
CA SER I 64 63.70 -24.11 -13.40
C SER I 64 63.87 -22.97 -14.38
N GLU I 65 62.83 -22.16 -14.54
CA GLU I 65 62.90 -21.02 -15.42
C GLU I 65 63.99 -20.06 -14.96
N ALA I 66 63.96 -19.70 -13.67
CA ALA I 66 64.99 -18.83 -13.12
C ALA I 66 66.33 -19.56 -13.10
N THR I 67 66.26 -20.90 -13.01
CA THR I 67 67.47 -21.71 -13.02
C THR I 67 68.21 -21.55 -14.35
N THR I 68 67.45 -21.48 -15.44
CA THR I 68 68.04 -21.30 -16.76
C THR I 68 68.53 -19.87 -16.95
N TRP I 69 67.92 -18.93 -16.22
CA TRP I 69 68.31 -17.53 -16.34
C TRP I 69 69.74 -17.32 -15.86
N ASP I 70 70.56 -16.72 -16.72
CA ASP I 70 71.95 -16.42 -16.43
C ASP I 70 72.11 -15.03 -15.84
N GLY I 71 73.36 -14.61 -15.69
CA GLY I 71 73.66 -13.28 -15.17
C GLY I 71 74.37 -13.37 -13.83
N ILE I 72 75.54 -12.75 -13.77
CA ILE I 72 76.33 -12.76 -12.55
C ILE I 72 75.83 -11.73 -11.57
N THR I 73 75.45 -12.20 -10.39
CA THR I 73 74.97 -11.33 -9.33
C THR I 73 76.14 -10.78 -8.55
N GLU I 74 75.84 -10.13 -7.44
CA GLU I 74 76.87 -9.59 -6.58
C GLU I 74 77.78 -10.69 -6.04
N GLY I 75 77.29 -11.93 -6.04
CA GLY I 75 78.09 -13.05 -5.55
C GLY I 75 78.46 -14.03 -6.66
N VAL I 76 77.49 -14.38 -7.51
CA VAL I 76 77.75 -15.37 -8.55
C VAL I 76 76.59 -15.48 -9.55
N GLU I 77 76.86 -16.09 -10.69
CA GLU I 77 75.85 -16.32 -11.73
C GLU I 77 74.59 -16.96 -11.17
N HIS I 78 73.45 -16.46 -11.63
CA HIS I 78 72.15 -16.95 -11.18
C HIS I 78 72.05 -18.46 -11.33
N ARG I 79 72.50 -18.96 -12.47
CA ARG I 79 72.44 -20.38 -12.75
C ARG I 79 73.29 -21.17 -11.76
N ALA I 80 74.47 -20.64 -11.43
CA ALA I 80 75.36 -21.30 -10.48
C ALA I 80 74.69 -21.38 -9.12
N ALA I 81 74.06 -20.28 -8.71
CA ALA I 81 73.37 -20.24 -7.44
C ALA I 81 72.16 -21.16 -7.47
N ALA I 82 71.52 -21.22 -8.63
CA ALA I 82 70.37 -22.10 -8.81
C ALA I 82 70.79 -23.55 -8.66
N ASN I 83 72.00 -23.86 -9.11
CA ASN I 83 72.53 -25.20 -9.00
C ASN I 83 72.69 -25.56 -7.53
N ALA I 84 73.13 -24.59 -6.73
CA ALA I 84 73.30 -24.79 -5.30
C ALA I 84 71.96 -25.15 -4.66
N ILE I 85 70.91 -24.47 -5.10
CA ILE I 85 69.57 -24.74 -4.61
C ILE I 85 69.16 -26.15 -4.99
N LYS I 86 69.49 -26.54 -6.21
CA LYS I 86 69.21 -27.89 -6.69
C LYS I 86 70.02 -28.92 -5.92
N GLU I 87 71.23 -28.55 -5.51
CA GLU I 87 72.07 -29.43 -4.71
C GLU I 87 71.41 -29.72 -3.37
N ALA I 88 70.66 -28.74 -2.88
CA ALA I 88 69.92 -28.87 -1.64
C ALA I 88 68.60 -29.62 -1.83
N ASN I 89 68.35 -30.05 -3.07
CA ASN I 89 67.14 -30.77 -3.43
C ASN I 89 65.91 -29.89 -3.32
N CYS I 90 66.07 -28.60 -3.63
CA CYS I 90 64.96 -27.67 -3.59
C CYS I 90 64.81 -26.93 -4.91
N PRO I 91 63.59 -26.49 -5.20
CA PRO I 91 63.36 -25.63 -6.36
C PRO I 91 63.68 -24.20 -5.95
N ILE I 92 63.94 -23.34 -6.92
CA ILE I 92 64.22 -21.94 -6.61
C ILE I 92 63.02 -21.34 -5.89
N HIS I 93 61.83 -21.80 -6.26
CA HIS I 93 60.61 -21.35 -5.62
C HIS I 93 60.65 -21.61 -4.13
N LYS I 94 61.25 -22.72 -3.73
CA LYS I 94 61.34 -23.07 -2.31
C LYS I 94 62.08 -21.98 -1.56
N VAL I 95 63.19 -21.52 -2.12
CA VAL I 95 63.95 -20.44 -1.51
C VAL I 95 63.18 -19.12 -1.64
N THR I 96 62.57 -18.93 -2.79
CA THR I 96 61.82 -17.72 -3.08
C THR I 96 60.65 -17.57 -2.14
N TYR I 97 60.05 -18.68 -1.72
CA TYR I 97 58.93 -18.62 -0.80
C TYR I 97 59.36 -17.94 0.49
N TYR I 98 60.58 -18.23 0.93
CA TYR I 98 61.15 -17.62 2.12
C TYR I 98 61.47 -16.15 1.87
N LEU I 99 61.96 -15.86 0.67
CA LEU I 99 62.34 -14.51 0.31
C LEU I 99 61.32 -13.85 -0.61
N ALA I 100 60.06 -14.27 -0.50
CA ALA I 100 59.01 -13.75 -1.34
C ALA I 100 58.65 -12.31 -1.03
N LYS I 101 58.53 -11.99 0.25
CA LYS I 101 58.12 -10.65 0.65
C LYS I 101 59.16 -9.58 0.35
N PRO I 102 60.42 -9.83 0.71
CA PRO I 102 61.49 -8.87 0.43
C PRO I 102 61.63 -8.70 -1.07
N THR I 103 61.45 -9.79 -1.79
CA THR I 103 61.53 -9.77 -3.25
C THR I 103 60.44 -8.90 -3.84
N PHE I 104 59.22 -9.14 -3.40
CA PHE I 104 58.08 -8.36 -3.84
C PHE I 104 58.26 -6.92 -3.41
N ALA I 105 58.77 -6.74 -2.19
CA ALA I 105 59.00 -5.42 -1.62
C ALA I 105 59.96 -4.61 -2.47
N ILE I 106 60.99 -5.28 -2.98
CA ILE I 106 61.96 -4.60 -3.84
C ILE I 106 61.28 -4.07 -5.07
N ARG I 107 60.60 -4.96 -5.77
CA ARG I 107 59.92 -4.61 -7.00
C ARG I 107 58.77 -3.65 -6.78
N GLN I 108 58.12 -3.77 -5.62
CA GLN I 108 57.01 -2.88 -5.32
C GLN I 108 57.51 -1.46 -5.15
N SER I 109 58.67 -1.31 -4.54
CA SER I 109 59.28 0.00 -4.37
C SER I 109 59.88 0.51 -5.66
N LYS I 110 60.30 -0.41 -6.53
CA LYS I 110 60.89 -0.05 -7.80
C LYS I 110 59.84 -0.07 -8.92
N ASN I 111 58.61 -0.47 -8.56
CA ASN I 111 57.51 -0.53 -9.51
C ASN I 111 57.81 -1.46 -10.68
N LEU I 112 58.37 -2.63 -10.39
CA LEU I 112 58.70 -3.60 -11.42
C LEU I 112 57.76 -4.80 -11.38
N PRO I 113 56.68 -4.72 -12.16
CA PRO I 113 55.68 -5.78 -12.19
C PRO I 113 56.24 -7.04 -12.82
N PRO I 114 55.58 -8.16 -12.58
CA PRO I 114 56.05 -9.45 -13.09
C PRO I 114 56.05 -9.47 -14.61
N ALA I 115 57.15 -9.94 -15.18
CA ALA I 115 57.33 -9.99 -16.62
C ALA I 115 56.43 -11.04 -17.27
N ASN I 116 55.96 -11.99 -16.48
CA ASN I 116 55.11 -13.05 -17.00
C ASN I 116 53.64 -12.68 -16.87
N PHE I 117 53.38 -11.46 -16.43
CA PHE I 117 52.04 -10.92 -16.33
C PHE I 117 51.33 -11.03 -17.67
N ALA I 118 52.02 -10.61 -18.71
CA ALA I 118 51.51 -10.63 -20.07
C ALA I 118 51.23 -12.06 -20.52
N LYS I 119 52.18 -12.95 -20.23
CA LYS I 119 52.09 -14.34 -20.63
C LYS I 119 50.89 -15.04 -20.01
N LYS I 120 50.62 -14.69 -18.77
CA LYS I 120 49.54 -15.31 -18.02
C LYS I 120 48.19 -14.66 -18.29
N ASN I 121 48.20 -13.60 -19.09
CA ASN I 121 46.97 -12.89 -19.42
C ASN I 121 46.26 -12.39 -18.17
N VAL I 122 47.03 -12.06 -17.14
CA VAL I 122 46.46 -11.57 -15.90
C VAL I 122 45.91 -10.17 -16.10
N PRO I 123 44.67 -9.94 -15.66
CA PRO I 123 44.04 -8.62 -15.79
C PRO I 123 44.92 -7.56 -15.15
N SER I 124 44.92 -6.36 -15.75
CA SER I 124 45.72 -5.25 -15.23
C SER I 124 45.31 -4.90 -13.81
N GLN I 125 44.06 -5.19 -13.47
CA GLN I 125 43.55 -4.99 -12.13
C GLN I 125 44.36 -5.79 -11.13
N TYR I 126 44.88 -6.92 -11.60
CA TYR I 126 45.66 -7.82 -10.78
C TYR I 126 47.12 -7.89 -11.26
N LYS I 127 47.63 -6.76 -11.72
CA LYS I 127 48.99 -6.68 -12.25
C LYS I 127 50.05 -7.23 -11.30
N TRP I 128 49.87 -6.97 -10.01
CA TRP I 128 50.84 -7.43 -9.02
C TRP I 128 50.44 -8.75 -8.38
N CYS I 129 49.45 -9.42 -8.95
CA CYS I 129 49.01 -10.69 -8.41
C CYS I 129 49.71 -11.86 -9.09
N ALA I 130 50.38 -11.59 -10.20
CA ALA I 130 51.11 -12.64 -10.91
C ALA I 130 52.45 -12.91 -10.25
N PHE I 131 52.41 -13.50 -9.06
CA PHE I 131 53.61 -13.81 -8.31
C PHE I 131 53.60 -15.25 -7.83
N ASP I 132 54.48 -16.07 -8.38
CA ASP I 132 54.52 -17.50 -8.06
C ASP I 132 54.68 -17.76 -6.57
N ALA I 133 55.52 -16.97 -5.91
CA ALA I 133 55.75 -17.15 -4.49
C ALA I 133 54.89 -16.22 -3.65
N PHE I 134 53.69 -15.91 -4.14
CA PHE I 134 52.78 -15.04 -3.40
C PHE I 134 52.43 -15.60 -2.03
N ASP I 135 52.55 -16.91 -1.86
CA ASP I 135 52.24 -17.54 -0.58
C ASP I 135 53.17 -17.05 0.52
N GLY I 136 54.38 -16.64 0.12
CA GLY I 136 55.35 -16.14 1.08
C GLY I 136 54.91 -14.78 1.64
N LEU I 137 53.98 -14.14 0.96
CA LEU I 137 53.46 -12.85 1.39
C LEU I 137 52.58 -13.02 2.63
N TYR I 138 52.15 -14.25 2.86
CA TYR I 138 51.29 -14.58 3.99
C TYR I 138 52.02 -15.47 4.98
N ASP I 139 53.01 -16.20 4.48
CA ASP I 139 53.78 -17.12 5.29
C ASP I 139 54.47 -16.42 6.45
N PRO I 140 54.15 -16.85 7.67
CA PRO I 140 54.68 -16.21 8.89
C PRO I 140 56.19 -16.38 9.04
N THR I 141 56.76 -17.36 8.34
CA THR I 141 58.20 -17.59 8.44
C THR I 141 58.97 -16.85 7.36
N CYS I 142 58.24 -16.29 6.40
CA CYS I 142 58.86 -15.58 5.29
C CYS I 142 59.57 -14.30 5.77
N LEU I 143 60.77 -14.08 5.25
CA LEU I 143 61.57 -12.90 5.59
C LEU I 143 60.89 -11.63 5.10
N ALA I 144 61.11 -10.52 5.80
CA ALA I 144 60.51 -9.25 5.41
C ALA I 144 60.88 -8.14 6.37
N SER I 145 61.75 -7.24 5.91
CA SER I 145 62.18 -6.10 6.70
C SER I 145 61.20 -4.93 6.56
N GLU I 146 60.46 -4.91 5.46
CA GLU I 146 59.48 -3.86 5.18
C GLU I 146 58.83 -4.04 3.82
N LEU I 147 57.51 -4.16 3.80
CA LEU I 147 56.76 -4.31 2.57
C LEU I 147 56.04 -3.00 2.21
N PRO I 148 56.42 -2.39 1.09
CA PRO I 148 55.86 -1.10 0.65
C PRO I 148 54.35 -1.13 0.46
N TYR I 149 53.81 -2.26 0.03
CA TYR I 149 52.38 -2.38 -0.21
C TYR I 149 51.81 -3.68 0.31
N ASP I 150 50.66 -3.60 0.97
CA ASP I 150 50.01 -4.77 1.50
C ASP I 150 49.39 -5.63 0.41
N ALA I 151 50.25 -6.36 -0.30
CA ALA I 151 49.82 -7.26 -1.36
C ALA I 151 48.98 -8.39 -0.79
N PRO I 152 49.18 -8.72 0.49
CA PRO I 152 48.37 -9.75 1.14
C PRO I 152 46.87 -9.42 1.14
N SER I 153 46.51 -8.17 0.88
CA SER I 153 45.11 -7.74 0.88
C SER I 153 44.17 -8.82 0.36
N GLU I 154 43.06 -9.02 1.06
CA GLU I 154 42.10 -10.07 0.73
C GLU I 154 41.65 -10.02 -0.71
N ILE I 155 41.48 -8.82 -1.25
CA ILE I 155 41.10 -8.68 -2.64
C ILE I 155 42.19 -9.28 -3.52
N ASP I 156 43.43 -8.96 -3.17
CA ASP I 156 44.58 -9.49 -3.87
C ASP I 156 44.72 -10.98 -3.61
N ARG I 157 44.25 -11.41 -2.44
CA ARG I 157 44.30 -12.82 -2.05
C ARG I 157 43.39 -13.66 -2.92
N MET I 158 42.20 -13.13 -3.19
CA MET I 158 41.28 -13.82 -4.07
C MET I 158 41.81 -13.75 -5.49
N ALA I 159 42.50 -12.65 -5.80
CA ALA I 159 43.16 -12.51 -7.09
C ALA I 159 44.30 -13.50 -7.16
N TYR I 160 44.95 -13.74 -6.02
CA TYR I 160 46.03 -14.71 -5.93
C TYR I 160 45.45 -16.11 -6.12
N ALA I 161 44.22 -16.30 -5.66
CA ALA I 161 43.55 -17.56 -5.87
C ALA I 161 43.30 -17.74 -7.36
N THR I 162 42.90 -16.67 -8.02
CA THR I 162 42.70 -16.71 -9.46
C THR I 162 44.05 -16.99 -10.10
N PHE I 163 45.09 -16.40 -9.55
CA PHE I 163 46.45 -16.66 -9.99
C PHE I 163 46.81 -18.12 -9.77
N LYS I 164 46.32 -18.70 -8.67
CA LYS I 164 46.56 -20.10 -8.39
C LYS I 164 45.97 -20.95 -9.50
N THR I 165 44.84 -20.50 -10.06
CA THR I 165 44.24 -21.22 -11.18
C THR I 165 45.23 -21.31 -12.33
N ILE I 166 45.98 -20.24 -12.54
CA ILE I 166 47.01 -20.22 -13.57
C ILE I 166 48.04 -21.29 -13.26
N GLN I 167 48.45 -21.32 -12.00
CA GLN I 167 49.45 -22.27 -11.54
C GLN I 167 48.93 -23.68 -11.70
N ILE I 168 47.64 -23.87 -11.43
CA ILE I 168 46.98 -25.15 -11.58
C ILE I 168 46.89 -25.55 -13.04
N LYS I 169 46.52 -24.59 -13.89
CA LYS I 169 46.42 -24.83 -15.32
C LYS I 169 47.73 -25.34 -15.89
N ILE I 170 48.80 -24.63 -15.58
CA ILE I 170 50.11 -25.01 -16.08
C ILE I 170 50.49 -26.36 -15.49
N ALA I 171 50.11 -26.59 -14.24
CA ALA I 171 50.37 -27.89 -13.63
C ALA I 171 49.65 -28.97 -14.43
N ASN I 172 48.41 -28.68 -14.83
CA ASN I 172 47.67 -29.64 -15.64
C ASN I 172 48.35 -29.82 -16.99
N ASP I 173 48.96 -28.74 -17.47
CA ASP I 173 49.64 -28.75 -18.75
C ASP I 173 50.94 -29.55 -18.71
N GLN I 174 51.61 -29.55 -17.56
CA GLN I 174 52.88 -30.26 -17.45
C GLN I 174 52.87 -31.35 -16.38
N LYS I 175 52.39 -31.02 -15.19
CA LYS I 175 52.30 -31.99 -14.10
C LYS I 175 51.26 -33.05 -14.44
N GLY I 176 50.30 -32.68 -15.28
CA GLY I 176 49.25 -33.58 -15.71
C GLY I 176 49.76 -34.64 -16.68
N PHE I 177 51.02 -34.54 -17.09
CA PHE I 177 51.60 -35.53 -17.97
C PHE I 177 51.51 -36.90 -17.31
N ASN I 178 51.04 -37.88 -18.08
CA ASN I 178 50.84 -39.21 -17.54
C ASN I 178 52.10 -40.05 -17.54
N LEU I 179 52.71 -40.20 -16.37
CA LEU I 179 53.89 -41.03 -16.24
C LEU I 179 53.45 -42.48 -16.08
N ASN I 180 52.97 -43.05 -17.18
CA ASN I 180 52.45 -44.40 -17.21
C ASN I 180 53.51 -45.46 -17.43
N TYR I 181 54.76 -45.03 -17.59
CA TYR I 181 55.84 -45.99 -17.74
C TYR I 181 57.17 -45.41 -17.36
N ASN I 182 58.10 -46.28 -17.00
CA ASN I 182 59.44 -45.86 -16.69
C ASN I 182 60.41 -46.30 -17.78
N PRO I 183 60.58 -47.62 -17.96
CA PRO I 183 61.54 -48.13 -18.93
C PRO I 183 61.04 -48.07 -20.36
N ASN I 184 60.65 -46.88 -20.81
CA ASN I 184 60.21 -46.67 -22.18
C ASN I 184 59.13 -47.64 -22.64
N VAL I 185 58.11 -47.89 -21.81
CA VAL I 185 57.05 -48.79 -22.23
C VAL I 185 56.06 -48.06 -23.13
N THR I 186 56.51 -47.76 -24.34
CA THR I 186 55.69 -47.06 -25.32
C THR I 186 54.65 -47.97 -25.93
N GLN I 187 54.84 -49.27 -25.75
CA GLN I 187 53.88 -50.25 -26.24
C GLN I 187 52.58 -50.18 -25.47
N ALA I 188 52.65 -49.69 -24.24
CA ALA I 188 51.45 -49.49 -23.44
C ALA I 188 50.80 -48.18 -23.89
N ARG I 189 51.59 -47.12 -23.87
CA ARG I 189 51.17 -45.81 -24.34
C ARG I 189 52.32 -45.08 -24.99
N LEU I 190 52.09 -44.63 -26.22
CA LEU I 190 53.11 -43.96 -26.99
C LEU I 190 53.41 -42.56 -26.48
N PRO I 191 54.61 -42.08 -26.78
CA PRO I 191 55.02 -40.73 -26.39
C PRO I 191 54.07 -39.71 -26.97
N ASN I 192 53.72 -38.71 -26.17
CA ASN I 192 52.81 -37.65 -26.59
C ASN I 192 51.40 -38.15 -26.90
N ALA I 193 51.09 -39.38 -26.46
CA ALA I 193 49.74 -39.91 -26.64
C ALA I 193 48.75 -39.16 -25.75
N PRO I 194 49.22 -38.66 -24.61
CA PRO I 194 48.36 -37.90 -23.71
C PRO I 194 47.89 -36.58 -24.32
N LEU I 195 48.49 -36.16 -25.43
CA LEU I 195 48.10 -34.90 -26.05
C LEU I 195 46.62 -34.90 -26.38
N PRO I 196 45.91 -33.87 -25.94
CA PRO I 196 44.47 -33.75 -26.18
C PRO I 196 44.17 -33.74 -27.67
N ALA I 197 43.06 -34.34 -28.04
CA ALA I 197 42.64 -34.40 -29.43
C ALA I 197 42.23 -33.01 -29.91
N LEU I 198 42.33 -32.77 -31.21
CA LEU I 198 41.98 -31.49 -31.76
C LEU I 198 40.50 -31.22 -31.59
N PRO I 199 40.16 -29.98 -31.27
CA PRO I 199 38.76 -29.61 -31.03
C PRO I 199 37.92 -29.68 -32.29
N GLU I 200 36.71 -30.20 -32.15
CA GLU I 200 35.77 -30.31 -33.26
C GLU I 200 35.07 -28.99 -33.46
N PRO I 201 34.52 -28.77 -34.66
CA PRO I 201 33.78 -27.53 -34.94
C PRO I 201 32.35 -27.59 -34.41
N THR I 202 31.87 -28.79 -34.12
CA THR I 202 30.50 -28.96 -33.65
C THR I 202 30.40 -28.75 -32.14
N SER I 203 29.20 -28.44 -31.67
CA SER I 203 28.97 -28.20 -30.25
C SER I 203 28.95 -29.48 -29.44
N ASP I 204 28.73 -30.60 -30.11
CA ASP I 204 28.68 -31.89 -29.44
C ASP I 204 29.54 -32.92 -30.16
N GLN J 1 -31.31 -48.57 -31.09
CA GLN J 1 -30.29 -47.75 -30.46
C GLN J 1 -30.56 -47.61 -28.96
N PRO J 2 -30.25 -48.66 -28.20
CA PRO J 2 -30.52 -48.68 -26.76
C PRO J 2 -29.78 -47.57 -26.03
N TRP J 3 -28.64 -47.17 -26.56
CA TRP J 3 -27.85 -46.11 -25.91
C TRP J 3 -28.49 -44.75 -26.08
N GLU J 4 -29.42 -44.62 -27.04
CA GLU J 4 -30.10 -43.36 -27.27
C GLU J 4 -31.31 -43.20 -26.36
N ALA J 5 -31.68 -44.28 -25.69
CA ALA J 5 -32.84 -44.27 -24.81
C ALA J 5 -32.54 -43.56 -23.50
N ILE J 6 -33.57 -42.96 -22.92
CA ILE J 6 -33.41 -42.29 -21.63
C ILE J 6 -33.60 -43.31 -20.52
N PHE J 7 -32.61 -43.42 -19.65
CA PHE J 7 -32.64 -44.42 -18.60
C PHE J 7 -33.71 -44.14 -17.54
N THR J 8 -34.04 -42.87 -17.36
CA THR J 8 -35.04 -42.44 -16.38
C THR J 8 -34.50 -42.52 -14.95
N LYS J 9 -34.58 -41.41 -14.24
CA LYS J 9 -34.06 -41.31 -12.88
C LYS J 9 -34.67 -42.35 -11.94
N ASP J 10 -35.94 -42.66 -12.16
CA ASP J 10 -36.61 -43.67 -11.34
C ASP J 10 -35.86 -44.98 -11.38
N ASP J 11 -35.28 -45.29 -12.52
CA ASP J 11 -34.51 -46.52 -12.69
C ASP J 11 -33.11 -46.36 -12.15
N LEU J 12 -32.55 -45.15 -12.26
CA LEU J 12 -31.22 -44.89 -11.73
C LEU J 12 -31.17 -45.10 -10.23
N ALA J 13 -32.21 -44.61 -9.55
CA ALA J 13 -32.32 -44.73 -8.10
C ALA J 13 -32.56 -46.17 -7.68
N ALA J 14 -33.06 -46.98 -8.61
CA ALA J 14 -33.36 -48.37 -8.34
C ALA J 14 -32.10 -49.25 -8.40
N ILE J 15 -31.00 -48.69 -8.88
CA ILE J 15 -29.76 -49.45 -9.01
C ILE J 15 -29.11 -49.72 -7.64
N GLU J 16 -29.01 -48.69 -6.81
CA GLU J 16 -28.45 -48.83 -5.47
C GLU J 16 -27.12 -49.57 -5.47
N PRO J 17 -26.14 -49.01 -6.19
CA PRO J 17 -24.82 -49.64 -6.31
C PRO J 17 -23.98 -49.48 -5.05
N LYS J 18 -22.88 -50.21 -4.99
CA LYS J 18 -21.95 -50.14 -3.88
C LYS J 18 -20.58 -49.69 -4.38
N PRO J 19 -19.88 -48.88 -3.59
CA PRO J 19 -18.54 -48.42 -3.97
C PRO J 19 -17.63 -49.62 -4.20
N ALA J 20 -16.73 -49.51 -5.16
CA ALA J 20 -15.85 -50.63 -5.51
C ALA J 20 -14.39 -50.21 -5.51
N SER J 21 -13.82 -50.10 -4.33
CA SER J 21 -12.41 -49.74 -4.19
C SER J 21 -11.50 -50.87 -4.64
N ALA J 22 -10.38 -50.51 -5.24
CA ALA J 22 -9.41 -51.49 -5.70
C ALA J 22 -8.28 -51.65 -4.70
N ASN J 23 -8.35 -50.93 -3.58
CA ASN J 23 -7.31 -51.03 -2.57
C ASN J 23 -7.70 -52.07 -1.54
N VAL J 24 -8.71 -52.87 -1.85
CA VAL J 24 -9.13 -53.95 -0.97
C VAL J 24 -9.03 -55.26 -1.74
N PRO J 25 -8.76 -56.34 -1.02
CA PRO J 25 -8.64 -57.66 -1.65
C PRO J 25 -9.92 -58.02 -2.38
N ASN J 26 -9.79 -58.64 -3.54
CA ASN J 26 -10.94 -59.11 -4.30
C ASN J 26 -11.66 -60.17 -3.50
N THR J 27 -12.95 -60.34 -3.74
CA THR J 27 -13.72 -61.35 -3.03
C THR J 27 -13.00 -62.69 -3.06
N LYS J 28 -12.49 -63.07 -4.22
CA LYS J 28 -11.78 -64.34 -4.34
C LYS J 28 -10.46 -64.29 -3.60
N GLN J 29 -9.90 -63.10 -3.46
CA GLN J 29 -8.65 -62.92 -2.74
C GLN J 29 -8.92 -62.99 -1.25
N TRP J 30 -10.09 -62.49 -0.84
CA TRP J 30 -10.50 -62.60 0.55
C TRP J 30 -10.62 -64.07 0.89
N ILE J 31 -11.16 -64.83 -0.06
CA ILE J 31 -11.30 -66.26 0.07
C ILE J 31 -9.92 -66.91 0.09
N GLY J 32 -9.03 -66.41 -0.75
CA GLY J 32 -7.66 -66.90 -0.78
C GLY J 32 -7.01 -66.71 0.59
N ILE J 33 -7.30 -65.57 1.21
CA ILE J 33 -6.79 -65.30 2.55
C ILE J 33 -7.36 -66.32 3.52
N GLN J 34 -8.64 -66.62 3.36
CA GLN J 34 -9.28 -67.63 4.21
C GLN J 34 -8.63 -68.97 4.01
N ALA J 35 -8.35 -69.31 2.75
CA ALA J 35 -7.73 -70.59 2.43
C ALA J 35 -6.40 -70.73 3.14
N GLY J 36 -5.71 -69.61 3.31
CA GLY J 36 -4.42 -69.62 3.99
C GLY J 36 -4.56 -69.38 5.49
N LEU J 37 -5.25 -68.31 5.85
CA LEU J 37 -5.42 -67.90 7.23
C LEU J 37 -6.21 -68.90 8.06
N ILE J 38 -7.31 -69.39 7.50
CA ILE J 38 -8.10 -70.37 8.22
C ILE J 38 -7.30 -71.66 8.33
N LYS J 39 -6.60 -71.99 7.26
CA LYS J 39 -5.72 -73.14 7.22
C LYS J 39 -4.61 -73.00 8.25
N ALA J 40 -4.18 -71.75 8.46
CA ALA J 40 -3.12 -71.44 9.39
C ALA J 40 -3.54 -71.67 10.85
N GLY J 41 -4.84 -71.86 11.08
CA GLY J 41 -5.34 -72.12 12.43
C GLY J 41 -6.40 -71.12 12.88
N ALA J 42 -6.63 -70.08 12.08
CA ALA J 42 -7.63 -69.09 12.42
C ALA J 42 -9.02 -69.62 12.06
N THR J 43 -10.04 -69.14 12.75
CA THR J 43 -11.40 -69.58 12.44
C THR J 43 -12.42 -68.47 12.66
N ASP J 44 -13.43 -68.45 11.80
CA ASP J 44 -14.53 -67.50 11.89
C ASP J 44 -14.08 -66.06 12.12
N ALA J 45 -14.47 -65.50 13.27
CA ALA J 45 -14.17 -64.11 13.60
C ALA J 45 -12.68 -63.86 13.71
N ASN J 46 -11.91 -64.92 13.98
CA ASN J 46 -10.47 -64.77 14.10
C ASN J 46 -9.87 -64.33 12.77
N PHE J 47 -10.60 -64.57 11.69
CA PHE J 47 -10.14 -64.16 10.37
C PHE J 47 -9.82 -62.67 10.38
N MET J 48 -10.80 -61.88 10.79
CA MET J 48 -10.61 -60.44 10.87
C MET J 48 -9.68 -60.06 12.01
N LYS J 49 -9.81 -60.75 13.14
CA LYS J 49 -8.99 -60.44 14.30
C LYS J 49 -7.52 -60.52 13.99
N VAL J 50 -7.11 -61.60 13.33
CA VAL J 50 -5.72 -61.81 13.00
C VAL J 50 -5.26 -60.79 11.98
N LEU J 51 -6.11 -60.51 11.01
CA LEU J 51 -5.76 -59.52 9.99
C LEU J 51 -5.62 -58.15 10.61
N LEU J 52 -6.42 -57.87 11.63
CA LEU J 52 -6.30 -56.62 12.36
C LEU J 52 -4.97 -56.56 13.07
N GLY J 53 -4.53 -57.72 13.58
CA GLY J 53 -3.23 -57.80 14.21
C GLY J 53 -2.17 -57.36 13.21
N LEU J 54 -2.24 -57.91 12.00
CA LEU J 54 -1.31 -57.56 10.94
C LEU J 54 -1.44 -56.09 10.55
N SER J 55 -2.66 -55.58 10.53
CA SER J 55 -2.86 -54.18 10.17
C SER J 55 -2.19 -53.29 11.19
N LEU J 56 -2.23 -53.72 12.45
CA LEU J 56 -1.57 -53.00 13.52
C LEU J 56 -0.07 -53.10 13.34
N GLU J 57 0.39 -54.25 12.85
CA GLU J 57 1.79 -54.42 12.58
C GLU J 57 2.20 -53.58 11.39
N ALA J 58 1.33 -53.53 10.39
CA ALA J 58 1.56 -52.73 9.19
C ALA J 58 1.65 -51.27 9.55
N PHE J 59 0.90 -50.89 10.58
CA PHE J 59 0.89 -49.53 11.08
C PHE J 59 2.29 -49.15 11.52
N ASP J 60 2.97 -50.08 12.18
CA ASP J 60 4.34 -49.85 12.64
C ASP J 60 5.41 -50.48 11.73
N ARG J 61 4.99 -51.27 10.75
CA ARG J 61 5.95 -51.92 9.87
C ARG J 61 5.75 -51.59 8.40
N GLY J 62 4.73 -52.19 7.79
CA GLY J 62 4.46 -51.96 6.38
C GLY J 62 4.11 -53.27 5.66
N SER J 63 4.23 -53.26 4.33
CA SER J 63 3.94 -54.43 3.49
C SER J 63 4.72 -55.68 3.93
N SER J 64 5.80 -56.00 3.23
CA SER J 64 6.60 -57.17 3.59
C SER J 64 7.22 -57.00 4.96
N GLU J 65 7.28 -55.75 5.43
CA GLU J 65 7.81 -55.47 6.74
C GLU J 65 6.98 -56.17 7.80
N ALA J 66 5.66 -56.00 7.75
CA ALA J 66 4.78 -56.67 8.70
C ALA J 66 4.79 -58.16 8.43
N THR J 67 5.07 -58.55 7.18
CA THR J 67 5.16 -59.95 6.81
C THR J 67 6.29 -60.62 7.56
N THR J 68 7.41 -59.92 7.71
CA THR J 68 8.56 -60.46 8.44
C THR J 68 8.30 -60.44 9.94
N TRP J 69 7.44 -59.55 10.39
CA TRP J 69 7.12 -59.48 11.81
C TRP J 69 6.44 -60.74 12.31
N ASP J 70 7.02 -61.34 13.35
CA ASP J 70 6.49 -62.55 13.95
C ASP J 70 5.55 -62.24 15.11
N GLY J 71 5.14 -63.27 15.82
CA GLY J 71 4.25 -63.10 16.97
C GLY J 71 2.92 -63.78 16.72
N ILE J 72 2.55 -64.68 17.62
CA ILE J 72 1.30 -65.40 17.50
C ILE J 72 0.14 -64.56 18.00
N THR J 73 -0.82 -64.33 17.12
CA THR J 73 -2.00 -63.57 17.45
C THR J 73 -3.03 -64.47 18.08
N GLU J 74 -4.23 -63.94 18.26
CA GLU J 74 -5.32 -64.72 18.81
C GLU J 74 -5.66 -65.92 17.94
N GLY J 75 -5.27 -65.86 16.67
CA GLY J 75 -5.53 -66.97 15.76
C GLY J 75 -4.26 -67.67 15.28
N VAL J 76 -3.24 -66.89 14.92
CA VAL J 76 -2.01 -67.48 14.41
C VAL J 76 -0.89 -66.44 14.25
N GLU J 77 0.34 -66.93 14.10
CA GLU J 77 1.52 -66.09 13.88
C GLU J 77 1.29 -65.08 12.77
N HIS J 78 1.73 -63.84 12.99
CA HIS J 78 1.58 -62.77 12.03
C HIS J 78 2.14 -63.17 10.67
N ARG J 79 3.31 -63.80 10.68
CA ARG J 79 3.97 -64.22 9.46
C ARG J 79 3.13 -65.25 8.71
N ALA J 80 2.53 -66.17 9.46
CA ALA J 80 1.69 -67.20 8.85
C ALA J 80 0.48 -66.56 8.18
N ALA J 81 -0.12 -65.61 8.87
CA ALA J 81 -1.27 -64.90 8.34
C ALA J 81 -0.85 -64.06 7.13
N ALA J 82 0.35 -63.50 7.21
CA ALA J 82 0.89 -62.70 6.12
C ALA J 82 1.07 -63.57 4.89
N ASN J 83 1.45 -64.82 5.11
CA ASN J 83 1.63 -65.76 4.02
C ASN J 83 0.30 -65.99 3.32
N ALA J 84 -0.77 -66.07 4.11
CA ALA J 84 -2.11 -66.25 3.56
C ALA J 84 -2.46 -65.09 2.64
N ILE J 85 -2.10 -63.89 3.07
CA ILE J 85 -2.35 -62.70 2.28
C ILE J 85 -1.56 -62.78 0.98
N LYS J 86 -0.32 -63.25 1.08
CA LYS J 86 0.52 -63.43 -0.09
C LYS J 86 -0.05 -64.51 -1.01
N GLU J 87 -0.67 -65.53 -0.42
CA GLU J 87 -1.30 -66.59 -1.20
C GLU J 87 -2.43 -66.02 -2.04
N ALA J 88 -3.06 -64.98 -1.53
CA ALA J 88 -4.14 -64.29 -2.23
C ALA J 88 -3.59 -63.30 -3.25
N ASN J 89 -2.26 -63.23 -3.37
CA ASN J 89 -1.59 -62.33 -4.28
C ASN J 89 -1.78 -60.88 -3.89
N CYS J 90 -1.85 -60.63 -2.58
CA CYS J 90 -2.00 -59.27 -2.08
C CYS J 90 -0.91 -58.92 -1.09
N PRO J 91 -0.60 -57.64 -0.97
CA PRO J 91 0.29 -57.16 0.07
C PRO J 91 -0.50 -56.98 1.36
N ILE J 92 0.17 -56.98 2.50
CA ILE J 92 -0.54 -56.78 3.76
C ILE J 92 -1.25 -55.44 3.74
N HIS J 93 -0.62 -54.47 3.06
CA HIS J 93 -1.22 -53.15 2.92
C HIS J 93 -2.58 -53.23 2.26
N LYS J 94 -2.74 -54.15 1.32
CA LYS J 94 -4.01 -54.32 0.62
C LYS J 94 -5.11 -54.63 1.62
N VAL J 95 -4.83 -55.56 2.53
CA VAL J 95 -5.78 -55.90 3.57
C VAL J 95 -5.93 -54.75 4.56
N THR J 96 -4.79 -54.14 4.88
CA THR J 96 -4.74 -53.05 5.84
C THR J 96 -5.55 -51.86 5.35
N TYR J 97 -5.59 -51.65 4.05
CA TYR J 97 -6.36 -50.55 3.49
C TYR J 97 -7.83 -50.70 3.87
N TYR J 98 -8.31 -51.94 3.85
CA TYR J 98 -9.68 -52.25 4.24
C TYR J 98 -9.87 -52.07 5.74
N LEU J 99 -8.86 -52.48 6.50
CA LEU J 99 -8.91 -52.41 7.94
C LEU J 99 -8.08 -51.25 8.49
N ALA J 100 -7.93 -50.20 7.70
CA ALA J 100 -7.13 -49.05 8.08
C ALA J 100 -7.78 -48.24 9.21
N LYS J 101 -9.07 -47.99 9.09
CA LYS J 101 -9.76 -47.15 10.06
C LYS J 101 -9.87 -47.80 11.43
N PRO J 102 -10.30 -49.06 11.49
CA PRO J 102 -10.42 -49.76 12.76
C PRO J 102 -9.04 -49.88 13.40
N THR J 103 -8.03 -50.08 12.56
CA THR J 103 -6.65 -50.20 13.01
C THR J 103 -6.19 -48.90 13.65
N PHE J 104 -6.40 -47.81 12.93
CA PHE J 104 -6.06 -46.48 13.43
C PHE J 104 -6.88 -46.18 14.67
N ALA J 105 -8.15 -46.57 14.63
CA ALA J 105 -9.08 -46.34 15.73
C ALA J 105 -8.58 -47.01 17.00
N ILE J 106 -8.04 -48.21 16.86
CA ILE J 106 -7.51 -48.94 18.02
C ILE J 106 -6.39 -48.15 18.64
N ARG J 107 -5.40 -47.81 17.83
CA ARG J 107 -4.24 -47.08 18.30
C ARG J 107 -4.58 -45.68 18.76
N GLN J 108 -5.57 -45.08 18.12
CA GLN J 108 -5.96 -43.73 18.49
C GLN J 108 -6.55 -43.74 19.89
N SER J 109 -7.32 -44.78 20.20
CA SER J 109 -7.91 -44.92 21.53
C SER J 109 -6.88 -45.35 22.55
N LYS J 110 -5.85 -46.07 22.08
CA LYS J 110 -4.79 -46.54 22.97
C LYS J 110 -3.60 -45.58 22.94
N ASN J 111 -3.69 -44.55 22.11
CA ASN J 111 -2.64 -43.55 21.99
C ASN J 111 -1.30 -44.17 21.58
N LEU J 112 -1.35 -45.07 20.59
CA LEU J 112 -0.14 -45.73 20.12
C LEU J 112 0.25 -45.22 18.73
N PRO J 113 1.10 -44.20 18.70
CA PRO J 113 1.54 -43.60 17.44
C PRO J 113 2.40 -44.56 16.65
N PRO J 114 2.55 -44.28 15.36
CA PRO J 114 3.33 -45.16 14.47
C PRO J 114 4.79 -45.21 14.91
N ALA J 115 5.32 -46.42 14.98
CA ALA J 115 6.70 -46.64 15.41
C ALA J 115 7.70 -46.15 14.36
N ASN J 116 7.24 -46.00 13.12
CA ASN J 116 8.12 -45.55 12.05
C ASN J 116 8.08 -44.03 11.90
N PHE J 117 7.37 -43.39 12.82
CA PHE J 117 7.29 -41.93 12.87
C PHE J 117 8.68 -41.33 12.93
N ALA J 118 9.49 -41.88 13.83
CA ALA J 118 10.85 -41.45 14.03
C ALA J 118 11.69 -41.65 12.78
N LYS J 119 11.54 -42.83 12.18
CA LYS J 119 12.30 -43.21 11.00
C LYS J 119 12.03 -42.29 9.83
N LYS J 120 10.77 -41.89 9.70
CA LYS J 120 10.36 -41.05 8.60
C LYS J 120 10.60 -39.57 8.86
N ASN J 121 11.07 -39.25 10.05
CA ASN J 121 11.35 -37.87 10.42
C ASN J 121 10.12 -37.00 10.30
N VAL J 122 8.95 -37.59 10.53
CA VAL J 122 7.71 -36.86 10.45
C VAL J 122 7.58 -35.89 11.61
N PRO J 123 7.25 -34.64 11.32
CA PRO J 123 7.10 -33.63 12.36
C PRO J 123 6.10 -34.08 13.41
N SER J 124 6.36 -33.71 14.66
CA SER J 124 5.48 -34.08 15.77
C SER J 124 4.07 -33.55 15.55
N GLN J 125 3.97 -32.45 14.80
CA GLN J 125 2.69 -31.88 14.45
C GLN J 125 1.85 -32.88 13.69
N TYR J 126 2.54 -33.75 12.95
CA TYR J 126 1.90 -34.76 12.14
C TYR J 126 2.21 -36.16 12.65
N LYS J 127 2.29 -36.30 13.97
CA LYS J 127 2.62 -37.57 14.60
C LYS J 127 1.72 -38.72 14.16
N TRP J 128 0.45 -38.44 13.96
CA TRP J 128 -0.49 -39.48 13.56
C TRP J 128 -0.72 -39.51 12.05
N CYS J 129 0.14 -38.81 11.31
CA CYS J 129 0.00 -38.79 9.86
C CYS J 129 0.88 -39.86 9.21
N ALA J 130 1.79 -40.43 9.99
CA ALA J 130 2.66 -41.46 9.46
C ALA J 130 1.94 -42.81 9.43
N PHE J 131 0.96 -42.93 8.54
CA PHE J 131 0.18 -44.15 8.41
C PHE J 131 0.11 -44.59 6.96
N ASP J 132 0.76 -45.71 6.63
CA ASP J 132 0.81 -46.21 5.27
C ASP J 132 -0.56 -46.40 4.64
N ALA J 133 -1.50 -46.92 5.42
CA ALA J 133 -2.84 -47.16 4.92
C ALA J 133 -3.79 -46.02 5.26
N PHE J 134 -3.26 -44.80 5.32
CA PHE J 134 -4.09 -43.63 5.62
C PHE J 134 -5.22 -43.45 4.61
N ASP J 135 -5.05 -43.99 3.41
CA ASP J 135 -6.06 -43.86 2.37
C ASP J 135 -7.35 -44.56 2.79
N GLY J 136 -7.23 -45.58 3.64
CA GLY J 136 -8.39 -46.31 4.12
C GLY J 136 -9.23 -45.44 5.04
N LEU J 137 -8.64 -44.36 5.55
CA LEU J 137 -9.34 -43.44 6.43
C LEU J 137 -10.37 -42.64 5.66
N TYR J 138 -10.21 -42.61 4.33
CA TYR J 138 -11.11 -41.89 3.46
C TYR J 138 -11.91 -42.85 2.59
N ASP J 139 -11.35 -44.03 2.37
CA ASP J 139 -11.97 -45.04 1.52
C ASP J 139 -13.35 -45.43 2.04
N PRO J 140 -14.37 -45.22 1.20
CA PRO J 140 -15.77 -45.49 1.59
C PRO J 140 -16.04 -46.97 1.86
N THR J 141 -15.19 -47.85 1.34
CA THR J 141 -15.39 -49.28 1.54
C THR J 141 -14.63 -49.80 2.76
N CYS J 142 -13.78 -48.95 3.32
CA CYS J 142 -12.99 -49.35 4.48
C CYS J 142 -13.85 -49.58 5.71
N LEU J 143 -13.56 -50.65 6.43
CA LEU J 143 -14.29 -51.02 7.65
C LEU J 143 -14.08 -49.98 8.74
N ALA J 144 -15.08 -49.80 9.60
CA ALA J 144 -14.96 -48.83 10.69
C ALA J 144 -16.22 -48.79 11.54
N SER J 145 -16.12 -49.34 12.76
CA SER J 145 -17.23 -49.34 13.69
C SER J 145 -17.29 -48.05 14.48
N GLU J 146 -16.14 -47.37 14.61
CA GLU J 146 -16.05 -46.11 15.34
C GLU J 146 -14.61 -45.59 15.36
N LEU J 147 -14.42 -44.38 14.86
CA LEU J 147 -13.10 -43.75 14.86
C LEU J 147 -13.03 -42.66 15.92
N PRO J 148 -12.17 -42.85 16.92
CA PRO J 148 -12.02 -41.90 18.04
C PRO J 148 -11.64 -40.49 17.61
N TYR J 149 -10.87 -40.37 16.54
CA TYR J 149 -10.45 -39.06 16.07
C TYR J 149 -10.53 -38.93 14.57
N ASP J 150 -11.05 -37.80 14.11
CA ASP J 150 -11.18 -37.56 12.68
C ASP J 150 -9.83 -37.27 12.04
N ALA J 151 -9.06 -38.33 11.84
CA ALA J 151 -7.76 -38.25 11.19
C ALA J 151 -7.90 -37.82 9.74
N PRO J 152 -9.07 -38.08 9.15
CA PRO J 152 -9.31 -37.63 7.77
C PRO J 152 -9.22 -36.10 7.61
N SER J 153 -9.27 -35.36 8.72
CA SER J 153 -9.22 -33.90 8.68
C SER J 153 -8.32 -33.39 7.56
N GLU J 154 -8.82 -32.38 6.84
CA GLU J 154 -8.11 -31.82 5.69
C GLU J 154 -6.69 -31.41 6.01
N ILE J 155 -6.46 -30.87 7.20
CA ILE J 155 -5.12 -30.51 7.61
C ILE J 155 -4.26 -31.75 7.66
N ASP J 156 -4.82 -32.82 8.22
CA ASP J 156 -4.14 -34.10 8.29
C ASP J 156 -4.02 -34.70 6.90
N ARG J 157 -4.97 -34.37 6.03
CA ARG J 157 -4.98 -34.87 4.66
C ARG J 157 -3.82 -34.30 3.88
N MET J 158 -3.56 -33.02 4.06
CA MET J 158 -2.41 -32.39 3.41
C MET J 158 -1.14 -32.90 4.06
N ALA J 159 -1.22 -33.20 5.35
CA ALA J 159 -0.10 -33.81 6.05
C ALA J 159 0.10 -35.22 5.52
N TYR J 160 -1.01 -35.88 5.17
CA TYR J 160 -0.95 -37.22 4.59
C TYR J 160 -0.35 -37.13 3.21
N ALA J 161 -0.59 -36.02 2.52
CA ALA J 161 0.03 -35.80 1.22
C ALA J 161 1.53 -35.66 1.42
N THR J 162 1.92 -34.94 2.46
CA THR J 162 3.33 -34.82 2.79
C THR J 162 3.87 -36.20 3.12
N PHE J 163 3.06 -36.98 3.81
CA PHE J 163 3.39 -38.36 4.12
C PHE J 163 3.53 -39.17 2.83
N LYS J 164 2.67 -38.86 1.85
CA LYS J 164 2.75 -39.54 0.56
C LYS J 164 4.12 -39.28 -0.06
N THR J 165 4.67 -38.09 0.16
CA THR J 165 5.99 -37.77 -0.34
C THR J 165 7.00 -38.78 0.20
N ILE J 166 6.83 -39.14 1.47
CA ILE J 166 7.69 -40.14 2.09
C ILE J 166 7.56 -41.44 1.35
N GLN J 167 6.32 -41.82 1.08
CA GLN J 167 6.01 -43.05 0.39
C GLN J 167 6.60 -43.03 -1.01
N ILE J 168 6.54 -41.86 -1.65
CA ILE J 168 7.10 -41.66 -2.97
C ILE J 168 8.62 -41.74 -2.94
N LYS J 169 9.21 -41.10 -1.94
CA LYS J 169 10.66 -41.13 -1.78
C LYS J 169 11.17 -42.55 -1.67
N ILE J 170 10.57 -43.32 -0.79
CA ILE J 170 10.99 -44.69 -0.59
C ILE J 170 10.75 -45.48 -1.87
N ALA J 171 9.66 -45.17 -2.55
CA ALA J 171 9.39 -45.80 -3.83
C ALA J 171 10.52 -45.50 -4.79
N ASN J 172 10.97 -44.25 -4.81
CA ASN J 172 12.08 -43.88 -5.66
C ASN J 172 13.34 -44.61 -5.23
N ASP J 173 13.45 -44.86 -3.93
CA ASP J 173 14.60 -45.53 -3.36
C ASP J 173 14.61 -47.03 -3.70
N GLN J 174 13.44 -47.63 -3.82
CA GLN J 174 13.37 -49.06 -4.11
C GLN J 174 12.64 -49.37 -5.42
N LYS J 175 11.47 -48.77 -5.61
CA LYS J 175 10.69 -48.97 -6.83
C LYS J 175 11.43 -48.35 -8.01
N GLY J 176 12.24 -47.34 -7.73
CA GLY J 176 13.01 -46.65 -8.74
C GLY J 176 14.16 -47.51 -9.28
N PHE J 177 14.38 -48.68 -8.68
CA PHE J 177 15.42 -49.58 -9.14
C PHE J 177 15.17 -49.92 -10.60
N ASN J 178 16.20 -49.81 -11.41
CA ASN J 178 16.07 -50.04 -12.84
C ASN J 178 16.14 -51.51 -13.22
N LEU J 179 14.99 -52.10 -13.50
CA LEU J 179 14.95 -53.49 -13.94
C LEU J 179 15.22 -53.53 -15.44
N ASN J 180 16.49 -53.30 -15.78
CA ASN J 180 16.92 -53.24 -17.16
C ASN J 180 17.29 -54.60 -17.74
N TYR J 181 17.19 -55.65 -16.92
CA TYR J 181 17.47 -56.97 -17.42
C TYR J 181 16.78 -58.03 -16.59
N ASN J 182 16.56 -59.19 -17.20
CA ASN J 182 15.99 -60.32 -16.50
C ASN J 182 17.04 -61.40 -16.30
N PRO J 183 17.55 -61.99 -17.39
CA PRO J 183 18.49 -63.10 -17.28
C PRO J 183 19.91 -62.64 -16.96
N ASN J 184 20.06 -61.90 -15.87
CA ASN J 184 21.38 -61.44 -15.42
C ASN J 184 22.20 -60.75 -16.50
N VAL J 185 21.59 -59.86 -17.27
CA VAL J 185 22.36 -59.14 -18.29
C VAL J 185 23.14 -57.99 -17.67
N THR J 186 24.17 -58.36 -16.92
CA THR J 186 25.02 -57.38 -16.24
C THR J 186 25.97 -56.71 -17.22
N GLN J 187 26.12 -57.31 -18.39
CA GLN J 187 26.96 -56.74 -19.43
C GLN J 187 26.34 -55.46 -19.98
N ALA J 188 25.03 -55.33 -19.86
CA ALA J 188 24.36 -54.11 -20.28
C ALA J 188 24.52 -53.09 -19.17
N ARG J 189 24.12 -53.49 -17.96
CA ARG J 189 24.28 -52.68 -16.78
C ARG J 189 24.58 -53.54 -15.57
N LEU J 190 25.66 -53.22 -14.88
CA LEU J 190 26.11 -53.98 -13.73
C LEU J 190 25.21 -53.79 -12.52
N PRO J 191 25.22 -54.78 -11.63
CA PRO J 191 24.44 -54.72 -10.39
C PRO J 191 24.85 -53.50 -9.59
N ASN J 192 23.86 -52.82 -9.02
CA ASN J 192 24.08 -51.63 -8.22
C ASN J 192 24.68 -50.47 -9.01
N ALA J 193 24.62 -50.56 -10.34
CA ALA J 193 25.09 -49.47 -11.19
C ALA J 193 24.16 -48.26 -11.07
N PRO J 194 22.88 -48.52 -10.79
CA PRO J 194 21.91 -47.43 -10.63
C PRO J 194 22.20 -46.58 -9.39
N LEU J 195 23.08 -47.04 -8.51
CA LEU J 195 23.38 -46.27 -7.31
C LEU J 195 23.88 -44.88 -7.67
N PRO J 196 23.26 -43.86 -7.08
CA PRO J 196 23.64 -42.47 -7.32
C PRO J 196 25.10 -42.22 -6.97
N ALA J 197 25.75 -41.38 -7.77
CA ALA J 197 27.14 -41.03 -7.54
C ALA J 197 27.27 -40.21 -6.26
N LEU J 198 28.45 -40.27 -5.65
CA LEU J 198 28.68 -39.52 -4.42
C LEU J 198 28.61 -38.03 -4.68
N PRO J 199 28.02 -37.29 -3.76
CA PRO J 199 27.85 -35.85 -3.91
C PRO J 199 29.19 -35.12 -3.87
N GLU J 200 29.33 -34.14 -4.75
CA GLU J 200 30.53 -33.32 -4.82
C GLU J 200 30.46 -32.22 -3.77
N PRO J 201 31.61 -31.67 -3.39
CA PRO J 201 31.63 -30.58 -2.42
C PRO J 201 31.31 -29.23 -3.06
N THR J 202 31.41 -29.15 -4.38
CA THR J 202 31.16 -27.90 -5.09
C THR J 202 29.67 -27.70 -5.36
N SER J 203 29.28 -26.45 -5.59
CA SER J 203 27.90 -26.11 -5.84
C SER J 203 27.45 -26.50 -7.24
N ASP J 204 28.43 -26.67 -8.14
CA ASP J 204 28.13 -27.02 -9.52
C ASP J 204 28.99 -28.19 -9.98
N GLN K 1 -33.23 12.15 -47.25
CA GLN K 1 -32.74 12.21 -45.88
C GLN K 1 -33.87 12.02 -44.88
N PRO K 2 -34.30 10.77 -44.71
CA PRO K 2 -35.43 10.45 -43.83
C PRO K 2 -35.16 10.86 -42.39
N TRP K 3 -33.89 10.86 -41.99
CA TRP K 3 -33.53 11.22 -40.63
C TRP K 3 -33.66 12.71 -40.38
N GLU K 4 -33.74 13.50 -41.45
CA GLU K 4 -33.88 14.94 -41.33
C GLU K 4 -35.34 15.34 -41.19
N ALA K 5 -36.24 14.39 -41.44
CA ALA K 5 -37.66 14.66 -41.38
C ALA K 5 -38.14 14.74 -39.94
N ILE K 6 -39.18 15.54 -39.73
CA ILE K 6 -39.78 15.66 -38.40
C ILE K 6 -40.81 14.56 -38.21
N PHE K 7 -40.64 13.77 -37.17
CA PHE K 7 -41.51 12.63 -36.93
C PHE K 7 -42.93 13.03 -36.56
N THR K 8 -43.08 14.21 -35.95
CA THR K 8 -44.39 14.73 -35.54
C THR K 8 -44.91 14.00 -34.29
N LYS K 9 -45.24 14.78 -33.27
CA LYS K 9 -45.69 14.24 -31.99
C LYS K 9 -46.93 13.35 -32.14
N ASP K 10 -47.79 13.69 -33.09
CA ASP K 10 -48.99 12.91 -33.34
C ASP K 10 -48.62 11.47 -33.66
N ASP K 11 -47.51 11.28 -34.33
CA ASP K 11 -47.04 9.96 -34.69
C ASP K 11 -46.30 9.31 -33.53
N LEU K 12 -45.61 10.13 -32.73
CA LEU K 12 -44.89 9.61 -31.57
C LEU K 12 -45.87 8.98 -30.58
N ALA K 13 -46.99 9.65 -30.36
CA ALA K 13 -48.02 9.17 -29.44
C ALA K 13 -48.72 7.93 -29.98
N ALA K 14 -48.64 7.73 -31.29
CA ALA K 14 -49.27 6.59 -31.94
C ALA K 14 -48.43 5.32 -31.81
N ILE K 15 -47.20 5.46 -31.32
CA ILE K 15 -46.32 4.30 -31.18
C ILE K 15 -46.76 3.39 -30.04
N GLU K 16 -47.04 3.98 -28.88
CA GLU K 16 -47.49 3.22 -27.71
C GLU K 16 -46.62 2.00 -27.42
N PRO K 17 -45.34 2.25 -27.18
CA PRO K 17 -44.38 1.17 -26.93
C PRO K 17 -44.52 0.58 -25.53
N LYS K 18 -43.85 -0.55 -25.32
CA LYS K 18 -43.86 -1.22 -24.03
C LYS K 18 -42.43 -1.29 -23.49
N PRO K 19 -42.27 -1.14 -22.17
CA PRO K 19 -40.94 -1.23 -21.56
C PRO K 19 -40.32 -2.59 -21.87
N ALA K 20 -39.01 -2.61 -22.06
CA ALA K 20 -38.31 -3.84 -22.43
C ALA K 20 -37.14 -4.13 -21.51
N SER K 21 -37.46 -4.63 -20.31
CA SER K 21 -36.44 -4.99 -19.35
C SER K 21 -35.65 -6.22 -19.79
N ALA K 22 -34.36 -6.22 -19.49
CA ALA K 22 -33.51 -7.37 -19.82
C ALA K 22 -33.32 -8.29 -18.63
N ASN K 23 -33.97 -7.96 -17.51
CA ASN K 23 -33.85 -8.81 -16.33
C ASN K 23 -34.99 -9.82 -16.30
N VAL K 24 -35.68 -9.95 -17.42
CA VAL K 24 -36.74 -10.95 -17.55
C VAL K 24 -36.39 -11.89 -18.69
N PRO K 25 -36.83 -13.13 -18.59
CA PRO K 25 -36.57 -14.11 -19.64
C PRO K 25 -37.13 -13.64 -20.97
N ASN K 26 -36.39 -13.90 -22.04
CA ASN K 26 -36.85 -13.56 -23.38
C ASN K 26 -38.07 -14.38 -23.71
N THR K 27 -38.93 -13.88 -24.59
CA THR K 27 -40.13 -14.61 -24.97
C THR K 27 -39.80 -16.05 -25.30
N LYS K 28 -38.74 -16.27 -26.07
CA LYS K 28 -38.34 -17.62 -26.44
C LYS K 28 -37.82 -18.38 -25.24
N GLN K 29 -37.27 -17.65 -24.26
CA GLN K 29 -36.78 -18.26 -23.05
C GLN K 29 -37.95 -18.64 -22.16
N TRP K 30 -39.00 -17.81 -22.18
CA TRP K 30 -40.21 -18.14 -21.45
C TRP K 30 -40.77 -19.43 -22.01
N ILE K 31 -40.70 -19.56 -23.33
CA ILE K 31 -41.13 -20.76 -24.02
C ILE K 31 -40.22 -21.92 -23.65
N GLY K 32 -38.92 -21.64 -23.55
CA GLY K 32 -37.96 -22.65 -23.15
C GLY K 32 -38.32 -23.17 -21.76
N ILE K 33 -38.73 -22.26 -20.90
CA ILE K 33 -39.16 -22.64 -19.55
C ILE K 33 -40.38 -23.53 -19.65
N GLN K 34 -41.31 -23.19 -20.56
CA GLN K 34 -42.48 -24.00 -20.77
C GLN K 34 -42.10 -25.38 -21.25
N ALA K 35 -41.15 -25.42 -22.19
CA ALA K 35 -40.69 -26.68 -22.75
C ALA K 35 -40.17 -27.59 -21.65
N GLY K 36 -39.57 -27.00 -20.63
CA GLY K 36 -39.04 -27.78 -19.52
C GLY K 36 -40.06 -27.95 -18.40
N LEU K 37 -40.64 -26.83 -17.95
CA LEU K 37 -41.57 -26.82 -16.83
C LEU K 37 -42.86 -27.55 -17.14
N ILE K 38 -43.41 -27.33 -18.32
CA ILE K 38 -44.63 -28.02 -18.69
C ILE K 38 -44.32 -29.50 -18.87
N LYS K 39 -43.16 -29.77 -19.45
CA LYS K 39 -42.68 -31.14 -19.61
C LYS K 39 -42.47 -31.80 -18.27
N ALA K 40 -42.10 -30.99 -17.28
CA ALA K 40 -41.83 -31.46 -15.93
C ALA K 40 -43.11 -31.89 -15.22
N GLY K 41 -44.26 -31.55 -15.80
CA GLY K 41 -45.54 -31.95 -15.20
C GLY K 41 -46.45 -30.76 -14.91
N ALA K 42 -45.94 -29.55 -15.08
CA ALA K 42 -46.75 -28.36 -14.84
C ALA K 42 -47.65 -28.09 -16.04
N THR K 43 -48.78 -27.44 -15.82
CA THR K 43 -49.67 -27.13 -16.91
C THR K 43 -50.39 -25.81 -16.72
N ASP K 44 -50.58 -25.08 -17.81
CA ASP K 44 -51.31 -23.82 -17.82
C ASP K 44 -50.88 -22.86 -16.71
N ALA K 45 -51.80 -22.54 -15.81
CA ALA K 45 -51.56 -21.60 -14.72
C ALA K 45 -50.47 -22.07 -13.78
N ASN K 46 -50.24 -23.38 -13.75
CA ASN K 46 -49.20 -23.93 -12.88
C ASN K 46 -47.84 -23.45 -13.31
N PHE K 47 -47.74 -23.01 -14.56
CA PHE K 47 -46.48 -22.48 -15.06
C PHE K 47 -46.00 -21.35 -14.16
N MET K 48 -46.86 -20.37 -13.95
CA MET K 48 -46.53 -19.25 -13.08
C MET K 48 -46.48 -19.67 -11.63
N LYS K 49 -47.42 -20.52 -11.23
CA LYS K 49 -47.50 -20.97 -9.84
C LYS K 49 -46.20 -21.59 -9.37
N VAL K 50 -45.67 -22.51 -10.19
CA VAL K 50 -44.44 -23.19 -9.84
C VAL K 50 -43.27 -22.23 -9.83
N LEU K 51 -43.23 -21.33 -10.80
CA LEU K 51 -42.16 -20.35 -10.87
C LEU K 51 -42.22 -19.43 -9.67
N LEU K 52 -43.43 -19.14 -9.19
CA LEU K 52 -43.59 -18.34 -7.99
C LEU K 52 -43.03 -19.08 -6.80
N GLY K 53 -43.22 -20.40 -6.80
CA GLY K 53 -42.66 -21.23 -5.75
C GLY K 53 -41.16 -21.04 -5.72
N LEU K 54 -40.53 -21.12 -6.88
CA LEU K 54 -39.09 -20.92 -7.00
C LEU K 54 -38.68 -19.51 -6.62
N SER K 55 -39.50 -18.52 -6.98
CA SER K 55 -39.19 -17.14 -6.63
C SER K 55 -39.19 -16.98 -5.13
N LEU K 56 -40.09 -17.70 -4.47
CA LEU K 56 -40.16 -17.69 -3.02
C LEU K 56 -38.94 -18.38 -2.46
N GLU K 57 -38.48 -19.41 -3.16
CA GLU K 57 -37.28 -20.10 -2.74
C GLU K 57 -36.07 -19.22 -2.96
N ALA K 58 -36.07 -18.50 -4.08
CA ALA K 58 -35.00 -17.58 -4.42
C ALA K 58 -34.92 -16.48 -3.40
N PHE K 59 -36.07 -16.12 -2.84
CA PHE K 59 -36.17 -15.11 -1.81
C PHE K 59 -35.33 -15.53 -0.61
N ASP K 60 -35.39 -16.82 -0.27
CA ASP K 60 -34.63 -17.37 0.84
C ASP K 60 -33.36 -18.10 0.40
N ARG K 61 -33.18 -18.30 -0.90
CA ARG K 61 -32.00 -19.02 -1.38
C ARG K 61 -31.15 -18.22 -2.36
N GLY K 62 -31.63 -18.10 -3.59
CA GLY K 62 -30.90 -17.38 -4.63
C GLY K 62 -30.91 -18.13 -5.95
N SER K 63 -29.99 -17.79 -6.84
CA SER K 63 -29.86 -18.41 -8.17
C SER K 63 -29.78 -19.94 -8.09
N SER K 64 -28.57 -20.49 -8.21
CA SER K 64 -28.40 -21.93 -8.16
C SER K 64 -28.77 -22.45 -6.78
N GLU K 65 -28.82 -21.56 -5.80
CA GLU K 65 -29.21 -21.94 -4.46
C GLU K 65 -30.64 -22.48 -4.46
N ALA K 66 -31.56 -21.74 -5.06
CA ALA K 66 -32.94 -22.19 -5.16
C ALA K 66 -33.01 -23.40 -6.09
N THR K 67 -32.07 -23.47 -7.03
CA THR K 67 -32.00 -24.60 -7.96
C THR K 67 -31.75 -25.89 -7.19
N THR K 68 -30.88 -25.82 -6.19
CA THR K 68 -30.58 -27.00 -5.38
C THR K 68 -31.72 -27.32 -4.43
N TRP K 69 -32.52 -26.30 -4.08
CA TRP K 69 -33.65 -26.52 -3.19
C TRP K 69 -34.69 -27.44 -3.80
N ASP K 70 -35.02 -28.50 -3.08
CA ASP K 70 -36.01 -29.48 -3.50
C ASP K 70 -37.40 -29.13 -3.00
N GLY K 71 -38.35 -30.04 -3.21
CA GLY K 71 -39.71 -29.83 -2.75
C GLY K 71 -40.66 -29.75 -3.91
N ILE K 72 -41.67 -30.61 -3.90
CA ILE K 72 -42.66 -30.64 -4.96
C ILE K 72 -43.71 -29.56 -4.77
N THR K 73 -43.82 -28.69 -5.75
CA THR K 73 -44.79 -27.61 -5.71
C THR K 73 -46.12 -28.11 -6.23
N GLU K 74 -47.05 -27.19 -6.42
CA GLU K 74 -48.36 -27.53 -6.95
C GLU K 74 -48.25 -28.15 -8.34
N GLY K 75 -47.13 -27.90 -9.03
CA GLY K 75 -46.94 -28.46 -10.36
C GLY K 75 -45.80 -29.47 -10.42
N VAL K 76 -44.67 -29.16 -9.78
CA VAL K 76 -43.52 -30.05 -9.85
C VAL K 76 -42.40 -29.62 -8.88
N GLU K 77 -41.46 -30.53 -8.63
CA GLU K 77 -40.31 -30.27 -7.78
C GLU K 77 -39.58 -28.98 -8.19
N HIS K 78 -39.19 -28.20 -7.18
CA HIS K 78 -38.50 -26.94 -7.41
C HIS K 78 -37.29 -27.13 -8.30
N ARG K 79 -36.52 -28.18 -8.03
CA ARG K 79 -35.32 -28.47 -8.80
C ARG K 79 -35.65 -28.76 -10.25
N ALA K 80 -36.73 -29.49 -10.47
CA ALA K 80 -37.15 -29.83 -11.83
C ALA K 80 -37.53 -28.56 -12.59
N ALA K 81 -38.25 -27.67 -11.91
CA ALA K 81 -38.64 -26.41 -12.51
C ALA K 81 -37.43 -25.54 -12.74
N ALA K 82 -36.48 -25.62 -11.82
CA ALA K 82 -35.25 -24.86 -11.93
C ALA K 82 -34.47 -25.31 -13.14
N ASN K 83 -34.54 -26.61 -13.42
CA ASN K 83 -33.86 -27.17 -14.58
C ASN K 83 -34.45 -26.57 -15.85
N ALA K 84 -35.77 -26.40 -15.86
CA ALA K 84 -36.45 -25.81 -16.99
C ALA K 84 -35.95 -24.40 -17.24
N ILE K 85 -35.74 -23.66 -16.16
CA ILE K 85 -35.22 -22.31 -16.26
C ILE K 85 -33.81 -22.35 -16.84
N LYS K 86 -33.02 -23.33 -16.38
CA LYS K 86 -31.67 -23.51 -16.90
C LYS K 86 -31.70 -23.92 -18.37
N GLU K 87 -32.72 -24.67 -18.76
CA GLU K 87 -32.86 -25.06 -20.16
C GLU K 87 -33.08 -23.84 -21.03
N ALA K 88 -33.71 -22.82 -20.46
CA ALA K 88 -33.96 -21.56 -21.15
C ALA K 88 -32.72 -20.66 -21.11
N ASN K 89 -31.64 -21.15 -20.50
CA ASN K 89 -30.38 -20.42 -20.38
C ASN K 89 -30.54 -19.21 -19.47
N CYS K 90 -31.38 -19.35 -18.44
CA CYS K 90 -31.59 -18.28 -17.48
C CYS K 90 -31.34 -18.75 -16.05
N PRO K 91 -30.97 -17.83 -15.18
CA PRO K 91 -30.88 -18.12 -13.76
C PRO K 91 -32.27 -17.99 -13.15
N ILE K 92 -32.50 -18.63 -12.00
CA ILE K 92 -33.79 -18.51 -11.35
C ILE K 92 -34.07 -17.05 -11.05
N HIS K 93 -33.03 -16.30 -10.74
CA HIS K 93 -33.15 -14.89 -10.47
C HIS K 93 -33.77 -14.16 -11.66
N LYS K 94 -33.44 -14.61 -12.87
CA LYS K 94 -33.98 -13.98 -14.07
C LYS K 94 -35.50 -14.05 -14.06
N VAL K 95 -36.02 -15.22 -13.73
CA VAL K 95 -37.46 -15.40 -13.64
C VAL K 95 -38.00 -14.65 -12.43
N THR K 96 -37.26 -14.73 -11.33
CA THR K 96 -37.64 -14.09 -10.08
C THR K 96 -37.74 -12.59 -10.23
N TYR K 97 -36.90 -12.01 -11.08
CA TYR K 97 -36.93 -10.57 -11.31
C TYR K 97 -38.30 -10.17 -11.83
N TYR K 98 -38.86 -10.99 -12.70
CA TYR K 98 -40.18 -10.77 -13.25
C TYR K 98 -41.25 -10.98 -12.20
N LEU K 99 -41.05 -11.99 -11.35
CA LEU K 99 -42.00 -12.33 -10.32
C LEU K 99 -41.53 -11.88 -8.94
N ALA K 100 -40.74 -10.81 -8.90
CA ALA K 100 -40.19 -10.30 -7.65
C ALA K 100 -41.25 -9.66 -6.77
N LYS K 101 -42.10 -8.83 -7.37
CA LYS K 101 -43.10 -8.11 -6.60
C LYS K 101 -44.17 -9.01 -6.00
N PRO K 102 -44.74 -9.90 -6.81
CA PRO K 102 -45.76 -10.82 -6.30
C PRO K 102 -45.16 -11.71 -5.23
N THR K 103 -43.90 -12.08 -5.43
CA THR K 103 -43.19 -12.92 -4.48
C THR K 103 -43.02 -12.20 -3.16
N PHE K 104 -42.54 -10.98 -3.23
CA PHE K 104 -42.36 -10.15 -2.04
C PHE K 104 -43.71 -9.89 -1.41
N ALA K 105 -44.71 -9.65 -2.26
CA ALA K 105 -46.07 -9.36 -1.82
C ALA K 105 -46.62 -10.53 -1.00
N ILE K 106 -46.33 -11.74 -1.44
CA ILE K 106 -46.80 -12.92 -0.72
C ILE K 106 -46.22 -12.94 0.68
N ARG K 107 -44.90 -12.85 0.76
CA ARG K 107 -44.21 -12.89 2.03
C ARG K 107 -44.52 -11.67 2.88
N GLN K 108 -44.75 -10.54 2.24
CA GLN K 108 -45.05 -9.33 2.99
C GLN K 108 -46.39 -9.48 3.69
N SER K 109 -47.34 -10.12 3.02
CA SER K 109 -48.65 -10.36 3.60
C SER K 109 -48.60 -11.48 4.62
N LYS K 110 -47.66 -12.41 4.44
CA LYS K 110 -47.51 -13.53 5.35
C LYS K 110 -46.43 -13.24 6.40
N ASN K 111 -45.80 -12.08 6.28
CA ASN K 111 -44.76 -11.66 7.22
C ASN K 111 -43.61 -12.65 7.27
N LEU K 112 -43.16 -13.11 6.10
CA LEU K 112 -42.06 -14.06 6.02
C LEU K 112 -40.80 -13.41 5.47
N PRO K 113 -39.96 -12.91 6.38
CA PRO K 113 -38.73 -12.20 6.00
C PRO K 113 -37.74 -13.18 5.39
N PRO K 114 -36.76 -12.64 4.67
CA PRO K 114 -35.76 -13.46 3.99
C PRO K 114 -34.95 -14.27 4.99
N ALA K 115 -34.80 -15.56 4.70
CA ALA K 115 -34.07 -16.48 5.57
C ALA K 115 -32.58 -16.19 5.57
N ASN K 116 -32.09 -15.51 4.54
CA ASN K 116 -30.68 -15.20 4.43
C ASN K 116 -30.36 -13.85 5.07
N PHE K 117 -31.37 -13.25 5.69
CA PHE K 117 -31.21 -11.99 6.41
C PHE K 117 -30.11 -12.12 7.44
N ALA K 118 -30.17 -13.20 8.21
CA ALA K 118 -29.20 -13.49 9.24
C ALA K 118 -27.81 -13.67 8.66
N LYS K 119 -27.73 -14.43 7.57
CA LYS K 119 -26.48 -14.75 6.92
C LYS K 119 -25.77 -13.51 6.40
N LYS K 120 -26.56 -12.58 5.89
CA LYS K 120 -26.03 -11.35 5.32
C LYS K 120 -25.77 -10.29 6.36
N ASN K 121 -26.12 -10.57 7.62
CA ASN K 121 -25.91 -9.63 8.70
C ASN K 121 -26.61 -8.30 8.44
N VAL K 122 -27.74 -8.36 7.74
CA VAL K 122 -28.50 -7.17 7.42
C VAL K 122 -29.15 -6.63 8.68
N PRO K 123 -29.01 -5.33 8.93
CA PRO K 123 -29.61 -4.71 10.11
C PRO K 123 -31.11 -4.97 10.13
N SER K 124 -31.67 -5.12 11.33
CA SER K 124 -33.09 -5.38 11.50
C SER K 124 -33.91 -4.24 10.92
N GLN K 125 -33.32 -3.05 10.89
CA GLN K 125 -33.95 -1.88 10.30
C GLN K 125 -34.27 -2.15 8.83
N TYR K 126 -33.44 -2.98 8.22
CA TYR K 126 -33.57 -3.32 6.81
C TYR K 126 -33.90 -4.79 6.64
N LYS K 127 -34.71 -5.32 7.54
CA LYS K 127 -35.07 -6.74 7.52
C LYS K 127 -35.66 -7.20 6.20
N TRP K 128 -36.44 -6.34 5.56
CA TRP K 128 -37.07 -6.68 4.29
C TRP K 128 -36.28 -6.18 3.09
N CYS K 129 -35.06 -5.74 3.33
CA CYS K 129 -34.22 -5.25 2.26
C CYS K 129 -33.33 -6.34 1.68
N ALA K 130 -33.23 -7.46 2.40
CA ALA K 130 -32.42 -8.57 1.93
C ALA K 130 -33.18 -9.39 0.88
N PHE K 131 -33.36 -8.80 -0.29
CA PHE K 131 -34.07 -9.46 -1.38
C PHE K 131 -33.27 -9.38 -2.67
N ASP K 132 -32.78 -10.52 -3.14
CA ASP K 132 -31.94 -10.57 -4.34
C ASP K 132 -32.61 -9.94 -5.55
N ALA K 133 -33.90 -10.19 -5.72
CA ALA K 133 -34.64 -9.66 -6.85
C ALA K 133 -35.36 -8.37 -6.51
N PHE K 134 -34.80 -7.58 -5.61
CA PHE K 134 -35.40 -6.32 -5.21
C PHE K 134 -35.58 -5.38 -6.40
N ASP K 135 -34.77 -5.56 -7.44
CA ASP K 135 -34.86 -4.70 -8.60
C ASP K 135 -36.21 -4.84 -9.30
N GLY K 136 -36.83 -6.01 -9.14
CA GLY K 136 -38.13 -6.26 -9.73
C GLY K 136 -39.21 -5.43 -9.06
N LEU K 137 -38.90 -4.92 -7.87
CA LEU K 137 -39.83 -4.08 -7.12
C LEU K 137 -39.98 -2.72 -7.79
N TYR K 138 -39.01 -2.38 -8.64
CA TYR K 138 -39.00 -1.12 -9.34
C TYR K 138 -39.20 -1.33 -10.83
N ASP K 139 -38.85 -2.51 -11.31
CA ASP K 139 -38.95 -2.85 -12.72
C ASP K 139 -40.38 -2.72 -13.22
N PRO K 140 -40.58 -1.87 -14.22
CA PRO K 140 -41.92 -1.58 -14.76
C PRO K 140 -42.55 -2.80 -15.44
N THR K 141 -41.73 -3.77 -15.83
CA THR K 141 -42.24 -4.96 -16.51
C THR K 141 -42.54 -6.08 -15.52
N CYS K 142 -42.12 -5.90 -14.28
CA CYS K 142 -42.33 -6.92 -13.26
C CYS K 142 -43.81 -7.10 -12.92
N LEU K 143 -44.23 -8.34 -12.81
CA LEU K 143 -45.62 -8.69 -12.49
C LEU K 143 -45.98 -8.21 -11.09
N ALA K 144 -47.25 -7.89 -10.87
CA ALA K 144 -47.69 -7.42 -9.56
C ALA K 144 -49.18 -7.09 -9.55
N SER K 145 -49.96 -7.95 -8.90
CA SER K 145 -51.40 -7.73 -8.79
C SER K 145 -51.73 -6.84 -7.60
N GLU K 146 -50.83 -6.79 -6.62
CA GLU K 146 -51.01 -5.98 -5.42
C GLU K 146 -49.86 -6.19 -4.44
N LEU K 147 -49.19 -5.10 -4.09
CA LEU K 147 -48.09 -5.15 -3.14
C LEU K 147 -48.53 -4.55 -1.79
N PRO K 148 -48.55 -5.39 -0.76
CA PRO K 148 -49.00 -4.98 0.59
C PRO K 148 -48.20 -3.81 1.17
N TYR K 149 -46.91 -3.74 0.86
CA TYR K 149 -46.08 -2.68 1.39
C TYR K 149 -45.16 -2.10 0.33
N ASP K 150 -45.06 -0.77 0.32
CA ASP K 150 -44.20 -0.09 -0.64
C ASP K 150 -42.73 -0.25 -0.29
N ALA K 151 -42.21 -1.45 -0.59
CA ALA K 151 -40.80 -1.76 -0.37
C ALA K 151 -39.92 -0.90 -1.25
N PRO K 152 -40.46 -0.44 -2.37
CA PRO K 152 -39.68 0.46 -3.25
C PRO K 152 -39.25 1.75 -2.57
N SER K 153 -39.87 2.09 -1.42
CA SER K 153 -39.56 3.32 -0.70
C SER K 153 -38.09 3.68 -0.80
N GLU K 154 -37.81 4.96 -1.04
CA GLU K 154 -36.46 5.46 -1.24
C GLU K 154 -35.53 5.08 -0.10
N ILE K 155 -36.03 5.09 1.13
CA ILE K 155 -35.22 4.70 2.26
C ILE K 155 -34.81 3.25 2.10
N ASP K 156 -35.78 2.43 1.69
CA ASP K 156 -35.53 1.02 1.43
C ASP K 156 -34.66 0.85 0.20
N ARG K 157 -34.76 1.81 -0.72
CA ARG K 157 -33.97 1.79 -1.95
C ARG K 157 -32.51 2.00 -1.65
N MET K 158 -32.21 2.92 -0.75
CA MET K 158 -30.83 3.13 -0.34
C MET K 158 -30.38 1.95 0.49
N ALA K 159 -31.31 1.35 1.22
CA ALA K 159 -31.02 0.14 1.97
C ALA K 159 -30.77 -0.99 0.99
N TYR K 160 -31.50 -0.97 -0.14
CA TYR K 160 -31.31 -1.95 -1.19
C TYR K 160 -29.95 -1.75 -1.84
N ALA K 161 -29.51 -0.49 -1.89
CA ALA K 161 -28.18 -0.19 -2.40
C ALA K 161 -27.16 -0.80 -1.46
N THR K 162 -27.41 -0.67 -0.15
CA THR K 162 -26.53 -1.28 0.84
C THR K 162 -26.57 -2.79 0.65
N PHE K 163 -27.76 -3.29 0.35
CA PHE K 163 -27.94 -4.69 0.05
C PHE K 163 -27.15 -5.06 -1.20
N LYS K 164 -27.12 -4.16 -2.17
CA LYS K 164 -26.35 -4.38 -3.38
C LYS K 164 -24.89 -4.59 -3.04
N THR K 165 -24.41 -3.89 -2.01
CA THR K 165 -23.04 -4.05 -1.55
C THR K 165 -22.80 -5.50 -1.17
N ILE K 166 -23.80 -6.11 -0.54
CA ILE K 166 -23.72 -7.52 -0.18
C ILE K 166 -23.57 -8.35 -1.42
N GLN K 167 -24.39 -8.04 -2.41
CA GLN K 167 -24.39 -8.75 -3.67
C GLN K 167 -23.05 -8.59 -4.37
N ILE K 168 -22.49 -7.38 -4.26
CA ILE K 168 -21.19 -7.07 -4.83
C ILE K 168 -20.09 -7.82 -4.10
N LYS K 169 -20.17 -7.84 -2.77
CA LYS K 169 -19.19 -8.53 -1.95
C LYS K 169 -19.12 -9.99 -2.34
N ILE K 170 -20.27 -10.64 -2.39
CA ILE K 170 -20.30 -12.05 -2.74
C ILE K 170 -19.80 -12.25 -4.16
N ALA K 171 -20.13 -11.30 -5.03
CA ALA K 171 -19.63 -11.35 -6.39
C ALA K 171 -18.11 -11.31 -6.36
N ASN K 172 -17.56 -10.45 -5.52
CA ASN K 172 -16.11 -10.37 -5.40
C ASN K 172 -15.57 -11.67 -4.84
N ASP K 173 -16.35 -12.30 -3.98
CA ASP K 173 -15.97 -13.55 -3.35
C ASP K 173 -16.00 -14.72 -4.33
N GLN K 174 -16.90 -14.69 -5.30
CA GLN K 174 -17.01 -15.78 -6.26
C GLN K 174 -16.78 -15.34 -7.69
N LYS K 175 -17.44 -14.27 -8.11
CA LYS K 175 -17.27 -13.74 -9.46
C LYS K 175 -15.86 -13.19 -9.64
N GLY K 176 -15.27 -12.78 -8.52
CA GLY K 176 -13.91 -12.24 -8.52
C GLY K 176 -12.87 -13.32 -8.76
N PHE K 177 -13.29 -14.58 -8.81
CA PHE K 177 -12.36 -15.66 -9.09
C PHE K 177 -11.67 -15.41 -10.41
N ASN K 178 -10.35 -15.55 -10.43
CA ASN K 178 -9.58 -15.27 -11.63
C ASN K 178 -9.54 -16.44 -12.60
N LEU K 179 -10.33 -16.35 -13.66
CA LEU K 179 -10.32 -17.38 -14.69
C LEU K 179 -9.16 -17.11 -15.64
N ASN K 180 -7.95 -17.35 -15.14
CA ASN K 180 -6.73 -17.10 -15.88
C ASN K 180 -6.32 -18.25 -16.78
N TYR K 181 -7.09 -19.33 -16.77
CA TYR K 181 -6.79 -20.44 -17.67
C TYR K 181 -8.01 -21.28 -17.94
N ASN K 182 -7.98 -21.98 -19.06
CA ASN K 182 -9.05 -22.89 -19.41
C ASN K 182 -8.58 -24.34 -19.29
N PRO K 183 -7.60 -24.74 -20.11
CA PRO K 183 -7.15 -26.13 -20.12
C PRO K 183 -6.21 -26.46 -18.96
N ASN K 184 -6.67 -26.21 -17.74
CA ASN K 184 -5.90 -26.54 -16.56
C ASN K 184 -4.47 -25.99 -16.57
N VAL K 185 -4.27 -24.74 -16.96
CA VAL K 185 -2.93 -24.18 -16.95
C VAL K 185 -2.54 -23.73 -15.55
N THR K 186 -2.31 -24.70 -14.69
CA THR K 186 -1.94 -24.46 -13.31
C THR K 186 -0.49 -24.02 -13.21
N GLN K 187 0.26 -24.25 -14.26
CA GLN K 187 1.66 -23.84 -14.29
C GLN K 187 1.76 -22.32 -14.35
N ALA K 188 0.73 -21.66 -14.86
CA ALA K 188 0.69 -20.21 -14.87
C ALA K 188 0.28 -19.73 -13.50
N ARG K 189 -0.85 -20.25 -13.03
CA ARG K 189 -1.35 -19.97 -11.69
C ARG K 189 -2.05 -21.19 -11.13
N LEU K 190 -1.63 -21.59 -9.93
CA LEU K 190 -2.15 -22.77 -9.28
C LEU K 190 -3.57 -22.57 -8.77
N PRO K 191 -4.29 -23.67 -8.62
CA PRO K 191 -5.66 -23.65 -8.10
C PRO K 191 -5.66 -23.01 -6.72
N ASN K 192 -6.65 -22.17 -6.46
CA ASN K 192 -6.79 -21.50 -5.17
C ASN K 192 -5.64 -20.53 -4.87
N ALA K 193 -4.85 -20.20 -5.89
CA ALA K 193 -3.77 -19.24 -5.71
C ALA K 193 -4.34 -17.83 -5.49
N PRO K 194 -5.52 -17.57 -6.05
CA PRO K 194 -6.17 -16.27 -5.87
C PRO K 194 -6.59 -16.02 -4.42
N LEU K 195 -6.57 -17.06 -3.58
CA LEU K 195 -6.99 -16.90 -2.20
C LEU K 195 -6.15 -15.83 -1.51
N PRO K 196 -6.81 -14.87 -0.88
CA PRO K 196 -6.14 -13.77 -0.18
C PRO K 196 -5.22 -14.31 0.91
N ALA K 197 -4.08 -13.65 1.09
CA ALA K 197 -3.13 -14.03 2.11
C ALA K 197 -3.70 -13.76 3.49
N LEU K 198 -3.22 -14.50 4.48
CA LEU K 198 -3.71 -14.34 5.84
C LEU K 198 -3.34 -12.96 6.37
N PRO K 199 -4.25 -12.35 7.10
CA PRO K 199 -4.03 -10.99 7.63
C PRO K 199 -2.93 -10.98 8.69
N GLU K 200 -2.09 -9.95 8.62
CA GLU K 200 -1.01 -9.77 9.57
C GLU K 200 -1.54 -9.11 10.83
N PRO K 201 -0.83 -9.25 11.94
CA PRO K 201 -1.24 -8.62 13.20
C PRO K 201 -0.85 -7.15 13.26
N THR K 202 0.09 -6.74 12.40
CA THR K 202 0.56 -5.37 12.40
C THR K 202 -0.35 -4.47 11.57
N SER K 203 -0.28 -3.16 11.84
CA SER K 203 -1.11 -2.19 11.15
C SER K 203 -0.61 -1.92 9.74
N ASP K 204 0.66 -2.22 9.49
CA ASP K 204 1.26 -1.99 8.19
C ASP K 204 2.00 -3.23 7.69
N GLN L 1 13.02 -61.52 30.52
CA GLN L 1 13.16 -60.44 29.54
C GLN L 1 13.79 -59.21 30.19
N PRO L 2 15.10 -59.26 30.38
CA PRO L 2 15.82 -58.15 31.05
C PRO L 2 15.70 -56.84 30.29
N TRP L 3 15.54 -56.93 28.97
CA TRP L 3 15.41 -55.72 28.16
C TRP L 3 14.07 -55.04 28.34
N GLU L 4 13.10 -55.76 28.90
CA GLU L 4 11.77 -55.20 29.13
C GLU L 4 11.71 -54.47 30.47
N ALA L 5 12.75 -54.65 31.29
CA ALA L 5 12.79 -54.03 32.61
C ALA L 5 13.12 -52.56 32.51
N ILE L 6 12.61 -51.79 33.46
CA ILE L 6 12.89 -50.35 33.51
C ILE L 6 14.19 -50.14 34.26
N PHE L 7 15.14 -49.46 33.62
CA PHE L 7 16.46 -49.28 34.22
C PHE L 7 16.44 -48.34 35.42
N THR L 8 15.48 -47.43 35.45
CA THR L 8 15.33 -46.46 36.54
C THR L 8 16.40 -45.37 36.47
N LYS L 9 15.95 -44.12 36.45
CA LYS L 9 16.84 -42.97 36.34
C LYS L 9 17.89 -42.93 37.43
N ASP L 10 17.53 -43.38 38.62
CA ASP L 10 18.46 -43.41 39.74
C ASP L 10 19.70 -44.22 39.37
N ASP L 11 19.51 -45.26 38.58
CA ASP L 11 20.60 -46.11 38.16
C ASP L 11 21.33 -45.50 36.96
N LEU L 12 20.58 -44.79 36.11
CA LEU L 12 21.18 -44.13 34.95
C LEU L 12 22.20 -43.09 35.40
N ALA L 13 21.83 -42.32 36.42
CA ALA L 13 22.69 -41.28 36.96
C ALA L 13 23.90 -41.87 37.68
N ALA L 14 23.78 -43.12 38.08
CA ALA L 14 24.86 -43.81 38.80
C ALA L 14 25.94 -44.32 37.84
N ILE L 15 25.67 -44.27 36.55
CA ILE L 15 26.63 -44.76 35.55
C ILE L 15 27.84 -43.83 35.43
N GLU L 16 27.57 -42.54 35.31
CA GLU L 16 28.65 -41.54 35.20
C GLU L 16 29.69 -41.92 34.15
N PRO L 17 29.26 -42.07 32.91
CA PRO L 17 30.14 -42.48 31.82
C PRO L 17 31.05 -41.34 31.36
N LYS L 18 32.04 -41.68 30.55
CA LYS L 18 32.96 -40.71 29.97
C LYS L 18 32.86 -40.73 28.45
N PRO L 19 32.97 -39.56 27.82
CA PRO L 19 32.93 -39.49 26.36
C PRO L 19 34.03 -40.36 25.77
N ALA L 20 33.75 -40.99 24.63
CA ALA L 20 34.71 -41.89 24.01
C ALA L 20 34.96 -41.54 22.55
N SER L 21 35.75 -40.51 22.33
CA SER L 21 36.09 -40.09 20.98
C SER L 21 37.02 -41.09 20.30
N ALA L 22 36.84 -41.27 19.01
CA ALA L 22 37.68 -42.18 18.23
C ALA L 22 38.78 -41.43 17.50
N ASN L 23 38.85 -40.10 17.70
CA ASN L 23 39.88 -39.32 17.06
C ASN L 23 41.08 -39.18 17.98
N VAL L 24 41.12 -39.99 19.03
CA VAL L 24 42.25 -40.01 19.94
C VAL L 24 42.82 -41.42 19.97
N PRO L 25 44.12 -41.52 20.20
CA PRO L 25 44.78 -42.82 20.26
C PRO L 25 44.15 -43.69 21.33
N ASN L 26 44.02 -44.97 21.04
CA ASN L 26 43.50 -45.94 22.00
C ASN L 26 44.46 -46.03 23.17
N THR L 27 43.96 -46.40 24.34
CA THR L 27 44.81 -46.53 25.51
C THR L 27 46.05 -47.33 25.19
N LYS L 28 45.88 -48.45 24.49
CA LYS L 28 47.00 -49.29 24.12
C LYS L 28 47.89 -48.60 23.10
N GLN L 29 47.29 -47.72 22.31
CA GLN L 29 48.05 -46.96 21.32
C GLN L 29 48.83 -45.86 22.02
N TRP L 30 48.25 -45.30 23.08
CA TRP L 30 48.96 -44.32 23.87
C TRP L 30 50.19 -44.97 24.46
N ILE L 31 50.01 -46.23 24.89
CA ILE L 31 51.09 -47.02 25.43
C ILE L 31 52.10 -47.32 24.33
N GLY L 32 51.59 -47.61 23.13
CA GLY L 32 52.46 -47.86 21.99
C GLY L 32 53.32 -46.63 21.73
N ILE L 33 52.72 -45.45 21.88
CA ILE L 33 53.47 -44.21 21.70
C ILE L 33 54.54 -44.13 22.78
N GLN L 34 54.19 -44.52 24.01
CA GLN L 34 55.17 -44.53 25.09
C GLN L 34 56.30 -45.48 24.77
N ALA L 35 55.95 -46.65 24.25
CA ALA L 35 56.94 -47.66 23.92
C ALA L 35 57.94 -47.12 22.93
N GLY L 36 57.48 -46.24 22.04
CA GLY L 36 58.35 -45.63 21.05
C GLY L 36 58.97 -44.32 21.55
N LEU L 37 58.11 -43.42 22.01
CA LEU L 37 58.53 -42.10 22.44
C LEU L 37 59.41 -42.12 23.67
N ILE L 38 59.06 -42.94 24.65
CA ILE L 38 59.88 -43.05 25.84
C ILE L 38 61.19 -43.71 25.47
N LYS L 39 61.10 -44.72 24.60
CA LYS L 39 62.27 -45.40 24.08
C LYS L 39 63.16 -44.44 23.30
N ALA L 40 62.52 -43.46 22.65
CA ALA L 40 63.22 -42.47 21.85
C ALA L 40 64.03 -41.51 22.71
N GLY L 41 63.82 -41.54 24.02
CA GLY L 41 64.57 -40.68 24.93
C GLY L 41 63.69 -39.78 25.77
N ALA L 42 62.39 -39.76 25.50
CA ALA L 42 61.46 -38.95 26.27
C ALA L 42 61.13 -39.65 27.58
N THR L 43 60.79 -38.87 28.60
CA THR L 43 60.42 -39.47 29.87
C THR L 43 59.35 -38.68 30.59
N ASP L 44 58.46 -39.39 31.27
CA ASP L 44 57.39 -38.81 32.08
C ASP L 44 56.64 -37.70 31.35
N ALA L 45 56.71 -36.48 31.90
CA ALA L 45 56.00 -35.33 31.35
C ALA L 45 56.43 -34.99 29.94
N ASN L 46 57.64 -35.39 29.57
CA ASN L 46 58.15 -35.12 28.24
C ASN L 46 57.32 -35.84 27.20
N PHE L 47 56.61 -36.88 27.63
CA PHE L 47 55.75 -37.61 26.73
C PHE L 47 54.78 -36.66 26.06
N MET L 48 54.04 -35.90 26.87
CA MET L 48 53.10 -34.94 26.34
C MET L 48 53.81 -33.75 25.71
N LYS L 49 54.90 -33.31 26.33
CA LYS L 49 55.63 -32.16 25.82
C LYS L 49 56.08 -32.36 24.38
N VAL L 50 56.67 -33.52 24.12
CA VAL L 50 57.16 -33.83 22.78
C VAL L 50 56.01 -33.95 21.79
N LEU L 51 54.93 -34.59 22.23
CA LEU L 51 53.76 -34.76 21.38
C LEU L 51 53.14 -33.39 21.06
N LEU L 52 53.22 -32.47 22.03
CA LEU L 52 52.75 -31.12 21.80
C LEU L 52 53.61 -30.45 20.75
N GLY L 53 54.91 -30.74 20.78
CA GLY L 53 55.82 -30.22 19.78
C GLY L 53 55.33 -30.66 18.41
N LEU L 54 55.03 -31.94 18.28
CA LEU L 54 54.53 -32.49 17.03
C LEU L 54 53.19 -31.90 16.65
N SER L 55 52.33 -31.66 17.65
CA SER L 55 51.03 -31.08 17.37
C SER L 55 51.19 -29.69 16.81
N LEU L 56 52.20 -28.98 17.30
CA LEU L 56 52.53 -27.65 16.82
C LEU L 56 53.06 -27.76 15.41
N GLU L 57 53.80 -28.82 15.15
CA GLU L 57 54.31 -29.06 13.81
C GLU L 57 53.18 -29.43 12.88
N ALA L 58 52.24 -30.23 13.39
CA ALA L 58 51.09 -30.65 12.63
C ALA L 58 50.24 -29.45 12.27
N PHE L 59 50.24 -28.46 13.16
CA PHE L 59 49.52 -27.23 12.96
C PHE L 59 50.02 -26.55 11.68
N ASP L 60 51.34 -26.58 11.48
CA ASP L 60 51.94 -26.00 10.29
C ASP L 60 52.30 -27.02 9.23
N ARG L 61 52.17 -28.31 9.54
CA ARG L 61 52.52 -29.34 8.56
C ARG L 61 51.38 -30.30 8.24
N GLY L 62 51.09 -31.21 9.17
CA GLY L 62 50.02 -32.18 8.96
C GLY L 62 50.45 -33.58 9.41
N SER L 63 49.76 -34.60 8.93
CA SER L 63 50.04 -36.00 9.26
C SER L 63 51.49 -36.39 9.00
N SER L 64 51.75 -37.06 7.86
CA SER L 64 53.12 -37.47 7.55
C SER L 64 53.98 -36.25 7.31
N GLU L 65 53.35 -35.11 7.07
CA GLU L 65 54.08 -33.88 6.88
C GLU L 65 54.89 -33.54 8.13
N ALA L 66 54.23 -33.56 9.28
CA ALA L 66 54.92 -33.30 10.54
C ALA L 66 55.88 -34.43 10.83
N THR L 67 55.57 -35.63 10.32
CA THR L 67 56.42 -36.78 10.50
C THR L 67 57.77 -36.55 9.85
N THR L 68 57.76 -35.92 8.67
CA THR L 68 58.98 -35.62 7.95
C THR L 68 59.73 -34.46 8.60
N TRP L 69 59.00 -33.61 9.31
CA TRP L 69 59.62 -32.47 9.97
C TRP L 69 60.58 -32.92 11.08
N ASP L 70 61.81 -32.45 10.99
CA ASP L 70 62.85 -32.77 11.96
C ASP L 70 62.90 -31.74 13.09
N GLY L 71 63.91 -31.85 13.93
CA GLY L 71 64.10 -30.91 15.03
C GLY L 71 63.95 -31.61 16.36
N ILE L 72 64.98 -31.49 17.20
CA ILE L 72 64.97 -32.12 18.50
C ILE L 72 64.20 -31.27 19.49
N THR L 73 63.17 -31.88 20.07
CA THR L 73 62.35 -31.23 21.06
C THR L 73 62.97 -31.36 22.42
N GLU L 74 62.23 -30.97 23.45
CA GLU L 74 62.70 -31.09 24.81
C GLU L 74 62.97 -32.54 25.18
N GLY L 75 62.36 -33.47 24.45
CA GLY L 75 62.56 -34.89 24.72
C GLY L 75 63.30 -35.61 23.59
N VAL L 76 62.91 -35.34 22.35
CA VAL L 76 63.52 -36.03 21.22
C VAL L 76 63.09 -35.44 19.87
N GLU L 77 63.83 -35.78 18.81
CA GLU L 77 63.53 -35.35 17.45
C GLU L 77 62.08 -35.60 17.09
N HIS L 78 61.47 -34.62 16.42
CA HIS L 78 60.07 -34.72 16.01
C HIS L 78 59.83 -35.99 15.22
N ARG L 79 60.74 -36.29 14.30
CA ARG L 79 60.60 -37.47 13.45
C ARG L 79 60.63 -38.75 14.28
N ALA L 80 61.50 -38.78 15.28
CA ALA L 80 61.60 -39.94 16.16
C ALA L 80 60.30 -40.14 16.92
N ALA L 81 59.76 -39.05 17.42
CA ALA L 81 58.50 -39.09 18.14
C ALA L 81 57.37 -39.48 17.21
N ALA L 82 57.46 -39.00 15.97
CA ALA L 82 56.46 -39.31 14.96
C ALA L 82 56.47 -40.80 14.67
N ASN L 83 57.66 -41.38 14.70
CA ASN L 83 57.81 -42.81 14.47
C ASN L 83 57.10 -43.59 15.56
N ALA L 84 57.18 -43.09 16.79
CA ALA L 84 56.50 -43.71 17.92
C ALA L 84 55.01 -43.73 17.69
N ILE L 85 54.49 -42.62 17.16
CA ILE L 85 53.07 -42.51 16.86
C ILE L 85 52.71 -43.52 15.78
N LYS L 86 53.57 -43.66 14.79
CA LYS L 86 53.37 -44.64 13.72
C LYS L 86 53.44 -46.06 14.27
N GLU L 87 54.28 -46.27 15.28
CA GLU L 87 54.40 -47.58 15.91
C GLU L 87 53.08 -47.95 16.56
N ALA L 88 52.35 -46.94 17.04
CA ALA L 88 51.04 -47.13 17.66
C ALA L 88 49.95 -47.27 16.61
N ASN L 89 50.34 -47.24 15.33
CA ASN L 89 49.42 -47.34 14.20
C ASN L 89 48.48 -46.14 14.13
N CYS L 90 49.01 -44.97 14.49
CA CYS L 90 48.24 -43.74 14.43
C CYS L 90 48.95 -42.68 13.61
N PRO L 91 48.18 -41.77 13.03
CA PRO L 91 48.76 -40.60 12.37
C PRO L 91 49.03 -39.54 13.42
N ILE L 92 49.94 -38.61 13.12
CA ILE L 92 50.22 -37.55 14.08
C ILE L 92 48.96 -36.78 14.38
N HIS L 93 48.10 -36.65 13.37
CA HIS L 93 46.82 -35.98 13.53
C HIS L 93 46.00 -36.63 14.63
N LYS L 94 46.08 -37.95 14.74
CA LYS L 94 45.34 -38.67 15.76
C LYS L 94 45.72 -38.16 17.14
N VAL L 95 47.02 -38.01 17.37
CA VAL L 95 47.49 -37.48 18.64
C VAL L 95 47.16 -36.00 18.76
N THR L 96 47.31 -35.30 17.65
CA THR L 96 47.05 -33.86 17.58
C THR L 96 45.60 -33.55 17.89
N TYR L 97 44.70 -34.44 17.51
CA TYR L 97 43.28 -34.24 17.77
C TYR L 97 43.05 -34.13 19.28
N TYR L 98 43.78 -34.95 20.03
CA TYR L 98 43.70 -34.92 21.48
C TYR L 98 44.34 -33.66 22.03
N LEU L 99 45.44 -33.26 21.42
CA LEU L 99 46.19 -32.09 21.87
C LEU L 99 45.96 -30.90 20.95
N ALA L 100 44.79 -30.85 20.32
CA ALA L 100 44.47 -29.76 19.39
C ALA L 100 44.25 -28.44 20.09
N LYS L 101 43.50 -28.45 21.19
CA LYS L 101 43.18 -27.21 21.89
C LYS L 101 44.38 -26.56 22.55
N PRO L 102 45.18 -27.33 23.29
CA PRO L 102 46.36 -26.78 23.94
C PRO L 102 47.32 -26.27 22.88
N THR L 103 47.39 -26.99 21.76
CA THR L 103 48.25 -26.62 20.64
C THR L 103 47.82 -25.29 20.07
N PHE L 104 46.54 -25.17 19.78
CA PHE L 104 45.97 -23.94 19.25
C PHE L 104 46.13 -22.84 20.29
N ALA L 105 45.91 -23.19 21.54
CA ALA L 105 46.01 -22.25 22.65
C ALA L 105 47.41 -21.65 22.73
N ILE L 106 48.42 -22.48 22.50
CA ILE L 106 49.79 -22.00 22.53
C ILE L 106 50.00 -20.94 21.46
N ARG L 107 49.67 -21.30 20.24
CA ARG L 107 49.83 -20.41 19.11
C ARG L 107 48.92 -19.20 19.19
N GLN L 108 47.75 -19.38 19.76
CA GLN L 108 46.82 -18.28 19.89
C GLN L 108 47.38 -17.23 20.83
N SER L 109 48.03 -17.68 21.89
CA SER L 109 48.64 -16.78 22.84
C SER L 109 49.94 -16.19 22.29
N LYS L 110 50.59 -16.93 21.41
CA LYS L 110 51.83 -16.46 20.80
C LYS L 110 51.57 -15.82 19.44
N ASN L 111 50.31 -15.81 19.03
CA ASN L 111 49.90 -15.22 17.75
C ASN L 111 50.63 -15.85 16.57
N LEU L 112 50.72 -17.17 16.56
CA LEU L 112 51.40 -17.89 15.48
C LEU L 112 50.40 -18.62 14.60
N PRO L 113 49.95 -17.96 13.54
CA PRO L 113 48.95 -18.54 12.62
C PRO L 113 49.55 -19.68 11.84
N PRO L 114 48.68 -20.52 11.28
CA PRO L 114 49.13 -21.70 10.54
C PRO L 114 49.96 -21.31 9.32
N ALA L 115 51.10 -21.98 9.16
CA ALA L 115 52.01 -21.69 8.07
C ALA L 115 51.44 -22.13 6.73
N ASN L 116 50.47 -23.04 6.76
CA ASN L 116 49.87 -23.53 5.53
C ASN L 116 48.65 -22.70 5.13
N PHE L 117 48.41 -21.63 5.88
CA PHE L 117 47.34 -20.69 5.59
C PHE L 117 47.47 -20.18 4.17
N ALA L 118 48.68 -19.76 3.83
CA ALA L 118 48.98 -19.25 2.50
C ALA L 118 48.76 -20.29 1.43
N LYS L 119 49.22 -21.52 1.70
CA LYS L 119 49.13 -22.62 0.76
C LYS L 119 47.70 -22.98 0.44
N LYS L 120 46.86 -22.90 1.46
CA LYS L 120 45.46 -23.26 1.32
C LYS L 120 44.61 -22.12 0.79
N ASN L 121 45.22 -20.96 0.60
CA ASN L 121 44.51 -19.80 0.09
C ASN L 121 43.33 -19.43 0.98
N VAL L 122 43.47 -19.69 2.28
CA VAL L 122 42.41 -19.37 3.22
C VAL L 122 42.29 -17.87 3.40
N PRO L 123 41.09 -17.34 3.30
CA PRO L 123 40.86 -15.91 3.47
C PRO L 123 41.42 -15.44 4.80
N SER L 124 41.93 -14.22 4.84
CA SER L 124 42.50 -13.65 6.06
C SER L 124 41.45 -13.56 7.16
N GLN L 125 40.19 -13.48 6.75
CA GLN L 125 39.08 -13.46 7.68
C GLN L 125 39.08 -14.74 8.50
N TYR L 126 39.56 -15.81 7.89
CA TYR L 126 39.61 -17.13 8.51
C TYR L 126 41.05 -17.57 8.72
N LYS L 127 41.92 -16.64 9.06
CA LYS L 127 43.34 -16.91 9.26
C LYS L 127 43.60 -18.03 10.26
N TRP L 128 42.80 -18.09 11.32
CA TRP L 128 42.98 -19.11 12.34
C TRP L 128 42.07 -20.32 12.12
N CYS L 129 41.47 -20.40 10.95
CA CYS L 129 40.59 -21.52 10.65
C CYS L 129 41.34 -22.64 9.94
N ALA L 130 42.54 -22.34 9.47
CA ALA L 130 43.34 -23.34 8.77
C ALA L 130 44.05 -24.25 9.78
N PHE L 131 43.27 -25.08 10.47
CA PHE L 131 43.80 -26.00 11.47
C PHE L 131 43.28 -27.41 11.23
N ASP L 132 44.18 -28.32 10.84
CA ASP L 132 43.79 -29.68 10.53
C ASP L 132 43.07 -30.38 11.66
N ALA L 133 43.53 -30.16 12.89
CA ALA L 133 42.92 -30.78 14.06
C ALA L 133 41.91 -29.86 14.72
N PHE L 134 41.24 -29.03 13.94
CA PHE L 134 40.24 -28.12 14.49
C PHE L 134 39.11 -28.86 15.20
N ASP L 135 38.91 -30.13 14.84
CA ASP L 135 37.84 -30.91 15.45
C ASP L 135 38.10 -31.11 16.94
N GLY L 136 39.37 -31.08 17.33
CA GLY L 136 39.74 -31.23 18.73
C GLY L 136 39.30 -30.02 19.54
N LEU L 137 39.01 -28.92 18.86
CA LEU L 137 38.57 -27.70 19.52
C LEU L 137 37.15 -27.87 20.05
N TYR L 138 36.45 -28.87 19.51
CA TYR L 138 35.08 -29.16 19.91
C TYR L 138 35.00 -30.49 20.64
N ASP L 139 35.95 -31.36 20.37
CA ASP L 139 36.00 -32.68 20.97
C ASP L 139 36.05 -32.62 22.49
N PRO L 140 35.06 -33.20 23.15
CA PRO L 140 34.94 -33.15 24.61
C PRO L 140 36.07 -33.88 25.33
N THR L 141 36.75 -34.79 24.62
CA THR L 141 37.85 -35.54 25.23
C THR L 141 39.18 -34.86 25.01
N CYS L 142 39.21 -33.84 24.16
CA CYS L 142 40.45 -33.13 23.86
C CYS L 142 40.97 -32.37 25.07
N LEU L 143 42.28 -32.47 25.29
CA LEU L 143 42.96 -31.80 26.39
C LEU L 143 42.88 -30.29 26.25
N ALA L 144 42.86 -29.56 27.36
CA ALA L 144 42.80 -28.10 27.31
C ALA L 144 42.77 -27.50 28.70
N SER L 145 43.89 -26.89 29.08
CA SER L 145 44.01 -26.23 30.39
C SER L 145 43.47 -24.80 30.32
N GLU L 146 43.47 -24.23 29.13
CA GLU L 146 42.98 -22.86 28.92
C GLU L 146 43.17 -22.42 27.47
N LEU L 147 42.06 -22.04 26.83
CA LEU L 147 42.09 -21.58 25.45
C LEU L 147 41.91 -20.06 25.41
N PRO L 148 42.94 -19.35 24.94
CA PRO L 148 42.93 -17.87 24.88
C PRO L 148 41.78 -17.30 24.05
N TYR L 149 41.39 -18.01 23.00
CA TYR L 149 40.32 -17.52 22.14
C TYR L 149 39.35 -18.63 21.76
N ASP L 150 38.06 -18.31 21.81
CA ASP L 150 37.03 -19.27 21.46
C ASP L 150 36.97 -19.51 19.96
N ALA L 151 37.94 -20.28 19.47
CA ALA L 151 38.01 -20.65 18.07
C ALA L 151 36.81 -21.51 17.67
N PRO L 152 36.23 -22.22 18.65
CA PRO L 152 35.04 -23.02 18.37
C PRO L 152 33.86 -22.19 17.85
N SER L 153 33.91 -20.87 18.01
CA SER L 153 32.84 -19.98 17.57
C SER L 153 32.17 -20.47 16.30
N GLU L 154 30.84 -20.43 16.29
CA GLU L 154 30.05 -20.94 15.17
C GLU L 154 30.47 -20.34 13.83
N ILE L 155 30.82 -19.07 13.83
CA ILE L 155 31.30 -18.43 12.60
C ILE L 155 32.57 -19.12 12.15
N ASP L 156 33.45 -19.38 13.10
CA ASP L 156 34.69 -20.08 12.83
C ASP L 156 34.40 -21.53 12.48
N ARG L 157 33.32 -22.07 13.03
CA ARG L 157 32.91 -23.45 12.78
C ARG L 157 32.49 -23.63 11.33
N MET L 158 31.74 -22.66 10.81
CA MET L 158 31.35 -22.71 9.41
C MET L 158 32.57 -22.44 8.55
N ALA L 159 33.48 -21.63 9.07
CA ALA L 159 34.74 -21.40 8.39
C ALA L 159 35.56 -22.68 8.42
N TYR L 160 35.43 -23.43 9.51
CA TYR L 160 36.11 -24.71 9.64
C TYR L 160 35.50 -25.70 8.67
N ALA L 161 34.21 -25.54 8.42
CA ALA L 161 33.55 -26.38 7.42
C ALA L 161 34.13 -26.05 6.06
N THR L 162 34.34 -24.76 5.80
CA THR L 162 34.95 -24.34 4.55
C THR L 162 36.36 -24.92 4.51
N PHE L 163 37.02 -24.90 5.65
CA PHE L 163 38.33 -25.52 5.79
C PHE L 163 38.26 -27.00 5.51
N LYS L 164 37.17 -27.63 5.94
CA LYS L 164 36.97 -29.05 5.68
C LYS L 164 36.95 -29.30 4.18
N THR L 165 36.40 -28.34 3.42
CA THR L 165 36.39 -28.46 1.97
C THR L 165 37.80 -28.59 1.46
N ILE L 166 38.73 -27.85 2.07
CA ILE L 166 40.14 -27.93 1.71
C ILE L 166 40.63 -29.34 1.95
N GLN L 167 40.28 -29.85 3.13
CA GLN L 167 40.70 -31.18 3.53
C GLN L 167 40.12 -32.22 2.57
N ILE L 168 38.87 -31.99 2.16
CA ILE L 168 38.19 -32.86 1.22
C ILE L 168 38.85 -32.78 -0.15
N LYS L 169 39.17 -31.58 -0.59
CA LYS L 169 39.82 -31.37 -1.87
C LYS L 169 41.11 -32.14 -1.96
N ILE L 170 41.95 -31.97 -0.94
CA ILE L 170 43.23 -32.66 -0.93
C ILE L 170 43.02 -34.15 -0.87
N ALA L 171 41.98 -34.57 -0.13
CA ALA L 171 41.64 -35.97 -0.07
C ALA L 171 41.30 -36.46 -1.47
N ASN L 172 40.54 -35.66 -2.22
CA ASN L 172 40.21 -36.02 -3.58
C ASN L 172 41.47 -36.06 -4.43
N ASP L 173 42.41 -35.19 -4.11
CA ASP L 173 43.67 -35.10 -4.82
C ASP L 173 44.59 -36.30 -4.55
N GLN L 174 44.51 -36.84 -3.34
CA GLN L 174 45.38 -37.97 -2.99
C GLN L 174 44.60 -39.22 -2.60
N LYS L 175 43.61 -39.08 -1.73
CA LYS L 175 42.78 -40.20 -1.30
C LYS L 175 41.94 -40.69 -2.47
N GLY L 176 41.66 -39.78 -3.41
CA GLY L 176 40.88 -40.09 -4.60
C GLY L 176 41.65 -40.98 -5.58
N PHE L 177 42.93 -41.22 -5.30
CA PHE L 177 43.72 -42.08 -6.17
C PHE L 177 43.05 -43.44 -6.26
N ASN L 178 42.92 -43.94 -7.48
CA ASN L 178 42.22 -45.20 -7.70
C ASN L 178 43.13 -46.41 -7.50
N LEU L 179 42.97 -47.07 -6.35
CA LEU L 179 43.73 -48.28 -6.07
C LEU L 179 43.03 -49.46 -6.75
N ASN L 180 43.15 -49.50 -8.06
CA ASN L 180 42.50 -50.51 -8.88
C ASN L 180 43.32 -51.78 -9.03
N TYR L 181 44.50 -51.80 -8.44
CA TYR L 181 45.31 -53.01 -8.49
C TYR L 181 46.30 -53.07 -7.35
N ASN L 182 46.71 -54.29 -7.03
CA ASN L 182 47.72 -54.48 -6.00
C ASN L 182 49.04 -54.92 -6.64
N PRO L 183 49.05 -56.11 -7.26
CA PRO L 183 50.28 -56.66 -7.82
C PRO L 183 50.66 -56.04 -9.16
N ASN L 184 50.78 -54.71 -9.18
CA ASN L 184 51.19 -54.00 -10.38
C ASN L 184 50.39 -54.35 -11.62
N VAL L 185 49.07 -54.42 -11.51
CA VAL L 185 48.27 -54.73 -12.70
C VAL L 185 48.06 -53.49 -13.54
N THR L 186 49.14 -53.05 -14.19
CA THR L 186 49.12 -51.87 -15.03
C THR L 186 48.44 -52.15 -16.35
N GLN L 187 48.27 -53.42 -16.67
CA GLN L 187 47.60 -53.82 -17.88
C GLN L 187 46.11 -53.49 -17.81
N ALA L 188 45.59 -53.41 -16.59
CA ALA L 188 44.20 -53.01 -16.40
C ALA L 188 44.13 -51.50 -16.50
N ARG L 189 44.95 -50.83 -15.70
CA ARG L 189 45.07 -49.39 -15.72
C ARG L 189 46.50 -48.98 -15.42
N LEU L 190 47.05 -48.16 -16.31
CA LEU L 190 48.43 -47.72 -16.19
C LEU L 190 48.63 -46.71 -15.07
N PRO L 191 49.86 -46.64 -14.58
CA PRO L 191 50.22 -45.69 -13.53
C PRO L 191 49.91 -44.28 -13.99
N ASN L 192 49.36 -43.48 -13.09
CA ASN L 192 49.03 -42.08 -13.38
C ASN L 192 47.94 -41.94 -14.45
N ALA L 193 47.25 -43.03 -14.75
CA ALA L 193 46.15 -42.98 -15.71
C ALA L 193 44.98 -42.20 -15.13
N PRO L 194 44.83 -42.23 -13.80
CA PRO L 194 43.76 -41.48 -13.14
C PRO L 194 43.92 -39.97 -13.28
N LEU L 195 45.09 -39.51 -13.73
CA LEU L 195 45.32 -38.08 -13.87
C LEU L 195 44.28 -37.45 -14.78
N PRO L 196 43.64 -36.40 -14.31
CA PRO L 196 42.61 -35.70 -15.09
C PRO L 196 43.17 -35.18 -16.40
N ALA L 197 42.35 -35.23 -17.44
CA ALA L 197 42.74 -34.75 -18.75
C ALA L 197 42.90 -33.23 -18.73
N LEU L 198 43.73 -32.72 -19.62
CA LEU L 198 43.97 -31.28 -19.69
C LEU L 198 42.69 -30.55 -20.09
N PRO L 199 42.44 -29.41 -19.46
CA PRO L 199 41.23 -28.64 -19.72
C PRO L 199 41.22 -28.07 -21.14
N GLU L 200 40.06 -28.13 -21.77
CA GLU L 200 39.87 -27.60 -23.11
C GLU L 200 39.62 -26.10 -23.03
N PRO L 201 39.86 -25.39 -24.13
CA PRO L 201 39.61 -23.94 -24.16
C PRO L 201 38.13 -23.62 -24.39
N THR L 202 37.38 -24.60 -24.88
CA THR L 202 35.96 -24.38 -25.17
C THR L 202 35.10 -24.56 -23.92
N SER L 203 33.91 -23.99 -23.95
CA SER L 203 32.98 -24.06 -22.82
C SER L 203 32.32 -25.42 -22.72
N ASP L 204 32.31 -26.16 -23.81
CA ASP L 204 31.69 -27.47 -23.84
C ASP L 204 32.61 -28.50 -24.46
N GLN M 1 -18.73 -64.41 4.65
CA GLN M 1 -17.91 -63.23 4.38
C GLN M 1 -17.52 -62.54 5.68
N PRO M 2 -16.56 -63.10 6.40
CA PRO M 2 -16.15 -62.56 7.70
C PRO M 2 -15.61 -61.14 7.58
N TRP M 3 -15.05 -60.80 6.42
CA TRP M 3 -14.50 -59.46 6.23
C TRP M 3 -15.60 -58.42 6.07
N GLU M 4 -16.82 -58.87 5.79
CA GLU M 4 -17.95 -57.95 5.62
C GLU M 4 -18.60 -57.63 6.96
N ALA M 5 -18.21 -58.38 7.99
CA ALA M 5 -18.79 -58.20 9.32
C ALA M 5 -18.22 -56.97 10.01
N ILE M 6 -19.02 -56.35 10.87
CA ILE M 6 -18.58 -55.20 11.62
C ILE M 6 -17.87 -55.68 12.88
N PHE M 7 -16.64 -55.25 13.07
CA PHE M 7 -15.84 -55.72 14.20
C PHE M 7 -16.35 -55.19 15.54
N THR M 8 -17.00 -54.04 15.52
CA THR M 8 -17.55 -53.42 16.73
C THR M 8 -16.45 -52.81 17.60
N LYS M 9 -16.60 -51.52 17.91
CA LYS M 9 -15.62 -50.79 18.69
C LYS M 9 -15.33 -51.42 20.03
N ASP M 10 -16.35 -52.02 20.64
CA ASP M 10 -16.19 -52.68 21.92
C ASP M 10 -15.11 -53.75 21.84
N ASP M 11 -15.02 -54.40 20.69
CA ASP M 11 -14.04 -55.43 20.47
C ASP M 11 -12.69 -54.83 20.09
N LEU M 12 -12.72 -53.70 19.39
CA LEU M 12 -11.49 -53.02 19.01
C LEU M 12 -10.71 -52.57 20.24
N ALA M 13 -11.44 -52.03 21.21
CA ALA M 13 -10.85 -51.56 22.46
C ALA M 13 -10.35 -52.71 23.32
N ALA M 14 -10.88 -53.90 23.06
CA ALA M 14 -10.49 -55.09 23.81
C ALA M 14 -9.17 -55.68 23.32
N ILE M 15 -8.68 -55.19 22.18
CA ILE M 15 -7.44 -55.71 21.61
C ILE M 15 -6.21 -55.28 22.43
N GLU M 16 -6.14 -53.99 22.76
CA GLU M 16 -5.03 -53.46 23.55
C GLU M 16 -3.67 -53.90 23.03
N PRO M 17 -3.38 -53.55 21.78
CA PRO M 17 -2.13 -53.92 21.14
C PRO M 17 -0.94 -53.11 21.64
N LYS M 18 0.25 -53.56 21.29
CA LYS M 18 1.49 -52.87 21.65
C LYS M 18 2.23 -52.45 20.38
N PRO M 19 2.86 -51.28 20.41
CA PRO M 19 3.63 -50.80 19.26
C PRO M 19 4.71 -51.81 18.92
N ALA M 20 4.99 -51.97 17.63
CA ALA M 20 5.96 -52.95 17.16
C ALA M 20 7.02 -52.34 16.25
N SER M 21 7.97 -51.65 16.86
CA SER M 21 9.06 -51.03 16.12
C SER M 21 10.01 -52.08 15.56
N ALA M 22 10.54 -51.82 14.37
CA ALA M 22 11.50 -52.72 13.76
C ALA M 22 12.92 -52.26 13.98
N ASN M 23 13.09 -51.16 14.71
CA ASN M 23 14.43 -50.65 14.98
C ASN M 23 14.94 -51.22 16.30
N VAL M 24 14.26 -52.23 16.81
CA VAL M 24 14.69 -52.90 18.02
C VAL M 24 14.91 -54.36 17.72
N PRO M 25 15.84 -54.99 18.42
CA PRO M 25 16.13 -56.41 18.23
C PRO M 25 14.88 -57.25 18.43
N ASN M 26 14.71 -58.27 17.61
CA ASN M 26 13.60 -59.19 17.75
C ASN M 26 13.74 -59.93 19.06
N THR M 27 12.63 -60.40 19.61
CA THR M 27 12.67 -61.14 20.87
C THR M 27 13.73 -62.22 20.82
N LYS M 28 13.79 -62.97 19.72
CA LYS M 28 14.77 -64.03 19.58
C LYS M 28 16.17 -63.45 19.44
N GLN M 29 16.26 -62.23 18.91
CA GLN M 29 17.54 -61.57 18.78
C GLN M 29 17.99 -61.06 20.12
N TRP M 30 17.04 -60.62 20.95
CA TRP M 30 17.35 -60.21 22.31
C TRP M 30 17.93 -61.41 23.04
N ILE M 31 17.34 -62.57 22.78
CA ILE M 31 17.81 -63.82 23.35
C ILE M 31 19.18 -64.16 22.79
N GLY M 32 19.37 -63.91 21.50
CA GLY M 32 20.65 -64.13 20.86
C GLY M 32 21.71 -63.28 21.55
N ILE M 33 21.35 -62.06 21.90
CA ILE M 33 22.25 -61.17 22.61
C ILE M 33 22.57 -61.77 23.97
N GLN M 34 21.56 -62.32 24.62
CA GLN M 34 21.77 -62.98 25.91
C GLN M 34 22.71 -64.15 25.75
N ALA M 35 22.50 -64.94 24.70
CA ALA M 35 23.33 -66.10 24.45
C ALA M 35 24.79 -65.71 24.32
N GLY M 36 25.03 -64.51 23.79
CA GLY M 36 26.39 -64.03 23.63
C GLY M 36 26.85 -63.21 24.84
N LEU M 37 26.05 -62.22 25.21
CA LEU M 37 26.38 -61.30 26.30
C LEU M 37 26.44 -61.98 27.65
N ILE M 38 25.47 -62.84 27.94
CA ILE M 38 25.48 -63.56 29.20
C ILE M 38 26.66 -64.52 29.20
N LYS M 39 26.88 -65.15 28.05
CA LYS M 39 28.01 -66.04 27.86
C LYS M 39 29.33 -65.30 28.03
N ALA M 40 29.32 -64.03 27.65
CA ALA M 40 30.50 -63.17 27.72
C ALA M 40 30.86 -62.85 29.17
N GLY M 41 29.96 -63.14 30.11
CA GLY M 41 30.24 -62.89 31.52
C GLY M 41 29.20 -61.99 32.18
N ALA M 42 28.29 -61.44 31.39
CA ALA M 42 27.25 -60.59 31.94
C ALA M 42 26.15 -61.44 32.55
N THR M 43 25.44 -60.89 33.53
CA THR M 43 24.35 -61.64 34.14
C THR M 43 23.21 -60.74 34.58
N ASP M 44 21.99 -61.25 34.42
CA ASP M 44 20.77 -60.55 34.83
C ASP M 44 20.73 -59.09 34.39
N ALA M 45 20.70 -58.17 35.36
CA ALA M 45 20.60 -56.74 35.09
C ALA M 45 21.79 -56.22 34.30
N ASN M 46 22.92 -56.92 34.38
CA ASN M 46 24.10 -56.50 33.66
C ASN M 46 23.86 -56.56 32.16
N PHE M 47 22.87 -57.35 31.76
CA PHE M 47 22.52 -57.46 30.35
C PHE M 47 22.24 -56.07 29.79
N MET M 48 21.33 -55.36 30.43
CA MET M 48 21.00 -54.00 30.00
C MET M 48 22.13 -53.03 30.30
N LYS M 49 22.77 -53.20 31.46
CA LYS M 49 23.84 -52.30 31.86
C LYS M 49 24.95 -52.25 30.83
N VAL M 50 25.39 -53.43 30.38
CA VAL M 50 26.46 -53.52 29.41
C VAL M 50 26.03 -52.95 28.08
N LEU M 51 24.79 -53.25 27.68
CA LEU M 51 24.28 -52.74 26.42
C LEU M 51 24.17 -51.22 26.47
N LEU M 52 23.86 -50.69 27.64
CA LEU M 52 23.82 -49.23 27.82
C LEU M 52 25.22 -48.67 27.65
N GLY M 53 26.21 -49.42 28.12
CA GLY M 53 27.60 -49.00 27.94
C GLY M 53 27.87 -48.85 26.45
N LEU M 54 27.47 -49.86 25.68
CA LEU M 54 27.65 -49.82 24.24
C LEU M 54 26.85 -48.71 23.59
N SER M 55 25.65 -48.46 24.10
CA SER M 55 24.82 -47.40 23.56
C SER M 55 25.51 -46.06 23.77
N LEU M 56 26.17 -45.93 24.90
CA LEU M 56 26.93 -44.74 25.21
C LEU M 56 28.12 -44.64 24.28
N GLU M 57 28.69 -45.78 23.95
CA GLU M 57 29.80 -45.82 23.01
C GLU M 57 29.31 -45.50 21.62
N ALA M 58 28.12 -46.01 21.29
CA ALA M 58 27.51 -45.76 19.98
C ALA M 58 27.20 -44.29 19.84
N PHE M 59 26.91 -43.64 20.96
CA PHE M 59 26.62 -42.23 20.99
C PHE M 59 27.83 -41.46 20.49
N ASP M 60 29.02 -41.91 20.88
CA ASP M 60 30.26 -41.29 20.45
C ASP M 60 30.97 -42.05 19.33
N ARG M 61 30.48 -43.23 18.99
CA ARG M 61 31.12 -44.01 17.93
C ARG M 61 30.19 -44.36 16.78
N GLY M 62 29.30 -45.33 17.00
CA GLY M 62 28.37 -45.76 15.97
C GLY M 62 28.25 -47.28 15.94
N SER M 63 27.76 -47.82 14.82
CA SER M 63 27.58 -49.25 14.62
C SER M 63 28.85 -50.05 14.88
N SER M 64 29.55 -50.45 13.82
CA SER M 64 30.79 -51.21 13.99
C SER M 64 31.84 -50.37 14.70
N GLU M 65 31.65 -49.06 14.70
CA GLU M 65 32.55 -48.17 15.38
C GLU M 65 32.60 -48.50 16.87
N ALA M 66 31.43 -48.58 17.50
CA ALA M 66 31.36 -48.95 18.90
C ALA M 66 31.79 -50.39 19.10
N THR M 67 31.60 -51.20 18.05
CA THR M 67 32.02 -52.60 18.09
C THR M 67 33.53 -52.69 18.24
N THR M 68 34.26 -51.81 17.57
CA THR M 68 35.71 -51.79 17.67
C THR M 68 36.16 -51.20 19.00
N TRP M 69 35.33 -50.36 19.59
CA TRP M 69 35.67 -49.76 20.87
C TRP M 69 35.78 -50.79 21.98
N ASP M 70 36.91 -50.79 22.65
CA ASP M 70 37.20 -51.71 23.75
C ASP M 70 36.81 -51.12 25.09
N GLY M 71 37.16 -51.81 26.17
CA GLY M 71 36.87 -51.33 27.50
C GLY M 71 35.91 -52.27 28.21
N ILE M 72 36.33 -52.75 29.38
CA ILE M 72 35.50 -53.65 30.15
C ILE M 72 34.47 -52.89 30.95
N THR M 73 33.21 -53.22 30.70
CA THR M 73 32.11 -52.59 31.41
C THR M 73 31.86 -53.32 32.71
N GLU M 74 30.76 -52.97 33.37
CA GLU M 74 30.39 -53.62 34.60
C GLU M 74 30.17 -55.11 34.41
N GLY M 75 29.90 -55.53 33.17
CA GLY M 75 29.68 -56.94 32.89
C GLY M 75 30.77 -57.55 32.01
N VAL M 76 31.18 -56.83 30.96
CA VAL M 76 32.18 -57.37 30.04
C VAL M 76 32.65 -56.32 29.03
N GLU M 77 33.78 -56.60 28.37
CA GLU M 77 34.34 -55.75 27.34
C GLU M 77 33.31 -55.35 26.30
N HIS M 78 33.33 -54.07 25.91
CA HIS M 78 32.38 -53.55 24.93
C HIS M 78 32.40 -54.37 23.66
N ARG M 79 33.59 -54.73 23.21
CA ARG M 79 33.74 -55.51 21.98
C ARG M 79 33.09 -56.87 22.12
N ALA M 80 33.26 -57.49 23.29
CA ALA M 80 32.68 -58.80 23.54
C ALA M 80 31.17 -58.72 23.49
N ALA M 81 30.62 -57.68 24.11
CA ALA M 81 29.19 -57.47 24.12
C ALA M 81 28.71 -57.15 22.71
N ALA M 82 29.52 -56.42 21.96
CA ALA M 82 29.20 -56.06 20.59
C ALA M 82 29.12 -57.32 19.75
N ASN M 83 29.98 -58.28 20.05
CA ASN M 83 29.99 -59.54 19.33
C ASN M 83 28.67 -60.27 19.56
N ALA M 84 28.17 -60.19 20.80
CA ALA M 84 26.90 -60.81 21.13
C ALA M 84 25.78 -60.21 20.29
N ILE M 85 25.83 -58.90 20.10
CA ILE M 85 24.85 -58.21 19.29
C ILE M 85 24.96 -58.69 17.84
N LYS M 86 26.18 -58.86 17.38
CA LYS M 86 26.44 -59.36 16.03
C LYS M 86 25.95 -60.81 15.91
N GLU M 87 26.07 -61.58 17.00
CA GLU M 87 25.59 -62.96 17.00
C GLU M 87 24.08 -62.99 16.79
N ALA M 88 23.41 -61.95 17.26
CA ALA M 88 21.97 -61.81 17.10
C ALA M 88 21.61 -61.26 15.72
N ASN M 89 22.63 -61.03 14.90
CA ASN M 89 22.46 -60.49 13.56
C ASN M 89 21.95 -59.06 13.59
N CYS M 90 22.38 -58.30 14.58
CA CYS M 90 21.98 -56.91 14.71
C CYS M 90 23.19 -55.99 14.82
N PRO M 91 23.02 -54.75 14.40
CA PRO M 91 24.06 -53.74 14.61
C PRO M 91 23.90 -53.18 16.01
N ILE M 92 24.95 -52.59 16.56
CA ILE M 92 24.85 -52.00 17.89
C ILE M 92 23.77 -50.93 17.89
N HIS M 93 23.64 -50.24 16.76
CA HIS M 93 22.62 -49.22 16.62
C HIS M 93 21.23 -49.80 16.85
N LYS M 94 21.02 -51.04 16.44
CA LYS M 94 19.73 -51.70 16.62
C LYS M 94 19.37 -51.75 18.09
N VAL M 95 20.34 -52.14 18.91
CA VAL M 95 20.14 -52.18 20.35
C VAL M 95 20.04 -50.77 20.92
N THR M 96 20.90 -49.89 20.40
CA THR M 96 20.96 -48.50 20.83
C THR M 96 19.65 -47.78 20.57
N TYR M 97 18.97 -48.16 19.49
CA TYR M 97 17.70 -47.53 19.15
C TYR M 97 16.71 -47.76 20.30
N TYR M 98 16.75 -48.95 20.88
CA TYR M 98 15.90 -49.29 22.01
C TYR M 98 16.34 -48.54 23.26
N LEU M 99 17.66 -48.43 23.43
CA LEU M 99 18.23 -47.76 24.59
C LEU M 99 18.73 -46.36 24.27
N ALA M 100 18.12 -45.74 23.27
CA ALA M 100 18.54 -44.41 22.84
C ALA M 100 18.21 -43.32 23.86
N LYS M 101 17.00 -43.36 24.40
CA LYS M 101 16.56 -42.33 25.32
C LYS M 101 17.30 -42.36 26.65
N PRO M 102 17.42 -43.53 27.26
CA PRO M 102 18.14 -43.65 28.53
C PRO M 102 19.59 -43.26 28.32
N THR M 103 20.13 -43.61 27.16
CA THR M 103 21.51 -43.29 26.81
C THR M 103 21.70 -41.80 26.72
N PHE M 104 20.82 -41.16 25.97
CA PHE M 104 20.84 -39.71 25.82
C PHE M 104 20.60 -39.06 27.16
N ALA M 105 19.68 -39.63 27.92
CA ALA M 105 19.32 -39.13 29.24
C ALA M 105 20.52 -39.11 30.16
N ILE M 106 21.34 -40.15 30.09
CA ILE M 106 22.54 -40.23 30.91
C ILE M 106 23.46 -39.08 30.59
N ARG M 107 23.80 -38.94 29.31
CA ARG M 107 24.70 -37.90 28.87
C ARG M 107 24.11 -36.52 29.04
N GLN M 108 22.80 -36.40 28.90
CA GLN M 108 22.16 -35.12 29.05
C GLN M 108 22.28 -34.63 30.49
N SER M 109 22.17 -35.57 31.43
CA SER M 109 22.30 -35.23 32.84
C SER M 109 23.77 -35.02 33.21
N LYS M 110 24.66 -35.69 32.48
CA LYS M 110 26.09 -35.55 32.73
C LYS M 110 26.72 -34.53 31.81
N ASN M 111 25.90 -33.95 30.93
CA ASN M 111 26.37 -32.93 29.98
C ASN M 111 27.50 -33.44 29.10
N LEU M 112 27.35 -34.65 28.58
CA LEU M 112 28.37 -35.25 27.72
C LEU M 112 27.91 -35.30 26.28
N PRO M 113 28.23 -34.26 25.51
CA PRO M 113 27.81 -34.17 24.11
C PRO M 113 28.52 -35.21 23.26
N PRO M 114 27.99 -35.48 22.09
CA PRO M 114 28.55 -36.50 21.20
C PRO M 114 29.95 -36.13 20.76
N ALA M 115 30.86 -37.08 20.85
CA ALA M 115 32.26 -36.87 20.50
C ALA M 115 32.44 -36.69 19.01
N ASN M 116 31.48 -37.16 18.23
CA ASN M 116 31.57 -37.05 16.77
C ASN M 116 30.93 -35.76 16.27
N PHE M 117 30.50 -34.92 17.21
CA PHE M 117 29.93 -33.62 16.90
C PHE M 117 30.89 -32.83 16.04
N ALA M 118 32.15 -32.80 16.47
CA ALA M 118 33.20 -32.09 15.77
C ALA M 118 33.42 -32.66 14.37
N LYS M 119 33.45 -33.99 14.29
CA LYS M 119 33.71 -34.69 13.04
C LYS M 119 32.64 -34.41 12.01
N LYS M 120 31.40 -34.31 12.47
CA LYS M 120 30.26 -34.09 11.60
C LYS M 120 30.05 -32.63 11.28
N ASN M 121 30.85 -31.75 11.89
CA ASN M 121 30.74 -30.33 11.65
C ASN M 121 29.35 -29.80 11.99
N VAL M 122 28.71 -30.44 12.98
CA VAL M 122 27.38 -30.03 13.39
C VAL M 122 27.44 -28.70 14.12
N PRO M 123 26.59 -27.76 13.73
CA PRO M 123 26.56 -26.45 14.37
C PRO M 123 26.37 -26.58 15.87
N SER M 124 26.99 -25.68 16.62
CA SER M 124 26.89 -25.71 18.07
C SER M 124 25.44 -25.56 18.52
N GLN M 125 24.64 -24.91 17.68
CA GLN M 125 23.22 -24.75 17.95
C GLN M 125 22.56 -26.11 18.06
N TYR M 126 23.12 -27.08 17.34
CA TYR M 126 22.59 -28.43 17.32
C TYR M 126 23.58 -29.41 17.93
N LYS M 127 24.27 -28.98 18.97
CA LYS M 127 25.28 -29.79 19.64
C LYS M 127 24.76 -31.16 20.08
N TRP M 128 23.53 -31.20 20.55
CA TRP M 128 22.95 -32.46 21.01
C TRP M 128 22.11 -33.15 19.94
N CYS M 129 22.23 -32.69 18.71
CA CYS M 129 21.49 -33.29 17.62
C CYS M 129 22.30 -34.37 16.91
N ALA M 130 23.60 -34.41 17.18
CA ALA M 130 24.47 -35.41 16.57
C ALA M 130 24.35 -36.74 17.31
N PHE M 131 23.19 -37.39 17.15
CA PHE M 131 22.93 -38.67 17.80
C PHE M 131 22.39 -39.67 16.80
N ASP M 132 23.18 -40.70 16.51
CA ASP M 132 22.81 -41.70 15.52
C ASP M 132 21.48 -42.37 15.81
N ALA M 133 21.24 -42.67 17.09
CA ALA M 133 19.99 -43.32 17.48
C ALA M 133 18.95 -42.32 17.96
N PHE M 134 18.97 -41.12 17.38
CA PHE M 134 18.00 -40.09 17.77
C PHE M 134 16.57 -40.53 17.53
N ASP M 135 16.38 -41.49 16.62
CA ASP M 135 15.04 -41.98 16.32
C ASP M 135 14.41 -42.64 17.53
N GLY M 136 15.25 -43.18 18.41
CA GLY M 136 14.77 -43.83 19.62
C GLY M 136 14.17 -42.81 20.58
N LEU M 137 14.50 -41.53 20.37
CA LEU M 137 13.98 -40.46 21.21
C LEU M 137 12.50 -40.24 20.94
N TYR M 138 12.04 -40.75 19.79
CA TYR M 138 10.65 -40.62 19.39
C TYR M 138 9.95 -41.97 19.38
N ASP M 139 10.75 -43.03 19.22
CA ASP M 139 10.23 -44.38 19.16
C ASP M 139 9.46 -44.75 20.43
N PRO M 140 8.18 -45.09 20.26
CA PRO M 140 7.30 -45.40 21.40
C PRO M 140 7.72 -46.65 22.15
N THR M 141 8.51 -47.51 21.52
CA THR M 141 8.95 -48.74 22.17
C THR M 141 10.29 -48.56 22.86
N CYS M 142 10.93 -47.42 22.63
CA CYS M 142 12.25 -47.16 23.22
C CYS M 142 12.15 -46.99 24.73
N LEU M 143 13.10 -47.61 25.43
CA LEU M 143 13.16 -47.55 26.90
C LEU M 143 13.44 -46.14 27.37
N ALA M 144 12.94 -45.79 28.56
CA ALA M 144 13.16 -44.45 29.10
C ALA M 144 12.48 -44.27 30.45
N SER M 145 13.29 -44.24 31.50
CA SER M 145 12.79 -44.04 32.85
C SER M 145 12.64 -42.55 33.17
N GLU M 146 13.37 -41.71 32.46
CA GLU M 146 13.32 -40.26 32.64
C GLU M 146 14.32 -39.55 31.76
N LEU M 147 13.84 -38.64 30.92
CA LEU M 147 14.68 -37.86 30.04
C LEU M 147 14.82 -36.43 30.55
N PRO M 148 16.04 -36.03 30.93
CA PRO M 148 16.31 -34.70 31.48
C PRO M 148 15.92 -33.56 30.56
N TYR M 149 16.04 -33.76 29.26
CA TYR M 149 15.71 -32.71 28.30
C TYR M 149 14.93 -33.24 27.12
N ASP M 150 13.90 -32.51 26.72
CA ASP M 150 13.08 -32.90 25.59
C ASP M 150 13.80 -32.70 24.27
N ALA M 151 14.73 -33.60 23.99
CA ALA M 151 15.49 -33.58 22.74
C ALA M 151 14.58 -33.82 21.55
N PRO M 152 13.45 -34.49 21.79
CA PRO M 152 12.49 -34.70 20.69
C PRO M 152 11.94 -33.40 20.11
N SER M 153 12.12 -32.28 20.82
CA SER M 153 11.62 -30.98 20.36
C SER M 153 11.67 -30.84 18.85
N GLU M 154 10.60 -30.32 18.27
CA GLU M 154 10.47 -30.18 16.82
C GLU M 154 11.64 -29.44 16.19
N ILE M 155 12.15 -28.43 16.88
CA ILE M 155 13.30 -27.70 16.38
C ILE M 155 14.48 -28.65 16.28
N ASP M 156 14.65 -29.46 17.33
CA ASP M 156 15.70 -30.46 17.36
C ASP M 156 15.41 -31.56 16.34
N ARG M 157 14.12 -31.79 16.08
CA ARG M 157 13.70 -32.81 15.13
C ARG M 157 14.10 -32.43 13.72
N MET M 158 13.93 -31.15 13.38
CA MET M 158 14.36 -30.68 12.08
C MET M 158 15.88 -30.66 12.04
N ALA M 159 16.49 -30.40 13.19
CA ALA M 159 17.93 -30.46 13.30
C ALA M 159 18.37 -31.90 13.15
N TYR M 160 17.54 -32.83 13.65
CA TYR M 160 17.81 -34.25 13.52
C TYR M 160 17.67 -34.66 12.06
N ALA M 161 16.78 -33.98 11.36
CA ALA M 161 16.63 -34.22 9.93
C ALA M 161 17.91 -33.77 9.23
N THR M 162 18.43 -32.63 9.66
CA THR M 162 19.69 -32.14 9.11
C THR M 162 20.77 -33.15 9.45
N PHE M 163 20.69 -33.69 10.66
CA PHE M 163 21.59 -34.73 11.09
C PHE M 163 21.43 -35.97 10.21
N LYS M 164 20.20 -36.25 9.81
CA LYS M 164 19.94 -37.37 8.93
C LYS M 164 20.69 -37.18 7.62
N THR M 165 20.81 -35.93 7.19
CA THR M 165 21.58 -35.63 5.97
C THR M 165 23.00 -36.13 6.13
N ILE M 166 23.55 -35.96 7.33
CA ILE M 166 24.89 -36.45 7.62
C ILE M 166 24.93 -37.95 7.45
N GLN M 167 23.92 -38.60 8.02
CA GLN M 167 23.81 -40.05 7.97
C GLN M 167 23.67 -40.49 6.52
N ILE M 168 22.92 -39.73 5.74
CA ILE M 168 22.73 -40.01 4.33
C ILE M 168 24.02 -39.82 3.56
N LYS M 169 24.72 -38.73 3.86
CA LYS M 169 25.99 -38.44 3.21
C LYS M 169 26.97 -39.57 3.39
N ILE M 170 27.14 -40.00 4.63
CA ILE M 170 28.07 -41.08 4.91
C ILE M 170 27.59 -42.35 4.25
N ALA M 171 26.28 -42.55 4.21
CA ALA M 171 25.73 -43.69 3.52
C ALA M 171 26.13 -43.63 2.06
N ASN M 172 26.04 -42.45 1.46
CA ASN M 172 26.44 -42.27 0.08
C ASN M 172 27.94 -42.54 -0.06
N ASP M 173 28.69 -42.19 0.98
CA ASP M 173 30.12 -42.36 0.99
C ASP M 173 30.53 -43.83 1.12
N GLN M 174 29.72 -44.63 1.82
CA GLN M 174 30.05 -46.05 2.01
C GLN M 174 28.99 -46.98 1.45
N LYS M 175 27.73 -46.73 1.77
CA LYS M 175 26.62 -47.55 1.27
C LYS M 175 26.48 -47.37 -0.24
N GLY M 176 26.92 -46.21 -0.72
CA GLY M 176 26.86 -45.88 -2.13
C GLY M 176 27.87 -46.67 -2.94
N PHE M 177 28.74 -47.43 -2.26
CA PHE M 177 29.72 -48.25 -2.97
C PHE M 177 28.99 -49.21 -3.90
N ASN M 178 29.45 -49.28 -5.15
CA ASN M 178 28.80 -50.09 -6.14
C ASN M 178 29.22 -51.55 -6.08
N LEU M 179 28.37 -52.40 -5.52
CA LEU M 179 28.63 -53.82 -5.48
C LEU M 179 28.22 -54.44 -6.81
N ASN M 180 29.02 -54.16 -7.83
CA ASN M 180 28.76 -54.61 -9.18
C ASN M 180 29.30 -56.00 -9.47
N TYR M 181 29.95 -56.61 -8.49
CA TYR M 181 30.43 -57.96 -8.67
C TYR M 181 30.61 -58.68 -7.36
N ASN M 182 30.58 -60.00 -7.42
CA ASN M 182 30.83 -60.81 -6.24
C ASN M 182 32.18 -61.52 -6.37
N PRO M 183 32.32 -62.41 -7.34
CA PRO M 183 33.55 -63.20 -7.48
C PRO M 183 34.69 -62.42 -8.12
N ASN M 184 35.03 -61.27 -7.53
CA ASN M 184 36.14 -60.47 -8.00
C ASN M 184 36.09 -60.15 -9.50
N VAL M 185 34.94 -59.77 -10.02
CA VAL M 185 34.87 -59.44 -11.45
C VAL M 185 35.37 -58.02 -11.69
N THR M 186 36.68 -57.85 -11.55
CA THR M 186 37.31 -56.56 -11.73
C THR M 186 37.43 -56.21 -13.20
N GLN M 187 37.25 -57.20 -14.05
CA GLN M 187 37.28 -56.99 -15.49
C GLN M 187 36.08 -56.18 -15.94
N ALA M 188 34.99 -56.25 -15.17
CA ALA M 188 33.82 -55.44 -15.46
C ALA M 188 34.07 -54.03 -14.94
N ARG M 189 34.42 -53.95 -13.66
CA ARG M 189 34.78 -52.70 -13.02
C ARG M 189 35.87 -52.92 -11.99
N LEU M 190 36.94 -52.16 -12.11
CA LEU M 190 38.09 -52.29 -11.23
C LEU M 190 37.81 -51.77 -9.83
N PRO M 191 38.56 -52.28 -8.87
CA PRO M 191 38.45 -51.84 -7.48
C PRO M 191 38.69 -50.35 -7.39
N ASN M 192 37.88 -49.68 -6.58
CA ASN M 192 37.99 -48.23 -6.38
C ASN M 192 37.70 -47.43 -7.65
N ALA M 193 37.12 -48.07 -8.65
CA ALA M 193 36.74 -47.37 -9.88
C ALA M 193 35.59 -46.41 -9.60
N PRO M 194 34.75 -46.73 -8.61
CA PRO M 194 33.63 -45.86 -8.25
C PRO M 194 34.10 -44.53 -7.65
N LEU M 195 35.38 -44.42 -7.30
CA LEU M 195 35.89 -43.19 -6.73
C LEU M 195 35.64 -42.01 -7.65
N PRO M 196 35.02 -40.96 -7.11
CA PRO M 196 34.72 -39.76 -7.89
C PRO M 196 35.98 -39.15 -8.48
N ALA M 197 35.87 -38.61 -9.69
CA ALA M 197 36.99 -37.96 -10.35
C ALA M 197 37.35 -36.68 -9.63
N LEU M 198 38.61 -36.28 -9.76
CA LEU M 198 39.08 -35.06 -9.12
C LEU M 198 38.37 -33.85 -9.69
N PRO M 199 38.02 -32.90 -8.82
CA PRO M 199 37.29 -31.70 -9.24
C PRO M 199 38.15 -30.81 -10.13
N GLU M 200 37.52 -30.29 -11.18
CA GLU M 200 38.19 -29.38 -12.10
C GLU M 200 38.19 -27.97 -11.52
N PRO M 201 39.10 -27.13 -11.99
CA PRO M 201 39.16 -25.74 -11.52
C PRO M 201 38.13 -24.86 -12.22
N THR M 202 37.60 -25.33 -13.35
CA THR M 202 36.63 -24.54 -14.11
C THR M 202 35.22 -24.73 -13.58
N SER M 203 34.35 -23.77 -13.88
CA SER M 203 32.97 -23.81 -13.42
C SER M 203 32.13 -24.81 -14.19
N ASP M 204 32.59 -25.17 -15.38
CA ASP M 204 31.87 -26.12 -16.22
C ASP M 204 32.81 -27.21 -16.74
N GLN N 1 -66.33 14.53 -15.43
CA GLN N 1 -65.41 15.12 -14.47
C GLN N 1 -65.98 15.09 -13.06
N PRO N 2 -65.95 13.92 -12.42
CA PRO N 2 -66.53 13.75 -11.09
C PRO N 2 -65.86 14.65 -10.06
N TRP N 3 -64.59 14.97 -10.27
CA TRP N 3 -63.88 15.81 -9.33
C TRP N 3 -64.32 17.26 -9.41
N GLU N 4 -65.00 17.63 -10.50
CA GLU N 4 -65.49 18.99 -10.66
C GLU N 4 -66.85 19.18 -10.00
N ALA N 5 -67.46 18.07 -9.60
CA ALA N 5 -68.78 18.11 -8.98
C ALA N 5 -68.70 18.60 -7.53
N ILE N 6 -69.76 19.25 -7.08
CA ILE N 6 -69.83 19.71 -5.70
C ILE N 6 -70.35 18.58 -4.83
N PHE N 7 -69.59 18.23 -3.81
CA PHE N 7 -69.96 17.10 -2.95
C PHE N 7 -71.18 17.38 -2.10
N THR N 8 -71.42 18.65 -1.79
CA THR N 8 -72.57 19.06 -0.97
C THR N 8 -72.36 18.72 0.50
N LYS N 9 -72.49 19.73 1.35
CA LYS N 9 -72.27 19.58 2.79
C LYS N 9 -73.16 18.52 3.40
N ASP N 10 -74.38 18.39 2.89
CA ASP N 10 -75.31 17.39 3.38
C ASP N 10 -74.70 16.00 3.30
N ASP N 11 -73.92 15.78 2.25
CA ASP N 11 -73.26 14.50 2.04
C ASP N 11 -71.99 14.40 2.88
N LEU N 12 -71.32 15.53 3.08
CA LEU N 12 -70.10 15.55 3.89
C LEU N 12 -70.41 15.13 5.32
N ALA N 13 -71.52 15.65 5.85
CA ALA N 13 -71.95 15.35 7.21
C ALA N 13 -72.42 13.91 7.34
N ALA N 14 -72.78 13.31 6.21
CA ALA N 14 -73.26 11.93 6.20
C ALA N 14 -72.11 10.92 6.26
N ILE N 15 -70.88 11.40 6.10
CA ILE N 15 -69.72 10.52 6.10
C ILE N 15 -69.42 9.98 7.51
N GLU N 16 -69.40 10.87 8.50
CA GLU N 16 -69.16 10.48 9.88
C GLU N 16 -67.94 9.58 10.03
N PRO N 17 -66.78 10.10 9.63
CA PRO N 17 -65.54 9.33 9.67
C PRO N 17 -64.98 9.21 11.08
N LYS N 18 -64.00 8.34 11.24
CA LYS N 18 -63.32 8.15 12.51
C LYS N 18 -61.84 8.48 12.38
N PRO N 19 -61.25 9.08 13.41
CA PRO N 19 -59.82 9.41 13.38
C PRO N 19 -59.01 8.14 13.17
N ALA N 20 -57.91 8.26 12.43
CA ALA N 20 -57.09 7.10 12.09
C ALA N 20 -55.63 7.32 12.44
N SER N 21 -55.32 7.20 13.73
CA SER N 21 -53.96 7.35 14.20
C SER N 21 -53.08 6.18 13.76
N ALA N 22 -51.82 6.48 13.46
CA ALA N 22 -50.88 5.44 13.07
C ALA N 22 -50.01 5.01 14.23
N ASN N 23 -50.25 5.58 15.41
CA ASN N 23 -49.47 5.21 16.58
C ASN N 23 -50.18 4.10 17.34
N VAL N 24 -51.17 3.49 16.71
CA VAL N 24 -51.87 2.36 17.30
C VAL N 24 -51.74 1.16 16.37
N PRO N 25 -51.73 -0.03 16.95
CA PRO N 25 -51.61 -1.25 16.16
C PRO N 25 -52.73 -1.34 15.14
N ASN N 26 -52.41 -1.82 13.94
CA ASN N 26 -53.41 -2.03 12.91
C ASN N 26 -54.38 -3.09 13.37
N THR N 27 -55.60 -3.05 12.85
CA THR N 27 -56.60 -4.04 13.22
C THR N 27 -56.03 -5.45 13.13
N LYS N 28 -55.32 -5.74 12.04
CA LYS N 28 -54.72 -7.06 11.87
C LYS N 28 -53.59 -7.28 12.86
N GLN N 29 -52.96 -6.19 13.28
CA GLN N 29 -51.89 -6.28 14.27
C GLN N 29 -52.49 -6.52 15.64
N TRP N 30 -53.66 -5.92 15.88
CA TRP N 30 -54.37 -6.17 17.13
C TRP N 30 -54.71 -7.64 17.21
N ILE N 31 -55.10 -8.19 16.05
CA ILE N 31 -55.40 -9.60 15.93
C ILE N 31 -54.13 -10.42 16.12
N GLY N 32 -53.03 -9.93 15.57
CA GLY N 32 -51.75 -10.58 15.73
C GLY N 32 -51.40 -10.66 17.21
N ILE N 33 -51.70 -9.58 17.94
CA ILE N 33 -51.46 -9.56 19.38
C ILE N 33 -52.33 -10.62 20.04
N GLN N 34 -53.58 -10.73 19.58
CA GLN N 34 -54.48 -11.76 20.11
C GLN N 34 -53.93 -13.13 19.84
N ALA N 35 -53.42 -13.34 18.62
CA ALA N 35 -52.87 -14.62 18.23
C ALA N 35 -51.75 -15.03 19.17
N GLY N 36 -51.00 -14.04 19.65
CA GLY N 36 -49.91 -14.31 20.56
C GLY N 36 -50.34 -14.26 22.03
N LEU N 37 -51.00 -13.16 22.40
CA LEU N 37 -51.41 -12.92 23.77
C LEU N 37 -52.46 -13.91 24.25
N ILE N 38 -53.45 -14.18 23.41
CA ILE N 38 -54.48 -15.14 23.79
C ILE N 38 -53.84 -16.52 23.86
N LYS N 39 -52.97 -16.80 22.91
CA LYS N 39 -52.22 -18.04 22.87
C LYS N 39 -51.33 -18.17 24.11
N ALA N 40 -50.87 -17.03 24.60
CA ALA N 40 -49.99 -16.98 25.77
C ALA N 40 -50.74 -17.34 27.05
N GLY N 41 -52.07 -17.41 26.98
CA GLY N 41 -52.87 -17.77 28.14
C GLY N 41 -53.90 -16.71 28.52
N ALA N 42 -53.85 -15.56 27.87
CA ALA N 42 -54.81 -14.50 28.14
C ALA N 42 -56.12 -14.80 27.44
N THR N 43 -57.23 -14.29 27.97
CA THR N 43 -58.51 -14.50 27.34
C THR N 43 -59.45 -13.32 27.52
N ASP N 44 -60.24 -13.04 26.48
CA ASP N 44 -61.24 -11.99 26.50
C ASP N 44 -60.71 -10.66 27.05
N ALA N 45 -61.29 -10.21 28.16
CA ALA N 45 -60.93 -8.93 28.77
C ALA N 45 -59.48 -8.89 29.22
N ASN N 46 -58.89 -10.05 29.46
CA ASN N 46 -57.50 -10.12 29.89
C ASN N 46 -56.59 -9.59 28.79
N PHE N 47 -57.08 -9.58 27.57
CA PHE N 47 -56.31 -9.07 26.45
C PHE N 47 -55.87 -7.64 26.76
N MET N 48 -56.83 -6.79 27.08
CA MET N 48 -56.53 -5.41 27.42
C MET N 48 -55.83 -5.31 28.77
N LYS N 49 -56.26 -6.12 29.73
CA LYS N 49 -55.69 -6.08 31.07
C LYS N 49 -54.20 -6.31 31.05
N VAL N 50 -53.77 -7.34 30.33
CA VAL N 50 -52.37 -7.68 30.25
C VAL N 50 -51.59 -6.60 29.52
N LEU N 51 -52.18 -6.08 28.45
CA LEU N 51 -51.53 -5.02 27.69
C LEU N 51 -51.39 -3.77 28.54
N LEU N 52 -52.37 -3.53 29.41
CA LEU N 52 -52.29 -2.41 30.33
C LEU N 52 -51.14 -2.62 31.30
N GLY N 53 -50.94 -3.88 31.69
CA GLY N 53 -49.82 -4.22 32.55
C GLY N 53 -48.53 -3.79 31.87
N LEU N 54 -48.40 -4.16 30.60
CA LEU N 54 -47.22 -3.78 29.82
C LEU N 54 -47.11 -2.28 29.64
N SER N 55 -48.25 -1.61 29.46
CA SER N 55 -48.24 -0.17 29.29
C SER N 55 -47.71 0.49 30.56
N LEU N 56 -48.07 -0.10 31.69
CA LEU N 56 -47.60 0.37 32.98
C LEU N 56 -46.10 0.12 33.09
N GLU N 57 -45.66 -1.00 32.53
CA GLU N 57 -44.25 -1.33 32.51
C GLU N 57 -43.52 -0.39 31.59
N ALA N 58 -44.14 -0.09 30.45
CA ALA N 58 -43.58 0.82 29.46
C ALA N 58 -43.44 2.20 30.06
N PHE N 59 -44.35 2.53 30.97
CA PHE N 59 -44.33 3.81 31.66
C PHE N 59 -43.03 3.94 32.43
N ASP N 60 -42.60 2.85 33.06
CA ASP N 60 -41.36 2.83 33.81
C ASP N 60 -40.19 2.20 33.05
N ARG N 61 -40.45 1.61 31.89
CA ARG N 61 -39.39 0.96 31.13
C ARG N 61 -39.23 1.51 29.72
N GLY N 62 -40.14 1.14 28.83
CA GLY N 62 -40.09 1.59 27.45
C GLY N 62 -40.39 0.45 26.48
N SER N 63 -39.98 0.61 25.22
CA SER N 63 -40.20 -0.39 24.16
C SER N 63 -39.66 -1.78 24.55
N SER N 64 -38.49 -2.14 24.04
CA SER N 64 -37.91 -3.44 24.35
C SER N 64 -37.58 -3.53 25.83
N GLU N 65 -37.50 -2.37 26.49
CA GLU N 65 -37.24 -2.34 27.91
C GLU N 65 -38.36 -3.07 28.66
N ALA N 66 -39.61 -2.72 28.38
CA ALA N 66 -40.73 -3.39 29.01
C ALA N 66 -40.81 -4.83 28.52
N THR N 67 -40.30 -5.07 27.31
CA THR N 67 -40.27 -6.42 26.74
C THR N 67 -39.40 -7.32 27.59
N THR N 68 -38.28 -6.79 28.07
CA THR N 68 -37.38 -7.57 28.91
C THR N 68 -37.94 -7.72 30.32
N TRP N 69 -38.80 -6.79 30.72
CA TRP N 69 -39.41 -6.87 32.05
C TRP N 69 -40.30 -8.09 32.19
N ASP N 70 -40.03 -8.89 33.21
CA ASP N 70 -40.78 -10.10 33.51
C ASP N 70 -41.92 -9.82 34.48
N GLY N 71 -42.58 -10.88 34.93
CA GLY N 71 -43.67 -10.76 35.88
C GLY N 71 -44.98 -11.22 35.27
N ILE N 72 -45.62 -12.17 35.92
CA ILE N 72 -46.88 -12.70 35.45
C ILE N 72 -48.03 -11.80 35.82
N THR N 73 -48.75 -11.33 34.81
CA THR N 73 -49.89 -10.47 35.02
C THR N 73 -51.12 -11.32 35.28
N GLU N 74 -52.27 -10.67 35.30
CA GLU N 74 -53.53 -11.37 35.49
C GLU N 74 -53.78 -12.39 34.39
N GLY N 75 -53.12 -12.20 33.24
CA GLY N 75 -53.29 -13.14 32.13
C GLY N 75 -52.01 -13.92 31.83
N VAL N 76 -50.87 -13.24 31.80
CA VAL N 76 -49.62 -13.91 31.45
C VAL N 76 -48.40 -13.01 31.69
N GLU N 77 -47.22 -13.63 31.72
CA GLU N 77 -45.95 -12.92 31.87
C GLU N 77 -45.82 -11.76 30.91
N HIS N 78 -45.33 -10.63 31.42
CA HIS N 78 -45.16 -9.42 30.62
C HIS N 78 -44.36 -9.71 29.36
N ARG N 79 -43.29 -10.48 29.50
CA ARG N 79 -42.42 -10.81 28.39
C ARG N 79 -43.17 -11.61 27.34
N ALA N 80 -44.01 -12.54 27.79
CA ALA N 80 -44.79 -13.36 26.87
C ALA N 80 -45.76 -12.50 26.08
N ALA N 81 -46.39 -11.57 26.78
CA ALA N 81 -47.33 -10.65 26.14
C ALA N 81 -46.58 -9.73 25.20
N ALA N 82 -45.37 -9.34 25.60
CA ALA N 82 -44.55 -8.48 24.79
C ALA N 82 -44.18 -9.18 23.49
N ASN N 83 -43.98 -10.49 23.59
CA ASN N 83 -43.66 -11.30 22.42
C ASN N 83 -44.82 -11.26 21.44
N ALA N 84 -46.03 -11.30 21.97
CA ALA N 84 -47.23 -11.23 21.14
C ALA N 84 -47.27 -9.92 20.37
N ILE N 85 -46.89 -8.85 21.05
CA ILE N 85 -46.84 -7.55 20.42
C ILE N 85 -45.80 -7.55 19.31
N LYS N 86 -44.67 -8.19 19.58
CA LYS N 86 -43.61 -8.31 18.59
C LYS N 86 -44.06 -9.18 17.41
N GLU N 87 -44.90 -10.18 17.70
CA GLU N 87 -45.45 -11.04 16.65
C GLU N 87 -46.30 -10.21 15.70
N ALA N 88 -46.94 -9.18 16.23
CA ALA N 88 -47.76 -8.27 15.45
C ALA N 88 -46.91 -7.23 14.73
N ASN N 89 -45.59 -7.32 14.90
CA ASN N 89 -44.64 -6.40 14.29
C ASN N 89 -44.78 -5.00 14.85
N CYS N 90 -45.10 -4.91 16.14
CA CYS N 90 -45.23 -3.63 16.81
C CYS N 90 -44.35 -3.57 18.05
N PRO N 91 -43.95 -2.35 18.42
CA PRO N 91 -43.26 -2.14 19.69
C PRO N 91 -44.30 -2.04 20.80
N ILE N 92 -43.89 -2.28 22.05
CA ILE N 92 -44.84 -2.16 23.14
C ILE N 92 -45.39 -0.74 23.20
N HIS N 93 -44.55 0.22 22.82
CA HIS N 93 -44.96 1.62 22.77
C HIS N 93 -46.15 1.80 21.86
N LYS N 94 -46.18 1.03 20.76
CA LYS N 94 -47.29 1.13 19.81
C LYS N 94 -48.60 0.82 20.50
N VAL N 95 -48.61 -0.24 21.29
CA VAL N 95 -49.80 -0.60 22.06
C VAL N 95 -50.04 0.41 23.16
N THR N 96 -48.95 0.83 23.81
CA THR N 96 -49.00 1.77 24.91
C THR N 96 -49.57 3.11 24.47
N TYR N 97 -49.31 3.49 23.23
CA TYR N 97 -49.82 4.75 22.70
C TYR N 97 -51.35 4.74 22.75
N TYR N 98 -51.93 3.59 22.44
CA TYR N 98 -53.37 3.41 22.49
C TYR N 98 -53.86 3.40 23.93
N LEU N 99 -53.09 2.77 24.81
CA LEU N 99 -53.45 2.65 26.21
C LEU N 99 -52.65 3.61 27.08
N ALA N 100 -52.23 4.73 26.52
CA ALA N 100 -51.42 5.71 27.24
C ALA N 100 -52.22 6.42 28.32
N LYS N 101 -53.42 6.87 27.98
CA LYS N 101 -54.23 7.64 28.92
C LYS N 101 -54.69 6.83 30.11
N PRO N 102 -55.25 5.65 29.88
CA PRO N 102 -55.71 4.80 30.98
C PRO N 102 -54.52 4.43 31.85
N THR N 103 -53.37 4.21 31.22
CA THR N 103 -52.15 3.85 31.91
C THR N 103 -51.71 4.99 32.83
N PHE N 104 -51.66 6.18 32.26
CA PHE N 104 -51.30 7.36 33.03
C PHE N 104 -52.34 7.61 34.10
N ALA N 105 -53.60 7.39 33.75
CA ALA N 105 -54.72 7.59 34.66
C ALA N 105 -54.58 6.70 35.88
N ILE N 106 -54.14 5.46 35.67
CA ILE N 106 -53.95 4.54 36.78
C ILE N 106 -52.92 5.07 37.73
N ARG N 107 -51.74 5.39 37.20
CA ARG N 107 -50.65 5.89 38.00
C ARG N 107 -50.94 7.26 38.60
N GLN N 108 -51.71 8.06 37.87
CA GLN N 108 -52.04 9.38 38.37
C GLN N 108 -52.92 9.27 39.60
N SER N 109 -53.83 8.30 39.59
CA SER N 109 -54.70 8.07 40.73
C SER N 109 -53.95 7.37 41.85
N LYS N 110 -52.94 6.59 41.49
CA LYS N 110 -52.14 5.88 42.49
C LYS N 110 -50.90 6.66 42.85
N ASN N 111 -50.70 7.81 42.20
CA ASN N 111 -49.55 8.66 42.45
C ASN N 111 -48.23 7.94 42.22
N LEU N 112 -48.14 7.20 41.12
CA LEU N 112 -46.93 6.46 40.79
C LEU N 112 -46.19 7.09 39.61
N PRO N 113 -45.26 7.99 39.92
CA PRO N 113 -44.52 8.70 38.88
C PRO N 113 -43.59 7.75 38.14
N PRO N 114 -43.14 8.17 36.96
CA PRO N 114 -42.28 7.33 36.12
C PRO N 114 -40.97 7.03 36.83
N ALA N 115 -40.57 5.77 36.81
CA ALA N 115 -39.36 5.32 37.46
C ALA N 115 -38.11 5.81 36.73
N ASN N 116 -38.26 6.17 35.47
CA ASN N 116 -37.13 6.65 34.69
C ASN N 116 -36.99 8.17 34.78
N PHE N 117 -37.83 8.78 35.61
CA PHE N 117 -37.77 10.20 35.87
C PHE N 117 -36.38 10.60 36.32
N ALA N 118 -35.85 9.84 37.27
CA ALA N 118 -34.51 10.07 37.80
C ALA N 118 -33.45 9.92 36.73
N LYS N 119 -33.58 8.88 35.93
CA LYS N 119 -32.62 8.56 34.87
C LYS N 119 -32.54 9.65 33.84
N LYS N 120 -33.69 10.23 33.53
CA LYS N 120 -33.78 11.25 32.50
C LYS N 120 -33.46 12.64 33.04
N ASN N 121 -33.22 12.73 34.34
CA ASN N 121 -32.89 14.00 34.96
C ASN N 121 -33.98 15.04 34.74
N VAL N 122 -35.23 14.57 34.64
CA VAL N 122 -36.35 15.46 34.43
C VAL N 122 -36.63 16.27 35.67
N PRO N 123 -36.76 17.58 35.52
CA PRO N 123 -37.03 18.46 36.67
C PRO N 123 -38.28 18.00 37.41
N SER N 124 -38.27 18.16 38.73
CA SER N 124 -39.40 17.77 39.56
C SER N 124 -40.66 18.50 39.15
N GLN N 125 -40.48 19.68 38.58
CA GLN N 125 -41.60 20.47 38.07
C GLN N 125 -42.34 19.69 37.00
N TYR N 126 -41.61 18.84 36.30
CA TYR N 126 -42.15 18.04 35.23
C TYR N 126 -42.09 16.56 35.56
N LYS N 127 -42.32 16.24 36.83
CA LYS N 127 -42.25 14.86 37.30
C LYS N 127 -43.14 13.90 36.51
N TRP N 128 -44.32 14.37 36.12
CA TRP N 128 -45.24 13.52 35.37
C TRP N 128 -45.13 13.72 33.86
N CYS N 129 -44.08 14.40 33.43
CA CYS N 129 -43.88 14.63 32.01
C CYS N 129 -43.00 13.56 31.38
N ALA N 130 -42.33 12.78 32.22
CA ALA N 130 -41.47 11.71 31.73
C ALA N 130 -42.30 10.49 31.34
N PHE N 131 -43.07 10.62 30.27
CA PHE N 131 -43.91 9.53 29.78
C PHE N 131 -43.72 9.31 28.30
N ASP N 132 -43.13 8.16 27.94
CA ASP N 132 -42.83 7.86 26.55
C ASP N 132 -44.04 7.93 25.64
N ALA N 133 -45.17 7.43 26.12
CA ALA N 133 -46.40 7.43 25.33
C ALA N 133 -47.27 8.64 25.65
N PHE N 134 -46.66 9.76 26.00
CA PHE N 134 -47.42 10.96 26.32
C PHE N 134 -48.27 11.42 25.14
N ASP N 135 -47.89 11.03 23.92
CA ASP N 135 -48.64 11.43 22.74
C ASP N 135 -50.05 10.86 22.77
N GLY N 136 -50.21 9.73 23.45
CA GLY N 136 -51.52 9.09 23.57
C GLY N 136 -52.45 9.93 24.45
N LEU N 137 -51.88 10.85 25.22
CA LEU N 137 -52.66 11.72 26.08
C LEU N 137 -53.42 12.75 25.25
N TYR N 138 -52.98 12.92 24.00
CA TYR N 138 -53.59 13.87 23.09
C TYR N 138 -54.27 13.15 21.94
N ASP N 139 -53.79 11.95 21.65
CA ASP N 139 -54.31 11.15 20.55
C ASP N 139 -55.80 10.87 20.71
N PRO N 140 -56.59 11.32 19.74
CA PRO N 140 -58.06 11.18 19.79
C PRO N 140 -58.53 9.73 19.75
N THR N 141 -57.67 8.83 19.28
CA THR N 141 -58.05 7.42 19.21
C THR N 141 -57.63 6.65 20.46
N CYS N 142 -56.84 7.29 21.31
CA CYS N 142 -56.36 6.65 22.53
C CYS N 142 -57.49 6.37 23.51
N LEU N 143 -57.47 5.18 24.09
CA LEU N 143 -58.48 4.75 25.06
C LEU N 143 -58.41 5.60 26.32
N ALA N 144 -59.55 5.78 26.99
CA ALA N 144 -59.58 6.58 28.21
C ALA N 144 -60.98 6.66 28.79
N SER N 145 -61.20 5.95 29.90
CA SER N 145 -62.48 5.97 30.58
C SER N 145 -62.58 7.14 31.54
N GLU N 146 -61.44 7.64 31.99
CA GLU N 146 -61.38 8.77 32.92
C GLU N 146 -59.94 9.08 33.31
N LEU N 147 -59.52 10.32 33.06
CA LEU N 147 -58.18 10.78 33.42
C LEU N 147 -58.24 11.69 34.63
N PRO N 148 -57.63 11.25 35.74
CA PRO N 148 -57.64 12.01 37.01
C PRO N 148 -57.05 13.42 36.88
N TYR N 149 -56.05 13.58 36.02
CA TYR N 149 -55.41 14.88 35.87
C TYR N 149 -55.16 15.22 34.41
N ASP N 150 -55.45 16.46 34.04
CA ASP N 150 -55.23 16.90 32.68
C ASP N 150 -53.77 17.10 32.37
N ALA N 151 -53.07 15.98 32.17
CA ALA N 151 -51.66 15.98 31.82
C ALA N 151 -51.45 16.62 30.45
N PRO N 152 -52.47 16.59 29.61
CA PRO N 152 -52.37 17.25 28.30
C PRO N 152 -52.10 18.76 28.40
N SER N 153 -52.31 19.35 29.58
CA SER N 153 -52.11 20.78 29.78
C SER N 153 -50.95 21.32 28.95
N GLU N 154 -51.17 22.48 28.33
CA GLU N 154 -50.18 23.09 27.44
C GLU N 154 -48.82 23.25 28.11
N ILE N 155 -48.82 23.60 29.40
CA ILE N 155 -47.57 23.73 30.11
C ILE N 155 -46.86 22.38 30.13
N ASP N 156 -47.64 21.34 30.39
CA ASP N 156 -47.11 19.98 30.40
C ASP N 156 -46.76 19.56 28.98
N ARG N 157 -47.45 20.12 28.01
CA ARG N 157 -47.22 19.82 26.60
C ARG N 157 -45.86 20.34 26.16
N MET N 158 -45.52 21.54 26.59
CA MET N 158 -44.21 22.10 26.30
C MET N 158 -43.17 21.33 27.09
N ALA N 159 -43.55 20.88 28.27
CA ALA N 159 -42.68 20.05 29.09
C ALA N 159 -42.51 18.71 28.39
N TYR N 160 -43.56 18.25 27.72
CA TYR N 160 -43.51 17.01 26.97
C TYR N 160 -42.62 17.20 25.76
N ALA N 161 -42.59 18.42 25.23
CA ALA N 161 -41.70 18.73 24.13
C ALA N 161 -40.27 18.64 24.64
N THR N 162 -40.04 19.15 25.85
CA THR N 162 -38.72 19.06 26.46
C THR N 162 -38.41 17.59 26.66
N PHE N 163 -39.43 16.83 27.05
CA PHE N 163 -39.31 15.40 27.20
C PHE N 163 -38.97 14.75 25.86
N LYS N 164 -39.55 15.29 24.80
CA LYS N 164 -39.26 14.79 23.45
C LYS N 164 -37.78 14.95 23.16
N THR N 165 -37.18 16.02 23.68
CA THR N 165 -35.75 16.23 23.50
C THR N 165 -34.99 15.04 24.07
N ILE N 166 -35.47 14.54 25.21
CA ILE N 166 -34.86 13.36 25.82
C ILE N 166 -34.95 12.19 24.86
N GLN N 167 -36.14 12.02 24.30
CA GLN N 167 -36.41 10.94 23.37
C GLN N 167 -35.52 11.08 22.15
N ILE N 168 -35.34 12.32 21.70
CA ILE N 168 -34.48 12.62 20.57
C ILE N 168 -33.03 12.34 20.90
N LYS N 169 -32.60 12.76 22.08
CA LYS N 169 -31.24 12.53 22.52
C LYS N 169 -30.90 11.05 22.50
N ILE N 170 -31.75 10.25 23.11
CA ILE N 170 -31.51 8.82 23.16
C ILE N 170 -31.55 8.25 21.77
N ALA N 171 -32.43 8.79 20.93
CA ALA N 171 -32.48 8.37 19.54
C ALA N 171 -31.14 8.65 18.88
N ASN N 172 -30.58 9.83 19.16
CA ASN N 172 -29.27 10.16 18.62
C ASN N 172 -28.21 9.22 19.17
N ASP N 173 -28.41 8.79 20.41
CA ASP N 173 -27.49 7.90 21.09
C ASP N 173 -27.55 6.48 20.53
N GLN N 174 -28.72 6.06 20.07
CA GLN N 174 -28.87 4.70 19.55
C GLN N 174 -29.32 4.66 18.09
N LYS N 175 -30.36 5.43 17.77
CA LYS N 175 -30.86 5.49 16.40
C LYS N 175 -29.84 6.16 15.50
N GLY N 176 -29.01 7.01 16.10
CA GLY N 176 -27.96 7.73 15.38
C GLY N 176 -26.83 6.81 14.97
N PHE N 177 -26.86 5.55 15.41
CA PHE N 177 -25.83 4.60 15.02
C PHE N 177 -25.79 4.50 13.50
N ASN N 178 -24.60 4.58 12.94
CA ASN N 178 -24.44 4.56 11.50
C ASN N 178 -24.43 3.16 10.92
N LEU N 179 -25.55 2.76 10.33
CA LEU N 179 -25.63 1.46 9.67
C LEU N 179 -25.04 1.59 8.27
N ASN N 180 -23.71 1.70 8.22
CA ASN N 180 -22.98 1.88 6.99
C ASN N 180 -22.63 0.58 6.30
N TYR N 181 -23.00 -0.55 6.90
CA TYR N 181 -22.77 -1.82 6.26
C TYR N 181 -23.71 -2.89 6.75
N ASN N 182 -23.90 -3.91 5.94
CA ASN N 182 -24.72 -5.03 6.32
C ASN N 182 -23.85 -6.26 6.56
N PRO N 183 -23.18 -6.76 5.51
CA PRO N 183 -22.39 -7.99 5.62
C PRO N 183 -21.04 -7.76 6.30
N ASN N 184 -21.05 -7.20 7.50
CA ASN N 184 -19.83 -6.99 8.27
C ASN N 184 -18.73 -6.26 7.50
N VAL N 185 -19.07 -5.20 6.77
CA VAL N 185 -18.03 -4.47 6.06
C VAL N 185 -17.29 -3.53 6.99
N THR N 186 -16.49 -4.10 7.87
CA THR N 186 -15.72 -3.34 8.84
C THR N 186 -14.52 -2.68 8.20
N GLN N 187 -14.18 -3.13 7.00
CA GLN N 187 -13.09 -2.54 6.26
C GLN N 187 -13.43 -1.14 5.80
N ALA N 188 -14.73 -0.86 5.66
CA ALA N 188 -15.16 0.49 5.33
C ALA N 188 -15.15 1.32 6.59
N ARG N 189 -15.83 0.81 7.61
CA ARG N 189 -15.86 1.44 8.93
C ARG N 189 -15.92 0.39 10.02
N LEU N 190 -14.99 0.48 10.95
CA LEU N 190 -14.89 -0.48 12.03
C LEU N 190 -16.00 -0.34 13.06
N PRO N 191 -16.27 -1.44 13.76
CA PRO N 191 -17.29 -1.44 14.80
C PRO N 191 -16.96 -0.40 15.85
N ASN N 192 -17.97 0.31 16.31
CA ASN N 192 -17.81 1.34 17.32
C ASN N 192 -16.96 2.52 16.86
N ALA N 193 -16.72 2.62 15.56
CA ALA N 193 -15.98 3.73 15.00
C ALA N 193 -16.79 5.02 15.12
N PRO N 194 -18.13 4.91 15.08
CA PRO N 194 -19.00 6.07 15.23
C PRO N 194 -18.89 6.72 16.61
N LEU N 195 -18.28 6.03 17.57
CA LEU N 195 -18.17 6.58 18.91
C LEU N 195 -17.47 7.93 18.89
N PRO N 196 -18.10 8.93 19.50
CA PRO N 196 -17.55 10.29 19.55
C PRO N 196 -16.18 10.29 20.22
N ALA N 197 -15.30 11.14 19.72
CA ALA N 197 -13.96 11.28 20.27
C ALA N 197 -14.03 11.90 21.66
N LEU N 198 -13.03 11.61 22.49
CA LEU N 198 -12.99 12.14 23.84
C LEU N 198 -12.85 13.66 23.80
N PRO N 199 -13.57 14.34 24.70
CA PRO N 199 -13.55 15.79 24.74
C PRO N 199 -12.20 16.34 25.17
N GLU N 200 -11.77 17.39 24.50
CA GLU N 200 -10.51 18.06 24.80
C GLU N 200 -10.70 19.00 25.97
N PRO N 201 -9.62 19.35 26.65
CA PRO N 201 -9.69 20.29 27.79
C PRO N 201 -9.74 21.74 27.31
N THR N 202 -9.35 21.98 26.06
CA THR N 202 -9.32 23.33 25.53
C THR N 202 -10.68 23.76 25.00
N SER N 203 -10.89 25.07 24.90
CA SER N 203 -12.15 25.62 24.42
C SER N 203 -12.31 25.48 22.92
N ASP N 204 -11.19 25.31 22.23
CA ASP N 204 -11.22 25.18 20.78
C ASP N 204 -10.40 23.98 20.32
N GLN O 1 13.61 78.26 -0.34
CA GLN O 1 12.42 77.60 0.21
C GLN O 1 11.15 78.17 -0.41
N PRO O 2 10.85 77.77 -1.64
CA PRO O 2 9.69 78.30 -2.36
C PRO O 2 8.38 77.99 -1.64
N TRP O 3 8.35 76.89 -0.89
CA TRP O 3 7.15 76.51 -0.19
C TRP O 3 6.89 77.39 1.03
N GLU O 4 7.91 78.13 1.46
CA GLU O 4 7.77 79.03 2.59
C GLU O 4 7.25 80.40 2.16
N ALA O 5 7.23 80.63 0.86
CA ALA O 5 6.78 81.90 0.31
C ALA O 5 5.26 82.02 0.36
N ILE O 6 4.77 83.25 0.49
CA ILE O 6 3.35 83.50 0.50
C ILE O 6 2.86 83.65 -0.93
N PHE O 7 1.89 82.84 -1.33
CA PHE O 7 1.41 82.84 -2.70
C PHE O 7 0.66 84.12 -3.07
N THR O 8 0.06 84.76 -2.08
CA THR O 8 -0.69 86.00 -2.28
C THR O 8 -2.04 85.73 -2.95
N LYS O 9 -3.11 86.21 -2.33
CA LYS O 9 -4.47 85.99 -2.81
C LYS O 9 -4.66 86.50 -4.23
N ASP O 10 -4.00 87.60 -4.56
CA ASP O 10 -4.09 88.17 -5.90
C ASP O 10 -3.71 87.14 -6.94
N ASP O 11 -2.76 86.29 -6.60
CA ASP O 11 -2.30 85.25 -7.51
C ASP O 11 -3.22 84.04 -7.46
N LEU O 12 -3.79 83.77 -6.28
CA LEU O 12 -4.72 82.65 -6.13
C LEU O 12 -5.94 82.85 -7.01
N ALA O 13 -6.45 84.07 -7.03
CA ALA O 13 -7.62 84.42 -7.82
C ALA O 13 -7.30 84.40 -9.31
N ALA O 14 -6.03 84.51 -9.65
CA ALA O 14 -5.59 84.53 -11.04
C ALA O 14 -5.52 83.12 -11.62
N ILE O 15 -5.63 82.10 -10.77
CA ILE O 15 -5.54 80.71 -11.22
C ILE O 15 -6.77 80.30 -12.02
N GLU O 16 -7.96 80.60 -11.50
CA GLU O 16 -9.22 80.27 -12.18
C GLU O 16 -9.26 78.83 -12.65
N PRO O 17 -9.15 77.89 -11.73
CA PRO O 17 -9.13 76.46 -12.05
C PRO O 17 -10.52 75.94 -12.39
N LYS O 18 -10.55 74.73 -12.93
CA LYS O 18 -11.81 74.06 -13.28
C LYS O 18 -11.94 72.77 -12.48
N PRO O 19 -13.15 72.44 -12.05
CA PRO O 19 -13.38 71.19 -11.31
C PRO O 19 -12.93 70.00 -12.14
N ALA O 20 -12.38 68.99 -11.49
CA ALA O 20 -11.86 67.82 -12.20
C ALA O 20 -12.43 66.52 -11.66
N SER O 21 -13.65 66.22 -12.04
CA SER O 21 -14.31 64.99 -11.62
C SER O 21 -13.69 63.78 -12.30
N ALA O 22 -13.62 62.68 -11.56
CA ALA O 22 -13.08 61.44 -12.09
C ALA O 22 -14.18 60.51 -12.56
N ASN O 23 -15.43 60.95 -12.46
CA ASN O 23 -16.54 60.13 -12.89
C ASN O 23 -16.89 60.45 -14.34
N VAL O 24 -16.02 61.17 -15.01
CA VAL O 24 -16.20 61.48 -16.42
C VAL O 24 -15.02 60.94 -17.19
N PRO O 25 -15.25 60.56 -18.44
CA PRO O 25 -14.18 60.03 -19.29
C PRO O 25 -13.05 61.05 -19.42
N ASN O 26 -11.82 60.54 -19.41
CA ASN O 26 -10.65 61.39 -19.60
C ASN O 26 -10.70 61.98 -21.00
N THR O 27 -10.07 63.14 -21.18
CA THR O 27 -10.05 63.77 -22.49
C THR O 27 -9.65 62.77 -23.57
N LYS O 28 -8.62 61.97 -23.30
CA LYS O 28 -8.17 60.98 -24.27
C LYS O 28 -9.20 59.85 -24.41
N GLN O 29 -9.97 59.62 -23.35
CA GLN O 29 -11.01 58.62 -23.39
C GLN O 29 -12.20 59.14 -24.18
N TRP O 30 -12.45 60.44 -24.07
CA TRP O 30 -13.49 61.07 -24.88
C TRP O 30 -13.13 60.91 -26.33
N ILE O 31 -11.84 61.07 -26.62
CA ILE O 31 -11.31 60.89 -27.95
C ILE O 31 -11.43 59.44 -28.37
N GLY O 32 -11.16 58.53 -27.42
CA GLY O 32 -11.29 57.11 -27.67
C GLY O 32 -12.73 56.80 -28.06
N ILE O 33 -13.67 57.46 -27.39
CA ILE O 33 -15.08 57.28 -27.72
C ILE O 33 -15.33 57.77 -29.13
N GLN O 34 -14.72 58.90 -29.48
CA GLN O 34 -14.86 59.43 -30.83
C GLN O 34 -14.29 58.45 -31.84
N ALA O 35 -13.14 57.88 -31.52
CA ALA O 35 -12.49 56.93 -32.41
C ALA O 35 -13.40 55.76 -32.71
N GLY O 36 -14.21 55.39 -31.72
CA GLY O 36 -15.15 54.29 -31.89
C GLY O 36 -16.50 54.76 -32.39
N LEU O 37 -17.08 55.73 -31.71
CA LEU O 37 -18.41 56.24 -32.01
C LEU O 37 -18.48 56.93 -33.37
N ILE O 38 -17.50 57.76 -33.68
CA ILE O 38 -17.48 58.42 -34.97
C ILE O 38 -17.26 57.38 -36.05
N LYS O 39 -16.37 56.44 -35.75
CA LYS O 39 -16.10 55.32 -36.64
C LYS O 39 -17.35 54.48 -36.85
N ALA O 40 -18.18 54.41 -35.82
CA ALA O 40 -19.41 53.64 -35.85
C ALA O 40 -20.46 54.26 -36.77
N GLY O 41 -20.21 55.50 -37.22
CA GLY O 41 -21.14 56.16 -38.12
C GLY O 41 -21.66 57.49 -37.58
N ALA O 42 -21.33 57.80 -36.33
CA ALA O 42 -21.78 59.06 -35.75
C ALA O 42 -20.86 60.18 -36.21
N THR O 43 -21.39 61.41 -36.24
CA THR O 43 -20.57 62.54 -36.64
C THR O 43 -20.95 63.82 -35.91
N ASP O 44 -19.94 64.62 -35.59
CA ASP O 44 -20.12 65.91 -34.94
C ASP O 44 -21.05 65.85 -33.74
N ALA O 45 -22.17 66.57 -33.82
CA ALA O 45 -23.13 66.68 -32.73
C ALA O 45 -23.74 65.33 -32.38
N ASN O 46 -23.73 64.40 -33.33
CA ASN O 46 -24.28 63.07 -33.09
C ASN O 46 -23.49 62.36 -32.02
N PHE O 47 -22.25 62.80 -31.81
CA PHE O 47 -21.42 62.21 -30.78
C PHE O 47 -22.14 62.26 -29.45
N MET O 48 -22.56 63.45 -29.06
CA MET O 48 -23.29 63.62 -27.81
C MET O 48 -24.69 63.03 -27.89
N LYS O 49 -25.34 63.21 -29.04
CA LYS O 49 -26.69 62.71 -29.21
C LYS O 49 -26.79 61.23 -28.96
N VAL O 50 -25.88 60.47 -29.56
CA VAL O 50 -25.88 59.03 -29.41
C VAL O 50 -25.56 58.63 -27.98
N LEU O 51 -24.61 59.32 -27.38
CA LEU O 51 -24.22 59.03 -26.01
C LEU O 51 -25.40 59.33 -25.07
N LEU O 52 -26.17 60.36 -25.40
CA LEU O 52 -27.36 60.67 -24.64
C LEU O 52 -28.37 59.54 -24.75
N GLY O 53 -28.44 58.95 -25.94
CA GLY O 53 -29.30 57.80 -26.16
C GLY O 53 -28.91 56.70 -25.18
N LEU O 54 -27.62 56.43 -25.11
CA LEU O 54 -27.11 55.42 -24.18
C LEU O 54 -27.34 55.80 -22.73
N SER O 55 -27.21 57.09 -22.42
CA SER O 55 -27.45 57.54 -21.06
C SER O 55 -28.89 57.30 -20.68
N LEU O 56 -29.78 57.46 -21.64
CA LEU O 56 -31.19 57.20 -21.43
C LEU O 56 -31.40 55.72 -21.26
N GLU O 57 -30.61 54.92 -21.97
CA GLU O 57 -30.69 53.49 -21.83
C GLU O 57 -30.14 53.07 -20.49
N ALA O 58 -29.06 53.73 -20.07
CA ALA O 58 -28.41 53.47 -18.79
C ALA O 58 -29.37 53.80 -17.67
N PHE O 59 -30.21 54.79 -17.91
CA PHE O 59 -31.21 55.21 -16.95
C PHE O 59 -32.14 54.04 -16.64
N ASP O 60 -32.50 53.30 -17.69
CA ASP O 60 -33.37 52.13 -17.55
C ASP O 60 -32.60 50.80 -17.55
N ARG O 61 -31.31 50.83 -17.83
CA ARG O 61 -30.54 49.59 -17.87
C ARG O 61 -29.35 49.59 -16.92
N GLY O 62 -28.29 50.31 -17.28
CA GLY O 62 -27.09 50.36 -16.46
C GLY O 62 -25.83 50.26 -17.30
N SER O 63 -24.72 49.89 -16.67
CA SER O 63 -23.41 49.73 -17.34
C SER O 63 -23.48 48.79 -18.54
N SER O 64 -23.04 47.54 -18.36
CA SER O 64 -23.06 46.59 -19.46
C SER O 64 -24.50 46.28 -19.87
N GLU O 65 -25.43 46.61 -18.98
CA GLU O 65 -26.83 46.41 -19.29
C GLU O 65 -27.23 47.24 -20.50
N ALA O 66 -26.90 48.52 -20.48
CA ALA O 66 -27.20 49.39 -21.62
C ALA O 66 -26.34 48.97 -22.81
N THR O 67 -25.17 48.39 -22.52
CA THR O 67 -24.29 47.91 -23.58
C THR O 67 -24.96 46.82 -24.37
N THR O 68 -25.69 45.94 -23.69
CA THR O 68 -26.40 44.85 -24.36
C THR O 68 -27.63 45.38 -25.08
N TRP O 69 -28.17 46.50 -24.62
CA TRP O 69 -29.35 47.09 -25.25
C TRP O 69 -29.04 47.54 -26.67
N ASP O 70 -29.86 47.05 -27.61
CA ASP O 70 -29.73 47.38 -29.02
C ASP O 70 -30.59 48.57 -29.40
N GLY O 71 -30.66 48.85 -30.69
CA GLY O 71 -31.48 49.95 -31.18
C GLY O 71 -30.62 51.03 -31.83
N ILE O 72 -30.92 51.33 -33.07
CA ILE O 72 -30.17 52.34 -33.80
C ILE O 72 -30.63 53.73 -33.44
N THR O 73 -29.71 54.53 -32.95
CA THR O 73 -30.00 55.91 -32.58
C THR O 73 -29.88 56.80 -33.78
N GLU O 74 -29.93 58.10 -33.56
CA GLU O 74 -29.79 59.07 -34.63
C GLU O 74 -28.43 58.93 -35.31
N GLY O 75 -27.46 58.34 -34.61
CA GLY O 75 -26.13 58.16 -35.19
C GLY O 75 -25.78 56.70 -35.43
N VAL O 76 -26.07 55.85 -34.45
CA VAL O 76 -25.71 54.43 -34.59
C VAL O 76 -26.31 53.58 -33.47
N GLU O 77 -26.32 52.26 -33.67
CA GLU O 77 -26.81 51.30 -32.69
C GLU O 77 -26.21 51.53 -31.31
N HIS O 78 -27.05 51.44 -30.29
CA HIS O 78 -26.62 51.65 -28.91
C HIS O 78 -25.43 50.77 -28.56
N ARG O 79 -25.51 49.51 -28.97
CA ARG O 79 -24.44 48.56 -28.69
C ARG O 79 -23.13 48.98 -29.34
N ALA O 80 -23.22 49.48 -30.57
CA ALA O 80 -22.04 49.92 -31.30
C ALA O 80 -21.40 51.10 -30.58
N ALA O 81 -22.23 52.03 -30.13
CA ALA O 81 -21.76 53.19 -29.40
C ALA O 81 -21.19 52.76 -28.06
N ALA O 82 -21.82 51.75 -27.45
CA ALA O 82 -21.36 51.23 -26.18
C ALA O 82 -19.99 50.62 -26.34
N ASN O 83 -19.75 50.01 -27.49
CA ASN O 83 -18.46 49.41 -27.79
C ASN O 83 -17.39 50.50 -27.82
N ALA O 84 -17.75 51.65 -28.39
CA ALA O 84 -16.83 52.78 -28.45
C ALA O 84 -16.44 53.22 -27.06
N ILE O 85 -17.41 53.23 -26.15
CA ILE O 85 -17.16 53.59 -24.78
C ILE O 85 -16.22 52.58 -24.14
N LYS O 86 -16.43 51.30 -24.45
CA LYS O 86 -15.58 50.23 -23.96
C LYS O 86 -14.18 50.35 -24.55
N GLU O 87 -14.09 50.83 -25.79
CA GLU O 87 -12.80 51.04 -26.44
C GLU O 87 -12.00 52.08 -25.67
N ALA O 88 -12.71 53.04 -25.08
CA ALA O 88 -12.10 54.09 -24.28
C ALA O 88 -11.78 53.61 -22.87
N ASN O 89 -12.08 52.33 -22.60
CA ASN O 89 -11.85 51.72 -21.30
C ASN O 89 -12.75 52.32 -20.23
N CYS O 90 -13.97 52.68 -20.63
CA CYS O 90 -14.94 53.25 -19.70
C CYS O 90 -16.24 52.47 -19.72
N PRO O 91 -16.96 52.50 -18.61
CA PRO O 91 -18.31 51.94 -18.57
C PRO O 91 -19.28 52.99 -19.11
N ILE O 92 -20.46 52.56 -19.57
CA ILE O 92 -21.43 53.52 -20.06
C ILE O 92 -21.78 54.49 -18.96
N HIS O 93 -21.79 54.01 -17.72
CA HIS O 93 -22.05 54.85 -16.57
C HIS O 93 -21.08 56.01 -16.50
N LYS O 94 -19.84 55.77 -16.89
CA LYS O 94 -18.81 56.81 -16.86
C LYS O 94 -19.25 57.98 -17.73
N VAL O 95 -19.72 57.67 -18.93
CA VAL O 95 -20.21 58.69 -19.83
C VAL O 95 -21.52 59.28 -19.32
N THR O 96 -22.36 58.40 -18.79
CA THR O 96 -23.67 58.78 -18.27
C THR O 96 -23.53 59.74 -17.10
N TYR O 97 -22.48 59.58 -16.31
CA TYR O 97 -22.25 60.47 -15.18
C TYR O 97 -22.11 61.91 -15.67
N TYR O 98 -21.44 62.07 -16.80
CA TYR O 98 -21.28 63.38 -17.42
C TYR O 98 -22.59 63.88 -17.99
N LEU O 99 -23.36 62.97 -18.58
CA LEU O 99 -24.61 63.30 -19.20
C LEU O 99 -25.81 62.88 -18.34
N ALA O 100 -25.60 62.83 -17.03
CA ALA O 100 -26.65 62.42 -16.11
C ALA O 100 -27.78 63.42 -16.00
N LYS O 101 -27.44 64.70 -15.87
CA LYS O 101 -28.45 65.73 -15.68
C LYS O 101 -29.32 65.94 -16.91
N PRO O 102 -28.72 66.08 -18.09
CA PRO O 102 -29.49 66.26 -19.31
C PRO O 102 -30.36 65.04 -19.54
N THR O 103 -29.84 63.87 -19.21
CA THR O 103 -30.56 62.61 -19.36
C THR O 103 -31.78 62.59 -18.46
N PHE O 104 -31.57 62.91 -17.20
CA PHE O 104 -32.64 62.99 -16.22
C PHE O 104 -33.62 64.07 -16.64
N ALA O 105 -33.07 65.19 -17.11
CA ALA O 105 -33.87 66.33 -17.54
C ALA O 105 -34.81 65.94 -18.66
N ILE O 106 -34.34 65.12 -19.59
CA ILE O 106 -35.17 64.67 -20.69
C ILE O 106 -36.35 63.89 -20.16
N ARG O 107 -36.07 62.88 -19.36
CA ARG O 107 -37.10 62.02 -18.80
C ARG O 107 -37.99 62.76 -17.83
N GLN O 108 -37.43 63.72 -17.11
CA GLN O 108 -38.21 64.48 -16.17
C GLN O 108 -39.25 65.30 -16.90
N SER O 109 -38.88 65.85 -18.04
CA SER O 109 -39.80 66.64 -18.84
C SER O 109 -40.79 65.73 -19.59
N LYS O 110 -40.36 64.51 -19.87
CA LYS O 110 -41.21 63.55 -20.57
C LYS O 110 -41.92 62.63 -19.57
N ASN O 111 -41.62 62.80 -18.30
CA ASN O 111 -42.22 62.00 -17.24
C ASN O 111 -41.96 60.50 -17.42
N LEU O 112 -40.72 60.16 -17.75
CA LEU O 112 -40.35 58.76 -17.96
C LEU O 112 -39.48 58.25 -16.82
N PRO O 113 -40.12 57.66 -15.81
CA PRO O 113 -39.40 57.16 -14.64
C PRO O 113 -38.54 55.95 -15.02
N PRO O 114 -37.58 55.64 -14.15
CA PRO O 114 -36.66 54.53 -14.41
C PRO O 114 -37.41 53.21 -14.48
N ALA O 115 -37.10 52.43 -15.51
CA ALA O 115 -37.75 51.14 -15.73
C ALA O 115 -37.33 50.11 -14.70
N ASN O 116 -36.20 50.34 -14.04
CA ASN O 116 -35.71 49.40 -13.05
C ASN O 116 -36.21 49.77 -11.65
N PHE O 117 -37.07 50.77 -11.59
CA PHE O 117 -37.71 51.21 -10.35
C PHE O 117 -38.40 50.02 -9.70
N ALA O 118 -39.17 49.30 -10.49
CA ALA O 118 -39.91 48.13 -10.04
C ALA O 118 -38.96 47.04 -9.54
N LYS O 119 -37.90 46.80 -10.30
CA LYS O 119 -36.92 45.76 -10.00
C LYS O 119 -36.23 46.02 -8.68
N LYS O 120 -35.95 47.29 -8.42
CA LYS O 120 -35.23 47.67 -7.22
C LYS O 120 -36.15 47.84 -6.01
N ASN O 121 -37.45 47.67 -6.23
CA ASN O 121 -38.43 47.80 -5.16
C ASN O 121 -38.34 49.16 -4.49
N VAL O 122 -37.98 50.18 -5.26
CA VAL O 122 -37.88 51.53 -4.74
C VAL O 122 -39.26 52.08 -4.43
N PRO O 123 -39.45 52.63 -3.25
CA PRO O 123 -40.74 53.20 -2.87
C PRO O 123 -41.18 54.25 -3.87
N SER O 124 -42.49 54.33 -4.10
CA SER O 124 -43.04 55.29 -5.05
C SER O 124 -42.70 56.71 -4.65
N GLN O 125 -42.49 56.91 -3.35
CA GLN O 125 -42.08 58.21 -2.84
C GLN O 125 -40.77 58.64 -3.46
N TYR O 126 -39.96 57.64 -3.80
CA TYR O 126 -38.65 57.87 -4.38
C TYR O 126 -38.58 57.34 -5.81
N LYS O 127 -39.68 57.48 -6.53
CA LYS O 127 -39.78 56.99 -7.91
C LYS O 127 -38.67 57.49 -8.82
N TRP O 128 -38.27 58.74 -8.63
CA TRP O 128 -37.23 59.32 -9.47
C TRP O 128 -35.85 59.25 -8.82
N CYS O 129 -35.74 58.46 -7.76
CA CYS O 129 -34.46 58.31 -7.08
C CYS O 129 -33.69 57.11 -7.60
N ALA O 130 -34.36 56.25 -8.36
CA ALA O 130 -33.70 55.08 -8.92
C ALA O 130 -32.92 55.45 -10.17
N PHE O 131 -31.83 56.18 -9.98
CA PHE O 131 -30.98 56.63 -11.09
C PHE O 131 -29.51 56.32 -10.79
N ASP O 132 -28.95 55.39 -11.56
CA ASP O 132 -27.57 54.96 -11.34
C ASP O 132 -26.58 56.11 -11.38
N ALA O 133 -26.77 57.03 -12.31
CA ALA O 133 -25.87 58.16 -12.46
C ALA O 133 -26.39 59.39 -11.73
N PHE O 134 -27.11 59.19 -10.62
CA PHE O 134 -27.63 60.31 -9.85
C PHE O 134 -26.53 61.23 -9.35
N ASP O 135 -25.31 60.72 -9.24
CA ASP O 135 -24.19 61.52 -8.77
C ASP O 135 -23.91 62.67 -9.72
N GLY O 136 -24.24 62.48 -11.00
CA GLY O 136 -24.03 63.51 -12.00
C GLY O 136 -24.97 64.69 -11.78
N LEU O 137 -26.02 64.46 -10.99
CA LEU O 137 -26.99 65.51 -10.68
C LEU O 137 -26.37 66.53 -9.75
N TYR O 138 -25.28 66.14 -9.09
CA TYR O 138 -24.58 67.00 -8.16
C TYR O 138 -23.21 67.38 -8.68
N ASP O 139 -22.67 66.53 -9.55
CA ASP O 139 -21.35 66.73 -10.12
C ASP O 139 -21.26 68.06 -10.87
N PRO O 140 -20.35 68.92 -10.43
CA PRO O 140 -20.18 70.27 -11.00
C PRO O 140 -19.71 70.23 -12.46
N THR O 141 -19.13 69.12 -12.88
CA THR O 141 -18.64 69.02 -14.26
C THR O 141 -19.69 68.41 -15.18
N CYS O 142 -20.77 67.89 -14.61
CA CYS O 142 -21.81 67.26 -15.40
C CYS O 142 -22.54 68.27 -16.28
N LEU O 143 -22.79 67.87 -17.51
CA LEU O 143 -23.48 68.71 -18.50
C LEU O 143 -24.92 68.95 -18.07
N ALA O 144 -25.47 70.11 -18.43
CA ALA O 144 -26.85 70.43 -18.08
C ALA O 144 -27.27 71.80 -18.60
N SER O 145 -28.11 71.79 -19.63
CA SER O 145 -28.62 73.03 -20.21
C SER O 145 -29.84 73.54 -19.44
N GLU O 146 -30.53 72.63 -18.77
CA GLU O 146 -31.73 72.96 -17.99
C GLU O 146 -32.36 71.72 -17.38
N LEU O 147 -32.50 71.72 -16.06
CA LEU O 147 -33.10 70.61 -15.35
C LEU O 147 -34.52 70.99 -14.88
N PRO O 148 -35.53 70.32 -15.41
CA PRO O 148 -36.95 70.60 -15.09
C PRO O 148 -37.26 70.49 -13.60
N TYR O 149 -36.61 69.57 -12.90
CA TYR O 149 -36.87 69.40 -11.48
C TYR O 149 -35.59 69.22 -10.68
N ASP O 150 -35.54 69.89 -9.53
CA ASP O 150 -34.37 69.80 -8.67
C ASP O 150 -34.30 68.46 -7.96
N ALA O 151 -33.89 67.45 -8.71
CA ALA O 151 -33.72 66.09 -8.18
C ALA O 151 -32.61 66.07 -7.14
N PRO O 152 -31.67 67.01 -7.22
CA PRO O 152 -30.61 67.09 -6.22
C PRO O 152 -31.13 67.32 -4.80
N SER O 153 -32.39 67.75 -4.67
CA SER O 153 -32.99 68.04 -3.36
C SER O 153 -32.48 67.09 -2.28
N GLU O 154 -32.16 67.65 -1.12
CA GLU O 154 -31.59 66.90 -0.02
C GLU O 154 -32.43 65.68 0.37
N ILE O 155 -33.75 65.82 0.31
CA ILE O 155 -34.62 64.70 0.60
C ILE O 155 -34.37 63.60 -0.41
N ASP O 156 -34.26 64.00 -1.67
CA ASP O 156 -33.96 63.06 -2.74
C ASP O 156 -32.54 62.54 -2.61
N ARG O 157 -31.66 63.38 -2.03
CA ARG O 157 -30.27 63.00 -1.82
C ARG O 157 -30.15 61.88 -0.82
N MET O 158 -30.92 61.96 0.25
CA MET O 158 -30.93 60.90 1.24
C MET O 158 -31.62 59.69 0.64
N ALA O 159 -32.59 59.93 -0.23
CA ALA O 159 -33.24 58.86 -0.96
C ALA O 159 -32.24 58.24 -1.92
N TYR O 160 -31.37 59.08 -2.47
CA TYR O 160 -30.32 58.61 -3.36
C TYR O 160 -29.31 57.79 -2.56
N ALA O 161 -29.13 58.15 -1.30
CA ALA O 161 -28.27 57.38 -0.43
C ALA O 161 -28.90 56.01 -0.22
N THR O 162 -30.21 55.99 -0.03
CA THR O 162 -30.93 54.74 0.11
C THR O 162 -30.78 53.96 -1.19
N PHE O 163 -30.83 54.69 -2.30
CA PHE O 163 -30.61 54.11 -3.61
C PHE O 163 -29.19 53.55 -3.70
N LYS O 164 -28.24 54.24 -3.09
CA LYS O 164 -26.86 53.78 -3.06
C LYS O 164 -26.80 52.42 -2.39
N THR O 165 -27.64 52.21 -1.38
CA THR O 165 -27.70 50.92 -0.70
C THR O 165 -28.02 49.83 -1.71
N ILE O 166 -28.92 50.14 -2.65
CA ILE O 166 -29.27 49.21 -3.71
C ILE O 166 -28.04 48.89 -4.52
N GLN O 167 -27.31 49.94 -4.87
CA GLN O 167 -26.10 49.82 -5.67
C GLN O 167 -25.06 48.99 -4.92
N ILE O 168 -25.00 49.21 -3.61
CA ILE O 168 -24.09 48.46 -2.75
C ILE O 168 -24.50 47.01 -2.66
N LYS O 169 -25.79 46.78 -2.49
CA LYS O 169 -26.32 45.43 -2.41
C LYS O 169 -25.95 44.62 -3.63
N ILE O 170 -26.22 45.19 -4.80
CA ILE O 170 -25.92 44.49 -6.04
C ILE O 170 -24.42 44.30 -6.17
N ALA O 171 -23.66 45.29 -5.70
CA ALA O 171 -22.22 45.16 -5.70
C ALA O 171 -21.82 43.98 -4.84
N ASN O 172 -22.46 43.83 -3.70
CA ASN O 172 -22.18 42.70 -2.83
C ASN O 172 -22.59 41.41 -3.52
N ASP O 173 -23.64 41.49 -4.32
CA ASP O 173 -24.15 40.34 -5.04
C ASP O 173 -23.23 39.92 -6.20
N GLN O 174 -22.55 40.88 -6.81
CA GLN O 174 -21.67 40.56 -7.93
C GLN O 174 -20.23 40.94 -7.69
N LYS O 175 -19.99 42.16 -7.22
CA LYS O 175 -18.64 42.62 -6.92
C LYS O 175 -18.08 41.85 -5.74
N GLY O 176 -18.97 41.36 -4.88
CA GLY O 176 -18.60 40.59 -3.71
C GLY O 176 -18.09 39.20 -4.08
N PHE O 177 -18.18 38.83 -5.36
CA PHE O 177 -17.67 37.53 -5.79
C PHE O 177 -16.20 37.44 -5.44
N ASN O 178 -15.82 36.31 -4.84
CA ASN O 178 -14.45 36.12 -4.39
C ASN O 178 -13.53 35.63 -5.49
N LEU O 179 -12.73 36.55 -6.03
CA LEU O 179 -11.74 36.19 -7.04
C LEU O 179 -10.51 35.63 -6.35
N ASN O 180 -10.65 34.41 -5.83
CA ASN O 180 -9.60 33.75 -5.08
C ASN O 180 -8.63 32.98 -5.96
N TYR O 181 -8.87 32.98 -7.26
CA TYR O 181 -7.95 32.32 -8.17
C TYR O 181 -8.03 32.89 -9.57
N ASN O 182 -6.96 32.71 -10.31
CA ASN O 182 -6.93 33.13 -11.70
C ASN O 182 -6.93 31.91 -12.62
N PRO O 183 -5.87 31.09 -12.57
CA PRO O 183 -5.75 29.94 -13.47
C PRO O 183 -6.62 28.76 -13.04
N ASN O 184 -7.91 28.99 -12.89
CA ASN O 184 -8.85 27.93 -12.54
C ASN O 184 -8.43 27.10 -11.33
N VAL O 185 -7.98 27.74 -10.25
CA VAL O 185 -7.61 26.98 -9.06
C VAL O 185 -8.85 26.62 -8.25
N THR O 186 -9.62 25.69 -8.80
CA THR O 186 -10.85 25.23 -8.15
C THR O 186 -10.55 24.30 -7.00
N GLN O 187 -9.32 23.80 -6.95
CA GLN O 187 -8.89 22.94 -5.87
C GLN O 187 -8.80 23.72 -4.57
N ALA O 188 -8.58 25.02 -4.67
CA ALA O 188 -8.56 25.86 -3.49
C ALA O 188 -10.00 26.15 -3.10
N ARG O 189 -10.77 26.67 -4.06
CA ARG O 189 -12.18 26.92 -3.87
C ARG O 189 -12.94 26.67 -5.16
N LEU O 190 -13.97 25.85 -5.06
CA LEU O 190 -14.76 25.46 -6.22
C LEU O 190 -15.64 26.58 -6.73
N PRO O 191 -15.99 26.51 -8.01
CA PRO O 191 -16.87 27.49 -8.62
C PRO O 191 -18.19 27.55 -7.87
N ASN O 192 -18.70 28.75 -7.66
CA ASN O 192 -19.97 28.96 -6.98
C ASN O 192 -19.92 28.53 -5.52
N ALA O 193 -18.73 28.30 -4.98
CA ALA O 193 -18.58 27.95 -3.57
C ALA O 193 -18.94 29.14 -2.68
N PRO O 194 -18.72 30.35 -3.19
CA PRO O 194 -19.07 31.57 -2.43
C PRO O 194 -20.57 31.71 -2.22
N LEU O 195 -21.38 30.93 -2.94
CA LEU O 195 -22.82 31.04 -2.78
C LEU O 195 -23.24 30.82 -1.34
N PRO O 196 -24.02 31.76 -0.80
CA PRO O 196 -24.49 31.68 0.58
C PRO O 196 -25.29 30.40 0.81
N ALA O 197 -25.14 29.84 2.00
CA ALA O 197 -25.86 28.63 2.37
C ALA O 197 -27.34 28.93 2.51
N LEU O 198 -28.18 27.92 2.32
CA LEU O 198 -29.61 28.09 2.42
C LEU O 198 -30.00 28.45 3.84
N PRO O 199 -30.95 29.37 3.98
CA PRO O 199 -31.38 29.84 5.30
C PRO O 199 -32.09 28.74 6.09
N GLU O 200 -31.78 28.66 7.37
CA GLU O 200 -32.40 27.69 8.26
C GLU O 200 -33.75 28.21 8.73
N PRO O 201 -34.61 27.32 9.18
CA PRO O 201 -35.94 27.73 9.68
C PRO O 201 -35.86 28.23 11.12
N THR O 202 -34.77 27.90 11.82
CA THR O 202 -34.63 28.30 13.22
C THR O 202 -34.07 29.71 13.33
N SER O 203 -34.30 30.33 14.49
CA SER O 203 -33.84 31.69 14.74
C SER O 203 -32.35 31.76 15.00
N ASP O 204 -31.77 30.64 15.39
CA ASP O 204 -30.35 30.57 15.68
C ASP O 204 -29.69 29.39 14.98
N GLN P 1 -12.62 -37.18 41.20
CA GLN P 1 -12.32 -36.05 40.33
C GLN P 1 -11.70 -34.90 41.12
N PRO P 2 -10.42 -35.04 41.45
CA PRO P 2 -9.73 -34.04 42.27
C PRO P 2 -9.69 -32.67 41.60
N TRP P 3 -9.72 -32.65 40.27
CA TRP P 3 -9.69 -31.39 39.55
C TRP P 3 -11.01 -30.64 39.64
N GLU P 4 -12.07 -31.34 40.04
CA GLU P 4 -13.38 -30.72 40.18
C GLU P 4 -13.55 -30.09 41.55
N ALA P 5 -12.62 -30.38 42.45
CA ALA P 5 -12.69 -29.86 43.82
C ALA P 5 -12.27 -28.40 43.86
N ILE P 6 -12.84 -27.68 44.81
CA ILE P 6 -12.49 -26.27 45.01
C ILE P 6 -11.26 -26.19 45.91
N PHE P 7 -10.22 -25.54 45.41
CA PHE P 7 -8.96 -25.47 46.16
C PHE P 7 -9.06 -24.62 47.43
N THR P 8 -9.97 -23.65 47.42
CA THR P 8 -10.18 -22.76 48.57
C THR P 8 -9.05 -21.73 48.68
N LYS P 9 -9.44 -20.45 48.72
CA LYS P 9 -8.48 -19.36 48.79
C LYS P 9 -7.55 -19.46 49.98
N ASP P 10 -8.06 -19.97 51.09
CA ASP P 10 -7.26 -20.14 52.29
C ASP P 10 -6.03 -20.99 51.99
N ASP P 11 -6.20 -21.96 51.11
CA ASP P 11 -5.11 -22.84 50.74
C ASP P 11 -4.22 -22.19 49.67
N LEU P 12 -4.84 -21.38 48.81
CA LEU P 12 -4.08 -20.69 47.78
C LEU P 12 -3.06 -19.74 48.40
N ALA P 13 -3.50 -19.02 49.43
CA ALA P 13 -2.65 -18.08 50.14
C ALA P 13 -1.56 -18.78 50.93
N ALA P 14 -1.78 -20.06 51.22
CA ALA P 14 -0.83 -20.85 51.99
C ALA P 14 0.32 -21.36 51.12
N ILE P 15 0.19 -21.20 49.80
CA ILE P 15 1.23 -21.68 48.89
C ILE P 15 2.49 -20.82 48.95
N GLU P 16 2.31 -19.50 48.90
CA GLU P 16 3.44 -18.57 48.98
C GLU P 16 4.58 -18.95 48.03
N PRO P 17 4.27 -18.97 46.74
CA PRO P 17 5.24 -19.35 45.72
C PRO P 17 6.25 -18.24 45.43
N LYS P 18 7.30 -18.59 44.71
CA LYS P 18 8.34 -17.64 44.32
C LYS P 18 8.40 -17.55 42.80
N PRO P 19 8.63 -16.34 42.27
CA PRO P 19 8.75 -16.17 40.82
C PRO P 19 9.87 -17.06 40.28
N ALA P 20 9.68 -17.58 39.08
CA ALA P 20 10.65 -18.50 38.48
C ALA P 20 11.06 -18.07 37.10
N SER P 21 11.94 -17.07 37.04
CA SER P 21 12.45 -16.58 35.77
C SER P 21 13.39 -17.58 35.12
N ALA P 22 13.33 -17.66 33.79
CA ALA P 22 14.20 -18.56 33.04
C ALA P 22 15.42 -17.82 32.50
N ASN P 23 15.52 -16.53 32.81
CA ASN P 23 16.67 -15.77 32.33
C ASN P 23 17.77 -15.77 33.38
N VAL P 24 17.65 -16.65 34.37
CA VAL P 24 18.67 -16.80 35.38
C VAL P 24 19.16 -18.24 35.36
N PRO P 25 20.43 -18.44 35.72
CA PRO P 25 21.00 -19.77 35.75
C PRO P 25 20.21 -20.68 36.68
N ASN P 26 20.05 -21.93 36.27
CA ASN P 26 19.38 -22.92 37.10
C ASN P 26 20.19 -23.15 38.35
N THR P 27 19.55 -23.57 39.43
CA THR P 27 20.26 -23.84 40.67
C THR P 27 21.49 -24.70 40.42
N LYS P 28 21.33 -25.74 39.61
CA LYS P 28 22.45 -26.62 39.30
C LYS P 28 23.48 -25.92 38.44
N GLN P 29 23.02 -24.94 37.66
CA GLN P 29 23.91 -24.17 36.82
C GLN P 29 24.66 -23.17 37.67
N TRP P 30 24.00 -22.65 38.70
CA TRP P 30 24.67 -21.77 39.64
C TRP P 30 25.80 -22.55 40.31
N ILE P 31 25.51 -23.80 40.61
CA ILE P 31 26.48 -24.70 41.19
C ILE P 31 27.58 -24.98 40.19
N GLY P 32 27.19 -25.16 38.93
CA GLY P 32 28.16 -25.37 37.86
C GLY P 32 29.12 -24.19 37.79
N ILE P 33 28.57 -22.98 37.96
CA ILE P 33 29.39 -21.79 37.97
C ILE P 33 30.35 -21.84 39.15
N GLN P 34 29.85 -22.31 40.30
CA GLN P 34 30.70 -22.45 41.47
C GLN P 34 31.80 -23.44 41.20
N ALA P 35 31.45 -24.56 40.56
CA ALA P 35 32.42 -25.60 40.26
C ALA P 35 33.55 -25.04 39.42
N GLY P 36 33.23 -24.08 38.56
CA GLY P 36 34.25 -23.46 37.72
C GLY P 36 34.86 -22.23 38.37
N LEU P 37 34.01 -21.31 38.81
CA LEU P 37 34.45 -20.04 39.38
C LEU P 37 35.20 -20.22 40.69
N ILE P 38 34.70 -21.07 41.57
CA ILE P 38 35.38 -21.31 42.83
C ILE P 38 36.69 -22.03 42.54
N LYS P 39 36.64 -22.96 41.59
CA LYS P 39 37.82 -23.67 41.14
C LYS P 39 38.83 -22.72 40.53
N ALA P 40 38.32 -21.66 39.91
CA ALA P 40 39.15 -20.66 39.25
C ALA P 40 39.91 -19.82 40.26
N GLY P 41 39.56 -19.93 41.54
CA GLY P 41 40.26 -19.19 42.59
C GLY P 41 39.33 -18.29 43.41
N ALA P 42 38.08 -18.18 42.99
CA ALA P 42 37.12 -17.35 43.73
C ALA P 42 36.61 -18.12 44.94
N THR P 43 36.19 -17.41 45.97
CA THR P 43 35.67 -18.07 47.15
C THR P 43 34.57 -17.26 47.82
N ASP P 44 33.57 -17.98 48.35
CA ASP P 44 32.46 -17.38 49.07
C ASP P 44 31.84 -16.18 48.36
N ALA P 45 31.93 -15.01 49.01
CA ALA P 45 31.33 -13.79 48.48
C ALA P 45 31.94 -13.36 47.15
N ASN P 46 33.16 -13.82 46.89
CA ASN P 46 33.82 -13.48 45.63
C ASN P 46 33.07 -14.07 44.46
N PHE P 47 32.26 -15.10 44.73
CA PHE P 47 31.47 -15.71 43.69
C PHE P 47 30.62 -14.66 43.00
N MET P 48 29.85 -13.92 43.79
CA MET P 48 29.02 -12.86 43.25
C MET P 48 29.86 -11.69 42.78
N LYS P 49 30.90 -11.35 43.53
CA LYS P 49 31.74 -10.21 43.20
C LYS P 49 32.33 -10.34 41.80
N VAL P 50 32.88 -11.52 41.51
CA VAL P 50 33.49 -11.75 40.22
C VAL P 50 32.45 -11.74 39.11
N LEU P 51 31.29 -12.33 39.38
CA LEU P 51 30.23 -12.37 38.40
C LEU P 51 29.72 -10.96 38.14
N LEU P 52 29.73 -10.11 39.17
CA LEU P 52 29.36 -8.71 38.99
C LEU P 52 30.37 -8.03 38.09
N GLY P 53 31.63 -8.40 38.24
CA GLY P 53 32.67 -7.87 37.38
C GLY P 53 32.32 -8.17 35.94
N LEU P 54 31.98 -9.43 35.68
CA LEU P 54 31.58 -9.84 34.34
C LEU P 54 30.31 -9.16 33.87
N SER P 55 29.36 -8.94 34.79
CA SER P 55 28.14 -8.26 34.43
C SER P 55 28.44 -6.85 33.99
N LEU P 56 29.42 -6.24 34.65
CA LEU P 56 29.86 -4.90 34.30
C LEU P 56 30.54 -4.93 32.95
N GLU P 57 31.25 -6.03 32.68
CA GLU P 57 31.89 -6.21 31.39
C GLU P 57 30.84 -6.43 30.32
N ALA P 58 29.82 -7.21 30.67
CA ALA P 58 28.72 -7.51 29.76
C ALA P 58 27.99 -6.23 29.42
N PHE P 59 27.95 -5.31 30.37
CA PHE P 59 27.32 -4.02 30.19
C PHE P 59 27.99 -3.29 29.03
N ASP P 60 29.31 -3.38 28.97
CA ASP P 60 30.08 -2.75 27.90
C ASP P 60 30.49 -3.72 26.79
N ARG P 61 30.26 -5.02 26.99
CA ARG P 61 30.66 -6.00 25.98
C ARG P 61 29.51 -6.85 25.48
N GLY P 62 29.08 -7.81 26.28
CA GLY P 62 27.98 -8.70 25.90
C GLY P 62 28.30 -10.14 26.29
N SER P 63 27.60 -11.09 25.66
CA SER P 63 27.76 -12.52 25.90
C SER P 63 29.23 -12.98 25.75
N SER P 64 29.56 -13.59 24.62
CA SER P 64 30.93 -14.05 24.40
C SER P 64 31.88 -12.88 24.35
N GLU P 65 31.34 -11.69 24.14
CA GLU P 65 32.15 -10.48 24.12
C GLU P 65 32.83 -10.29 25.47
N ALA P 66 32.05 -10.35 26.55
CA ALA P 66 32.62 -10.22 27.88
C ALA P 66 33.48 -11.44 28.19
N THR P 67 33.16 -12.57 27.56
CA THR P 67 33.93 -13.79 27.74
C THR P 67 35.35 -13.58 27.24
N THR P 68 35.49 -12.88 26.12
CA THR P 68 36.82 -12.60 25.56
C THR P 68 37.54 -11.53 26.38
N TRP P 69 36.78 -10.69 27.07
CA TRP P 69 37.39 -9.64 27.88
C TRP P 69 38.20 -10.22 29.03
N ASP P 70 39.45 -9.83 29.11
CA ASP P 70 40.37 -10.27 30.16
C ASP P 70 40.35 -9.33 31.35
N GLY P 71 41.26 -9.57 32.29
CA GLY P 71 41.37 -8.72 33.48
C GLY P 71 41.05 -9.50 34.73
N ILE P 72 41.99 -9.50 35.66
CA ILE P 72 41.80 -10.22 36.91
C ILE P 72 40.96 -9.41 37.88
N THR P 73 39.85 -9.99 38.29
CA THR P 73 38.97 -9.35 39.25
C THR P 73 39.44 -9.62 40.66
N GLU P 74 38.62 -9.26 41.61
CA GLU P 74 38.92 -9.51 43.02
C GLU P 74 39.08 -11.00 43.30
N GLY P 75 38.50 -11.84 42.43
CA GLY P 75 38.60 -13.27 42.62
C GLY P 75 39.41 -13.96 41.52
N VAL P 76 39.17 -13.57 40.26
CA VAL P 76 39.86 -14.23 39.16
C VAL P 76 39.61 -13.51 37.82
N GLU P 77 40.44 -13.82 36.82
CA GLU P 77 40.32 -13.27 35.48
C GLU P 77 38.90 -13.41 34.94
N HIS P 78 38.41 -12.35 34.30
CA HIS P 78 37.07 -12.34 33.73
C HIS P 78 36.84 -13.54 32.82
N ARG P 79 37.82 -13.83 31.99
CA ARG P 79 37.72 -14.93 31.05
C ARG P 79 37.59 -16.26 31.77
N ALA P 80 38.35 -16.42 32.85
CA ALA P 80 38.30 -17.65 33.63
C ALA P 80 36.91 -17.82 34.24
N ALA P 81 36.37 -16.73 34.77
CA ALA P 81 35.04 -16.75 35.36
C ALA P 81 34.00 -17.00 34.27
N ALA P 82 34.24 -16.44 33.10
CA ALA P 82 33.35 -16.61 31.97
C ALA P 82 33.31 -18.07 31.57
N ASN P 83 34.47 -18.74 31.67
CA ASN P 83 34.56 -20.15 31.36
C ASN P 83 33.69 -20.95 32.30
N ALA P 84 33.67 -20.56 33.56
CA ALA P 84 32.84 -21.21 34.57
C ALA P 84 31.38 -21.12 34.19
N ILE P 85 30.99 -19.95 33.69
CA ILE P 85 29.62 -19.72 33.25
C ILE P 85 29.31 -20.64 32.08
N LYS P 86 30.28 -20.76 31.16
CA LYS P 86 30.14 -21.64 30.01
C LYS P 86 30.07 -23.10 30.45
N GLU P 87 30.79 -23.43 31.53
CA GLU P 87 30.76 -24.79 32.06
C GLU P 87 29.36 -25.13 32.55
N ALA P 88 28.64 -24.11 33.02
CA ALA P 88 27.27 -24.26 33.48
C ALA P 88 26.29 -24.26 32.31
N ASN P 89 26.82 -24.16 31.09
CA ASN P 89 26.02 -24.13 29.87
C ASN P 89 25.16 -22.87 29.80
N CYS P 90 25.71 -21.76 30.29
CA CYS P 90 25.01 -20.48 30.25
C CYS P 90 25.87 -19.41 29.59
N PRO P 91 25.21 -18.42 29.00
CA PRO P 91 25.91 -17.24 28.50
C PRO P 91 26.14 -16.28 29.65
N ILE P 92 27.11 -15.39 29.52
CA ILE P 92 27.35 -14.41 30.58
C ILE P 92 26.10 -13.59 30.81
N HIS P 93 25.37 -13.34 29.73
CA HIS P 93 24.12 -12.61 29.80
C HIS P 93 23.15 -13.28 30.76
N LYS P 94 23.16 -14.61 30.79
CA LYS P 94 22.26 -15.35 31.66
C LYS P 94 22.51 -14.97 33.11
N VAL P 95 23.78 -14.92 33.49
CA VAL P 95 24.14 -14.50 34.83
C VAL P 95 23.88 -13.02 35.03
N THR P 96 24.19 -12.25 34.00
CA THR P 96 24.02 -10.80 34.01
C THR P 96 22.56 -10.42 34.19
N TYR P 97 21.66 -11.23 33.64
CA TYR P 97 20.24 -10.96 33.78
C TYR P 97 19.85 -10.94 35.25
N TYR P 98 20.44 -11.86 36.01
CA TYR P 98 20.21 -11.93 37.45
C TYR P 98 20.86 -10.75 38.16
N LEU P 99 22.05 -10.38 37.70
CA LEU P 99 22.79 -9.29 38.31
C LEU P 99 22.73 -8.02 37.47
N ALA P 100 21.64 -7.86 36.73
CA ALA P 100 21.46 -6.70 35.85
C ALA P 100 21.26 -5.41 36.63
N LYS P 101 20.39 -5.45 37.64
CA LYS P 101 20.05 -4.25 38.40
C LYS P 101 21.22 -3.72 39.22
N PRO P 102 21.89 -4.60 39.98
CA PRO P 102 23.03 -4.17 40.79
C PRO P 102 24.12 -3.64 39.88
N THR P 103 24.27 -4.28 38.72
CA THR P 103 25.27 -3.88 37.73
C THR P 103 24.98 -2.48 37.21
N PHE P 104 23.74 -2.27 36.80
CA PHE P 104 23.29 -0.98 36.33
C PHE P 104 23.40 0.04 37.44
N ALA P 105 23.03 -0.39 38.65
CA ALA P 105 23.06 0.46 39.82
C ALA P 105 24.46 0.97 40.09
N ILE P 106 25.45 0.10 39.91
CA ILE P 106 26.84 0.49 40.12
C ILE P 106 27.21 1.61 39.16
N ARG P 107 26.99 1.36 37.88
CA ARG P 107 27.34 2.32 36.84
C ARG P 107 26.48 3.57 36.93
N GLN P 108 25.25 3.42 37.36
CA GLN P 108 24.37 4.57 37.47
C GLN P 108 24.88 5.51 38.54
N SER P 109 25.38 4.94 39.63
CA SER P 109 25.94 5.74 40.70
C SER P 109 27.32 6.29 40.34
N LYS P 110 28.02 5.57 39.47
CA LYS P 110 29.35 6.00 39.03
C LYS P 110 29.26 6.75 37.71
N ASN P 111 28.05 6.86 37.16
CA ASN P 111 27.81 7.57 35.91
C ASN P 111 28.64 6.99 34.76
N LEU P 112 28.66 5.66 34.66
CA LEU P 112 29.41 4.99 33.61
C LEU P 112 28.47 4.38 32.57
N PRO P 113 28.18 5.15 31.52
CA PRO P 113 27.26 4.70 30.47
C PRO P 113 27.87 3.56 29.67
N PRO P 114 27.03 2.83 28.96
CA PRO P 114 27.48 1.68 28.17
C PRO P 114 28.46 2.11 27.09
N ALA P 115 29.57 1.38 26.99
CA ALA P 115 30.61 1.69 26.03
C ALA P 115 30.18 1.38 24.60
N ASN P 116 29.15 0.54 24.46
CA ASN P 116 28.66 0.17 23.13
C ASN P 116 27.54 1.10 22.69
N PHE P 117 27.28 2.13 23.49
CA PHE P 117 26.30 3.15 23.17
C PHE P 117 26.60 3.75 21.80
N ALA P 118 27.86 4.11 21.62
CA ALA P 118 28.34 4.70 20.38
C ALA P 118 28.17 3.75 19.21
N LYS P 119 28.54 2.49 19.44
CA LYS P 119 28.50 1.46 18.41
C LYS P 119 27.09 1.21 17.92
N LYS P 120 26.14 1.26 18.84
CA LYS P 120 24.75 1.00 18.54
C LYS P 120 24.03 2.22 18.01
N ASN P 121 24.71 3.36 17.98
CA ASN P 121 24.13 4.59 17.48
C ASN P 121 22.88 4.97 18.27
N VAL P 122 22.87 4.61 19.55
CA VAL P 122 21.72 4.93 20.40
C VAL P 122 21.67 6.40 20.68
N PRO P 123 20.52 7.02 20.49
CA PRO P 123 20.35 8.45 20.76
C PRO P 123 20.77 8.79 22.17
N SER P 124 21.36 9.98 22.35
CA SER P 124 21.81 10.42 23.66
C SER P 124 20.66 10.48 24.65
N GLN P 125 19.46 10.68 24.12
CA GLN P 125 18.25 10.70 24.93
C GLN P 125 18.10 9.36 25.65
N TYR P 126 18.59 8.31 25.01
CA TYR P 126 18.49 6.96 25.53
C TYR P 126 19.88 6.40 25.86
N LYS P 127 20.76 7.27 26.35
CA LYS P 127 22.13 6.89 26.68
C LYS P 127 22.22 5.69 27.61
N TRP P 128 21.31 5.60 28.57
CA TRP P 128 21.32 4.50 29.52
C TRP P 128 20.38 3.37 29.13
N CYS P 129 19.90 3.40 27.89
CA CYS P 129 19.00 2.37 27.42
C CYS P 129 19.77 1.26 26.71
N ALA P 130 21.02 1.52 26.38
CA ALA P 130 21.84 0.52 25.70
C ALA P 130 22.38 -0.50 26.71
N PHE P 131 21.49 -1.33 27.24
CA PHE P 131 21.86 -2.34 28.21
C PHE P 131 21.30 -3.70 27.82
N ASP P 132 22.18 -4.62 27.45
CA ASP P 132 21.76 -5.95 27.00
C ASP P 132 20.88 -6.68 28.00
N ALA P 133 21.22 -6.56 29.28
CA ALA P 133 20.46 -7.24 30.33
C ALA P 133 19.42 -6.31 30.95
N PHE P 134 18.89 -5.38 30.17
CA PHE P 134 17.89 -4.45 30.69
C PHE P 134 16.66 -5.18 31.21
N ASP P 135 16.42 -6.39 30.74
CA ASP P 135 15.26 -7.15 31.18
C ASP P 135 15.34 -7.47 32.66
N GLY P 136 16.57 -7.54 33.18
CA GLY P 136 16.78 -7.81 34.59
C GLY P 136 16.32 -6.64 35.45
N LEU P 137 16.16 -5.48 34.82
CA LEU P 137 15.72 -4.28 35.53
C LEU P 137 14.25 -4.41 35.89
N TYR P 138 13.55 -5.33 35.22
CA TYR P 138 12.14 -5.55 35.45
C TYR P 138 11.90 -6.93 36.06
N ASP P 139 12.85 -7.84 35.83
CA ASP P 139 12.74 -9.20 36.32
C ASP P 139 12.64 -9.24 37.84
N PRO P 140 11.55 -9.81 38.34
CA PRO P 140 11.28 -9.86 39.78
C PRO P 140 12.28 -10.70 40.55
N THR P 141 12.99 -11.59 39.85
CA THR P 141 13.96 -12.45 40.51
C THR P 141 15.36 -11.84 40.49
N CYS P 142 15.52 -10.77 39.73
CA CYS P 142 16.82 -10.12 39.61
C CYS P 142 17.25 -9.48 40.92
N LEU P 143 18.53 -9.67 41.27
CA LEU P 143 19.12 -9.13 42.48
C LEU P 143 19.14 -7.61 42.44
N ALA P 144 19.03 -6.96 43.60
CA ALA P 144 19.05 -5.50 43.66
C ALA P 144 18.90 -4.99 45.08
N SER P 145 20.02 -4.49 45.63
CA SER P 145 20.02 -3.93 46.97
C SER P 145 19.57 -2.47 46.97
N GLU P 146 19.73 -1.80 45.83
CA GLU P 146 19.34 -0.41 45.67
C GLU P 146 19.70 0.13 44.29
N LEU P 147 18.70 0.61 43.58
CA LEU P 147 18.89 1.17 42.25
C LEU P 147 18.80 2.70 42.30
N PRO P 148 19.91 3.38 42.00
CA PRO P 148 19.99 4.85 42.04
C PRO P 148 18.97 5.55 41.15
N TYR P 149 18.66 4.94 40.02
CA TYR P 149 17.71 5.55 39.09
C TYR P 149 16.73 4.54 38.52
N ASP P 150 15.46 4.93 38.46
CA ASP P 150 14.43 4.06 37.94
C ASP P 150 14.52 3.93 36.43
N ALA P 151 15.49 3.14 35.98
CA ALA P 151 15.68 2.87 34.57
C ALA P 151 14.50 2.10 33.99
N PRO P 152 13.78 1.37 34.84
CA PRO P 152 12.59 0.67 34.39
C PRO P 152 11.52 1.60 33.81
N SER P 153 11.62 2.90 34.08
CA SER P 153 10.65 3.88 33.60
C SER P 153 10.10 3.52 32.23
N GLU P 154 8.78 3.64 32.08
CA GLU P 154 8.09 3.27 30.85
C GLU P 154 8.68 3.94 29.61
N ILE P 155 9.10 5.18 29.75
CA ILE P 155 9.73 5.87 28.64
C ILE P 155 11.00 5.15 28.26
N ASP P 156 11.77 4.76 29.28
CA ASP P 156 12.99 4.01 29.08
C ASP P 156 12.66 2.61 28.59
N ARG P 157 11.50 2.10 28.98
CA ARG P 157 11.05 0.77 28.58
C ARG P 157 10.77 0.72 27.09
N MET P 158 10.14 1.76 26.56
CA MET P 158 9.90 1.84 25.14
C MET P 158 11.22 2.09 24.43
N ALA P 159 12.12 2.81 25.10
CA ALA P 159 13.45 3.01 24.58
C ALA P 159 14.20 1.68 24.60
N TYR P 160 13.91 0.86 25.61
CA TYR P 160 14.51 -0.46 25.71
C TYR P 160 13.95 -1.34 24.61
N ALA P 161 12.70 -1.10 24.23
CA ALA P 161 12.10 -1.81 23.11
C ALA P 161 12.85 -1.42 21.84
N THR P 162 13.15 -0.14 21.72
CA THR P 162 13.91 0.33 20.57
C THR P 162 15.29 -0.32 20.62
N PHE P 163 15.82 -0.44 21.83
CA PHE P 163 17.08 -1.12 22.06
C PHE P 163 16.95 -2.58 21.65
N LYS P 164 15.79 -3.18 21.92
CA LYS P 164 15.54 -4.56 21.53
C LYS P 164 15.67 -4.69 20.02
N THR P 165 15.27 -3.66 19.29
CA THR P 165 15.40 -3.66 17.84
C THR P 165 16.86 -3.85 17.47
N ILE P 166 17.75 -3.20 18.22
CA ILE P 166 19.18 -3.35 18.00
C ILE P 166 19.57 -4.80 18.20
N GLN P 167 19.07 -5.37 19.28
CA GLN P 167 19.37 -6.75 19.63
C GLN P 167 18.83 -7.69 18.54
N ILE P 168 17.66 -7.35 18.01
CA ILE P 168 17.05 -8.11 16.94
C ILE P 168 17.85 -7.98 15.66
N LYS P 169 18.27 -6.76 15.36
CA LYS P 169 19.07 -6.49 14.16
C LYS P 169 20.32 -7.34 14.16
N ILE P 170 21.06 -7.30 15.26
CA ILE P 170 22.29 -8.06 15.36
C ILE P 170 21.98 -9.54 15.29
N ALA P 171 20.85 -9.94 15.87
CA ALA P 171 20.43 -11.32 15.78
C ALA P 171 20.22 -11.68 14.32
N ASN P 172 19.60 -10.79 13.57
CA ASN P 172 19.38 -11.04 12.16
C ASN P 172 20.73 -11.09 11.44
N ASP P 173 21.67 -10.31 11.93
CA ASP P 173 23.00 -10.25 11.34
C ASP P 173 23.82 -11.51 11.62
N GLN P 174 23.60 -12.14 12.77
CA GLN P 174 24.35 -13.34 13.12
C GLN P 174 23.47 -14.56 13.33
N LYS P 175 22.40 -14.42 14.11
CA LYS P 175 21.48 -15.52 14.35
C LYS P 175 20.74 -15.87 13.07
N GLY P 176 20.62 -14.88 12.18
CA GLY P 176 19.95 -15.06 10.91
C GLY P 176 20.77 -15.91 9.94
N PHE P 177 22.00 -16.25 10.32
CA PHE P 177 22.83 -17.10 9.49
C PHE P 177 22.10 -18.40 9.22
N ASN P 178 22.08 -18.82 7.96
CA ASN P 178 21.35 -20.02 7.57
C ASN P 178 22.16 -21.28 7.77
N LEU P 179 21.85 -22.01 8.84
CA LEU P 179 22.50 -23.28 9.10
C LEU P 179 21.82 -24.36 8.27
N ASN P 180 22.07 -24.31 6.97
CA ASN P 180 21.46 -25.23 6.02
C ASN P 180 22.22 -26.53 5.85
N TYR P 181 23.33 -26.67 6.56
CA TYR P 181 24.08 -27.92 6.51
C TYR P 181 24.93 -28.12 7.73
N ASN P 182 25.25 -29.37 8.01
CA ASN P 182 26.14 -29.70 9.11
C ASN P 182 27.48 -30.18 8.58
N PRO P 183 27.49 -31.32 7.87
CA PRO P 183 28.76 -31.91 7.40
C PRO P 183 29.30 -31.20 6.16
N ASN P 184 29.50 -29.90 6.25
CA ASN P 184 30.08 -29.12 5.17
C ASN P 184 29.39 -29.34 3.82
N VAL P 185 28.07 -29.34 3.79
CA VAL P 185 27.37 -29.51 2.50
C VAL P 185 27.33 -28.19 1.74
N THR P 186 28.49 -27.79 1.25
CA THR P 186 28.63 -26.55 0.50
C THR P 186 28.08 -26.70 -0.90
N GLN P 187 27.89 -27.93 -1.34
CA GLN P 187 27.32 -28.19 -2.64
C GLN P 187 25.86 -27.78 -2.69
N ALA P 188 25.21 -27.75 -1.53
CA ALA P 188 23.83 -27.29 -1.46
C ALA P 188 23.85 -25.77 -1.45
N ARG P 189 24.62 -25.22 -0.51
CA ARG P 189 24.82 -23.78 -0.41
C ARG P 189 26.22 -23.48 0.07
N LEU P 190 26.92 -22.64 -0.70
CA LEU P 190 28.30 -22.29 -0.42
C LEU P 190 28.43 -21.38 0.80
N PRO P 191 29.60 -21.42 1.42
CA PRO P 191 29.89 -20.57 2.57
C PRO P 191 29.71 -19.11 2.20
N ASN P 192 29.11 -18.34 3.09
CA ASN P 192 28.88 -16.92 2.88
C ASN P 192 27.93 -16.63 1.72
N ALA P 193 27.21 -17.66 1.27
CA ALA P 193 26.23 -17.48 0.20
C ALA P 193 25.04 -16.67 0.71
N PRO P 194 24.75 -16.78 2.02
CA PRO P 194 23.65 -16.01 2.62
C PRO P 194 23.91 -14.51 2.62
N LEU P 195 25.15 -14.09 2.32
CA LEU P 195 25.47 -12.67 2.32
C LEU P 195 24.56 -11.92 1.35
N PRO P 196 23.92 -10.86 1.84
CA PRO P 196 23.02 -10.05 1.01
C PRO P 196 23.76 -9.48 -0.19
N ALA P 197 23.05 -9.40 -1.32
CA ALA P 197 23.61 -8.84 -2.53
C ALA P 197 23.84 -7.35 -2.37
N LEU P 198 24.79 -6.82 -3.14
CA LEU P 198 25.10 -5.41 -3.06
C LEU P 198 23.92 -4.57 -3.54
N PRO P 199 23.67 -3.47 -2.85
CA PRO P 199 22.53 -2.60 -3.19
C PRO P 199 22.71 -1.93 -4.54
N GLU P 200 21.62 -1.89 -5.29
CA GLU P 200 21.60 -1.25 -6.61
C GLU P 200 21.42 0.25 -6.43
N PRO P 201 21.82 1.02 -7.44
CA PRO P 201 21.66 2.48 -7.39
C PRO P 201 20.23 2.91 -7.74
N THR P 202 19.48 2.01 -8.38
CA THR P 202 18.12 2.34 -8.80
C THR P 202 17.12 2.12 -7.67
N SER P 203 15.97 2.77 -7.78
CA SER P 203 14.93 2.68 -6.76
C SER P 203 14.18 1.35 -6.82
N ASP P 204 14.25 0.70 -7.97
CA ASP P 204 13.56 -0.57 -8.17
C ASP P 204 14.50 -1.62 -8.77
N GLN Q 1 40.81 45.36 16.76
CA GLN Q 1 39.41 44.94 16.56
C GLN Q 1 38.65 45.98 15.76
N PRO Q 2 38.87 45.98 14.45
CA PRO Q 2 38.23 46.97 13.56
C PRO Q 2 36.72 46.88 13.60
N TRP Q 3 36.19 45.69 13.86
CA TRP Q 3 34.74 45.51 13.91
C TRP Q 3 34.12 46.13 15.15
N GLU Q 4 34.95 46.42 16.15
CA GLU Q 4 34.48 47.03 17.38
C GLU Q 4 34.41 48.54 17.26
N ALA Q 5 35.01 49.07 16.21
CA ALA Q 5 35.05 50.52 15.98
C ALA Q 5 33.70 51.03 15.50
N ILE Q 6 33.41 52.28 15.84
CA ILE Q 6 32.17 52.93 15.40
C ILE Q 6 32.41 53.54 14.03
N PHE Q 7 31.59 53.15 13.06
CA PHE Q 7 31.77 53.61 11.69
C PHE Q 7 31.48 55.09 11.52
N THR Q 8 30.61 55.63 12.37
CA THR Q 8 30.22 57.04 12.32
C THR Q 8 29.29 57.33 11.15
N LYS Q 9 28.14 57.92 11.45
CA LYS Q 9 27.12 58.23 10.45
C LYS Q 9 27.65 59.08 9.32
N ASP Q 10 28.55 59.99 9.64
CA ASP Q 10 29.14 60.87 8.64
C ASP Q 10 29.78 60.05 7.53
N ASP Q 11 30.35 58.91 7.90
CA ASP Q 11 30.99 58.03 6.94
C ASP Q 11 29.96 57.14 6.24
N LEU Q 12 28.90 56.78 6.96
CA LEU Q 12 27.84 55.96 6.38
C LEU Q 12 27.17 56.71 5.23
N ALA Q 13 26.93 58.00 5.43
CA ALA Q 13 26.29 58.84 4.42
C ALA Q 13 27.22 59.08 3.23
N ALA Q 14 28.51 58.89 3.45
CA ALA Q 14 29.51 59.11 2.41
C ALA Q 14 29.61 57.92 1.47
N ILE Q 15 28.98 56.80 1.83
CA ILE Q 15 29.04 55.60 1.01
C ILE Q 15 28.23 55.75 -0.28
N GLU Q 16 27.01 56.23 -0.17
CA GLU Q 16 26.14 56.45 -1.33
C GLU Q 16 26.09 55.23 -2.24
N PRO Q 17 25.63 54.10 -1.71
CA PRO Q 17 25.57 52.85 -2.46
C PRO Q 17 24.41 52.83 -3.44
N LYS Q 18 24.42 51.85 -4.33
CA LYS Q 18 23.36 51.66 -5.31
C LYS Q 18 22.69 50.30 -5.10
N PRO Q 19 21.38 50.23 -5.29
CA PRO Q 19 20.66 48.97 -5.15
C PRO Q 19 21.24 47.93 -6.10
N ALA Q 20 21.28 46.68 -5.66
CA ALA Q 20 21.87 45.61 -6.47
C ALA Q 20 20.93 44.44 -6.64
N SER Q 21 19.96 44.59 -7.54
CA SER Q 21 19.01 43.54 -7.82
C SER Q 21 19.66 42.39 -8.57
N ALA Q 22 19.23 41.18 -8.28
CA ALA Q 22 19.75 39.99 -8.95
C ALA Q 22 18.83 39.54 -10.08
N ASN Q 23 17.74 40.28 -10.31
CA ASN Q 23 16.83 39.94 -11.37
C ASN Q 23 17.20 40.68 -12.65
N VAL Q 24 18.39 41.26 -12.66
CA VAL Q 24 18.89 41.93 -13.85
C VAL Q 24 20.20 41.28 -14.26
N PRO Q 25 20.47 41.29 -15.56
CA PRO Q 25 21.72 40.70 -16.06
C PRO Q 25 22.93 41.34 -15.42
N ASN Q 26 23.93 40.54 -15.13
CA ASN Q 26 25.19 41.03 -14.57
C ASN Q 26 25.85 41.92 -15.60
N THR Q 27 26.67 42.86 -15.14
CA THR Q 27 27.37 43.75 -16.06
C THR Q 27 28.03 42.97 -17.19
N LYS Q 28 28.69 41.87 -16.83
CA LYS Q 28 29.36 41.04 -17.83
C LYS Q 28 28.35 40.34 -18.70
N GLN Q 29 27.17 40.09 -18.16
CA GLN Q 29 26.10 39.45 -18.91
C GLN Q 29 25.48 40.45 -19.86
N TRP Q 30 25.42 41.71 -19.44
CA TRP Q 30 24.94 42.78 -20.30
C TRP Q 30 25.88 42.88 -21.49
N ILE Q 31 27.17 42.72 -21.20
CA ILE Q 31 28.20 42.72 -22.23
C ILE Q 31 28.04 41.50 -23.11
N GLY Q 32 27.73 40.37 -22.48
CA GLY Q 32 27.50 39.14 -23.22
C GLY Q 32 26.35 39.34 -24.20
N ILE Q 33 25.32 40.06 -23.76
CA ILE Q 33 24.20 40.37 -24.61
C ILE Q 33 24.67 41.23 -25.78
N GLN Q 34 25.54 42.19 -25.48
CA GLN Q 34 26.10 43.04 -26.52
C GLN Q 34 26.89 42.21 -27.51
N ALA Q 35 27.68 41.28 -27.00
CA ALA Q 35 28.50 40.42 -27.84
C ALA Q 35 27.63 39.66 -28.82
N GLY Q 36 26.43 39.31 -28.39
CA GLY Q 36 25.50 38.58 -29.26
C GLY Q 36 24.60 39.53 -30.04
N LEU Q 37 23.94 40.44 -29.33
CA LEU Q 37 22.98 41.36 -29.93
C LEU Q 37 23.62 42.33 -30.91
N ILE Q 38 24.76 42.90 -30.53
CA ILE Q 38 25.44 43.81 -31.42
C ILE Q 38 25.95 43.04 -32.61
N LYS Q 39 26.46 41.84 -32.34
CA LYS Q 39 26.91 40.93 -33.39
C LYS Q 39 25.77 40.55 -34.31
N ALA Q 40 24.57 40.49 -33.75
CA ALA Q 40 23.37 40.11 -34.48
C ALA Q 40 22.96 41.21 -35.47
N GLY Q 41 23.56 42.39 -35.36
CA GLY Q 41 23.24 43.49 -36.26
C GLY Q 41 22.75 44.74 -35.54
N ALA Q 42 22.53 44.65 -34.24
CA ALA Q 42 22.08 45.80 -33.47
C ALA Q 42 23.27 46.70 -33.16
N THR Q 43 23.01 47.99 -32.98
CA THR Q 43 24.09 48.91 -32.65
C THR Q 43 23.63 50.04 -31.72
N ASP Q 44 24.52 50.42 -30.81
CA ASP Q 44 24.27 51.51 -29.90
C ASP Q 44 22.90 51.44 -29.21
N ALA Q 45 22.07 52.45 -29.47
CA ALA Q 45 20.75 52.56 -28.84
C ALA Q 45 19.84 51.39 -29.21
N ASN Q 46 20.13 50.75 -30.34
CA ASN Q 46 19.33 49.62 -30.77
C ASN Q 46 19.44 48.48 -29.79
N PHE Q 47 20.51 48.48 -29.00
CA PHE Q 47 20.71 47.47 -27.99
C PHE Q 47 19.49 47.40 -27.09
N MET Q 48 19.13 48.53 -26.51
CA MET Q 48 17.97 48.60 -25.64
C MET Q 48 16.68 48.46 -26.43
N LYS Q 49 16.63 49.08 -27.61
CA LYS Q 49 15.43 49.06 -28.44
C LYS Q 49 15.00 47.63 -28.75
N VAL Q 50 15.95 46.82 -29.18
CA VAL Q 50 15.66 45.44 -29.54
C VAL Q 50 15.26 44.63 -28.30
N LEU Q 51 15.94 44.87 -27.19
CA LEU Q 51 15.63 44.18 -25.97
C LEU Q 51 14.24 44.56 -25.48
N LEU Q 52 13.85 45.81 -25.73
CA LEU Q 52 12.51 46.26 -25.39
C LEU Q 52 11.50 45.52 -26.25
N GLY Q 53 11.87 45.27 -27.49
CA GLY Q 53 11.01 44.50 -28.39
C GLY Q 53 10.75 43.14 -27.76
N LEU Q 54 11.83 42.50 -27.31
CA LEU Q 54 11.71 41.19 -26.64
C LEU Q 54 10.93 41.27 -25.35
N SER Q 55 11.11 42.36 -24.61
CA SER Q 55 10.38 42.52 -23.37
C SER Q 55 8.89 42.61 -23.65
N LEU Q 56 8.55 43.25 -24.76
CA LEU Q 56 7.17 43.36 -25.20
C LEU Q 56 6.67 42.00 -25.61
N GLU Q 57 7.56 41.21 -26.21
CA GLU Q 57 7.21 39.85 -26.60
C GLU Q 57 7.05 39.00 -25.35
N ALA Q 58 7.93 39.21 -24.38
CA ALA Q 58 7.88 38.47 -23.12
C ALA Q 58 6.59 38.79 -22.39
N PHE Q 59 6.11 40.01 -22.58
CA PHE Q 59 4.86 40.45 -21.98
C PHE Q 59 3.73 39.56 -22.46
N ASP Q 60 3.76 39.21 -23.74
CA ASP Q 60 2.74 38.33 -24.33
C ASP Q 60 3.21 36.88 -24.48
N ARG Q 61 4.49 36.62 -24.23
CA ARG Q 61 5.00 35.26 -24.39
C ARG Q 61 5.63 34.70 -23.12
N GLY Q 62 6.83 35.15 -22.81
CA GLY Q 62 7.53 34.66 -21.62
C GLY Q 62 9.01 34.41 -21.94
N SER Q 63 9.66 33.60 -21.09
CA SER Q 63 11.08 33.26 -21.23
C SER Q 63 11.40 32.68 -22.61
N SER Q 64 11.52 31.36 -22.70
CA SER Q 64 11.82 30.73 -23.98
C SER Q 64 10.70 30.95 -24.97
N GLU Q 65 9.53 31.30 -24.45
CA GLU Q 65 8.39 31.59 -25.30
C GLU Q 65 8.70 32.76 -26.23
N ALA Q 66 9.19 33.85 -25.66
CA ALA Q 66 9.56 35.01 -26.47
C ALA Q 66 10.79 34.67 -27.31
N THR Q 67 11.60 33.73 -26.83
CA THR Q 67 12.77 33.27 -27.56
C THR Q 67 12.35 32.63 -28.88
N THR Q 68 11.27 31.87 -28.84
CA THR Q 68 10.77 31.22 -30.04
C THR Q 68 10.08 32.21 -30.96
N TRP Q 69 9.57 33.31 -30.39
CA TRP Q 69 8.90 34.32 -31.18
C TRP Q 69 9.86 35.00 -32.15
N ASP Q 70 9.48 34.98 -33.43
CA ASP Q 70 10.28 35.59 -34.49
C ASP Q 70 9.86 37.04 -34.75
N GLY Q 71 10.40 37.62 -35.80
CA GLY Q 71 10.07 38.99 -36.16
C GLY Q 71 11.28 39.89 -36.04
N ILE Q 72 11.61 40.56 -37.13
CA ILE Q 72 12.75 41.46 -37.14
C ILE Q 72 12.41 42.80 -36.55
N THR Q 73 13.12 43.17 -35.51
CA THR Q 73 12.92 44.44 -34.84
C THR Q 73 13.70 45.52 -35.55
N GLU Q 74 13.76 46.69 -34.93
CA GLU Q 74 14.51 47.80 -35.49
C GLU Q 74 15.99 47.46 -35.62
N GLY Q 75 16.45 46.47 -34.85
CA GLY Q 75 17.85 46.07 -34.91
C GLY Q 75 18.03 44.67 -35.48
N VAL Q 76 17.21 43.71 -35.02
CA VAL Q 76 17.37 42.33 -35.47
C VAL Q 76 16.20 41.44 -35.02
N GLU Q 77 16.09 40.27 -35.63
CA GLU Q 77 15.08 39.28 -35.28
C GLU Q 77 15.04 39.00 -33.78
N HIS Q 78 13.83 38.92 -33.24
CA HIS Q 78 13.63 38.67 -31.82
C HIS Q 78 14.40 37.43 -31.38
N ARG Q 79 14.32 36.38 -32.16
CA ARG Q 79 14.98 35.13 -31.83
C ARG Q 79 16.49 35.30 -31.79
N ALA Q 80 17.03 36.08 -32.72
CA ALA Q 80 18.47 36.32 -32.75
C ALA Q 80 18.89 37.08 -31.50
N ALA Q 81 18.11 38.07 -31.12
CA ALA Q 81 18.38 38.84 -29.92
C ALA Q 81 18.23 37.97 -28.68
N ALA Q 82 17.25 37.07 -28.74
CA ALA Q 82 17.02 36.14 -27.64
C ALA Q 82 18.22 35.23 -27.47
N ASN Q 83 18.83 34.86 -28.58
CA ASN Q 83 20.01 34.02 -28.55
C ASN Q 83 21.13 34.73 -27.82
N ALA Q 84 21.25 36.04 -28.07
CA ALA Q 84 22.27 36.85 -27.41
C ALA Q 84 22.07 36.82 -25.90
N ILE Q 85 20.81 36.89 -25.49
CA ILE Q 85 20.49 36.83 -24.07
C ILE Q 85 20.88 35.47 -23.51
N LYS Q 86 20.62 34.42 -24.28
CA LYS Q 86 20.99 33.07 -23.89
C LYS Q 86 22.51 32.93 -23.84
N GLU Q 87 23.21 33.64 -24.73
CA GLU Q 87 24.67 33.62 -24.73
C GLU Q 87 25.21 34.18 -23.42
N ALA Q 88 24.47 35.13 -22.86
CA ALA Q 88 24.82 35.76 -21.59
C ALA Q 88 24.40 34.88 -20.41
N ASN Q 89 23.83 33.72 -20.71
CA ASN Q 89 23.36 32.78 -19.70
C ASN Q 89 22.19 33.34 -18.91
N CYS Q 90 21.34 34.11 -19.58
CA CYS Q 90 20.16 34.68 -18.95
C CYS Q 90 18.90 34.34 -19.72
N PRO Q 91 17.78 34.31 -19.02
CA PRO Q 91 16.48 34.16 -19.68
C PRO Q 91 16.03 35.53 -20.14
N ILE Q 92 15.12 35.57 -21.12
CA ILE Q 92 14.62 36.85 -21.60
C ILE Q 92 13.98 37.61 -20.45
N HIS Q 93 13.35 36.86 -19.54
CA HIS Q 93 12.74 37.45 -18.36
C HIS Q 93 13.75 38.24 -17.55
N LYS Q 94 14.99 37.76 -17.50
CA LYS Q 94 16.04 38.44 -16.76
C LYS Q 94 16.23 39.84 -17.29
N VAL Q 95 16.29 39.97 -18.61
CA VAL Q 95 16.42 41.27 -19.23
C VAL Q 95 15.12 42.07 -19.08
N THR Q 96 14.01 41.36 -19.22
CA THR Q 96 12.68 41.96 -19.14
C THR Q 96 12.44 42.55 -17.75
N TYR Q 97 13.00 41.91 -16.72
CA TYR Q 97 12.85 42.40 -15.36
C TYR Q 97 13.40 43.81 -15.26
N TYR Q 98 14.52 44.05 -15.93
CA TYR Q 98 15.14 45.36 -15.97
C TYR Q 98 14.30 46.34 -16.79
N LEU Q 99 13.75 45.83 -17.88
CA LEU Q 99 12.95 46.66 -18.79
C LEU Q 99 11.46 46.40 -18.63
N ALA Q 100 11.06 45.99 -17.43
CA ALA Q 100 9.66 45.67 -17.16
C ALA Q 100 8.77 46.90 -17.15
N LYS Q 101 9.22 47.96 -16.50
CA LYS Q 101 8.41 49.16 -16.36
C LYS Q 101 8.20 49.90 -17.67
N PRO Q 102 9.28 50.13 -18.43
CA PRO Q 102 9.16 50.80 -19.72
C PRO Q 102 8.30 49.97 -20.64
N THR Q 103 8.44 48.65 -20.55
CA THR Q 103 7.67 47.72 -21.36
C THR Q 103 6.19 47.84 -21.04
N PHE Q 104 5.87 47.78 -19.76
CA PHE Q 104 4.51 47.91 -19.30
C PHE Q 104 3.99 49.30 -19.66
N ALA Q 105 4.86 50.30 -19.51
CA ALA Q 105 4.52 51.68 -19.79
C ALA Q 105 4.11 51.85 -21.24
N ILE Q 106 4.82 51.17 -22.14
CA ILE Q 106 4.49 51.25 -23.55
C ILE Q 106 3.09 50.73 -23.79
N ARG Q 107 2.83 49.52 -23.34
CA ARG Q 107 1.55 48.88 -23.53
C ARG Q 107 0.45 49.59 -22.76
N GLN Q 108 0.78 50.16 -21.62
CA GLN Q 108 -0.22 50.86 -20.83
C GLN Q 108 -0.68 52.10 -21.57
N SER Q 109 0.24 52.77 -22.25
CA SER Q 109 -0.11 53.94 -23.03
C SER Q 109 -0.79 53.55 -24.33
N LYS Q 110 -0.47 52.36 -24.84
CA LYS Q 110 -1.07 51.88 -26.07
C LYS Q 110 -2.27 50.99 -25.78
N ASN Q 111 -2.55 50.76 -24.50
CA ASN Q 111 -3.67 49.94 -24.07
C ASN Q 111 -3.59 48.53 -24.64
N LEU Q 112 -2.41 47.92 -24.57
CA LEU Q 112 -2.22 46.57 -25.08
C LEU Q 112 -2.02 45.57 -23.94
N PRO Q 113 -3.11 44.98 -23.49
CA PRO Q 113 -3.07 44.03 -22.38
C PRO Q 113 -2.35 42.76 -22.79
N PRO Q 114 -1.93 41.99 -21.79
CA PRO Q 114 -1.17 40.76 -22.04
C PRO Q 114 -2.00 39.76 -22.81
N ALA Q 115 -1.41 39.19 -23.85
CA ALA Q 115 -2.09 38.23 -24.72
C ALA Q 115 -2.33 36.90 -24.01
N ASN Q 116 -1.58 36.64 -22.94
CA ASN Q 116 -1.73 35.40 -22.20
C ASN Q 116 -2.73 35.56 -21.06
N PHE Q 117 -3.36 36.72 -20.99
CA PHE Q 117 -4.41 37.00 -20.02
C PHE Q 117 -5.50 35.95 -20.10
N ALA Q 118 -5.93 35.67 -21.31
CA ALA Q 118 -6.96 34.68 -21.59
C ALA Q 118 -6.53 33.29 -21.16
N LYS Q 119 -5.29 32.95 -21.50
CA LYS Q 119 -4.72 31.64 -21.22
C LYS Q 119 -4.65 31.37 -19.73
N LYS Q 120 -4.32 32.40 -18.97
CA LYS Q 120 -4.14 32.29 -17.54
C LYS Q 120 -5.46 32.41 -16.79
N ASN Q 121 -6.54 32.68 -17.51
CA ASN Q 121 -7.86 32.82 -16.91
C ASN Q 121 -7.87 33.90 -15.85
N VAL Q 122 -7.05 34.93 -16.05
CA VAL Q 122 -6.98 36.03 -15.11
C VAL Q 122 -8.25 36.87 -15.18
N PRO Q 123 -8.85 37.15 -14.03
CA PRO Q 123 -10.06 37.95 -13.98
C PRO Q 123 -9.84 39.30 -14.68
N SER Q 124 -10.89 39.79 -15.34
CA SER Q 124 -10.81 41.06 -16.05
C SER Q 124 -10.46 42.20 -15.10
N GLN Q 125 -10.82 42.02 -13.83
CA GLN Q 125 -10.48 42.98 -12.80
C GLN Q 125 -8.98 43.15 -12.71
N TYR Q 126 -8.26 42.09 -13.03
CA TYR Q 126 -6.81 42.06 -12.97
C TYR Q 126 -6.21 41.89 -14.36
N LYS Q 127 -6.85 42.50 -15.35
CA LYS Q 127 -6.40 42.39 -16.74
C LYS Q 127 -4.95 42.76 -16.95
N TRP Q 128 -4.48 43.77 -16.23
CA TRP Q 128 -3.10 44.22 -16.37
C TRP Q 128 -2.18 43.60 -15.33
N CYS Q 129 -2.67 42.59 -14.63
CA CYS Q 129 -1.86 41.93 -13.60
C CYS Q 129 -1.13 40.72 -14.16
N ALA Q 130 -1.54 40.28 -15.36
CA ALA Q 130 -0.89 39.14 -15.99
C ALA Q 130 0.42 39.56 -16.66
N PHE Q 131 1.41 39.90 -15.85
CA PHE Q 131 2.71 40.33 -16.34
C PHE Q 131 3.84 39.56 -15.65
N ASP Q 132 4.52 38.71 -16.40
CA ASP Q 132 5.58 37.88 -15.84
C ASP Q 132 6.66 38.67 -15.13
N ALA Q 133 7.04 39.80 -15.71
CA ALA Q 133 8.08 40.64 -15.12
C ALA Q 133 7.49 41.76 -14.27
N PHE Q 134 6.34 41.50 -13.64
CA PHE Q 134 5.71 42.51 -12.80
C PHE Q 134 6.61 42.95 -11.65
N ASP Q 135 7.56 42.09 -11.27
CA ASP Q 135 8.46 42.42 -10.18
C ASP Q 135 9.32 43.63 -10.52
N GLY Q 136 9.55 43.85 -11.81
CA GLY Q 136 10.34 44.99 -12.27
C GLY Q 136 9.60 46.30 -12.03
N LEU Q 137 8.29 46.20 -11.81
CA LEU Q 137 7.47 47.37 -11.57
C LEU Q 137 7.76 47.93 -10.17
N TYR Q 138 8.37 47.10 -9.33
CA TYR Q 138 8.70 47.49 -7.98
C TYR Q 138 10.21 47.57 -7.80
N ASP Q 139 10.94 46.84 -8.63
CA ASP Q 139 12.39 46.79 -8.56
C ASP Q 139 13.01 48.16 -8.74
N PRO Q 140 13.76 48.61 -7.73
CA PRO Q 140 14.36 49.95 -7.73
C PRO Q 140 15.41 50.14 -8.82
N THR Q 141 15.95 49.03 -9.34
CA THR Q 141 16.97 49.12 -10.38
C THR Q 141 16.35 49.07 -11.77
N CYS Q 142 15.06 48.75 -11.85
CA CYS Q 142 14.38 48.64 -13.13
C CYS Q 142 14.29 50.00 -13.83
N LEU Q 143 14.55 49.99 -15.13
CA LEU Q 143 14.49 51.20 -15.96
C LEU Q 143 13.07 51.73 -16.05
N ALA Q 144 12.93 53.05 -16.19
CA ALA Q 144 11.60 53.64 -16.28
C ALA Q 144 11.68 55.15 -16.43
N SER Q 145 11.39 55.64 -17.64
CA SER Q 145 11.38 57.07 -17.91
C SER Q 145 10.05 57.71 -17.55
N GLU Q 146 8.99 56.89 -17.52
CA GLU Q 146 7.65 57.36 -17.18
C GLU Q 146 6.63 56.24 -17.30
N LEU Q 147 5.93 55.96 -16.21
CA LEU Q 147 4.90 54.94 -16.19
C LEU Q 147 3.51 55.58 -16.18
N PRO Q 148 2.74 55.35 -17.24
CA PRO Q 148 1.40 55.94 -17.40
C PRO Q 148 0.44 55.59 -16.26
N TYR Q 149 0.57 54.39 -15.71
CA TYR Q 149 -0.31 53.95 -14.64
C TYR Q 149 0.42 53.24 -13.53
N ASP Q 150 0.08 53.58 -12.29
CA ASP Q 150 0.71 52.97 -11.14
C ASP Q 150 0.26 51.53 -10.93
N ALA Q 151 0.78 50.64 -11.77
CA ALA Q 151 0.49 49.22 -11.69
C ALA Q 151 1.01 48.64 -10.38
N PRO Q 152 2.04 49.27 -9.80
CA PRO Q 152 2.54 48.81 -8.51
C PRO Q 152 1.49 48.84 -7.40
N SER Q 153 0.38 49.56 -7.61
CA SER Q 153 -0.67 49.68 -6.61
C SER Q 153 -0.85 48.41 -5.80
N GLU Q 154 -0.98 48.57 -4.49
CA GLU Q 154 -1.09 47.44 -3.56
C GLU Q 154 -2.19 46.46 -3.95
N ILE Q 155 -3.30 46.98 -4.44
CA ILE Q 155 -4.38 46.11 -4.89
C ILE Q 155 -3.89 45.26 -6.04
N ASP Q 156 -3.17 45.88 -6.95
CA ASP Q 156 -2.58 45.19 -8.08
C ASP Q 156 -1.46 44.28 -7.61
N ARG Q 157 -0.82 44.66 -6.51
CA ARG Q 157 0.27 43.88 -5.93
C ARG Q 157 -0.24 42.56 -5.39
N MET Q 158 -1.38 42.61 -4.72
CA MET Q 158 -1.99 41.39 -4.23
C MET Q 158 -2.53 40.60 -5.40
N ALA Q 159 -2.96 41.30 -6.43
CA ALA Q 159 -3.39 40.65 -7.66
C ALA Q 159 -2.18 40.02 -8.33
N TYR Q 160 -1.03 40.68 -8.20
CA TYR Q 160 0.22 40.16 -8.75
C TYR Q 160 0.62 38.93 -7.95
N ALA Q 161 0.30 38.92 -6.67
CA ALA Q 161 0.55 37.74 -5.85
C ALA Q 161 -0.32 36.61 -6.35
N THR Q 162 -1.57 36.92 -6.69
CA THR Q 162 -2.46 35.92 -7.25
C THR Q 162 -1.88 35.46 -8.58
N PHE Q 163 -1.32 36.42 -9.32
CA PHE Q 163 -0.63 36.11 -10.56
C PHE Q 163 0.57 35.22 -10.30
N LYS Q 164 1.25 35.46 -9.18
CA LYS Q 164 2.38 34.62 -8.81
C LYS Q 164 1.93 33.19 -8.64
N THR Q 165 0.71 32.99 -8.16
CA THR Q 165 0.15 31.65 -8.02
C THR Q 165 0.14 30.97 -9.38
N ILE Q 166 -0.19 31.73 -10.42
CA ILE Q 166 -0.17 31.20 -11.77
C ILE Q 166 1.22 30.76 -12.12
N GLN Q 167 2.18 31.62 -11.81
CA GLN Q 167 3.58 31.35 -12.09
C GLN Q 167 4.04 30.11 -11.33
N ILE Q 168 3.56 29.98 -10.10
CA ILE Q 168 3.87 28.84 -9.26
C ILE Q 168 3.24 27.58 -9.82
N LYS Q 169 1.98 27.68 -10.24
CA LYS Q 169 1.27 26.55 -10.80
C LYS Q 169 2.00 25.99 -12.00
N ILE Q 170 2.37 26.87 -12.92
CA ILE Q 170 3.07 26.43 -14.12
C ILE Q 170 4.43 25.86 -13.73
N ALA Q 171 5.05 26.45 -12.71
CA ALA Q 171 6.31 25.93 -12.21
C ALA Q 171 6.09 24.51 -11.73
N ASN Q 172 4.99 24.28 -11.02
CA ASN Q 172 4.69 22.94 -10.54
C ASN Q 172 4.43 22.02 -11.72
N ASP Q 173 3.86 22.59 -12.78
CA ASP Q 173 3.55 21.83 -13.98
C ASP Q 173 4.80 21.45 -14.77
N GLN Q 174 5.83 22.29 -14.73
CA GLN Q 174 7.05 22.02 -15.48
C GLN Q 174 8.28 21.91 -14.60
N LYS Q 175 8.47 22.87 -13.71
CA LYS Q 175 9.61 22.85 -12.78
C LYS Q 175 9.46 21.68 -11.81
N GLY Q 176 8.22 21.28 -11.57
CA GLY Q 176 7.92 20.19 -10.67
C GLY Q 176 8.31 18.83 -11.26
N PHE Q 177 8.74 18.81 -12.52
CA PHE Q 177 9.18 17.58 -13.14
C PHE Q 177 10.31 16.98 -12.33
N ASN Q 178 10.19 15.69 -12.04
CA ASN Q 178 11.17 15.02 -11.20
C ASN Q 178 12.41 14.57 -11.97
N LEU Q 179 13.49 15.32 -11.83
CA LEU Q 179 14.75 14.94 -12.46
C LEU Q 179 15.45 13.92 -11.59
N ASN Q 180 14.91 12.70 -11.59
CA ASN Q 180 15.40 11.61 -10.78
C ASN Q 180 16.53 10.83 -11.43
N TYR Q 181 16.89 11.20 -12.65
CA TYR Q 181 18.00 10.55 -13.31
C TYR Q 181 18.62 11.42 -14.37
N ASN Q 182 19.88 11.13 -14.68
CA ASN Q 182 20.58 11.83 -15.72
C ASN Q 182 20.78 10.92 -16.93
N PRO Q 183 21.56 9.84 -16.76
CA PRO Q 183 21.90 8.96 -17.88
C PRO Q 183 20.76 8.00 -18.23
N ASN Q 184 19.58 8.54 -18.49
CA ASN Q 184 18.43 7.74 -18.89
C ASN Q 184 18.14 6.57 -17.97
N VAL Q 185 18.17 6.78 -16.65
CA VAL Q 185 17.85 5.70 -15.73
C VAL Q 185 16.34 5.51 -15.61
N THR Q 186 15.75 4.99 -16.68
CA THR Q 186 14.32 4.76 -16.73
C THR Q 186 13.93 3.54 -15.93
N GLN Q 187 14.91 2.72 -15.61
CA GLN Q 187 14.68 1.54 -14.79
C GLN Q 187 14.31 1.93 -13.37
N ALA Q 188 14.75 3.11 -12.94
CA ALA Q 188 14.39 3.61 -11.63
C ALA Q 188 12.99 4.19 -11.72
N ARG Q 189 12.81 5.11 -12.67
CA ARG Q 189 11.52 5.71 -12.96
C ARG Q 189 11.38 5.98 -14.43
N LEU Q 190 10.29 5.48 -15.02
CA LEU Q 190 10.04 5.62 -16.44
C LEU Q 190 9.66 7.03 -16.83
N PRO Q 191 9.90 7.36 -18.09
CA PRO Q 191 9.55 8.68 -18.63
C PRO Q 191 8.06 8.92 -18.45
N ASN Q 192 7.71 10.13 -18.06
CA ASN Q 192 6.32 10.52 -17.87
C ASN Q 192 5.64 9.76 -16.73
N ALA Q 193 6.44 9.09 -15.90
CA ALA Q 193 5.89 8.39 -14.74
C ALA Q 193 5.37 9.39 -13.71
N PRO Q 194 5.97 10.58 -13.67
CA PRO Q 194 5.53 11.61 -12.73
C PRO Q 194 4.12 12.14 -13.06
N LEU Q 195 3.61 11.80 -14.24
CA LEU Q 195 2.27 12.27 -14.61
C LEU Q 195 1.24 11.85 -13.59
N PRO Q 196 0.46 12.82 -13.09
CA PRO Q 196 -0.58 12.55 -12.10
C PRO Q 196 -1.59 11.53 -12.62
N ALA Q 197 -2.07 10.68 -11.72
CA ALA Q 197 -3.05 9.68 -12.07
C ALA Q 197 -4.38 10.34 -12.41
N LEU Q 198 -5.19 9.68 -13.22
CA LEU Q 198 -6.48 10.23 -13.61
C LEU Q 198 -7.39 10.33 -12.40
N PRO Q 199 -8.16 11.41 -12.33
CA PRO Q 199 -9.04 11.66 -11.18
C PRO Q 199 -10.18 10.66 -11.14
N GLU Q 200 -10.49 10.20 -9.93
CA GLU Q 200 -11.58 9.26 -9.71
C GLU Q 200 -12.89 10.01 -9.64
N PRO Q 201 -14.00 9.32 -9.87
CA PRO Q 201 -15.33 9.95 -9.79
C PRO Q 201 -15.82 10.06 -8.34
N THR Q 202 -15.21 9.28 -7.46
CA THR Q 202 -15.63 9.28 -6.05
C THR Q 202 -14.98 10.41 -5.27
N SER Q 203 -15.59 10.78 -4.15
CA SER Q 203 -15.08 11.86 -3.31
C SER Q 203 -13.86 11.44 -2.51
N ASP Q 204 -13.69 10.14 -2.32
CA ASP Q 204 -12.57 9.62 -1.57
C ASP Q 204 -11.87 8.50 -2.32
N GLN R 1 9.67 8.10 -63.29
CA GLN R 1 9.51 7.70 -61.90
C GLN R 1 8.05 7.61 -61.53
N PRO R 2 7.40 6.53 -61.95
CA PRO R 2 5.96 6.34 -61.71
C PRO R 2 5.63 6.31 -60.22
N TRP R 3 6.58 5.85 -59.41
CA TRP R 3 6.35 5.76 -57.97
C TRP R 3 6.36 7.13 -57.31
N GLU R 4 6.88 8.13 -58.01
CA GLU R 4 6.94 9.49 -57.47
C GLU R 4 5.64 10.24 -57.77
N ALA R 5 4.81 9.67 -58.63
CA ALA R 5 3.57 10.30 -59.02
C ALA R 5 2.52 10.18 -57.93
N ILE R 6 1.63 11.16 -57.87
CA ILE R 6 0.54 11.13 -56.89
C ILE R 6 -0.62 10.36 -57.48
N PHE R 7 -1.05 9.32 -56.77
CA PHE R 7 -2.11 8.46 -57.27
C PHE R 7 -3.47 9.13 -57.35
N THR R 8 -3.68 10.14 -56.49
CA THR R 8 -4.94 10.88 -56.44
C THR R 8 -6.06 10.07 -55.80
N LYS R 9 -6.68 10.64 -54.77
CA LYS R 9 -7.74 9.96 -54.02
C LYS R 9 -8.89 9.52 -54.90
N ASP R 10 -9.19 10.31 -55.93
CA ASP R 10 -10.26 9.98 -56.85
C ASP R 10 -10.03 8.61 -57.46
N ASP R 11 -8.76 8.28 -57.71
CA ASP R 11 -8.40 7.00 -58.28
C ASP R 11 -8.35 5.91 -57.21
N LEU R 12 -7.98 6.29 -55.99
CA LEU R 12 -7.94 5.34 -54.89
C LEU R 12 -9.33 4.79 -54.60
N ALA R 13 -10.32 5.68 -54.62
CA ALA R 13 -11.71 5.30 -54.36
C ALA R 13 -12.28 4.47 -55.50
N ALA R 14 -11.65 4.58 -56.67
CA ALA R 14 -12.11 3.86 -57.84
C ALA R 14 -11.63 2.40 -57.84
N ILE R 15 -10.73 2.07 -56.92
CA ILE R 15 -10.20 0.70 -56.85
C ILE R 15 -11.24 -0.29 -56.32
N GLU R 16 -11.90 0.07 -55.22
CA GLU R 16 -12.93 -0.78 -54.64
C GLU R 16 -12.47 -2.23 -54.47
N PRO R 17 -11.41 -2.42 -53.69
CA PRO R 17 -10.84 -3.75 -53.48
C PRO R 17 -11.66 -4.59 -52.52
N LYS R 18 -11.35 -5.87 -52.46
CA LYS R 18 -12.03 -6.81 -51.57
C LYS R 18 -11.01 -7.40 -50.59
N PRO R 19 -11.43 -7.61 -49.34
CA PRO R 19 -10.55 -8.22 -48.34
C PRO R 19 -10.07 -9.58 -48.84
N ALA R 20 -8.83 -9.93 -48.52
CA ALA R 20 -8.24 -11.18 -48.99
C ALA R 20 -7.66 -11.99 -47.85
N SER R 21 -8.54 -12.66 -47.10
CA SER R 21 -8.11 -13.50 -45.99
C SER R 21 -7.42 -14.77 -46.49
N ALA R 22 -6.42 -15.21 -45.76
CA ALA R 22 -5.69 -16.42 -46.11
C ALA R 22 -6.20 -17.62 -45.31
N ASN R 23 -7.21 -17.40 -44.48
CA ASN R 23 -7.76 -18.49 -43.69
C ASN R 23 -8.93 -19.12 -44.42
N VAL R 24 -9.07 -18.79 -45.70
CA VAL R 24 -10.11 -19.39 -46.52
C VAL R 24 -9.44 -20.08 -47.70
N PRO R 25 -10.07 -21.15 -48.19
CA PRO R 25 -9.54 -21.89 -49.33
C PRO R 25 -9.38 -20.97 -50.54
N ASN R 26 -8.28 -21.17 -51.28
CA ASN R 26 -8.05 -20.41 -52.49
C ASN R 26 -9.13 -20.76 -53.50
N THR R 27 -9.40 -19.84 -54.42
CA THR R 27 -10.41 -20.09 -55.44
C THR R 27 -10.21 -21.45 -56.09
N LYS R 28 -8.96 -21.77 -56.43
CA LYS R 28 -8.66 -23.05 -57.05
C LYS R 28 -8.84 -24.19 -56.06
N GLN R 29 -8.67 -23.88 -54.78
CA GLN R 29 -8.87 -24.89 -53.74
C GLN R 29 -10.36 -25.11 -53.53
N TRP R 30 -11.14 -24.05 -53.67
CA TRP R 30 -12.58 -24.17 -53.60
C TRP R 30 -13.04 -25.09 -54.71
N ILE R 31 -12.42 -24.91 -55.87
CA ILE R 31 -12.68 -25.76 -57.03
C ILE R 31 -12.22 -27.17 -56.76
N GLY R 32 -11.07 -27.30 -56.10
CA GLY R 32 -10.55 -28.61 -55.72
C GLY R 32 -11.56 -29.31 -54.83
N ILE R 33 -12.17 -28.56 -53.93
CA ILE R 33 -13.19 -29.11 -53.05
C ILE R 33 -14.37 -29.57 -53.89
N GLN R 34 -14.74 -28.77 -54.89
CA GLN R 34 -15.82 -29.15 -55.80
C GLN R 34 -15.47 -30.43 -56.53
N ALA R 35 -14.24 -30.52 -56.99
CA ALA R 35 -13.79 -31.68 -57.74
C ALA R 35 -13.94 -32.94 -56.90
N GLY R 36 -13.76 -32.80 -55.59
CA GLY R 36 -13.91 -33.92 -54.68
C GLY R 36 -15.33 -34.06 -54.15
N LEU R 37 -15.86 -32.97 -53.61
CA LEU R 37 -17.17 -32.96 -52.98
C LEU R 37 -18.30 -33.20 -53.97
N ILE R 38 -18.23 -32.55 -55.13
CA ILE R 38 -19.26 -32.77 -56.13
C ILE R 38 -19.14 -34.19 -56.65
N LYS R 39 -17.90 -34.64 -56.82
CA LYS R 39 -17.61 -36.00 -57.24
C LYS R 39 -18.12 -36.99 -56.21
N ALA R 40 -18.10 -36.59 -54.95
CA ALA R 40 -18.53 -37.42 -53.84
C ALA R 40 -20.05 -37.62 -53.84
N GLY R 41 -20.77 -36.85 -54.66
CA GLY R 41 -22.21 -36.99 -54.75
C GLY R 41 -22.95 -35.70 -54.44
N ALA R 42 -22.24 -34.67 -53.99
CA ALA R 42 -22.87 -33.40 -53.69
C ALA R 42 -23.09 -32.62 -54.98
N THR R 43 -24.10 -31.75 -54.98
CA THR R 43 -24.35 -30.94 -56.17
C THR R 43 -24.87 -29.56 -55.82
N ASP R 44 -24.45 -28.57 -56.60
CA ASP R 44 -24.89 -27.19 -56.46
C ASP R 44 -24.84 -26.68 -55.02
N ALA R 45 -26.01 -26.34 -54.48
CA ALA R 45 -26.12 -25.78 -53.14
C ALA R 45 -25.65 -26.75 -52.08
N ASN R 46 -25.67 -28.04 -52.39
CA ASN R 46 -25.23 -29.05 -51.44
C ASN R 46 -23.74 -28.87 -51.14
N PHE R 47 -23.04 -28.21 -52.03
CA PHE R 47 -21.62 -27.95 -51.84
C PHE R 47 -21.41 -27.25 -50.50
N MET R 48 -22.12 -26.15 -50.30
CA MET R 48 -22.02 -25.40 -49.06
C MET R 48 -22.69 -26.14 -47.92
N LYS R 49 -23.83 -26.77 -48.20
CA LYS R 49 -24.58 -27.49 -47.18
C LYS R 49 -23.74 -28.55 -46.51
N VAL R 50 -23.06 -29.35 -47.31
CA VAL R 50 -22.23 -30.42 -46.78
C VAL R 50 -21.05 -29.87 -46.02
N LEU R 51 -20.45 -28.80 -46.55
CA LEU R 51 -19.31 -28.18 -45.89
C LEU R 51 -19.75 -27.58 -44.55
N LEU R 52 -20.98 -27.08 -44.49
CA LEU R 52 -21.53 -26.58 -43.25
C LEU R 52 -21.67 -27.72 -42.26
N GLY R 53 -22.05 -28.88 -42.77
CA GLY R 53 -22.15 -30.06 -41.92
C GLY R 53 -20.80 -30.31 -41.27
N LEU R 54 -19.75 -30.29 -42.08
CA LEU R 54 -18.39 -30.47 -41.58
C LEU R 54 -17.97 -29.38 -40.63
N SER R 55 -18.39 -28.14 -40.91
CA SER R 55 -18.05 -27.04 -40.04
C SER R 55 -18.68 -27.24 -38.68
N LEU R 56 -19.88 -27.80 -38.68
CA LEU R 56 -20.59 -28.11 -37.45
C LEU R 56 -19.86 -29.23 -36.74
N GLU R 57 -19.30 -30.16 -37.51
CA GLU R 57 -18.52 -31.24 -36.94
C GLU R 57 -17.22 -30.70 -36.39
N ALA R 58 -16.63 -29.76 -37.12
CA ALA R 58 -15.38 -29.14 -36.71
C ALA R 58 -15.59 -28.37 -35.42
N PHE R 59 -16.79 -27.85 -35.26
CA PHE R 59 -17.17 -27.12 -34.06
C PHE R 59 -17.03 -28.03 -32.85
N ASP R 60 -17.43 -29.29 -33.01
CA ASP R 60 -17.33 -30.27 -31.94
C ASP R 60 -16.13 -31.22 -32.08
N ARG R 61 -15.44 -31.14 -33.21
CA ARG R 61 -14.30 -32.03 -33.43
C ARG R 61 -13.00 -31.29 -33.71
N GLY R 62 -12.86 -30.77 -34.91
CA GLY R 62 -11.64 -30.05 -35.29
C GLY R 62 -11.19 -30.43 -36.70
N SER R 63 -9.91 -30.17 -37.01
CA SER R 63 -9.33 -30.47 -38.31
C SER R 63 -9.53 -31.94 -38.73
N SER R 64 -8.48 -32.75 -38.56
CA SER R 64 -8.58 -34.16 -38.93
C SER R 64 -9.61 -34.87 -38.05
N GLU R 65 -9.93 -34.26 -36.92
CA GLU R 65 -10.93 -34.81 -36.04
C GLU R 65 -12.27 -34.91 -36.75
N ALA R 66 -12.71 -33.82 -37.36
CA ALA R 66 -13.96 -33.83 -38.12
C ALA R 66 -13.80 -34.71 -39.35
N THR R 67 -12.57 -34.83 -39.84
CA THR R 67 -12.28 -35.67 -40.99
C THR R 67 -12.60 -37.13 -40.67
N THR R 68 -12.26 -37.55 -39.44
CA THR R 68 -12.53 -38.91 -39.02
C THR R 68 -14.01 -39.11 -38.73
N TRP R 69 -14.71 -38.03 -38.38
CA TRP R 69 -16.13 -38.12 -38.10
C TRP R 69 -16.93 -38.53 -39.33
N ASP R 70 -17.70 -39.60 -39.18
CA ASP R 70 -18.55 -40.13 -40.24
C ASP R 70 -19.94 -39.53 -40.21
N GLY R 71 -20.82 -40.07 -41.04
CA GLY R 71 -22.20 -39.60 -41.08
C GLY R 71 -22.53 -38.98 -42.42
N ILE R 72 -23.55 -39.50 -43.07
CA ILE R 72 -23.96 -38.99 -44.37
C ILE R 72 -24.81 -37.75 -44.23
N THR R 73 -24.34 -36.67 -44.83
CA THR R 73 -25.04 -35.40 -44.80
C THR R 73 -26.07 -35.37 -45.91
N GLU R 74 -26.66 -34.21 -46.12
CA GLU R 74 -27.64 -34.03 -47.18
C GLU R 74 -27.03 -34.32 -48.55
N GLY R 75 -25.70 -34.23 -48.65
CA GLY R 75 -25.03 -34.49 -49.91
C GLY R 75 -24.16 -35.74 -49.88
N VAL R 76 -23.39 -35.92 -48.80
CA VAL R 76 -22.48 -37.06 -48.72
C VAL R 76 -21.85 -37.20 -47.33
N GLU R 77 -21.27 -38.36 -47.06
CA GLU R 77 -20.58 -38.64 -45.82
C GLU R 77 -19.57 -37.57 -45.47
N HIS R 78 -19.54 -37.18 -44.20
CA HIS R 78 -18.63 -36.15 -43.71
C HIS R 78 -17.20 -36.47 -44.10
N ARG R 79 -16.80 -37.71 -43.93
CA ARG R 79 -15.44 -38.14 -44.23
C ARG R 79 -15.14 -37.97 -45.72
N ALA R 80 -16.11 -38.31 -46.56
CA ALA R 80 -15.94 -38.18 -47.99
C ALA R 80 -15.74 -36.71 -48.37
N ALA R 81 -16.54 -35.85 -47.76
CA ALA R 81 -16.44 -34.42 -48.01
C ALA R 81 -15.12 -33.90 -47.46
N ALA R 82 -14.69 -34.45 -46.34
CA ALA R 82 -13.44 -34.07 -45.71
C ALA R 82 -12.29 -34.42 -46.64
N ASN R 83 -12.42 -35.55 -47.33
CA ASN R 83 -11.41 -35.98 -48.27
C ASN R 83 -11.28 -34.97 -49.40
N ALA R 84 -12.41 -34.43 -49.84
CA ALA R 84 -12.43 -33.42 -50.88
C ALA R 84 -11.64 -32.19 -50.45
N ILE R 85 -11.81 -31.83 -49.18
CA ILE R 85 -11.10 -30.69 -48.62
C ILE R 85 -9.62 -30.98 -48.61
N LYS R 86 -9.26 -32.22 -48.25
CA LYS R 86 -7.87 -32.65 -48.26
C LYS R 86 -7.31 -32.67 -49.67
N GLU R 87 -8.17 -32.99 -50.65
CA GLU R 87 -7.74 -33.00 -52.04
C GLU R 87 -7.36 -31.59 -52.47
N ALA R 88 -8.01 -30.60 -51.87
CA ALA R 88 -7.72 -29.19 -52.14
C ALA R 88 -6.50 -28.72 -51.34
N ASN R 89 -5.90 -29.63 -50.58
CA ASN R 89 -4.74 -29.32 -49.76
C ASN R 89 -5.08 -28.37 -48.63
N CYS R 90 -6.29 -28.50 -48.10
CA CYS R 90 -6.73 -27.67 -46.99
C CYS R 90 -7.22 -28.52 -45.82
N PRO R 91 -7.12 -27.96 -44.62
CA PRO R 91 -7.72 -28.61 -43.45
C PRO R 91 -9.19 -28.23 -43.39
N ILE R 92 -9.99 -29.03 -42.70
CA ILE R 92 -11.41 -28.70 -42.57
C ILE R 92 -11.57 -27.34 -41.94
N HIS R 93 -10.66 -27.02 -41.02
CA HIS R 93 -10.66 -25.73 -40.37
C HIS R 93 -10.58 -24.60 -41.38
N LYS R 94 -9.83 -24.81 -42.46
CA LYS R 94 -9.68 -23.80 -43.49
C LYS R 94 -11.03 -23.44 -44.07
N VAL R 95 -11.83 -24.46 -44.37
CA VAL R 95 -13.17 -24.24 -44.89
C VAL R 95 -14.06 -23.68 -43.79
N THR R 96 -13.90 -24.22 -42.59
CA THR R 96 -14.69 -23.82 -41.44
C THR R 96 -14.47 -22.35 -41.11
N TYR R 97 -13.26 -21.86 -41.34
CA TYR R 97 -12.97 -20.45 -41.06
C TYR R 97 -13.89 -19.56 -41.90
N TYR R 98 -14.12 -19.98 -43.14
CA TYR R 98 -15.02 -19.26 -44.03
C TYR R 98 -16.47 -19.41 -43.58
N LEU R 99 -16.80 -20.60 -43.11
CA LEU R 99 -18.16 -20.89 -42.68
C LEU R 99 -18.28 -20.92 -41.17
N ALA R 100 -17.43 -20.17 -40.49
CA ALA R 100 -17.40 -20.14 -39.03
C ALA R 100 -18.64 -19.45 -38.44
N LYS R 101 -19.00 -18.31 -39.01
CA LYS R 101 -20.11 -17.52 -38.46
C LYS R 101 -21.45 -18.20 -38.64
N PRO R 102 -21.75 -18.69 -39.86
CA PRO R 102 -23.01 -19.37 -40.10
C PRO R 102 -23.09 -20.61 -39.24
N THR R 103 -21.95 -21.28 -39.07
CA THR R 103 -21.86 -22.48 -38.26
C THR R 103 -22.19 -22.18 -36.81
N PHE R 104 -21.54 -21.15 -36.28
CA PHE R 104 -21.78 -20.71 -34.92
C PHE R 104 -23.21 -20.23 -34.79
N ALA R 105 -23.68 -19.53 -35.81
CA ALA R 105 -25.02 -18.99 -35.85
C ALA R 105 -26.06 -20.10 -35.73
N ILE R 106 -25.81 -21.22 -36.41
CA ILE R 106 -26.72 -22.35 -36.35
C ILE R 106 -26.83 -22.86 -34.93
N ARG R 107 -25.68 -23.16 -34.34
CA ARG R 107 -25.63 -23.69 -32.99
C ARG R 107 -26.09 -22.67 -31.96
N GLN R 108 -25.83 -21.41 -32.22
CA GLN R 108 -26.24 -20.37 -31.29
C GLN R 108 -27.76 -20.30 -31.23
N SER R 109 -28.40 -20.47 -32.38
CA SER R 109 -29.85 -20.45 -32.45
C SER R 109 -30.43 -21.76 -31.91
N LYS R 110 -29.67 -22.84 -32.03
CA LYS R 110 -30.11 -24.14 -31.55
C LYS R 110 -29.58 -24.42 -30.16
N ASN R 111 -28.78 -23.49 -29.63
CA ASN R 111 -28.21 -23.62 -28.30
C ASN R 111 -27.36 -24.88 -28.14
N LEU R 112 -26.53 -25.15 -29.15
CA LEU R 112 -25.66 -26.32 -29.12
C LEU R 112 -24.21 -25.94 -28.90
N PRO R 113 -23.79 -25.94 -27.64
CA PRO R 113 -22.43 -25.54 -27.28
C PRO R 113 -21.43 -26.58 -27.76
N PRO R 114 -20.17 -26.18 -27.84
CA PRO R 114 -19.11 -27.07 -28.33
C PRO R 114 -18.96 -28.29 -27.44
N ALA R 115 -18.90 -29.46 -28.06
CA ALA R 115 -18.79 -30.72 -27.34
C ALA R 115 -17.41 -30.88 -26.69
N ASN R 116 -16.43 -30.13 -27.18
CA ASN R 116 -15.09 -30.22 -26.63
C ASN R 116 -14.87 -29.20 -25.52
N PHE R 117 -15.94 -28.50 -25.16
CA PHE R 117 -15.93 -27.55 -24.06
C PHE R 117 -15.42 -28.23 -22.80
N ALA R 118 -15.99 -29.39 -22.51
CA ALA R 118 -15.62 -30.18 -21.35
C ALA R 118 -14.16 -30.61 -21.40
N LYS R 119 -13.73 -31.07 -22.56
CA LYS R 119 -12.39 -31.57 -22.76
C LYS R 119 -11.35 -30.50 -22.54
N LYS R 120 -11.68 -29.28 -22.96
CA LYS R 120 -10.76 -28.16 -22.87
C LYS R 120 -10.82 -27.48 -21.50
N ASN R 121 -11.72 -27.95 -20.64
CA ASN R 121 -11.86 -27.38 -19.31
C ASN R 121 -12.16 -25.89 -19.36
N VAL R 122 -12.87 -25.48 -20.41
CA VAL R 122 -13.22 -24.08 -20.57
C VAL R 122 -14.27 -23.68 -19.55
N PRO R 123 -14.04 -22.58 -18.84
CA PRO R 123 -15.00 -22.11 -17.84
C PRO R 123 -16.37 -21.92 -18.46
N SER R 124 -17.41 -22.20 -17.67
CA SER R 124 -18.79 -22.07 -18.15
C SER R 124 -19.08 -20.65 -18.57
N GLN R 125 -18.36 -19.70 -17.98
CA GLN R 125 -18.48 -18.29 -18.35
C GLN R 125 -18.16 -18.11 -19.82
N TYR R 126 -17.27 -18.97 -20.33
CA TYR R 126 -16.83 -18.92 -21.70
C TYR R 126 -17.27 -20.16 -22.47
N LYS R 127 -18.47 -20.65 -22.16
CA LYS R 127 -19.01 -21.84 -22.79
C LYS R 127 -19.01 -21.78 -24.31
N TRP R 128 -19.29 -20.61 -24.87
CA TRP R 128 -19.34 -20.47 -26.31
C TRP R 128 -18.04 -19.93 -26.88
N CYS R 129 -16.99 -19.94 -26.08
CA CYS R 129 -15.70 -19.45 -26.54
C CYS R 129 -14.84 -20.58 -27.06
N ALA R 130 -15.24 -21.82 -26.78
CA ALA R 130 -14.49 -22.97 -27.25
C ALA R 130 -14.82 -23.27 -28.71
N PHE R 131 -14.38 -22.40 -29.61
CA PHE R 131 -14.63 -22.56 -31.03
C PHE R 131 -13.34 -22.40 -31.83
N ASP R 132 -12.88 -23.50 -32.43
CA ASP R 132 -11.62 -23.49 -33.17
C ASP R 132 -11.58 -22.44 -34.26
N ALA R 133 -12.68 -22.27 -34.97
CA ALA R 133 -12.75 -21.31 -36.06
C ALA R 133 -13.35 -19.98 -35.60
N PHE R 134 -13.11 -19.62 -34.34
CA PHE R 134 -13.64 -18.36 -33.81
C PHE R 134 -13.12 -17.15 -34.59
N ASP R 135 -11.98 -17.32 -35.25
CA ASP R 135 -11.40 -16.21 -36.01
C ASP R 135 -12.31 -15.80 -37.15
N GLY R 136 -13.11 -16.75 -37.63
CA GLY R 136 -14.04 -16.48 -38.73
C GLY R 136 -15.17 -15.55 -38.26
N LEU R 137 -15.33 -15.44 -36.94
CA LEU R 137 -16.36 -14.59 -36.37
C LEU R 137 -15.98 -13.12 -36.54
N TYR R 138 -14.70 -12.88 -36.81
CA TYR R 138 -14.18 -11.54 -37.00
C TYR R 138 -13.74 -11.33 -38.43
N ASP R 139 -13.40 -12.42 -39.11
CA ASP R 139 -12.92 -12.37 -40.48
C ASP R 139 -13.94 -11.73 -41.41
N PRO R 140 -13.55 -10.64 -42.06
CA PRO R 140 -14.45 -9.87 -42.93
C PRO R 140 -14.89 -10.67 -44.17
N THR R 141 -14.15 -11.71 -44.52
CA THR R 141 -14.50 -12.50 -45.69
C THR R 141 -15.37 -13.69 -45.31
N CYS R 142 -15.52 -13.94 -44.02
CA CYS R 142 -16.31 -15.08 -43.55
C CYS R 142 -17.79 -14.89 -43.88
N LEU R 143 -18.42 -15.97 -44.35
CA LEU R 143 -19.83 -15.98 -44.70
C LEU R 143 -20.69 -15.76 -43.47
N ALA R 144 -21.86 -15.14 -43.63
CA ALA R 144 -22.76 -14.89 -42.51
C ALA R 144 -24.02 -14.17 -42.95
N SER R 145 -25.13 -14.90 -42.97
CA SER R 145 -26.42 -14.33 -43.33
C SER R 145 -27.10 -13.68 -42.13
N GLU R 146 -26.73 -14.14 -40.93
CA GLU R 146 -27.28 -13.61 -39.69
C GLU R 146 -26.74 -14.34 -38.48
N LEU R 147 -26.12 -13.60 -37.55
CA LEU R 147 -25.58 -14.18 -36.34
C LEU R 147 -26.47 -13.82 -35.14
N PRO R 148 -27.08 -14.85 -34.52
CA PRO R 148 -27.99 -14.65 -33.39
C PRO R 148 -27.37 -13.93 -32.20
N TYR R 149 -26.08 -14.15 -31.97
CA TYR R 149 -25.41 -13.51 -30.85
C TYR R 149 -24.03 -12.99 -31.23
N ASP R 150 -23.73 -11.79 -30.76
CA ASP R 150 -22.45 -11.16 -31.05
C ASP R 150 -21.32 -11.82 -30.25
N ALA R 151 -20.92 -13.00 -30.71
CA ALA R 151 -19.83 -13.74 -30.09
C ALA R 151 -18.52 -12.98 -30.26
N PRO R 152 -18.42 -12.13 -31.28
CA PRO R 152 -17.22 -11.32 -31.45
C PRO R 152 -16.94 -10.39 -30.26
N SER R 153 -17.93 -10.18 -29.39
CA SER R 153 -17.78 -9.29 -28.24
C SER R 153 -16.38 -9.34 -27.65
N GLU R 154 -15.83 -8.16 -27.34
CA GLU R 154 -14.47 -8.04 -26.85
C GLU R 154 -14.21 -8.92 -25.63
N ILE R 155 -15.19 -9.05 -24.76
CA ILE R 155 -15.03 -9.93 -23.60
C ILE R 155 -14.84 -11.35 -24.08
N ASP R 156 -15.63 -11.74 -25.06
CA ASP R 156 -15.52 -13.06 -25.66
C ASP R 156 -14.23 -13.17 -26.45
N ARG R 157 -13.77 -12.04 -26.98
CA ARG R 157 -12.54 -11.99 -27.75
C ARG R 157 -11.33 -12.28 -26.88
N MET R 158 -11.32 -11.72 -25.68
CA MET R 158 -10.25 -12.00 -24.74
C MET R 158 -10.39 -13.43 -24.25
N ALA R 159 -11.64 -13.89 -24.15
CA ALA R 159 -11.91 -15.28 -23.80
C ALA R 159 -11.43 -16.17 -24.94
N TYR R 160 -11.56 -15.68 -26.17
CA TYR R 160 -11.09 -16.40 -27.35
C TYR R 160 -9.58 -16.43 -27.33
N ALA R 161 -8.97 -15.38 -26.79
CA ALA R 161 -7.52 -15.36 -26.65
C ALA R 161 -7.12 -16.44 -25.65
N THR R 162 -7.89 -16.55 -24.57
CA THR R 162 -7.65 -17.59 -23.59
C THR R 162 -7.84 -18.94 -24.26
N PHE R 163 -8.84 -19.00 -25.14
CA PHE R 163 -9.09 -20.19 -25.94
C PHE R 163 -7.91 -20.46 -26.84
N LYS R 164 -7.30 -19.40 -27.36
CA LYS R 164 -6.12 -19.54 -28.21
C LYS R 164 -5.02 -20.22 -27.43
N THR R 165 -4.94 -19.95 -26.12
CA THR R 165 -3.94 -20.60 -25.28
C THR R 165 -4.14 -22.10 -25.34
N ILE R 166 -5.39 -22.53 -25.36
CA ILE R 166 -5.70 -23.95 -25.48
C ILE R 166 -5.15 -24.47 -26.78
N GLN R 167 -5.39 -23.72 -27.85
CA GLN R 167 -4.95 -24.09 -29.18
C GLN R 167 -3.43 -24.15 -29.22
N ILE R 168 -2.80 -23.21 -28.53
CA ILE R 168 -1.35 -23.16 -28.43
C ILE R 168 -0.82 -24.33 -27.64
N LYS R 169 -1.47 -24.63 -26.52
CA LYS R 169 -1.07 -25.75 -25.69
C LYS R 169 -1.06 -27.04 -26.47
N ILE R 170 -2.16 -27.31 -27.16
CA ILE R 170 -2.27 -28.53 -27.94
C ILE R 170 -1.23 -28.52 -29.05
N ALA R 171 -0.99 -27.34 -29.60
CA ALA R 171 0.04 -27.21 -30.62
C ALA R 171 1.38 -27.60 -30.02
N ASN R 172 1.64 -27.15 -28.80
CA ASN R 172 2.88 -27.52 -28.12
C ASN R 172 2.91 -29.02 -27.88
N ASP R 173 1.74 -29.58 -27.63
CA ASP R 173 1.60 -31.00 -27.35
C ASP R 173 1.82 -31.85 -28.60
N GLN R 174 1.46 -31.33 -29.77
CA GLN R 174 1.60 -32.10 -31.01
C GLN R 174 2.52 -31.42 -32.03
N LYS R 175 2.28 -30.13 -32.27
CA LYS R 175 3.11 -29.37 -33.21
C LYS R 175 4.52 -29.21 -32.65
N GLY R 176 4.62 -29.27 -31.33
CA GLY R 176 5.91 -29.14 -30.64
C GLY R 176 6.76 -30.38 -30.82
N PHE R 177 6.22 -31.43 -31.43
CA PHE R 177 6.99 -32.63 -31.69
C PHE R 177 8.23 -32.28 -32.50
N ASN R 178 9.38 -32.77 -32.07
CA ASN R 178 10.63 -32.44 -32.72
C ASN R 178 10.91 -33.32 -33.92
N LEU R 179 10.69 -32.76 -35.11
CA LEU R 179 10.99 -33.49 -36.35
C LEU R 179 12.47 -33.33 -36.65
N ASN R 180 13.28 -34.03 -35.86
CA ASN R 180 14.74 -33.96 -35.96
C ASN R 180 15.31 -34.93 -36.97
N TYR R 181 14.46 -35.72 -37.61
CA TYR R 181 14.93 -36.62 -38.64
C TYR R 181 13.85 -36.99 -39.61
N ASN R 182 14.26 -37.39 -40.80
CA ASN R 182 13.32 -37.85 -41.80
C ASN R 182 13.46 -39.36 -41.99
N PRO R 183 14.62 -39.82 -42.48
CA PRO R 183 14.82 -41.24 -42.79
C PRO R 183 15.08 -42.08 -41.54
N ASN R 184 14.18 -42.01 -40.57
CA ASN R 184 14.29 -42.82 -39.36
C ASN R 184 15.64 -42.71 -38.66
N VAL R 185 16.18 -41.49 -38.52
CA VAL R 185 17.46 -41.36 -37.83
C VAL R 185 17.26 -41.38 -36.32
N THR R 186 16.93 -42.56 -35.80
CA THR R 186 16.68 -42.75 -34.38
C THR R 186 17.98 -42.78 -33.61
N GLN R 187 19.09 -42.97 -34.32
CA GLN R 187 20.40 -42.95 -33.69
C GLN R 187 20.75 -41.56 -33.20
N ALA R 188 20.16 -40.54 -33.81
CA ALA R 188 20.37 -39.18 -33.35
C ALA R 188 19.47 -38.94 -32.15
N ARG R 189 18.18 -39.22 -32.34
CA ARG R 189 17.20 -39.13 -31.27
C ARG R 189 16.13 -40.20 -31.46
N LEU R 190 15.93 -40.97 -30.40
CA LEU R 190 14.98 -42.07 -30.42
C LEU R 190 13.54 -41.61 -30.44
N PRO R 191 12.66 -42.46 -30.94
CA PRO R 191 11.23 -42.18 -30.98
C PRO R 191 10.72 -41.91 -29.58
N ASN R 192 9.88 -40.91 -29.44
CA ASN R 192 9.28 -40.54 -28.16
C ASN R 192 10.31 -40.04 -27.15
N ALA R 193 11.51 -39.72 -27.62
CA ALA R 193 12.54 -39.17 -26.75
C ALA R 193 12.16 -37.77 -26.30
N PRO R 194 11.40 -37.04 -27.14
CA PRO R 194 10.96 -35.69 -26.78
C PRO R 194 9.98 -35.68 -25.61
N LEU R 195 9.46 -36.86 -25.23
CA LEU R 195 8.52 -36.92 -24.12
C LEU R 195 9.13 -36.32 -22.86
N PRO R 196 8.41 -35.38 -22.25
CA PRO R 196 8.87 -34.72 -21.02
C PRO R 196 9.12 -35.74 -19.92
N ALA R 197 10.15 -35.48 -19.12
CA ALA R 197 10.49 -36.35 -18.01
C ALA R 197 9.41 -36.27 -16.93
N LEU R 198 9.29 -37.32 -16.14
CA LEU R 198 8.29 -37.36 -15.09
C LEU R 198 8.59 -36.31 -14.04
N PRO R 199 7.56 -35.65 -13.53
CA PRO R 199 7.74 -34.58 -12.54
C PRO R 199 8.24 -35.11 -11.22
N GLU R 200 9.17 -34.38 -10.62
CA GLU R 200 9.75 -34.74 -9.33
C GLU R 200 8.83 -34.27 -8.22
N PRO R 201 8.94 -34.87 -7.04
CA PRO R 201 8.11 -34.46 -5.89
C PRO R 201 8.67 -33.21 -5.21
N THR R 202 9.94 -32.91 -5.47
CA THR R 202 10.57 -31.75 -4.84
C THR R 202 10.28 -30.47 -5.59
N SER R 203 10.42 -29.34 -4.90
CA SER R 203 10.15 -28.03 -5.49
C SER R 203 11.25 -27.58 -6.43
N ASP R 204 12.43 -28.16 -6.27
CA ASP R 204 13.57 -27.81 -7.11
C ASP R 204 14.26 -29.06 -7.66
N GLN S 1 27.73 51.62 -21.66
CA GLN S 1 26.66 50.94 -20.96
C GLN S 1 25.30 51.40 -21.46
N PRO S 2 24.90 50.88 -22.62
CA PRO S 2 23.63 51.30 -23.25
C PRO S 2 22.43 50.97 -22.37
N TRP S 3 22.55 49.93 -21.56
CA TRP S 3 21.45 49.55 -20.69
C TRP S 3 21.26 50.51 -19.53
N GLU S 4 22.27 51.33 -19.26
CA GLU S 4 22.20 52.30 -18.18
C GLU S 4 21.55 53.60 -18.64
N ALA S 5 21.38 53.73 -19.96
CA ALA S 5 20.80 54.93 -20.55
C ALA S 5 19.29 54.98 -20.34
N ILE S 6 18.75 56.18 -20.23
CA ILE S 6 17.31 56.35 -20.09
C ILE S 6 16.68 56.38 -21.47
N PHE S 7 15.72 55.48 -21.70
CA PHE S 7 15.11 55.35 -23.02
C PHE S 7 14.25 56.55 -23.39
N THR S 8 13.71 57.25 -22.39
CA THR S 8 12.87 58.42 -22.59
C THR S 8 11.48 58.03 -23.11
N LYS S 9 10.45 58.48 -22.39
CA LYS S 9 9.07 58.17 -22.71
C LYS S 9 8.69 58.56 -24.14
N ASP S 10 9.25 59.66 -24.61
CA ASP S 10 8.98 60.11 -25.96
C ASP S 10 9.31 59.03 -26.98
N ASP S 11 10.36 58.27 -26.69
CA ASP S 11 10.77 57.18 -27.55
C ASP S 11 9.95 55.93 -27.32
N LEU S 12 9.51 55.73 -26.07
CA LEU S 12 8.68 54.57 -25.74
C LEU S 12 7.36 54.64 -26.50
N ALA S 13 6.78 55.83 -26.54
CA ALA S 13 5.50 56.05 -27.24
C ALA S 13 5.66 55.94 -28.75
N ALA S 14 6.90 56.08 -29.22
CA ALA S 14 7.19 56.01 -30.65
C ALA S 14 7.29 54.57 -31.13
N ILE S 15 7.32 53.62 -30.20
CA ILE S 15 7.44 52.21 -30.57
C ILE S 15 6.16 51.67 -31.20
N GLU S 16 5.02 51.94 -30.56
CA GLU S 16 3.72 51.51 -31.08
C GLU S 16 3.72 50.02 -31.46
N PRO S 17 3.99 49.17 -30.48
CA PRO S 17 4.06 47.73 -30.71
C PRO S 17 2.68 47.10 -30.85
N LYS S 18 2.65 45.85 -31.30
CA LYS S 18 1.43 45.09 -31.45
C LYS S 18 1.45 43.86 -30.56
N PRO S 19 0.31 43.50 -29.98
CA PRO S 19 0.23 42.30 -29.14
C PRO S 19 0.67 41.08 -29.94
N ALA S 20 1.34 40.15 -29.27
CA ALA S 20 1.87 38.96 -29.94
C ALA S 20 1.44 37.69 -29.25
N SER S 21 0.19 37.29 -29.49
CA SER S 21 -0.34 36.06 -28.91
C SER S 21 0.28 34.84 -29.55
N ALA S 22 0.50 33.80 -28.75
CA ALA S 22 1.06 32.55 -29.25
C ALA S 22 -0.03 31.53 -29.53
N ASN S 23 -1.29 31.91 -29.33
CA ASN S 23 -2.39 31.00 -29.59
C ASN S 23 -2.91 31.20 -31.00
N VAL S 24 -2.15 31.91 -31.82
CA VAL S 24 -2.50 32.09 -33.20
C VAL S 24 -1.37 31.56 -34.07
N PRO S 25 -1.71 31.08 -35.25
CA PRO S 25 -0.70 30.54 -36.18
C PRO S 25 0.34 31.59 -36.49
N ASN S 26 1.59 31.17 -36.58
CA ASN S 26 2.68 32.06 -36.96
C ASN S 26 2.47 32.53 -38.38
N THR S 27 3.00 33.70 -38.71
CA THR S 27 2.85 34.23 -40.06
C THR S 27 3.18 33.17 -41.10
N LYS S 28 4.28 32.46 -40.88
CA LYS S 28 4.69 31.41 -41.82
C LYS S 28 3.73 30.25 -41.78
N GLN S 29 3.09 30.05 -40.63
CA GLN S 29 2.11 28.98 -40.49
C GLN S 29 0.82 29.38 -41.17
N TRP S 30 0.50 30.67 -41.13
CA TRP S 30 -0.66 31.19 -41.85
C TRP S 30 -0.45 30.93 -43.33
N ILE S 31 0.80 31.14 -43.76
CA ILE S 31 1.20 30.88 -45.13
C ILE S 31 1.13 29.39 -45.42
N GLY S 32 1.55 28.59 -44.46
CA GLY S 32 1.47 27.15 -44.59
C GLY S 32 0.03 26.73 -44.80
N ILE S 33 -0.88 27.38 -44.08
CA ILE S 33 -2.30 27.11 -44.24
C ILE S 33 -2.73 27.48 -45.65
N GLN S 34 -2.22 28.60 -46.14
CA GLN S 34 -2.52 29.02 -47.51
C GLN S 34 -2.02 27.99 -48.49
N ALA S 35 -0.80 27.51 -48.26
CA ALA S 35 -0.19 26.54 -49.15
C ALA S 35 -1.05 25.29 -49.26
N GLY S 36 -1.74 24.96 -48.17
CA GLY S 36 -2.61 23.80 -48.16
C GLY S 36 -4.05 24.16 -48.55
N LEU S 37 -4.60 25.16 -47.87
CA LEU S 37 -5.99 25.57 -48.07
C LEU S 37 -6.24 26.14 -49.45
N ILE S 38 -5.34 26.99 -49.92
CA ILE S 38 -5.51 27.55 -51.25
C ILE S 38 -5.33 26.44 -52.27
N LYS S 39 -4.36 25.57 -52.00
CA LYS S 39 -4.11 24.41 -52.85
C LYS S 39 -5.33 23.49 -52.86
N ALA S 40 -6.04 23.46 -51.73
CA ALA S 40 -7.22 22.62 -51.57
C ALA S 40 -8.39 23.12 -52.43
N GLY S 41 -8.27 24.33 -52.97
CA GLY S 41 -9.32 24.87 -53.83
C GLY S 41 -9.86 26.20 -53.33
N ALA S 42 -9.44 26.63 -52.14
CA ALA S 42 -9.89 27.91 -51.61
C ALA S 42 -9.10 29.04 -52.24
N THR S 43 -9.69 30.22 -52.30
CA THR S 43 -9.00 31.36 -52.87
C THR S 43 -9.38 32.68 -52.19
N ASP S 44 -8.38 33.55 -52.04
CA ASP S 44 -8.57 34.88 -51.47
C ASP S 44 -9.38 34.86 -50.18
N ALA S 45 -10.53 35.51 -50.19
CA ALA S 45 -11.39 35.65 -49.01
C ALA S 45 -11.87 34.31 -48.50
N ASN S 46 -11.90 33.30 -49.37
CA ASN S 46 -12.35 31.98 -48.98
C ASN S 46 -11.40 31.39 -47.95
N PHE S 47 -10.18 31.90 -47.91
CA PHE S 47 -9.22 31.44 -46.94
C PHE S 47 -9.79 31.55 -45.54
N MET S 48 -10.25 32.75 -45.19
CA MET S 48 -10.85 32.98 -43.89
C MET S 48 -12.20 32.31 -43.78
N LYS S 49 -12.98 32.36 -44.86
CA LYS S 49 -14.32 31.79 -44.85
C LYS S 49 -14.30 30.31 -44.49
N VAL S 50 -13.41 29.57 -45.13
CA VAL S 50 -13.31 28.14 -44.88
C VAL S 50 -12.81 27.87 -43.47
N LEU S 51 -11.84 28.66 -43.03
CA LEU S 51 -11.32 28.50 -41.68
C LEU S 51 -12.38 28.81 -40.65
N LEU S 52 -13.26 29.76 -40.97
CA LEU S 52 -14.39 30.07 -40.10
C LEU S 52 -15.32 28.88 -40.03
N GLY S 53 -15.48 28.20 -41.16
CA GLY S 53 -16.29 27.00 -41.20
C GLY S 53 -15.73 25.99 -40.19
N LEU S 54 -14.43 25.79 -40.24
CA LEU S 54 -13.76 24.89 -39.30
C LEU S 54 -13.87 25.37 -37.87
N SER S 55 -13.79 26.68 -37.67
CA SER S 55 -13.90 27.21 -36.32
C SER S 55 -15.28 26.93 -35.77
N LEU S 56 -16.27 26.97 -36.64
CA LEU S 56 -17.64 26.66 -36.27
C LEU S 56 -17.74 25.18 -35.95
N GLU S 57 -16.99 24.38 -36.70
CA GLU S 57 -16.95 22.95 -36.45
C GLU S 57 -16.23 22.67 -35.15
N ALA S 58 -15.16 23.42 -34.91
CA ALA S 58 -14.38 23.28 -33.68
C ALA S 58 -15.24 23.64 -32.49
N PHE S 59 -16.16 24.58 -32.71
CA PHE S 59 -17.07 25.01 -31.68
C PHE S 59 -17.90 23.83 -31.19
N ASP S 60 -18.31 22.98 -32.14
CA ASP S 60 -19.09 21.79 -31.82
C ASP S 60 -18.26 20.50 -31.80
N ARG S 61 -17.00 20.58 -32.22
CA ARG S 61 -16.16 19.39 -32.26
C ARG S 61 -14.88 19.51 -31.45
N GLY S 62 -13.91 20.26 -31.97
CA GLY S 62 -12.64 20.45 -31.28
C GLY S 62 -11.47 20.34 -32.26
N SER S 63 -10.27 20.08 -31.72
CA SER S 63 -9.04 19.95 -32.51
C SER S 63 -9.18 18.91 -33.63
N SER S 64 -8.64 17.71 -33.42
CA SER S 64 -8.72 16.67 -34.43
C SER S 64 -10.17 16.26 -34.66
N GLU S 65 -11.03 16.60 -33.71
CA GLU S 65 -12.44 16.31 -33.84
C GLU S 65 -13.00 17.02 -35.07
N ALA S 66 -12.75 18.32 -35.18
CA ALA S 66 -13.21 19.07 -36.33
C ALA S 66 -12.46 18.62 -37.57
N THR S 67 -11.25 18.13 -37.37
CA THR S 67 -10.44 17.62 -38.47
C THR S 67 -11.12 16.42 -39.12
N THR S 68 -11.72 15.56 -38.30
CA THR S 68 -12.43 14.40 -38.81
C THR S 68 -13.77 14.79 -39.43
N TRP S 69 -14.32 15.92 -39.00
CA TRP S 69 -15.59 16.39 -39.53
C TRP S 69 -15.47 16.75 -41.01
N ASP S 70 -16.33 16.14 -41.82
CA ASP S 70 -16.37 16.37 -43.25
C ASP S 70 -17.34 17.48 -43.62
N GLY S 71 -17.56 17.66 -44.92
CA GLY S 71 -18.49 18.68 -45.39
C GLY S 71 -17.77 19.74 -46.19
N ILE S 72 -18.22 19.94 -47.42
CA ILE S 72 -17.60 20.92 -48.29
C ILE S 72 -18.12 22.31 -47.99
N THR S 73 -17.20 23.20 -47.65
CA THR S 73 -17.53 24.57 -47.35
C THR S 73 -17.59 25.37 -48.62
N GLU S 74 -17.70 26.69 -48.48
CA GLU S 74 -17.72 27.57 -49.63
C GLU S 74 -16.45 27.46 -50.45
N GLY S 75 -15.37 26.98 -49.82
CA GLY S 75 -14.10 26.83 -50.52
C GLY S 75 -13.69 25.37 -50.69
N VAL S 76 -13.82 24.57 -49.63
CA VAL S 76 -13.39 23.18 -49.69
C VAL S 76 -13.83 22.38 -48.47
N GLU S 77 -13.77 21.06 -48.58
CA GLU S 77 -14.10 20.14 -47.48
C GLU S 77 -13.37 20.52 -46.20
N HIS S 78 -14.10 20.46 -45.09
CA HIS S 78 -13.54 20.79 -43.78
C HIS S 78 -12.27 20.01 -43.50
N ARG S 79 -12.30 18.72 -43.81
CA ARG S 79 -11.16 17.86 -43.57
C ARG S 79 -9.96 18.29 -44.39
N ALA S 80 -10.20 18.68 -45.64
CA ALA S 80 -9.12 19.14 -46.51
C ALA S 80 -8.49 20.40 -45.96
N ALA S 81 -9.34 21.31 -45.49
CA ALA S 81 -8.86 22.56 -44.89
C ALA S 81 -8.13 22.26 -43.60
N ALA S 82 -8.63 21.27 -42.85
CA ALA S 82 -8.01 20.86 -41.61
C ALA S 82 -6.62 20.32 -41.87
N ASN S 83 -6.47 19.63 -43.00
CA ASN S 83 -5.18 19.09 -43.38
C ASN S 83 -4.19 20.22 -43.62
N ALA S 84 -4.67 21.30 -44.22
CA ALA S 84 -3.83 22.47 -44.46
C ALA S 84 -3.33 23.04 -43.15
N ILE S 85 -4.20 23.07 -42.16
CA ILE S 85 -3.83 23.55 -40.83
C ILE S 85 -2.77 22.64 -40.24
N LYS S 86 -2.95 21.33 -40.43
CA LYS S 86 -1.98 20.36 -39.96
C LYS S 86 -0.65 20.50 -40.71
N GLU S 87 -0.73 20.88 -41.98
CA GLU S 87 0.48 21.11 -42.77
C GLU S 87 1.29 22.25 -42.18
N ALA S 88 0.59 23.21 -41.58
CA ALA S 88 1.21 24.36 -40.92
C ALA S 88 1.70 24.00 -39.52
N ASN S 89 1.51 22.73 -39.14
CA ASN S 89 1.91 22.23 -37.83
C ASN S 89 1.09 22.87 -36.71
N CYS S 90 -0.18 23.14 -37.00
CA CYS S 90 -1.08 23.71 -36.01
C CYS S 90 -2.33 22.87 -35.84
N PRO S 91 -2.94 22.94 -34.67
CA PRO S 91 -4.24 22.32 -34.44
C PRO S 91 -5.32 23.27 -34.95
N ILE S 92 -6.50 22.75 -35.24
CA ILE S 92 -7.58 23.61 -35.69
C ILE S 92 -7.89 24.65 -34.63
N HIS S 93 -7.72 24.26 -33.37
CA HIS S 93 -7.92 25.18 -32.26
C HIS S 93 -7.02 26.39 -32.38
N LYS S 94 -5.80 26.18 -32.88
CA LYS S 94 -4.86 27.28 -33.04
C LYS S 94 -5.45 28.34 -33.94
N VAL S 95 -6.02 27.92 -35.05
CA VAL S 95 -6.67 28.84 -35.97
C VAL S 95 -7.94 29.39 -35.35
N THR S 96 -8.68 28.52 -34.69
CA THR S 96 -9.94 28.87 -34.06
C THR S 96 -9.74 29.93 -32.98
N TYR S 97 -8.60 29.88 -32.30
CA TYR S 97 -8.31 30.86 -31.26
C TYR S 97 -8.32 32.26 -31.86
N TYR S 98 -7.78 32.38 -33.07
CA TYR S 98 -7.75 33.64 -33.79
C TYR S 98 -9.15 34.03 -34.25
N LEU S 99 -9.92 33.03 -34.69
CA LEU S 99 -11.26 33.25 -35.19
C LEU S 99 -12.32 32.83 -34.18
N ALA S 100 -11.98 32.90 -32.90
CA ALA S 100 -12.90 32.49 -31.84
C ALA S 100 -14.07 33.44 -31.69
N LYS S 101 -13.79 34.75 -31.69
CA LYS S 101 -14.83 35.74 -31.46
C LYS S 101 -15.85 35.81 -32.59
N PRO S 102 -15.38 35.88 -33.84
CA PRO S 102 -16.29 35.93 -34.99
C PRO S 102 -17.10 34.65 -35.04
N THR S 103 -16.47 33.54 -34.68
CA THR S 103 -17.12 32.24 -34.65
C THR S 103 -18.24 32.22 -33.64
N PHE S 104 -17.92 32.65 -32.43
CA PHE S 104 -18.89 32.73 -31.36
C PHE S 104 -19.97 33.74 -31.73
N ALA S 105 -19.55 34.84 -32.35
CA ALA S 105 -20.45 35.89 -32.76
C ALA S 105 -21.48 35.38 -33.74
N ILE S 106 -21.05 34.51 -34.65
CA ILE S 106 -21.97 33.93 -35.63
C ILE S 106 -23.04 33.14 -34.92
N ARG S 107 -22.61 32.21 -34.09
CA ARG S 107 -23.52 31.34 -33.37
C ARG S 107 -24.35 32.10 -32.35
N GLN S 108 -23.78 33.15 -31.78
CA GLN S 108 -24.50 33.93 -30.81
C GLN S 108 -25.66 34.65 -31.46
N SER S 109 -25.45 35.12 -32.68
CA SER S 109 -26.49 35.79 -33.44
C SER S 109 -27.49 34.78 -34.01
N LYS S 110 -27.02 33.56 -34.25
CA LYS S 110 -27.88 32.51 -34.77
C LYS S 110 -28.43 31.63 -33.65
N ASN S 111 -28.01 31.92 -32.43
CA ASN S 111 -28.44 31.17 -31.25
C ASN S 111 -28.12 29.69 -31.36
N LEU S 112 -26.90 29.38 -31.80
CA LEU S 112 -26.47 27.99 -31.94
C LEU S 112 -25.45 27.61 -30.88
N PRO S 113 -25.95 27.07 -29.77
CA PRO S 113 -25.08 26.70 -28.64
C PRO S 113 -24.20 25.52 -29.01
N PRO S 114 -23.14 25.32 -28.25
CA PRO S 114 -22.18 24.24 -28.53
C PRO S 114 -22.84 22.88 -28.42
N ALA S 115 -22.60 22.04 -29.42
CA ALA S 115 -23.20 20.71 -29.48
C ALA S 115 -22.61 19.78 -28.42
N ASN S 116 -21.43 20.13 -27.91
CA ASN S 116 -20.78 19.30 -26.91
C ASN S 116 -21.16 19.74 -25.50
N PHE S 117 -22.08 20.70 -25.42
CA PHE S 117 -22.60 21.19 -24.15
C PHE S 117 -23.15 20.02 -23.34
N ALA S 118 -23.95 19.20 -24.00
CA ALA S 118 -24.56 18.03 -23.39
C ALA S 118 -23.50 17.04 -22.91
N LYS S 119 -22.51 16.80 -23.77
CA LYS S 119 -21.46 15.84 -23.49
C LYS S 119 -20.64 16.23 -22.29
N LYS S 120 -20.41 17.53 -22.14
CA LYS S 120 -19.60 18.04 -21.06
C LYS S 120 -20.40 18.25 -19.78
N ASN S 121 -21.70 18.00 -19.84
CA ASN S 121 -22.56 18.16 -18.68
C ASN S 121 -22.50 19.57 -18.12
N VAL S 122 -22.28 20.54 -19.00
CA VAL S 122 -22.20 21.93 -18.59
C VAL S 122 -23.58 22.43 -18.18
N PRO S 123 -23.67 23.06 -17.01
CA PRO S 123 -24.94 23.59 -16.54
C PRO S 123 -25.56 24.54 -17.57
N SER S 124 -26.88 24.53 -17.66
CA SER S 124 -27.59 25.38 -18.61
C SER S 124 -27.30 26.85 -18.35
N GLN S 125 -26.97 27.17 -17.10
CA GLN S 125 -26.58 28.51 -16.72
C GLN S 125 -25.37 28.96 -17.52
N TYR S 126 -24.54 27.98 -17.87
CA TYR S 126 -23.31 28.23 -18.60
C TYR S 126 -23.37 27.60 -19.98
N LYS S 127 -24.55 27.62 -20.60
CA LYS S 127 -24.76 27.02 -21.91
C LYS S 127 -23.78 27.52 -22.97
N TRP S 128 -23.44 28.79 -22.92
CA TRP S 128 -22.53 29.36 -23.90
C TRP S 128 -21.09 29.42 -23.40
N CYS S 129 -20.82 28.71 -22.31
CA CYS S 129 -19.47 28.69 -21.76
C CYS S 129 -18.69 27.50 -22.28
N ALA S 130 -19.38 26.55 -22.88
CA ALA S 130 -18.71 25.37 -23.43
C ALA S 130 -18.08 25.69 -24.78
N PHE S 131 -17.02 26.50 -24.76
CA PHE S 131 -16.33 26.89 -25.98
C PHE S 131 -14.83 26.68 -25.83
N ASP S 132 -14.28 25.73 -26.58
CA ASP S 132 -12.87 25.39 -26.49
C ASP S 132 -11.95 26.59 -26.72
N ALA S 133 -12.30 27.42 -27.68
CA ALA S 133 -11.49 28.59 -28.00
C ALA S 133 -12.01 29.84 -27.31
N PHE S 134 -12.58 29.68 -26.13
CA PHE S 134 -13.09 30.82 -25.38
C PHE S 134 -12.00 31.84 -25.08
N ASP S 135 -10.75 31.41 -25.06
CA ASP S 135 -9.64 32.30 -24.77
C ASP S 135 -9.53 33.39 -25.83
N GLY S 136 -9.98 33.07 -27.04
CA GLY S 136 -9.94 34.04 -28.13
C GLY S 136 -10.92 35.17 -27.89
N LEU S 137 -11.87 34.96 -26.98
CA LEU S 137 -12.85 35.98 -26.65
C LEU S 137 -12.21 37.09 -25.86
N TYR S 138 -11.04 36.82 -25.30
CA TYR S 138 -10.31 37.79 -24.51
C TYR S 138 -9.01 38.19 -25.20
N ASP S 139 -8.52 37.32 -26.06
CA ASP S 139 -7.28 37.54 -26.77
C ASP S 139 -7.34 38.80 -27.63
N PRO S 140 -6.45 39.74 -27.35
CA PRO S 140 -6.43 41.04 -28.03
C PRO S 140 -6.11 40.93 -29.52
N THR S 141 -5.51 39.82 -29.93
CA THR S 141 -5.15 39.63 -31.33
C THR S 141 -6.25 38.90 -32.10
N CYS S 142 -7.23 38.37 -31.37
CA CYS S 142 -8.31 37.63 -32.00
C CYS S 142 -9.20 38.52 -32.86
N LEU S 143 -9.54 38.03 -34.05
CA LEU S 143 -10.38 38.75 -34.99
C LEU S 143 -11.78 38.95 -34.44
N ALA S 144 -12.43 40.04 -34.82
CA ALA S 144 -13.79 40.31 -34.34
C ALA S 144 -14.34 41.61 -34.91
N SER S 145 -15.28 41.49 -35.83
CA SER S 145 -15.92 42.65 -36.44
C SER S 145 -17.08 43.14 -35.60
N GLU S 146 -17.65 42.25 -34.79
CA GLU S 146 -18.77 42.58 -33.91
C GLU S 146 -19.27 41.36 -33.15
N LEU S 147 -19.26 41.45 -31.83
CA LEU S 147 -19.73 40.37 -30.97
C LEU S 147 -21.10 40.71 -30.38
N PRO S 148 -22.12 39.94 -30.75
CA PRO S 148 -23.51 40.17 -30.31
C PRO S 148 -23.67 40.17 -28.78
N TYR S 149 -22.88 39.35 -28.10
CA TYR S 149 -22.99 39.26 -26.65
C TYR S 149 -21.63 39.22 -25.98
N ASP S 150 -21.50 39.96 -24.89
CA ASP S 150 -20.24 40.01 -24.16
C ASP S 150 -20.02 38.74 -23.37
N ALA S 151 -19.63 37.68 -24.08
CA ALA S 151 -19.33 36.40 -23.47
C ALA S 151 -18.11 36.50 -22.56
N PRO S 152 -17.25 37.48 -22.81
CA PRO S 152 -16.09 37.70 -21.94
C PRO S 152 -16.48 38.01 -20.49
N SER S 153 -17.75 38.38 -20.26
CA SER S 153 -18.22 38.73 -18.91
C SER S 153 -17.54 37.90 -17.83
N GLU S 154 -17.13 38.56 -16.76
CA GLU S 154 -16.41 37.92 -15.66
C GLU S 154 -17.13 36.70 -15.11
N ILE S 155 -18.46 36.77 -15.05
CA ILE S 155 -19.22 35.63 -14.57
C ILE S 155 -19.01 34.47 -15.52
N ASP S 156 -19.05 34.77 -16.82
CA ASP S 156 -18.81 33.78 -17.85
C ASP S 156 -17.35 33.35 -17.84
N ARG S 157 -16.48 34.26 -17.41
CA ARG S 157 -15.04 33.99 -17.33
C ARG S 157 -14.75 32.96 -16.26
N MET S 158 -15.42 33.08 -15.12
CA MET S 158 -15.26 32.09 -14.07
C MET S 158 -15.93 30.80 -14.50
N ALA S 159 -17.00 30.93 -15.28
CA ALA S 159 -17.65 29.77 -15.85
C ALA S 159 -16.73 29.13 -16.87
N TYR S 160 -15.96 29.97 -17.57
CA TYR S 160 -14.98 29.49 -18.54
C TYR S 160 -13.85 28.79 -17.80
N ALA S 161 -13.56 29.26 -16.59
CA ALA S 161 -12.57 28.60 -15.76
C ALA S 161 -13.09 27.22 -15.39
N THR S 162 -14.38 27.14 -15.07
CA THR S 162 -15.00 25.86 -14.76
C THR S 162 -14.93 25.00 -16.01
N PHE S 163 -15.15 25.64 -17.15
CA PHE S 163 -15.03 24.98 -18.44
C PHE S 163 -13.59 24.49 -18.64
N LYS S 164 -12.62 25.28 -18.18
CA LYS S 164 -11.24 24.88 -18.27
C LYS S 164 -11.01 23.59 -17.51
N THR S 165 -11.74 23.42 -16.40
CA THR S 165 -11.64 22.18 -15.64
C THR S 165 -12.01 21.00 -16.53
N ILE S 166 -13.00 21.19 -17.38
CA ILE S 166 -13.40 20.16 -18.33
C ILE S 166 -12.24 19.85 -19.25
N GLN S 167 -11.63 20.91 -19.74
CA GLN S 167 -10.50 20.78 -20.66
C GLN S 167 -9.35 20.08 -19.96
N ILE S 168 -9.15 20.40 -18.70
CA ILE S 168 -8.12 19.77 -17.88
C ILE S 168 -8.43 18.30 -17.65
N LYS S 169 -9.69 18.01 -17.33
CA LYS S 169 -10.11 16.65 -17.09
C LYS S 169 -9.82 15.78 -18.28
N ILE S 170 -10.25 16.23 -19.46
CA ILE S 170 -10.03 15.47 -20.67
C ILE S 170 -8.55 15.35 -20.94
N ALA S 171 -7.81 16.41 -20.63
CA ALA S 171 -6.36 16.35 -20.78
C ALA S 171 -5.81 15.26 -19.89
N ASN S 172 -6.32 15.17 -18.67
CA ASN S 172 -5.89 14.12 -17.76
C ASN S 172 -6.28 12.76 -18.31
N ASP S 173 -7.42 12.72 -19.00
CA ASP S 173 -7.93 11.49 -19.58
C ASP S 173 -7.11 11.04 -20.78
N GLN S 174 -6.55 11.99 -21.54
CA GLN S 174 -5.78 11.63 -22.72
C GLN S 174 -4.34 12.10 -22.67
N LYS S 175 -4.13 13.36 -22.31
CA LYS S 175 -2.79 13.92 -22.19
C LYS S 175 -2.05 13.27 -21.03
N GLY S 176 -2.83 12.80 -20.06
CA GLY S 176 -2.29 12.14 -18.87
C GLY S 176 -1.73 10.76 -19.19
N PHE S 177 -1.94 10.29 -20.42
CA PHE S 177 -1.40 9.00 -20.82
C PHE S 177 0.10 9.00 -20.62
N ASN S 178 0.61 7.95 -20.00
CA ASN S 178 2.03 7.86 -19.68
C ASN S 178 2.86 7.35 -20.84
N LEU S 179 3.55 8.26 -21.51
CA LEU S 179 4.44 7.88 -22.60
C LEU S 179 5.77 7.43 -22.01
N ASN S 180 5.76 6.26 -21.40
CA ASN S 180 6.91 5.71 -20.71
C ASN S 180 7.83 4.92 -21.64
N TYR S 181 7.46 4.81 -22.90
CA TYR S 181 8.32 4.14 -23.86
C TYR S 181 8.06 4.58 -25.27
N ASN S 182 9.06 4.40 -26.12
CA ASN S 182 8.92 4.72 -27.52
C ASN S 182 8.89 3.43 -28.35
N PRO S 183 10.00 2.68 -28.35
CA PRO S 183 10.09 1.48 -29.18
C PRO S 183 9.36 0.28 -28.58
N ASN S 184 8.07 0.46 -28.29
CA ASN S 184 7.25 -0.63 -27.78
C ASN S 184 7.83 -1.33 -26.56
N VAL S 185 8.36 -0.59 -25.59
CA VAL S 185 8.89 -1.23 -24.41
C VAL S 185 7.77 -1.60 -23.44
N THR S 186 7.00 -2.60 -23.82
CA THR S 186 5.88 -3.07 -23.03
C THR S 186 6.36 -3.90 -21.85
N GLN S 187 7.61 -4.33 -21.90
CA GLN S 187 8.19 -5.08 -20.81
C GLN S 187 8.38 -4.20 -19.58
N ALA S 188 8.50 -2.90 -19.79
CA ALA S 188 8.59 -1.96 -18.69
C ALA S 188 7.19 -1.72 -18.16
N ARG S 189 6.30 -1.33 -19.07
CA ARG S 189 4.89 -1.12 -18.75
C ARG S 189 4.03 -1.52 -19.93
N LEU S 190 3.07 -2.39 -19.67
CA LEU S 190 2.19 -2.91 -20.70
C LEU S 190 1.19 -1.88 -21.19
N PRO S 191 0.71 -2.07 -22.42
CA PRO S 191 -0.29 -1.17 -23.00
C PRO S 191 -1.53 -1.14 -22.12
N ASN S 192 -2.08 0.05 -21.95
CA ASN S 192 -3.27 0.25 -21.14
C ASN S 192 -3.06 -0.07 -19.66
N ALA S 193 -1.81 -0.19 -19.25
CA ALA S 193 -1.49 -0.43 -17.84
C ALA S 193 -1.83 0.80 -17.01
N PRO S 194 -1.73 1.99 -17.63
CA PRO S 194 -2.07 3.24 -16.91
C PRO S 194 -3.55 3.33 -16.55
N LEU S 195 -4.38 2.44 -17.12
CA LEU S 195 -5.81 2.49 -16.83
C LEU S 195 -6.06 2.36 -15.33
N PRO S 196 -6.83 3.29 -14.78
CA PRO S 196 -7.15 3.29 -13.35
C PRO S 196 -7.84 2.00 -12.94
N ALA S 197 -7.54 1.54 -11.74
CA ALA S 197 -8.14 0.32 -11.21
C ALA S 197 -9.62 0.55 -10.94
N LEU S 198 -10.40 -0.51 -10.97
CA LEU S 198 -11.83 -0.41 -10.72
C LEU S 198 -12.09 0.04 -9.29
N PRO S 199 -13.08 0.90 -9.12
CA PRO S 199 -13.39 1.45 -7.79
C PRO S 199 -13.95 0.38 -6.86
N GLU S 200 -13.50 0.42 -5.62
CA GLU S 200 -13.97 -0.50 -4.60
C GLU S 200 -15.28 -0.02 -4.03
N PRO S 201 -16.05 -0.92 -3.43
CA PRO S 201 -17.34 -0.55 -2.81
C PRO S 201 -17.14 0.06 -1.43
N THR S 202 -15.97 -0.15 -0.84
CA THR S 202 -15.71 0.36 0.51
C THR S 202 -15.22 1.80 0.46
N SER S 203 -15.37 2.49 1.59
CA SER S 203 -14.98 3.90 1.70
C SER S 203 -13.47 4.06 1.79
N ASP S 204 -12.79 3.00 2.19
CA ASP S 204 -11.34 3.04 2.33
C ASP S 204 -10.69 1.84 1.64
N GLN T 1 -37.95 -12.15 50.99
CA GLN T 1 -37.49 -10.97 50.25
C GLN T 1 -36.90 -9.93 51.19
N PRO T 2 -35.67 -10.17 51.64
CA PRO T 2 -35.02 -9.27 52.60
C PRO T 2 -34.85 -7.86 52.04
N TRP T 3 -34.72 -7.75 50.73
CA TRP T 3 -34.55 -6.44 50.11
C TRP T 3 -35.84 -5.62 50.13
N GLU T 4 -36.96 -6.28 50.36
CA GLU T 4 -38.25 -5.60 50.41
C GLU T 4 -38.53 -5.05 51.80
N ALA T 5 -37.71 -5.47 52.76
CA ALA T 5 -37.90 -5.04 54.15
C ALA T 5 -37.41 -3.61 54.35
N ILE T 6 -38.04 -2.92 55.29
CA ILE T 6 -37.64 -1.56 55.63
C ILE T 6 -36.52 -1.62 56.65
N PHE T 7 -35.39 -0.99 56.33
CA PHE T 7 -34.22 -1.05 57.19
C PHE T 7 -34.41 -0.29 58.51
N THR T 8 -35.26 0.73 58.48
CA THR T 8 -35.55 1.55 59.66
C THR T 8 -34.39 2.49 59.98
N LYS T 9 -34.71 3.78 60.07
CA LYS T 9 -33.71 4.81 60.32
C LYS T 9 -32.92 4.57 61.59
N ASP T 10 -33.57 4.01 62.60
CA ASP T 10 -32.91 3.71 63.87
C ASP T 10 -31.70 2.81 63.64
N ASP T 11 -31.83 1.91 62.67
CA ASP T 11 -30.75 1.00 62.34
C ASP T 11 -29.73 1.66 61.42
N LEU T 12 -30.20 2.57 60.57
CA LEU T 12 -29.29 3.30 59.67
C LEU T 12 -28.31 4.13 60.47
N ALA T 13 -28.81 4.79 61.51
CA ALA T 13 -27.98 5.64 62.37
C ALA T 13 -27.03 4.81 63.21
N ALA T 14 -27.36 3.53 63.38
CA ALA T 14 -26.53 2.63 64.18
C ALA T 14 -25.32 2.12 63.40
N ILE T 15 -25.30 2.37 62.08
CA ILE T 15 -24.20 1.90 61.25
C ILE T 15 -22.91 2.67 61.51
N GLU T 16 -23.00 4.00 61.55
CA GLU T 16 -21.85 4.85 61.81
C GLU T 16 -20.64 4.48 60.95
N PRO T 17 -20.81 4.56 59.64
CA PRO T 17 -19.74 4.20 58.70
C PRO T 17 -18.66 5.26 58.61
N LYS T 18 -17.56 4.91 57.97
CA LYS T 18 -16.44 5.82 57.76
C LYS T 18 -16.21 6.01 56.27
N PRO T 19 -15.85 7.23 55.86
CA PRO T 19 -15.56 7.51 54.45
C PRO T 19 -14.45 6.59 53.96
N ALA T 20 -14.54 6.16 52.71
CA ALA T 20 -13.56 5.23 52.16
C ALA T 20 -12.97 5.74 50.85
N SER T 21 -12.04 6.67 50.96
CA SER T 21 -11.38 7.22 49.79
C SER T 21 -10.43 6.22 49.17
N ALA T 22 -10.34 6.24 47.84
CA ALA T 22 -9.45 5.34 47.13
C ALA T 22 -8.14 6.04 46.76
N ASN T 23 -7.99 7.29 47.17
CA ASN T 23 -6.77 8.02 46.88
C ASN T 23 -5.78 7.88 48.04
N VAL T 24 -6.07 6.94 48.94
CA VAL T 24 -5.17 6.66 50.03
C VAL T 24 -4.76 5.20 49.96
N PRO T 25 -3.55 4.90 50.42
CA PRO T 25 -3.05 3.52 50.41
C PRO T 25 -3.99 2.61 51.18
N ASN T 26 -4.17 1.39 50.67
CA ASN T 26 -4.98 0.40 51.35
C ASN T 26 -4.32 0.03 52.65
N THR T 27 -5.09 -0.42 53.62
CA THR T 27 -4.53 -0.82 54.90
C THR T 27 -3.32 -1.73 54.72
N LYS T 28 -3.45 -2.71 53.83
CA LYS T 28 -2.36 -3.63 53.56
C LYS T 28 -1.21 -2.93 52.86
N GLN T 29 -1.54 -1.88 52.12
CA GLN T 29 -0.51 -1.10 51.44
C GLN T 29 0.20 -0.21 52.44
N TRP T 30 -0.54 0.27 53.43
CA TRP T 30 0.07 1.04 54.51
C TRP T 30 1.07 0.16 55.21
N ILE T 31 0.69 -1.10 55.40
CA ILE T 31 1.54 -2.11 56.00
C ILE T 31 2.72 -2.38 55.10
N GLY T 32 2.47 -2.44 53.80
CA GLY T 32 3.53 -2.63 52.82
C GLY T 32 4.55 -1.51 52.94
N ILE T 33 4.05 -0.29 53.15
CA ILE T 33 4.93 0.86 53.33
C ILE T 33 5.75 0.65 54.60
N GLN T 34 5.11 0.15 55.64
CA GLN T 34 5.82 -0.14 56.89
C GLN T 34 6.90 -1.17 56.66
N ALA T 35 6.55 -2.21 55.90
CA ALA T 35 7.49 -3.29 55.62
C ALA T 35 8.74 -2.75 54.94
N GLY T 36 8.56 -1.70 54.14
CA GLY T 36 9.69 -1.09 53.45
C GLY T 36 10.30 0.05 54.26
N LEU T 37 9.45 0.99 54.68
CA LEU T 37 9.89 2.18 55.39
C LEU T 37 10.49 1.87 56.75
N ILE T 38 9.85 0.99 57.50
CA ILE T 38 10.38 0.62 58.81
C ILE T 38 11.67 -0.15 58.59
N LYS T 39 11.66 -1.01 57.58
CA LYS T 39 12.85 -1.76 57.20
C LYS T 39 13.97 -0.83 56.77
N ALA T 40 13.59 0.30 56.19
CA ALA T 40 14.53 1.29 55.70
C ALA T 40 15.24 2.01 56.85
N GLY T 41 14.74 1.83 58.07
CA GLY T 41 15.37 2.46 59.23
C GLY T 41 14.40 3.35 60.01
N ALA T 42 13.20 3.56 59.48
CA ALA T 42 12.22 4.38 60.17
C ALA T 42 11.55 3.56 61.26
N THR T 43 11.05 4.23 62.31
CA THR T 43 10.37 3.52 63.38
C THR T 43 9.25 4.34 63.98
N ASP T 44 8.17 3.66 64.35
CA ASP T 44 7.02 4.27 65.00
C ASP T 44 6.55 5.56 64.31
N ALA T 45 6.62 6.66 65.05
CA ALA T 45 6.15 7.96 64.57
C ALA T 45 6.92 8.42 63.34
N ASN T 46 8.13 7.92 63.17
CA ASN T 46 8.95 8.30 62.03
C ASN T 46 8.29 7.85 60.74
N PHE T 47 7.41 6.86 60.84
CA PHE T 47 6.70 6.36 59.68
C PHE T 47 5.99 7.52 59.00
N MET T 48 5.18 8.24 59.74
CA MET T 48 4.46 9.39 59.21
C MET T 48 5.41 10.54 58.92
N LYS T 49 6.38 10.76 59.80
CA LYS T 49 7.32 11.86 59.64
C LYS T 49 8.04 11.80 58.31
N VAL T 50 8.56 10.62 57.99
CA VAL T 50 9.29 10.44 56.75
C VAL T 50 8.37 10.59 55.55
N LEU T 51 7.17 10.04 55.65
CA LEU T 51 6.22 10.16 54.57
C LEU T 51 5.82 11.61 54.36
N LEU T 52 5.76 12.37 55.45
CA LEU T 52 5.48 13.80 55.35
C LEU T 52 6.62 14.48 54.61
N GLY T 53 7.85 14.02 54.86
CA GLY T 53 8.99 14.56 54.15
C GLY T 53 8.78 14.37 52.67
N LEU T 54 8.39 13.16 52.27
CA LEU T 54 8.12 12.87 50.87
C LEU T 54 6.96 13.67 50.33
N SER T 55 5.93 13.87 51.16
CA SER T 55 4.78 14.65 50.72
C SER T 55 5.21 16.07 50.43
N LEU T 56 6.14 16.57 51.23
CA LEU T 56 6.69 17.90 51.04
C LEU T 56 7.50 17.92 49.76
N GLU T 57 8.18 16.81 49.48
CA GLU T 57 8.95 16.68 48.26
C GLU T 57 8.01 16.59 47.08
N ALA T 58 6.92 15.85 47.26
CA ALA T 58 5.91 15.70 46.22
C ALA T 58 5.28 17.03 45.90
N PHE T 59 5.20 17.88 46.91
CA PHE T 59 4.66 19.22 46.77
C PHE T 59 5.48 19.99 45.74
N ASP T 60 6.81 19.81 45.81
CA ASP T 60 7.71 20.47 44.88
C ASP T 60 8.19 19.56 43.74
N ARG T 61 7.87 18.27 43.82
CA ARG T 61 8.32 17.35 42.78
C ARG T 61 7.19 16.60 42.10
N GLY T 62 6.62 15.62 42.78
CA GLY T 62 5.54 14.82 42.22
C GLY T 62 5.72 13.34 42.53
N SER T 63 5.04 12.49 41.75
CA SER T 63 5.11 11.02 41.91
C SER T 63 6.55 10.49 41.88
N SER T 64 6.97 9.95 40.74
CA SER T 64 8.32 9.42 40.63
C SER T 64 9.34 10.54 40.77
N GLU T 65 8.89 11.77 40.59
CA GLU T 65 9.77 12.91 40.75
C GLU T 65 10.30 12.97 42.17
N ALA T 66 9.41 12.89 43.16
CA ALA T 66 9.84 12.89 44.54
C ALA T 66 10.59 11.60 44.85
N THR T 67 10.28 10.54 44.10
CA THR T 67 10.97 9.27 44.27
C THR T 67 12.44 9.41 43.93
N THR T 68 12.74 10.19 42.90
CA THR T 68 14.12 10.42 42.50
C THR T 68 14.82 11.38 43.46
N TRP T 69 14.03 12.23 44.13
CA TRP T 69 14.60 13.17 45.08
C TRP T 69 15.24 12.46 46.27
N ASP T 70 16.51 12.78 46.51
CA ASP T 70 17.28 12.20 47.60
C ASP T 70 17.19 13.05 48.85
N GLY T 71 17.98 12.70 49.87
CA GLY T 71 18.01 13.45 51.11
C GLY T 71 17.50 12.61 52.26
N ILE T 72 18.33 12.47 53.29
CA ILE T 72 17.98 11.69 54.45
C ILE T 72 17.10 12.48 55.39
N THR T 73 15.91 11.94 55.65
CA THR T 73 14.96 12.56 56.54
C THR T 73 15.26 12.16 57.97
N GLU T 74 14.36 12.51 58.87
CA GLU T 74 14.51 12.14 60.27
C GLU T 74 14.55 10.63 60.45
N GLY T 75 14.02 9.89 59.46
CA GLY T 75 14.02 8.43 59.55
C GLY T 75 14.91 7.79 58.48
N VAL T 76 14.83 8.27 57.24
CA VAL T 76 15.60 7.65 56.16
C VAL T 76 15.54 8.48 54.87
N GLU T 77 16.45 8.19 53.94
CA GLU T 77 16.49 8.84 52.65
C GLU T 77 15.14 8.82 51.95
N HIS T 78 14.79 9.95 51.34
CA HIS T 78 13.52 10.09 50.64
C HIS T 78 13.32 8.99 49.62
N ARG T 79 14.37 8.69 48.87
CA ARG T 79 14.31 7.67 47.85
C ARG T 79 14.03 6.30 48.45
N ALA T 80 14.66 6.02 49.59
CA ALA T 80 14.46 4.74 50.26
C ALA T 80 13.01 4.60 50.71
N ALA T 81 12.47 5.69 51.27
CA ALA T 81 11.09 5.71 51.71
C ALA T 81 10.16 5.60 50.51
N ALA T 82 10.55 6.23 49.41
CA ALA T 82 9.78 6.18 48.19
C ALA T 82 9.71 4.76 47.68
N ASN T 83 10.81 4.03 47.85
CA ASN T 83 10.86 2.65 47.43
C ASN T 83 9.85 1.83 48.21
N ALA T 84 9.72 2.13 49.50
CA ALA T 84 8.75 1.45 50.35
C ALA T 84 7.34 1.67 49.83
N ILE T 85 7.07 2.89 49.39
CA ILE T 85 5.77 3.22 48.83
C ILE T 85 5.54 2.42 47.56
N LYS T 86 6.60 2.30 46.75
CA LYS T 86 6.54 1.51 45.53
C LYS T 86 6.35 0.04 45.85
N GLU T 87 6.93 -0.42 46.95
CA GLU T 87 6.77 -1.81 47.39
C GLU T 87 5.30 -2.09 47.69
N ALA T 88 4.60 -1.06 48.16
CA ALA T 88 3.17 -1.17 48.47
C ALA T 88 2.33 -1.02 47.20
N ASN T 89 2.99 -0.86 46.05
CA ASN T 89 2.33 -0.70 44.77
C ASN T 89 1.56 0.61 44.70
N CYS T 90 2.10 1.64 45.34
CA CYS T 90 1.49 2.96 45.32
C CYS T 90 2.45 4.02 44.84
N PRO T 91 1.92 5.09 44.27
CA PRO T 91 2.75 6.26 43.92
C PRO T 91 2.88 7.12 45.17
N ILE T 92 3.92 7.96 45.21
CA ILE T 92 4.09 8.84 46.36
C ILE T 92 2.87 9.72 46.52
N HIS T 93 2.27 10.09 45.39
CA HIS T 93 1.06 10.89 45.39
C HIS T 93 -0.04 10.21 46.18
N LYS T 94 -0.11 8.88 46.11
CA LYS T 94 -1.13 8.13 46.83
C LYS T 94 -1.02 8.40 48.32
N VAL T 95 0.21 8.36 48.83
CA VAL T 95 0.45 8.65 50.24
C VAL T 95 0.24 10.13 50.51
N THR T 96 0.70 10.95 49.58
CA THR T 96 0.60 12.39 49.70
C THR T 96 -0.84 12.85 49.75
N TYR T 97 -1.72 12.13 49.04
CA TYR T 97 -3.14 12.48 49.06
C TYR T 97 -3.67 12.43 50.47
N TYR T 98 -3.22 11.42 51.22
CA TYR T 98 -3.60 11.26 52.62
C TYR T 98 -2.98 12.35 53.48
N LEU T 99 -1.73 12.68 53.18
CA LEU T 99 -0.99 13.68 53.94
C LEU T 99 -0.90 15.00 53.20
N ALA T 100 -1.90 15.28 52.36
CA ALA T 100 -1.90 16.50 51.57
C ALA T 100 -2.13 17.75 52.42
N LYS T 101 -3.10 17.68 53.32
CA LYS T 101 -3.46 18.85 54.13
C LYS T 101 -2.36 19.25 55.11
N PRO T 102 -1.82 18.29 55.86
CA PRO T 102 -0.75 18.58 56.82
C PRO T 102 0.46 19.10 56.07
N THR T 103 0.69 18.54 54.88
CA THR T 103 1.81 18.95 54.04
C THR T 103 1.65 20.40 53.60
N PHE T 104 0.47 20.71 53.08
CA PHE T 104 0.16 22.06 52.67
C PHE T 104 0.19 22.99 53.86
N ALA T 105 -0.32 22.49 54.98
CA ALA T 105 -0.37 23.26 56.22
C ALA T 105 1.02 23.66 56.67
N ILE T 106 1.98 22.75 56.52
CA ILE T 106 3.35 23.03 56.90
C ILE T 106 3.88 24.19 56.08
N ARG T 107 3.79 24.05 54.77
CA ARG T 107 4.29 25.05 53.85
C ARG T 107 3.50 26.35 53.94
N GLN T 108 2.21 26.24 54.23
CA GLN T 108 1.39 27.44 54.34
C GLN T 108 1.83 28.26 55.53
N SER T 109 2.19 27.60 56.62
CA SER T 109 2.67 28.28 57.80
C SER T 109 4.11 28.77 57.62
N LYS T 110 4.86 28.07 56.78
CA LYS T 110 6.24 28.44 56.51
C LYS T 110 6.34 29.30 55.25
N ASN T 111 5.21 29.52 54.59
CA ASN T 111 5.15 30.32 53.37
C ASN T 111 6.06 29.78 52.28
N LEU T 112 6.01 28.46 52.08
CA LEU T 112 6.84 27.82 51.06
C LEU T 112 5.99 27.34 49.88
N PRO T 113 5.85 28.19 48.88
CA PRO T 113 5.03 27.88 47.71
C PRO T 113 5.66 26.77 46.89
N PRO T 114 4.86 26.15 46.04
CA PRO T 114 5.34 25.03 45.22
C PRO T 114 6.44 25.47 44.28
N ALA T 115 7.51 24.69 44.24
CA ALA T 115 8.67 25.00 43.41
C ALA T 115 8.37 24.82 41.93
N ASN T 116 7.33 24.05 41.62
CA ASN T 116 6.97 23.81 40.23
C ASN T 116 5.96 24.83 39.74
N PHE T 117 5.67 25.81 40.59
CA PHE T 117 4.78 26.91 40.24
C PHE T 117 5.26 27.59 38.98
N ALA T 118 6.55 27.90 38.94
CA ALA T 118 7.19 28.53 37.81
C ALA T 118 7.10 27.67 36.56
N LYS T 119 7.37 26.38 36.73
CA LYS T 119 7.38 25.43 35.62
C LYS T 119 6.02 25.31 34.97
N LYS T 120 4.98 25.35 35.80
CA LYS T 120 3.62 25.19 35.33
C LYS T 120 3.03 26.49 34.83
N ASN T 121 3.78 27.58 34.95
CA ASN T 121 3.32 28.89 34.50
C ASN T 121 2.01 29.28 35.17
N VAL T 122 1.84 28.84 36.41
CA VAL T 122 0.63 29.15 37.16
C VAL T 122 0.63 30.62 37.56
N PRO T 123 -0.47 31.31 37.30
CA PRO T 123 -0.58 32.73 37.64
C PRO T 123 -0.30 32.94 39.12
N SER T 124 0.32 34.06 39.45
CA SER T 124 0.66 34.39 40.83
C SER T 124 -0.59 34.45 41.70
N GLN T 125 -1.72 34.77 41.06
CA GLN T 125 -3.00 34.79 41.74
C GLN T 125 -3.31 33.43 42.33
N TYR T 126 -2.80 32.39 41.67
CA TYR T 126 -3.02 31.02 42.07
C TYR T 126 -1.71 30.35 42.50
N LYS T 127 -0.85 31.13 43.15
CA LYS T 127 0.45 30.64 43.58
C LYS T 127 0.38 29.38 44.43
N TRP T 128 -0.63 29.28 45.27
CA TRP T 128 -0.77 28.12 46.14
C TRP T 128 -1.72 27.07 45.56
N CYS T 129 -2.06 27.23 44.29
CA CYS T 129 -2.96 26.28 43.65
C CYS T 129 -2.19 25.17 42.93
N ALA T 130 -0.89 25.39 42.76
CA ALA T 130 -0.06 24.38 42.10
C ALA T 130 0.32 23.27 43.06
N PHE T 131 -0.67 22.47 43.44
CA PHE T 131 -0.46 21.36 44.37
C PHE T 131 -1.05 20.07 43.81
N ASP T 132 -0.19 19.12 43.47
CA ASP T 132 -0.62 17.87 42.87
C ASP T 132 -1.65 17.12 43.72
N ALA T 133 -1.44 17.12 45.04
CA ALA T 133 -2.34 16.43 45.94
C ALA T 133 -3.38 17.37 46.53
N PHE T 134 -3.78 18.38 45.77
CA PHE T 134 -4.78 19.32 46.24
C PHE T 134 -6.10 18.64 46.58
N ASP T 135 -6.35 17.48 46.00
CA ASP T 135 -7.59 16.77 46.25
C ASP T 135 -7.68 16.34 47.71
N GLY T 136 -6.53 16.16 48.34
CA GLY T 136 -6.49 15.77 49.75
C GLY T 136 -6.98 16.90 50.64
N LEU T 137 -6.99 18.12 50.09
CA LEU T 137 -7.46 19.29 50.83
C LEU T 137 -8.96 19.23 51.03
N TYR T 138 -9.62 18.41 50.23
CA TYR T 138 -11.06 18.24 50.28
C TYR T 138 -11.43 16.85 50.77
N ASP T 139 -10.53 15.90 50.56
CA ASP T 139 -10.75 14.52 50.93
C ASP T 139 -11.02 14.38 52.42
N PRO T 140 -12.19 13.84 52.77
CA PRO T 140 -12.62 13.70 54.17
C PRO T 140 -11.74 12.74 54.97
N THR T 141 -11.01 11.87 54.28
CA THR T 141 -10.17 10.91 54.97
C THR T 141 -8.74 11.43 55.14
N CYS T 142 -8.44 12.55 54.48
CA CYS T 142 -7.11 13.12 54.55
C CYS T 142 -6.78 13.64 55.95
N LEU T 143 -5.57 13.34 56.41
CA LEU T 143 -5.09 13.76 57.72
C LEU T 143 -4.98 15.28 57.79
N ALA T 144 -5.18 15.84 58.98
CA ALA T 144 -5.08 17.30 59.16
C ALA T 144 -5.36 17.71 60.59
N SER T 145 -4.29 18.11 61.28
CA SER T 145 -4.40 18.57 62.66
C SER T 145 -4.76 20.04 62.72
N GLU T 146 -4.45 20.78 61.66
CA GLU T 146 -4.74 22.21 61.57
C GLU T 146 -4.21 22.81 60.28
N LEU T 147 -5.10 23.41 59.50
CA LEU T 147 -4.73 24.05 58.25
C LEU T 147 -4.75 25.57 58.41
N PRO T 148 -3.58 26.20 58.27
CA PRO T 148 -3.43 27.66 58.45
C PRO T 148 -4.31 28.48 57.50
N TYR T 149 -4.53 27.98 56.29
CA TYR T 149 -5.34 28.71 55.33
C TYR T 149 -6.30 27.80 54.59
N ASP T 150 -7.53 28.26 54.42
CA ASP T 150 -8.55 27.50 53.73
C ASP T 150 -8.31 27.47 52.24
N ALA T 151 -7.33 26.66 51.83
CA ALA T 151 -6.99 26.47 50.43
C ALA T 151 -8.15 25.82 49.68
N PRO T 152 -9.00 25.09 50.40
CA PRO T 152 -10.18 24.49 49.76
C PRO T 152 -11.13 25.52 49.15
N SER T 153 -10.98 26.80 49.53
CA SER T 153 -11.85 27.86 49.03
C SER T 153 -12.27 27.63 47.58
N GLU T 154 -13.55 27.84 47.31
CA GLU T 154 -14.13 27.60 45.99
C GLU T 154 -13.36 28.31 44.88
N ILE T 155 -12.90 29.53 45.15
CA ILE T 155 -12.12 30.25 44.16
C ILE T 155 -10.85 29.47 43.86
N ASP T 156 -10.22 28.97 44.92
CA ASP T 156 -9.03 28.16 44.79
C ASP T 156 -9.37 26.82 44.17
N ARG T 157 -10.60 26.36 44.40
CA ARG T 157 -11.07 25.10 43.85
C ARG T 157 -11.19 25.17 42.34
N MET T 158 -11.70 26.28 41.84
CA MET T 158 -11.79 26.47 40.41
C MET T 158 -10.38 26.68 39.86
N ALA T 159 -9.53 27.30 40.67
CA ALA T 159 -8.13 27.46 40.31
C ALA T 159 -7.47 26.10 40.29
N TYR T 160 -7.90 25.22 41.21
CA TYR T 160 -7.40 23.86 41.27
C TYR T 160 -7.88 23.10 40.06
N ALA T 161 -9.06 23.44 39.57
CA ALA T 161 -9.57 22.84 38.34
C ALA T 161 -8.68 23.28 37.19
N THR T 162 -8.29 24.55 37.19
CA THR T 162 -7.38 25.05 36.17
C THR T 162 -6.07 24.31 36.32
N PHE T 163 -5.67 24.08 37.56
CA PHE T 163 -4.48 23.30 37.86
C PHE T 163 -4.64 21.88 37.34
N LYS T 164 -5.85 21.35 37.44
CA LYS T 164 -6.13 20.01 36.92
C LYS T 164 -5.85 19.98 35.43
N THR T 165 -6.12 21.09 34.73
CA THR T 165 -5.83 21.17 33.31
C THR T 165 -4.35 20.93 33.08
N ILE T 166 -3.52 21.46 33.98
CA ILE T 166 -2.08 21.25 33.89
C ILE T 166 -1.79 19.76 34.02
N GLN T 167 -2.43 19.14 34.99
CA GLN T 167 -2.25 17.73 35.26
C GLN T 167 -2.71 16.92 34.05
N ILE T 168 -3.80 17.36 33.43
CA ILE T 168 -4.33 16.72 32.24
C ILE T 168 -3.39 16.88 31.07
N LYS T 169 -2.87 18.09 30.91
CA LYS T 169 -1.94 18.39 29.83
C LYS T 169 -0.74 17.47 29.88
N ILE T 170 -0.13 17.39 31.06
CA ILE T 170 1.04 16.56 31.22
C ILE T 170 0.67 15.10 31.01
N ALA T 171 -0.54 14.73 31.44
CA ALA T 171 -1.02 13.39 31.20
C ALA T 171 -1.09 13.14 29.71
N ASN T 172 -1.58 14.12 28.97
CA ASN T 172 -1.65 13.99 27.52
C ASN T 172 -0.25 13.90 26.94
N ASP T 173 0.69 14.60 27.59
CA ASP T 173 2.07 14.62 27.15
C ASP T 173 2.79 13.29 27.41
N GLN T 174 2.40 12.59 28.48
CA GLN T 174 3.05 11.33 28.82
C GLN T 174 2.09 10.14 28.84
N LYS T 175 0.95 10.31 29.51
CA LYS T 175 -0.05 9.25 29.57
C LYS T 175 -0.66 9.03 28.19
N GLY T 176 -0.64 10.09 27.38
CA GLY T 176 -1.17 10.04 26.03
C GLY T 176 -0.30 9.21 25.09
N PHE T 177 0.86 8.77 25.57
CA PHE T 177 1.74 7.93 24.76
C PHE T 177 0.98 6.69 24.33
N ASN T 178 1.06 6.38 23.04
CA ASN T 178 0.32 5.26 22.49
C ASN T 178 1.03 3.93 22.68
N LEU T 179 0.57 3.16 23.65
CA LEU T 179 1.13 1.83 23.87
C LEU T 179 0.48 0.85 22.90
N ASN T 180 0.87 0.97 21.63
CA ASN T 180 0.31 0.17 20.56
C ASN T 180 1.03 -1.17 20.38
N TYR T 181 2.04 -1.42 21.19
CA TYR T 181 2.72 -2.70 21.11
C TYR T 181 3.43 -3.03 22.40
N ASN T 182 3.65 -4.33 22.61
CA ASN T 182 4.39 -4.78 23.76
C ASN T 182 5.75 -5.30 23.34
N PRO T 183 5.79 -6.39 22.55
CA PRO T 183 7.05 -7.02 22.18
C PRO T 183 7.77 -6.27 21.06
N ASN T 184 8.02 -4.99 21.27
CA ASN T 184 8.75 -4.17 20.31
C ASN T 184 8.21 -4.25 18.89
N VAL T 185 6.90 -4.17 18.71
CA VAL T 185 6.34 -4.20 17.36
C VAL T 185 6.45 -2.83 16.70
N THR T 186 7.68 -2.47 16.36
CA THR T 186 7.96 -1.19 15.72
C THR T 186 7.56 -1.20 14.27
N GLN T 187 7.35 -2.39 13.73
CA GLN T 187 6.91 -2.53 12.35
C GLN T 187 5.49 -2.02 12.19
N ALA T 188 4.71 -2.04 13.26
CA ALA T 188 3.37 -1.49 13.23
C ALA T 188 3.46 0.01 13.36
N ARG T 189 4.16 0.45 14.41
CA ARG T 189 4.42 1.87 14.65
C ARG T 189 5.78 2.05 15.28
N LEU T 190 6.59 2.89 14.66
CA LEU T 190 7.95 3.14 15.12
C LEU T 190 8.00 3.94 16.40
N PRO T 191 9.09 3.79 17.13
CA PRO T 191 9.31 4.54 18.38
C PRO T 191 9.24 6.03 18.09
N ASN T 192 8.59 6.77 18.98
CA ASN T 192 8.46 8.21 18.85
C ASN T 192 7.66 8.64 17.62
N ALA T 193 6.94 7.69 17.01
CA ALA T 193 6.09 8.01 15.88
C ALA T 193 4.89 8.85 16.33
N PRO T 194 4.46 8.67 17.58
CA PRO T 194 3.34 9.46 18.12
C PRO T 194 3.69 10.94 18.26
N LEU T 195 4.97 11.29 18.14
CA LEU T 195 5.35 12.69 18.27
C LEU T 195 4.60 13.56 17.28
N PRO T 196 3.97 14.62 17.77
CA PRO T 196 3.22 15.54 16.92
C PRO T 196 4.10 16.16 15.84
N ALA T 197 3.52 16.35 14.67
CA ALA T 197 4.24 16.95 13.55
C ALA T 197 4.54 18.41 13.85
N LEU T 198 5.59 18.94 13.24
CA LEU T 198 5.97 20.32 13.45
C LEU T 198 4.89 21.25 12.92
N PRO T 199 4.62 22.34 13.65
CA PRO T 199 3.57 23.28 13.28
C PRO T 199 3.93 24.03 12.01
N GLU T 200 2.93 24.20 11.15
CA GLU T 200 3.09 24.93 9.90
C GLU T 200 2.98 26.42 10.16
N PRO T 201 3.51 27.24 9.27
CA PRO T 201 3.42 28.69 9.41
C PRO T 201 2.07 29.23 8.94
N THR T 202 1.35 28.44 8.17
CA THR T 202 0.06 28.87 7.63
C THR T 202 -1.06 28.64 8.64
N SER T 203 -2.17 29.36 8.46
CA SER T 203 -3.31 29.25 9.35
C SER T 203 -4.11 27.98 9.11
N ASP T 204 -3.95 27.41 7.93
CA ASP T 204 -4.68 26.20 7.57
C ASP T 204 -3.75 25.15 6.99
N GLN U 1 -41.51 -36.30 12.03
CA GLN U 1 -40.61 -35.15 11.94
C GLN U 1 -40.33 -34.58 13.32
N PRO U 2 -39.48 -35.24 14.09
CA PRO U 2 -39.18 -34.82 15.46
C PRO U 2 -38.57 -33.44 15.52
N TRP U 3 -37.87 -33.04 14.46
CA TRP U 3 -37.23 -31.74 14.42
C TRP U 3 -38.24 -30.62 14.22
N GLU U 4 -39.45 -30.97 13.78
CA GLU U 4 -40.50 -29.98 13.58
C GLU U 4 -41.27 -29.72 14.86
N ALA U 5 -41.04 -30.57 15.86
CA ALA U 5 -41.75 -30.44 17.13
C ALA U 5 -41.19 -29.29 17.96
N ILE U 6 -42.04 -28.70 18.78
CA ILE U 6 -41.63 -27.63 19.67
C ILE U 6 -41.09 -28.24 20.95
N PHE U 7 -39.86 -27.90 21.31
CA PHE U 7 -39.22 -28.49 22.47
C PHE U 7 -39.84 -28.03 23.79
N THR U 8 -40.42 -26.84 23.78
CA THR U 8 -41.07 -26.28 24.97
C THR U 8 -40.03 -25.80 26.00
N LYS U 9 -40.15 -24.53 26.39
CA LYS U 9 -39.21 -23.91 27.32
C LYS U 9 -39.11 -24.66 28.63
N ASP U 10 -40.22 -25.23 29.08
CA ASP U 10 -40.24 -26.00 30.32
C ASP U 10 -39.22 -27.11 30.28
N ASP U 11 -39.04 -27.69 29.09
CA ASP U 11 -38.09 -28.77 28.90
C ASP U 11 -36.67 -28.22 28.71
N LEU U 12 -36.57 -27.04 28.09
CA LEU U 12 -35.26 -26.41 27.89
C LEU U 12 -34.61 -26.10 29.23
N ALA U 13 -35.41 -25.59 30.16
CA ALA U 13 -34.93 -25.24 31.49
C ALA U 13 -34.58 -26.47 32.31
N ALA U 14 -35.14 -27.61 31.91
CA ALA U 14 -34.90 -28.87 32.60
C ALA U 14 -33.57 -29.50 32.20
N ILE U 15 -32.94 -28.97 31.17
CA ILE U 15 -31.67 -29.52 30.69
C ILE U 15 -30.53 -29.23 31.66
N GLU U 16 -30.42 -27.97 32.09
CA GLU U 16 -29.37 -27.56 33.04
C GLU U 16 -27.99 -28.05 32.62
N PRO U 17 -27.55 -27.62 31.45
CA PRO U 17 -26.25 -28.03 30.90
C PRO U 17 -25.09 -27.33 31.59
N LYS U 18 -23.89 -27.83 31.32
CA LYS U 18 -22.66 -27.24 31.86
C LYS U 18 -21.77 -26.77 30.72
N PRO U 19 -21.08 -25.65 30.91
CA PRO U 19 -20.17 -25.13 29.88
C PRO U 19 -19.11 -26.19 29.57
N ALA U 20 -18.71 -26.27 28.31
CA ALA U 20 -17.74 -27.28 27.88
C ALA U 20 -16.57 -26.66 27.14
N SER U 21 -15.65 -26.08 27.89
CA SER U 21 -14.46 -25.48 27.31
C SER U 21 -13.50 -26.54 26.78
N ALA U 22 -12.84 -26.23 25.68
CA ALA U 22 -11.87 -27.14 25.09
C ALA U 22 -10.45 -26.78 25.49
N ASN U 23 -10.31 -25.75 26.32
CA ASN U 23 -8.98 -25.35 26.77
C ASN U 23 -8.64 -26.04 28.09
N VAL U 24 -9.43 -27.03 28.44
CA VAL U 24 -9.17 -27.81 29.64
C VAL U 24 -9.00 -29.27 29.24
N PRO U 25 -8.18 -30.00 30.00
CA PRO U 25 -7.94 -31.41 29.71
C PRO U 25 -9.25 -32.19 29.72
N ASN U 26 -9.38 -33.13 28.81
CA ASN U 26 -10.56 -34.00 28.77
C ASN U 26 -10.59 -34.84 30.03
N THR U 27 -11.79 -35.27 30.42
CA THR U 27 -11.92 -36.10 31.61
C THR U 27 -10.91 -37.24 31.60
N LYS U 28 -10.79 -37.91 30.45
CA LYS U 28 -9.84 -39.01 30.33
C LYS U 28 -8.41 -38.51 30.38
N GLN U 29 -8.21 -37.27 29.96
CA GLN U 29 -6.87 -36.67 30.01
C GLN U 29 -6.54 -36.28 31.44
N TRP U 30 -7.56 -35.86 32.18
CA TRP U 30 -7.38 -35.57 33.60
C TRP U 30 -6.95 -36.84 34.30
N ILE U 31 -7.56 -37.94 33.89
CA ILE U 31 -7.22 -39.25 34.40
C ILE U 31 -5.82 -39.64 33.97
N GLY U 32 -5.49 -39.31 32.72
CA GLY U 32 -4.15 -39.57 32.21
C GLY U 32 -3.13 -38.83 33.07
N ILE U 33 -3.46 -37.61 33.46
CA ILE U 33 -2.59 -36.83 34.33
C ILE U 33 -2.45 -37.55 35.66
N GLN U 34 -3.56 -38.09 36.17
CA GLN U 34 -3.53 -38.84 37.42
C GLN U 34 -2.63 -40.06 37.27
N ALA U 35 -2.77 -40.75 36.14
CA ALA U 35 -1.99 -41.94 35.89
C ALA U 35 -0.50 -41.63 35.95
N GLY U 36 -0.14 -40.42 35.53
CA GLY U 36 1.26 -40.01 35.56
C GLY U 36 1.63 -39.31 36.87
N LEU U 37 0.84 -38.30 37.23
CA LEU U 37 1.10 -37.49 38.41
C LEU U 37 0.98 -38.26 39.70
N ILE U 38 -0.06 -39.08 39.82
CA ILE U 38 -0.22 -39.87 41.02
C ILE U 38 0.90 -40.91 41.07
N LYS U 39 1.20 -41.47 39.90
CA LYS U 39 2.31 -42.42 39.76
C LYS U 39 3.63 -41.77 40.12
N ALA U 40 3.72 -40.46 39.84
CA ALA U 40 4.94 -39.70 40.11
C ALA U 40 5.16 -39.49 41.60
N GLY U 41 4.15 -39.80 42.42
CA GLY U 41 4.29 -39.67 43.86
C GLY U 41 3.23 -38.75 44.48
N ALA U 42 2.44 -38.09 43.64
CA ALA U 42 1.39 -37.22 44.15
C ALA U 42 0.18 -38.05 44.57
N THR U 43 -0.59 -37.54 45.51
CA THR U 43 -1.79 -38.25 45.95
C THR U 43 -2.92 -37.31 46.33
N ASP U 44 -4.13 -37.73 46.00
CA ASP U 44 -5.35 -37.00 46.36
C ASP U 44 -5.26 -35.51 46.01
N ALA U 45 -5.34 -34.66 47.05
CA ALA U 45 -5.35 -33.22 46.89
C ALA U 45 -4.05 -32.71 46.27
N ASN U 46 -2.98 -33.49 46.40
CA ASN U 46 -1.70 -33.08 45.83
C ASN U 46 -1.78 -33.02 44.32
N PHE U 47 -2.77 -33.72 43.76
CA PHE U 47 -2.96 -33.70 42.32
C PHE U 47 -3.11 -32.27 41.84
N MET U 48 -4.04 -31.54 42.43
CA MET U 48 -4.25 -30.15 42.09
C MET U 48 -3.11 -29.27 42.57
N LYS U 49 -2.61 -29.55 43.77
CA LYS U 49 -1.54 -28.76 44.35
C LYS U 49 -0.32 -28.71 43.44
N VAL U 50 0.10 -29.87 42.96
CA VAL U 50 1.26 -29.95 42.10
C VAL U 50 1.00 -29.27 40.78
N LEU U 51 -0.19 -29.46 40.23
CA LEU U 51 -0.55 -28.84 38.97
C LEU U 51 -0.58 -27.32 39.13
N LEU U 52 -0.98 -26.85 40.30
CA LEU U 52 -0.96 -25.43 40.58
C LEU U 52 0.46 -24.94 40.60
N GLY U 53 1.37 -25.77 41.11
CA GLY U 53 2.78 -25.43 41.10
C GLY U 53 3.22 -25.19 39.68
N LEU U 54 2.86 -26.11 38.79
CA LEU U 54 3.19 -25.99 37.38
C LEU U 54 2.52 -24.78 36.74
N SER U 55 1.29 -24.50 37.15
CA SER U 55 0.59 -23.35 36.60
C SER U 55 1.31 -22.07 36.98
N LEU U 56 1.87 -22.06 38.18
CA LEU U 56 2.64 -20.94 38.65
C LEU U 56 3.93 -20.85 37.86
N GLU U 57 4.48 -22.01 37.51
CA GLU U 57 5.67 -22.05 36.69
C GLU U 57 5.34 -21.59 35.28
N ALA U 58 4.18 -22.00 34.79
CA ALA U 58 3.73 -21.63 33.46
C ALA U 58 3.52 -20.14 33.40
N PHE U 59 3.14 -19.56 34.53
CA PHE U 59 2.93 -18.13 34.64
C PHE U 59 4.23 -17.40 34.32
N ASP U 60 5.34 -17.95 34.81
CA ASP U 60 6.65 -17.38 34.55
C ASP U 60 7.43 -18.09 33.45
N ARG U 61 6.92 -19.23 32.96
CA ARG U 61 7.62 -19.97 31.93
C ARG U 61 6.81 -20.18 30.66
N GLY U 62 5.85 -21.10 30.72
CA GLY U 62 5.01 -21.39 29.56
C GLY U 62 4.81 -22.90 29.40
N SER U 63 4.43 -23.32 28.20
CA SER U 63 4.18 -24.73 27.87
C SER U 63 5.38 -25.62 28.22
N SER U 64 6.17 -25.98 27.20
CA SER U 64 7.34 -26.84 27.44
C SER U 64 8.34 -26.11 28.31
N GLU U 65 8.23 -24.80 28.39
CA GLU U 65 9.10 -24.01 29.23
C GLU U 65 8.97 -24.45 30.68
N ALA U 66 7.73 -24.51 31.17
CA ALA U 66 7.49 -24.96 32.54
C ALA U 66 7.83 -26.43 32.66
N THR U 67 7.72 -27.16 31.54
CA THR U 67 8.05 -28.57 31.52
C THR U 67 9.53 -28.77 31.83
N THR U 68 10.37 -27.89 31.29
CA THR U 68 11.80 -27.97 31.54
C THR U 68 12.14 -27.50 32.95
N TRP U 69 11.28 -26.66 33.53
CA TRP U 69 11.52 -26.16 34.87
C TRP U 69 11.45 -27.29 35.90
N ASP U 70 12.52 -27.40 36.68
CA ASP U 70 12.63 -28.41 37.73
C ASP U 70 12.12 -27.89 39.07
N GLY U 71 12.33 -28.67 40.12
CA GLY U 71 11.92 -28.28 41.46
C GLY U 71 10.84 -29.20 41.99
N ILE U 72 11.10 -29.78 43.15
CA ILE U 72 10.14 -30.69 43.76
C ILE U 72 9.08 -29.93 44.51
N THR U 73 7.84 -30.16 44.11
CA THR U 73 6.70 -29.53 44.73
C THR U 73 6.28 -30.32 45.95
N GLU U 74 5.14 -29.95 46.51
CA GLU U 74 4.60 -30.67 47.65
C GLU U 74 4.32 -32.13 47.33
N GLY U 75 4.16 -32.44 46.04
CA GLY U 75 3.90 -33.80 45.62
C GLY U 75 5.05 -34.41 44.82
N VAL U 76 5.60 -33.65 43.88
CA VAL U 76 6.66 -34.18 43.02
C VAL U 76 7.30 -33.09 42.14
N GLU U 77 8.46 -33.40 41.59
CA GLU U 77 9.18 -32.51 40.69
C GLU U 77 8.29 -31.97 39.58
N HIS U 78 8.42 -30.68 39.30
CA HIS U 78 7.63 -30.03 38.27
C HIS U 78 7.72 -30.77 36.95
N ARG U 79 8.94 -31.16 36.58
CA ARG U 79 9.18 -31.85 35.33
C ARG U 79 8.45 -33.19 35.30
N ALA U 80 8.46 -33.89 36.42
CA ALA U 80 7.79 -35.18 36.51
C ALA U 80 6.29 -35.00 36.32
N ALA U 81 5.74 -33.98 36.95
CA ALA U 81 4.33 -33.67 36.83
C ALA U 81 4.02 -33.23 35.41
N ALA U 82 4.94 -32.49 34.82
CA ALA U 82 4.79 -32.03 33.45
C ALA U 82 4.74 -33.22 32.50
N ASN U 83 5.51 -34.24 32.82
CA ASN U 83 5.53 -35.46 32.01
C ASN U 83 4.16 -36.11 32.05
N ALA U 84 3.53 -36.09 33.21
CA ALA U 84 2.19 -36.66 33.38
C ALA U 84 1.21 -35.93 32.46
N ILE U 85 1.35 -34.62 32.39
CA ILE U 85 0.50 -33.81 31.53
C ILE U 85 0.74 -34.20 30.08
N LYS U 86 2.00 -34.41 29.73
CA LYS U 86 2.36 -34.83 28.39
C LYS U 86 1.83 -36.24 28.10
N GLU U 87 1.78 -37.08 29.12
CA GLU U 87 1.23 -38.42 28.98
C GLU U 87 -0.24 -38.34 28.61
N ALA U 88 -0.91 -37.31 29.09
CA ALA U 88 -2.32 -37.07 28.80
C ALA U 88 -2.49 -36.40 27.43
N ASN U 89 -1.38 -36.17 26.74
CA ASN U 89 -1.38 -35.53 25.43
C ASN U 89 -1.81 -34.08 25.51
N CYS U 90 -1.45 -33.42 26.61
CA CYS U 90 -1.78 -32.02 26.80
C CYS U 90 -0.55 -31.18 27.10
N PRO U 91 -0.60 -29.91 26.76
CA PRO U 91 0.46 -28.98 27.16
C PRO U 91 0.18 -28.51 28.58
N ILE U 92 1.19 -28.03 29.27
CA ILE U 92 0.98 -27.54 30.63
C ILE U 92 -0.03 -26.40 30.60
N HIS U 93 -0.01 -25.63 29.52
CA HIS U 93 -0.96 -24.54 29.34
C HIS U 93 -2.38 -25.04 29.40
N LYS U 94 -2.62 -26.24 28.86
CA LYS U 94 -3.94 -26.82 28.86
C LYS U 94 -4.46 -26.96 30.28
N VAL U 95 -3.61 -27.47 31.16
CA VAL U 95 -3.98 -27.59 32.57
C VAL U 95 -4.05 -26.22 33.22
N THR U 96 -3.10 -25.37 32.85
CA THR U 96 -3.01 -24.03 33.40
C THR U 96 -4.25 -23.21 33.07
N TYR U 97 -4.82 -23.45 31.89
CA TYR U 97 -6.03 -22.74 31.48
C TYR U 97 -7.13 -22.98 32.50
N TYR U 98 -7.22 -24.21 32.98
CA TYR U 98 -8.19 -24.58 34.00
C TYR U 98 -7.85 -23.96 35.33
N LEU U 99 -6.56 -23.92 35.64
CA LEU U 99 -6.09 -23.38 36.91
C LEU U 99 -5.48 -22.00 36.75
N ALA U 100 -5.94 -21.26 35.75
CA ALA U 100 -5.41 -19.93 35.46
C ALA U 100 -5.79 -18.91 36.52
N LYS U 101 -7.05 -18.91 36.93
CA LYS U 101 -7.54 -17.93 37.88
C LYS U 101 -6.94 -18.10 39.26
N PRO U 102 -6.95 -19.31 39.80
CA PRO U 102 -6.38 -19.56 41.13
C PRO U 102 -4.90 -19.24 41.10
N THR U 103 -4.25 -19.55 39.98
CA THR U 103 -2.84 -19.29 39.79
C THR U 103 -2.55 -17.80 39.84
N PHE U 104 -3.32 -17.06 39.05
CA PHE U 104 -3.20 -15.61 39.01
C PHE U 104 -3.55 -15.04 40.37
N ALA U 105 -4.58 -15.62 41.00
CA ALA U 105 -5.05 -15.18 42.30
C ALA U 105 -3.95 -15.31 43.34
N ILE U 106 -3.19 -16.39 43.27
CA ILE U 106 -2.09 -16.59 44.20
C ILE U 106 -1.08 -15.48 44.07
N ARG U 107 -0.60 -15.27 42.86
CA ARG U 107 0.39 -14.26 42.58
C ARG U 107 -0.13 -12.86 42.80
N GLN U 108 -1.42 -12.66 42.53
CA GLN U 108 -2.00 -11.35 42.71
C GLN U 108 -2.00 -10.99 44.19
N SER U 109 -2.27 -11.97 45.04
CA SER U 109 -2.26 -11.75 46.48
C SER U 109 -0.84 -11.64 47.01
N LYS U 110 0.08 -12.31 46.33
CA LYS U 110 1.49 -12.29 46.74
C LYS U 110 2.26 -11.23 45.96
N ASN U 111 1.59 -10.54 45.05
CA ASN U 111 2.19 -9.50 44.24
C ASN U 111 3.39 -10.00 43.44
N LEU U 112 3.24 -11.16 42.82
CA LEU U 112 4.31 -11.76 42.03
C LEU U 112 4.00 -11.68 40.54
N PRO U 113 4.45 -10.61 39.89
CA PRO U 113 4.20 -10.40 38.47
C PRO U 113 4.94 -11.42 37.63
N PRO U 114 4.51 -11.58 36.38
CA PRO U 114 5.12 -12.56 35.48
C PRO U 114 6.59 -12.24 35.23
N ALA U 115 7.42 -13.26 35.33
CA ALA U 115 8.86 -13.10 35.15
C ALA U 115 9.22 -12.84 33.69
N ASN U 116 8.31 -13.18 32.78
CA ASN U 116 8.56 -12.97 31.36
C ASN U 116 8.05 -11.61 30.90
N PHE U 117 7.57 -10.83 31.85
CA PHE U 117 7.11 -9.47 31.59
C PHE U 117 8.20 -8.68 30.89
N ALA U 118 9.40 -8.75 31.45
CA ALA U 118 10.56 -8.07 30.91
C ALA U 118 10.90 -8.54 29.51
N LYS U 119 10.87 -9.87 29.33
CA LYS U 119 11.21 -10.49 28.07
C LYS U 119 10.28 -10.08 26.95
N LYS U 120 9.01 -9.94 27.29
CA LYS U 120 7.98 -9.59 26.33
C LYS U 120 7.88 -8.09 26.10
N ASN U 121 8.66 -7.32 26.85
CA ASN U 121 8.66 -5.87 26.72
C ASN U 121 7.26 -5.29 26.95
N VAL U 122 6.49 -5.94 27.81
CA VAL U 122 5.15 -5.49 28.11
C VAL U 122 5.21 -4.22 28.94
N PRO U 123 4.45 -3.20 28.54
CA PRO U 123 4.42 -1.94 29.27
C PRO U 123 4.06 -2.17 30.73
N SER U 124 4.63 -1.37 31.61
CA SER U 124 4.38 -1.49 33.04
C SER U 124 2.90 -1.29 33.35
N GLN U 125 2.24 -0.53 32.48
CA GLN U 125 0.80 -0.30 32.61
C GLN U 125 0.06 -1.63 32.55
N TYR U 126 0.64 -2.58 31.82
CA TYR U 126 0.05 -3.88 31.63
C TYR U 126 0.92 -4.97 32.27
N LYS U 127 1.51 -4.65 33.41
CA LYS U 127 2.41 -5.57 34.11
C LYS U 127 1.77 -6.92 34.39
N TRP U 128 0.48 -6.93 34.72
CA TRP U 128 -0.21 -8.18 35.03
C TRP U 128 -0.95 -8.74 33.83
N CYS U 129 -0.68 -8.20 32.65
CA CYS U 129 -1.33 -8.68 31.45
C CYS U 129 -0.51 -9.75 30.74
N ALA U 130 0.75 -9.89 31.15
CA ALA U 130 1.62 -10.90 30.55
C ALA U 130 1.35 -12.26 31.16
N PHE U 131 0.19 -12.83 30.84
CA PHE U 131 -0.21 -14.13 31.36
C PHE U 131 -0.68 -15.03 30.24
N ASP U 132 0.08 -16.07 29.95
CA ASP U 132 -0.24 -16.99 28.85
C ASP U 132 -1.63 -17.59 28.96
N ALA U 133 -2.02 -17.96 30.17
CA ALA U 133 -3.34 -18.57 30.39
C ALA U 133 -4.36 -17.53 30.83
N PHE U 134 -4.23 -16.30 30.36
CA PHE U 134 -5.17 -15.25 30.71
C PHE U 134 -6.60 -15.58 30.28
N ASP U 135 -6.74 -16.46 29.29
CA ASP U 135 -8.06 -16.84 28.82
C ASP U 135 -8.85 -17.56 29.91
N GLY U 136 -8.14 -18.20 30.82
CA GLY U 136 -8.77 -18.90 31.93
C GLY U 136 -9.43 -17.92 32.89
N LEU U 137 -9.01 -16.65 32.81
CA LEU U 137 -9.56 -15.61 33.67
C LEU U 137 -10.99 -15.29 33.27
N TYR U 138 -11.34 -15.68 32.05
CA TYR U 138 -12.67 -15.44 31.51
C TYR U 138 -13.43 -16.74 31.33
N ASP U 139 -12.69 -17.83 31.18
CA ASP U 139 -13.27 -19.14 30.96
C ASP U 139 -14.19 -19.55 32.10
N PRO U 140 -15.46 -19.80 31.78
CA PRO U 140 -16.47 -20.14 32.79
C PRO U 140 -16.20 -21.47 33.49
N THR U 141 -15.39 -22.32 32.88
CA THR U 141 -15.09 -23.62 33.47
C THR U 141 -13.82 -23.57 34.31
N CYS U 142 -13.10 -22.46 34.24
CA CYS U 142 -11.85 -22.32 34.98
C CYS U 142 -12.09 -22.26 36.48
N LEU U 143 -11.27 -22.99 37.23
CA LEU U 143 -11.36 -23.04 38.69
C LEU U 143 -11.06 -21.67 39.30
N ALA U 144 -11.67 -21.38 40.44
CA ALA U 144 -11.43 -20.10 41.11
C ALA U 144 -12.24 -19.97 42.39
N SER U 145 -11.54 -20.06 43.52
CA SER U 145 -12.17 -19.93 44.82
C SER U 145 -12.29 -18.47 45.24
N GLU U 146 -11.43 -17.62 44.67
CA GLU U 146 -11.43 -16.18 44.97
C GLU U 146 -10.29 -15.47 44.24
N LEU U 147 -10.65 -14.48 43.44
CA LEU U 147 -9.67 -13.69 42.71
C LEU U 147 -9.52 -12.31 43.33
N PRO U 148 -8.33 -12.02 43.87
CA PRO U 148 -8.04 -10.75 44.56
C PRO U 148 -8.27 -9.52 43.68
N TYR U 149 -8.02 -9.64 42.39
CA TYR U 149 -8.19 -8.51 41.49
C TYR U 149 -8.86 -8.90 40.19
N ASP U 150 -9.80 -8.09 39.75
CA ASP U 150 -10.52 -8.35 38.52
C ASP U 150 -9.65 -8.09 37.29
N ALA U 151 -8.74 -9.03 37.03
CA ALA U 151 -7.85 -8.96 35.89
C ALA U 151 -8.65 -9.05 34.59
N PRO U 152 -9.82 -9.68 34.65
CA PRO U 152 -10.68 -9.76 33.46
C PRO U 152 -11.09 -8.38 32.92
N SER U 153 -10.93 -7.33 33.72
CA SER U 153 -11.31 -5.98 33.33
C SER U 153 -11.08 -5.73 31.84
N GLU U 154 -12.06 -5.10 31.19
CA GLU U 154 -12.02 -4.86 29.75
C GLU U 154 -10.76 -4.15 29.31
N ILE U 155 -10.27 -3.22 30.13
CA ILE U 155 -9.02 -2.53 29.79
C ILE U 155 -7.90 -3.54 29.76
N ASP U 156 -7.89 -4.43 30.74
CA ASP U 156 -6.91 -5.49 30.81
C ASP U 156 -7.14 -6.49 29.69
N ARG U 157 -8.40 -6.63 29.27
CA ARG U 157 -8.77 -7.54 28.21
C ARG U 157 -8.20 -7.09 26.88
N MET U 158 -8.27 -5.79 26.62
CA MET U 158 -7.67 -5.25 25.41
C MET U 158 -6.16 -5.32 25.53
N ALA U 159 -5.67 -5.18 26.76
CA ALA U 159 -4.25 -5.34 27.01
C ALA U 159 -3.87 -6.80 26.80
N TYR U 160 -4.79 -7.70 27.14
CA TYR U 160 -4.59 -9.12 26.93
C TYR U 160 -4.59 -9.41 25.43
N ALA U 161 -5.38 -8.64 24.69
CA ALA U 161 -5.38 -8.76 23.24
C ALA U 161 -4.01 -8.34 22.73
N THR U 162 -3.48 -7.27 23.29
CA THR U 162 -2.14 -6.82 22.92
C THR U 162 -1.16 -7.91 23.28
N PHE U 163 -1.40 -8.53 24.43
CA PHE U 163 -0.60 -9.66 24.87
C PHE U 163 -0.73 -10.81 23.89
N LYS U 164 -1.93 -11.00 23.35
CA LYS U 164 -2.15 -12.03 22.36
C LYS U 164 -1.25 -11.80 21.16
N THR U 165 -1.02 -10.52 20.83
CA THR U 165 -0.12 -10.19 19.72
C THR U 165 1.25 -10.78 19.99
N ILE U 166 1.68 -10.73 21.25
CA ILE U 166 2.95 -11.32 21.65
C ILE U 166 2.93 -12.80 21.37
N GLN U 167 1.83 -13.43 21.77
CA GLN U 167 1.65 -14.86 21.60
C GLN U 167 1.65 -15.20 20.11
N ILE U 168 1.02 -14.34 19.32
CA ILE U 168 0.97 -14.50 17.87
C ILE U 168 2.35 -14.34 17.26
N LYS U 169 3.07 -13.32 17.72
CA LYS U 169 4.41 -13.05 17.23
C LYS U 169 5.31 -14.25 17.42
N ILE U 170 5.32 -14.78 18.64
CA ILE U 170 6.15 -15.93 18.93
C ILE U 170 5.69 -17.13 18.12
N ALA U 171 4.38 -17.23 17.93
CA ALA U 171 3.84 -18.29 17.10
C ALA U 171 4.40 -18.15 15.69
N ASN U 172 4.45 -16.93 15.20
CA ASN U 172 5.00 -16.68 13.88
C ASN U 172 6.48 -17.03 13.87
N ASP U 173 7.13 -16.80 15.00
CA ASP U 173 8.55 -17.07 15.15
C ASP U 173 8.86 -18.57 15.21
N GLN U 174 7.94 -19.35 15.76
CA GLN U 174 8.17 -20.79 15.87
C GLN U 174 7.13 -21.62 15.13
N LYS U 175 5.86 -21.31 15.34
CA LYS U 175 4.78 -22.03 14.67
C LYS U 175 4.80 -21.74 13.18
N GLY U 176 5.35 -20.57 12.83
CA GLY U 176 5.46 -20.14 11.45
C GLY U 176 6.52 -20.94 10.69
N PHE U 177 7.26 -21.79 11.39
CA PHE U 177 8.26 -22.62 10.74
C PHE U 177 7.58 -23.46 9.66
N ASN U 178 8.18 -23.47 8.47
CA ASN U 178 7.59 -24.17 7.34
C ASN U 178 7.92 -25.65 7.34
N LEU U 179 6.97 -26.48 7.74
CA LEU U 179 7.15 -27.92 7.70
C LEU U 179 6.86 -28.42 6.29
N ASN U 180 7.78 -28.12 5.39
CA ASN U 180 7.64 -28.46 3.98
C ASN U 180 8.13 -29.85 3.65
N TYR U 181 8.64 -30.57 4.64
CA TYR U 181 9.07 -31.93 4.41
C TYR U 181 9.08 -32.75 5.67
N ASN U 182 8.98 -34.06 5.50
CA ASN U 182 9.06 -34.96 6.63
C ASN U 182 10.37 -35.74 6.60
N PRO U 183 10.57 -36.57 5.57
CA PRO U 183 11.76 -37.42 5.51
C PRO U 183 13.00 -36.66 5.05
N ASN U 184 13.33 -35.58 5.76
CA ASN U 184 14.53 -34.81 5.46
C ASN U 184 14.66 -34.39 4.00
N VAL U 185 13.59 -33.91 3.39
CA VAL U 185 13.69 -33.47 2.01
C VAL U 185 14.29 -32.07 1.92
N THR U 186 15.58 -31.99 2.20
CA THR U 186 16.30 -30.73 2.19
C THR U 186 16.59 -30.29 0.77
N GLN U 187 16.46 -31.22 -0.17
CA GLN U 187 16.65 -30.89 -1.56
C GLN U 187 15.55 -29.98 -2.08
N ALA U 188 14.39 -30.03 -1.44
CA ALA U 188 13.30 -29.14 -1.79
C ALA U 188 13.57 -27.80 -1.13
N ARG U 189 13.78 -27.83 0.18
CA ARG U 189 14.13 -26.64 0.95
C ARG U 189 15.08 -27.01 2.07
N LEU U 190 16.21 -26.30 2.11
CA LEU U 190 17.25 -26.57 3.09
C LEU U 190 16.85 -26.13 4.49
N PRO U 191 17.48 -26.75 5.49
CA PRO U 191 17.23 -26.41 6.89
C PRO U 191 17.53 -24.94 7.12
N ASN U 192 16.68 -24.28 7.88
CA ASN U 192 16.85 -22.87 8.20
C ASN U 192 16.74 -21.96 6.99
N ALA U 193 16.23 -22.49 5.88
CA ALA U 193 16.03 -21.68 4.68
C ALA U 193 14.90 -20.68 4.91
N PRO U 194 13.94 -21.02 5.77
CA PRO U 194 12.84 -20.10 6.08
C PRO U 194 13.31 -18.84 6.82
N LEU U 195 14.56 -18.85 7.31
CA LEU U 195 15.06 -17.69 8.04
C LEU U 195 14.97 -16.44 7.18
N PRO U 196 14.36 -15.39 7.73
CA PRO U 196 14.20 -14.11 7.02
C PRO U 196 15.56 -13.55 6.62
N ALA U 197 15.60 -12.92 5.45
CA ALA U 197 16.82 -12.30 4.95
C ALA U 197 17.17 -11.09 5.81
N LEU U 198 18.45 -10.76 5.83
CA LEU U 198 18.91 -9.62 6.62
C LEU U 198 18.34 -8.33 6.06
N PRO U 199 17.95 -7.43 6.96
CA PRO U 199 17.33 -6.16 6.56
C PRO U 199 18.33 -5.26 5.85
N GLU U 200 17.85 -4.62 4.79
CA GLU U 200 18.66 -3.69 4.00
C GLU U 200 18.67 -2.34 4.68
N PRO U 201 19.67 -1.52 4.37
CA PRO U 201 19.75 -0.17 4.96
C PRO U 201 18.84 0.81 4.23
N THR U 202 18.42 0.46 3.02
CA THR U 202 17.59 1.35 2.22
C THR U 202 16.11 1.22 2.59
N SER U 203 15.33 2.25 2.27
CA SER U 203 13.91 2.25 2.58
C SER U 203 13.11 1.36 1.65
N ASP U 204 13.67 1.06 0.49
CA ASP U 204 13.01 0.22 -0.49
C ASP U 204 13.92 -0.88 -0.99
N GLN V 1 58.51 21.62 -5.32
CA GLN V 1 57.14 21.12 -5.33
C GLN V 1 56.23 22.04 -6.11
N PRO V 2 56.30 21.96 -7.44
CA PRO V 2 55.52 22.84 -8.32
C PRO V 2 54.03 22.68 -8.12
N TRP V 3 53.61 21.49 -7.71
CA TRP V 3 52.19 21.23 -7.50
C TRP V 3 51.67 21.91 -6.24
N GLU V 4 52.58 22.32 -5.36
CA GLU V 4 52.19 23.00 -4.13
C GLU V 4 52.02 24.49 -4.35
N ALA V 5 52.47 24.97 -5.51
CA ALA V 5 52.39 26.39 -5.82
C ALA V 5 50.98 26.80 -6.19
N ILE V 6 50.65 28.06 -5.91
CA ILE V 6 49.35 28.59 -6.26
C ILE V 6 49.39 29.11 -7.69
N PHE V 7 48.50 28.60 -8.54
CA PHE V 7 48.52 28.97 -9.95
C PHE V 7 48.12 30.41 -10.19
N THR V 8 47.31 30.97 -9.29
CA THR V 8 46.83 32.35 -9.39
C THR V 8 45.77 32.50 -10.49
N LYS V 9 44.62 33.05 -10.09
CA LYS V 9 43.49 33.21 -11.00
C LYS V 9 43.83 34.02 -12.24
N ASP V 10 44.72 34.99 -12.08
CA ASP V 10 45.15 35.81 -13.20
C ASP V 10 45.72 34.95 -14.31
N ASP V 11 46.39 33.87 -13.93
CA ASP V 11 46.97 32.96 -14.89
C ASP V 11 45.94 31.97 -15.41
N LEU V 12 44.98 31.61 -14.55
CA LEU V 12 43.91 30.70 -14.96
C LEU V 12 43.10 31.30 -16.08
N ALA V 13 42.79 32.59 -15.95
CA ALA V 13 42.00 33.31 -16.95
C ALA V 13 42.78 33.51 -18.23
N ALA V 14 44.10 33.42 -18.14
CA ALA V 14 44.98 33.61 -19.29
C ALA V 14 45.06 32.35 -20.15
N ILE V 15 44.53 31.24 -19.65
CA ILE V 15 44.58 29.98 -20.39
C ILE V 15 43.64 29.98 -21.59
N GLU V 16 42.39 30.42 -21.38
CA GLU V 16 41.40 30.49 -22.45
C GLU V 16 41.33 29.21 -23.27
N PRO V 17 41.00 28.10 -22.60
CA PRO V 17 40.94 26.80 -23.26
C PRO V 17 39.68 26.64 -24.10
N LYS V 18 39.66 25.59 -24.92
CA LYS V 18 38.52 25.27 -25.75
C LYS V 18 37.97 23.90 -25.39
N PRO V 19 36.64 23.75 -25.43
CA PRO V 19 36.02 22.45 -25.12
C PRO V 19 36.57 21.38 -26.05
N ALA V 20 36.72 20.17 -25.54
CA ALA V 20 37.29 19.08 -26.32
C ALA V 20 36.41 17.85 -26.31
N SER V 21 35.35 17.89 -27.10
CA SER V 21 34.43 16.76 -27.21
C SER V 21 35.08 15.60 -27.94
N ALA V 22 34.75 14.39 -27.52
CA ALA V 22 35.27 13.19 -28.15
C ALA V 22 34.26 12.60 -29.14
N ASN V 23 33.13 13.27 -29.30
CA ASN V 23 32.13 12.78 -30.24
C ASN V 23 32.32 13.45 -31.60
N VAL V 24 33.47 14.10 -31.78
CA VAL V 24 33.79 14.69 -33.05
C VAL V 24 35.09 14.09 -33.57
N PRO V 25 35.24 14.01 -34.88
CA PRO V 25 36.45 13.44 -35.48
C PRO V 25 37.68 14.20 -35.01
N ASN V 26 38.76 13.47 -34.77
CA ASN V 26 40.02 14.08 -34.39
C ASN V 26 40.53 14.92 -35.54
N THR V 27 41.33 15.94 -35.24
CA THR V 27 41.87 16.79 -36.29
C THR V 27 42.46 15.96 -37.43
N LYS V 28 43.23 14.93 -37.06
CA LYS V 28 43.83 14.06 -38.06
C LYS V 28 42.78 13.23 -38.78
N GLN V 29 41.67 12.96 -38.09
CA GLN V 29 40.58 12.22 -38.69
C GLN V 29 39.80 13.11 -39.63
N TRP V 30 39.71 14.40 -39.28
CA TRP V 30 39.09 15.36 -40.17
C TRP V 30 39.89 15.41 -41.46
N ILE V 31 41.20 15.35 -41.30
CA ILE V 31 42.12 15.33 -42.42
C ILE V 31 41.95 14.04 -43.19
N GLY V 32 41.77 12.94 -42.46
CA GLY V 32 41.54 11.65 -43.09
C GLY V 32 40.29 11.71 -43.95
N ILE V 33 39.26 12.40 -43.44
CA ILE V 33 38.04 12.59 -44.20
C ILE V 33 38.34 13.38 -45.46
N GLN V 34 39.17 14.41 -45.33
CA GLN V 34 39.57 15.21 -46.48
C GLN V 34 40.31 14.34 -47.49
N ALA V 35 41.20 13.50 -46.99
CA ALA V 35 41.98 12.63 -47.85
C ALA V 35 41.06 11.74 -48.68
N GLY V 36 39.93 11.36 -48.11
CA GLY V 36 38.96 10.53 -48.81
C GLY V 36 37.93 11.36 -49.56
N LEU V 37 37.30 12.28 -48.85
CA LEU V 37 36.22 13.09 -49.41
C LEU V 37 36.70 14.03 -50.50
N ILE V 38 37.83 14.69 -50.30
CA ILE V 38 38.36 15.57 -51.33
C ILE V 38 38.80 14.73 -52.51
N LYS V 39 39.40 13.58 -52.21
CA LYS V 39 39.80 12.61 -53.23
C LYS V 39 38.59 12.11 -53.99
N ALA V 40 37.46 12.02 -53.31
CA ALA V 40 36.22 11.53 -53.88
C ALA V 40 35.64 12.52 -54.89
N GLY V 41 36.17 13.75 -54.92
CA GLY V 41 35.71 14.75 -55.87
C GLY V 41 35.21 16.03 -55.19
N ALA V 42 35.13 16.02 -53.87
CA ALA V 42 34.70 17.21 -53.14
C ALA V 42 35.86 18.19 -53.02
N THR V 43 35.53 19.48 -52.90
CA THR V 43 36.58 20.48 -52.76
C THR V 43 36.15 21.63 -51.87
N ASP V 44 37.10 22.13 -51.09
CA ASP V 44 36.90 23.29 -50.22
C ASP V 44 35.61 23.19 -49.40
N ALA V 45 34.69 24.13 -49.63
CA ALA V 45 33.45 24.22 -48.87
C ALA V 45 32.58 22.99 -49.07
N ASN V 46 32.78 22.27 -50.17
CA ASN V 46 32.01 21.07 -50.44
C ASN V 46 32.30 20.01 -49.39
N PHE V 47 33.44 20.14 -48.72
CA PHE V 47 33.80 19.21 -47.67
C PHE V 47 32.69 19.14 -46.64
N MET V 48 32.32 20.30 -46.11
CA MET V 48 31.25 20.37 -45.13
C MET V 48 29.89 20.11 -45.76
N LYS V 49 29.69 20.63 -46.97
CA LYS V 49 28.42 20.48 -47.65
C LYS V 49 28.04 19.02 -47.82
N VAL V 50 29.00 18.22 -48.29
CA VAL V 50 28.75 16.81 -48.50
C VAL V 50 28.53 16.08 -47.20
N LEU V 51 29.31 16.44 -46.19
CA LEU V 51 29.17 15.82 -44.88
C LEU V 51 27.81 16.18 -44.28
N LEU V 52 27.33 17.38 -44.56
CA LEU V 52 26.00 17.78 -44.13
C LEU V 52 24.96 16.92 -44.81
N GLY V 53 25.21 16.59 -46.08
CA GLY V 53 24.32 15.71 -46.81
C GLY V 53 24.21 14.39 -46.06
N LEU V 54 25.36 13.84 -45.68
CA LEU V 54 25.39 12.59 -44.93
C LEU V 54 24.74 12.74 -43.57
N SER V 55 24.93 13.88 -42.92
CA SER V 55 24.32 14.10 -41.62
C SER V 55 22.80 14.09 -41.75
N LEU V 56 22.32 14.62 -42.86
CA LEU V 56 20.91 14.62 -43.15
C LEU V 56 20.45 13.20 -43.41
N GLU V 57 21.31 12.41 -44.04
CA GLU V 57 21.00 11.02 -44.29
C GLU V 57 21.03 10.25 -42.98
N ALA V 58 21.98 10.58 -42.13
CA ALA V 58 22.12 9.96 -40.83
C ALA V 58 20.90 10.25 -39.98
N PHE V 59 20.32 11.43 -40.20
CA PHE V 59 19.12 11.85 -39.51
C PHE V 59 17.99 10.86 -39.79
N ASP V 60 17.91 10.42 -41.05
CA ASP V 60 16.90 9.45 -41.45
C ASP V 60 17.43 8.02 -41.55
N ARG V 61 18.74 7.84 -41.43
CA ARG V 61 19.32 6.50 -41.55
C ARG V 61 20.11 6.07 -40.32
N GLY V 62 21.30 6.61 -40.17
CA GLY V 62 22.16 6.25 -39.04
C GLY V 62 23.61 6.06 -39.47
N SER V 63 24.39 5.36 -38.65
CA SER V 63 25.80 5.07 -38.92
C SER V 63 26.02 4.41 -40.29
N SER V 64 26.20 3.09 -40.30
CA SER V 64 26.42 2.38 -41.56
C SER V 64 25.18 2.47 -42.43
N GLU V 65 24.05 2.80 -41.81
CA GLU V 65 22.82 2.96 -42.56
C GLU V 65 22.96 4.06 -43.59
N ALA V 66 23.44 5.23 -43.15
CA ALA V 66 23.66 6.33 -44.07
C ALA V 66 24.79 6.00 -45.02
N THR V 67 25.71 5.14 -44.56
CA THR V 67 26.83 4.70 -45.39
C THR V 67 26.32 3.94 -46.60
N THR V 68 25.29 3.11 -46.40
CA THR V 68 24.71 2.34 -47.49
C THR V 68 23.86 3.24 -48.39
N TRP V 69 23.36 4.34 -47.84
CA TRP V 69 22.54 5.26 -48.63
C TRP V 69 23.36 5.90 -49.75
N ASP V 70 22.85 5.77 -50.97
CA ASP V 70 23.49 6.34 -52.15
C ASP V 70 22.96 7.73 -52.46
N GLY V 71 23.36 8.26 -53.61
CA GLY V 71 22.91 9.58 -54.03
C GLY V 71 24.07 10.55 -54.10
N ILE V 72 24.25 11.16 -55.27
CA ILE V 72 25.33 12.11 -55.47
C ILE V 72 24.95 13.47 -54.93
N THR V 73 25.76 13.95 -54.00
CA THR V 73 25.54 15.25 -53.40
C THR V 73 26.18 16.33 -54.27
N GLU V 74 26.22 17.53 -53.76
CA GLU V 74 26.85 18.65 -54.46
C GLU V 74 28.32 18.37 -54.73
N GLY V 75 28.92 17.47 -53.94
CA GLY V 75 30.33 17.14 -54.13
C GLY V 75 30.54 15.70 -54.61
N VAL V 76 29.83 14.75 -54.01
CA VAL V 76 30.03 13.35 -54.37
C VAL V 76 28.97 12.44 -53.73
N GLU V 77 28.86 11.21 -54.23
CA GLU V 77 27.94 10.20 -53.71
C GLU V 77 28.09 10.04 -52.21
N HIS V 78 26.95 9.93 -51.53
CA HIS V 78 26.91 9.78 -50.09
C HIS V 78 27.79 8.63 -49.64
N ARG V 79 27.69 7.51 -50.33
CA ARG V 79 28.46 6.33 -50.00
C ARG V 79 29.96 6.58 -50.11
N ALA V 80 30.35 7.32 -51.15
CA ALA V 80 31.76 7.64 -51.36
C ALA V 80 32.27 8.50 -50.22
N ALA V 81 31.46 9.48 -49.83
CA ALA V 81 31.81 10.35 -48.73
C ALA V 81 31.84 9.57 -47.43
N ALA V 82 30.93 8.62 -47.30
CA ALA V 82 30.86 7.78 -46.13
C ALA V 82 32.12 6.95 -46.01
N ASN V 83 32.63 6.52 -47.16
CA ASN V 83 33.86 5.75 -47.20
C ASN V 83 35.01 6.57 -46.66
N ALA V 84 35.02 7.86 -46.99
CA ALA V 84 36.05 8.77 -46.51
C ALA V 84 36.02 8.84 -44.99
N ILE V 85 34.80 8.88 -44.45
CA ILE V 85 34.63 8.91 -43.00
C ILE V 85 35.17 7.63 -42.39
N LYS V 86 34.90 6.51 -43.06
CA LYS V 86 35.39 5.21 -42.62
C LYS V 86 36.91 5.16 -42.72
N GLU V 87 37.47 5.82 -43.73
CA GLU V 87 38.92 5.88 -43.89
C GLU V 87 39.55 6.58 -42.69
N ALA V 88 38.81 7.53 -42.12
CA ALA V 88 39.25 8.26 -40.94
C ALA V 88 39.01 7.46 -39.67
N ASN V 89 38.49 6.25 -39.81
CA ASN V 89 38.18 5.37 -38.69
C ASN V 89 37.07 5.92 -37.83
N CYS V 90 36.11 6.59 -38.46
CA CYS V 90 34.98 7.15 -37.75
C CYS V 90 33.66 6.68 -38.34
N PRO V 91 32.62 6.65 -37.52
CA PRO V 91 31.27 6.38 -38.02
C PRO V 91 30.69 7.69 -38.54
N ILE V 92 29.69 7.60 -39.42
CA ILE V 92 29.06 8.82 -39.93
C ILE V 92 28.50 9.62 -38.77
N HIS V 93 28.02 8.92 -37.75
CA HIS V 93 27.50 9.55 -36.55
C HIS V 93 28.54 10.46 -35.92
N LYS V 94 29.80 10.05 -35.97
CA LYS V 94 30.88 10.84 -35.40
C LYS V 94 30.93 12.21 -36.03
N VAL V 95 30.83 12.23 -37.35
CA VAL V 95 30.82 13.49 -38.08
C VAL V 95 29.50 14.22 -37.84
N THR V 96 28.42 13.46 -37.82
CA THR V 96 27.08 13.99 -37.63
C THR V 96 26.95 14.66 -36.28
N TYR V 97 27.65 14.13 -35.28
CA TYR V 97 27.60 14.72 -33.94
C TYR V 97 28.08 16.17 -34.00
N TYR V 98 29.11 16.41 -34.81
CA TYR V 98 29.64 17.75 -35.00
C TYR V 98 28.67 18.61 -35.80
N LEU V 99 28.03 17.99 -36.79
CA LEU V 99 27.11 18.70 -37.66
C LEU V 99 25.66 18.37 -37.31
N ALA V 100 25.40 18.03 -36.05
CA ALA V 100 24.06 17.66 -35.61
C ALA V 100 23.10 18.85 -35.60
N LYS V 101 23.55 19.98 -35.07
CA LYS V 101 22.69 21.14 -34.92
C LYS V 101 22.30 21.76 -36.26
N PRO V 102 23.28 21.98 -37.15
CA PRO V 102 22.99 22.56 -38.46
C PRO V 102 22.08 21.61 -39.23
N THR V 103 22.31 20.32 -39.05
CA THR V 103 21.52 19.29 -39.71
C THR V 103 20.08 19.34 -39.24
N PHE V 104 19.90 19.37 -37.94
CA PHE V 104 18.58 19.47 -37.35
C PHE V 104 17.95 20.79 -37.74
N ALA V 105 18.77 21.84 -37.74
CA ALA V 105 18.31 23.18 -38.09
C ALA V 105 17.75 23.22 -39.50
N ILE V 106 18.40 22.51 -40.41
CA ILE V 106 17.93 22.46 -41.79
C ILE V 106 16.55 21.85 -41.85
N ARG V 107 16.41 20.67 -41.27
CA ARG V 107 15.16 19.95 -41.27
C ARG V 107 14.09 20.65 -40.45
N GLN V 108 14.51 21.33 -39.39
CA GLN V 108 13.56 22.03 -38.56
C GLN V 108 12.94 23.19 -39.33
N SER V 109 13.75 23.84 -40.14
CA SER V 109 13.26 24.95 -40.96
C SER V 109 12.47 24.42 -42.16
N LYS V 110 12.80 23.21 -42.60
CA LYS V 110 12.10 22.60 -43.73
C LYS V 110 10.99 21.67 -43.25
N ASN V 111 10.87 21.53 -41.93
CA ASN V 111 9.85 20.68 -41.33
C ASN V 111 9.95 19.23 -41.80
N LEU V 112 11.17 18.70 -41.82
CA LEU V 112 11.40 17.33 -42.25
C LEU V 112 11.77 16.44 -41.07
N PRO V 113 10.76 15.81 -40.47
CA PRO V 113 10.97 14.95 -39.30
C PRO V 113 11.72 13.70 -39.69
N PRO V 114 12.30 13.03 -38.70
CA PRO V 114 13.10 11.83 -38.94
C PRO V 114 12.25 10.73 -39.55
N ALA V 115 12.78 10.11 -40.60
CA ALA V 115 12.07 9.05 -41.31
C ALA V 115 11.99 7.78 -40.49
N ASN V 116 12.85 7.64 -39.49
CA ASN V 116 12.85 6.46 -38.65
C ASN V 116 11.97 6.64 -37.43
N PHE V 117 11.27 7.77 -37.37
CA PHE V 117 10.33 8.08 -36.32
C PHE V 117 9.31 6.96 -36.20
N ALA V 118 8.75 6.57 -37.35
CA ALA V 118 7.76 5.51 -37.43
C ALA V 118 8.34 4.18 -36.96
N LYS V 119 9.55 3.88 -37.40
CA LYS V 119 10.22 2.63 -37.10
C LYS V 119 10.47 2.47 -35.61
N LYS V 120 10.81 3.58 -34.97
CA LYS V 120 11.13 3.58 -33.56
C LYS V 120 9.89 3.69 -32.68
N ASN V 121 8.73 3.84 -33.30
CA ASN V 121 7.49 3.96 -32.57
C ASN V 121 7.52 5.13 -31.59
N VAL V 122 8.24 6.18 -31.95
CA VAL V 122 8.35 7.35 -31.10
C VAL V 122 7.03 8.10 -31.09
N PRO V 123 6.53 8.44 -29.91
CA PRO V 123 5.28 9.18 -29.79
C PRO V 123 5.34 10.47 -30.60
N SER V 124 4.21 10.86 -31.17
CA SER V 124 4.13 12.08 -31.98
C SER V 124 4.51 13.30 -31.16
N GLN V 125 4.30 13.21 -29.85
CA GLN V 125 4.68 14.26 -28.93
C GLN V 125 6.17 14.52 -29.02
N TYR V 126 6.91 13.46 -29.34
CA TYR V 126 8.35 13.52 -29.43
C TYR V 126 8.82 13.27 -30.86
N LYS V 127 8.05 13.78 -31.82
CA LYS V 127 8.35 13.59 -33.24
C LYS V 127 9.75 14.02 -33.63
N TRP V 128 10.24 15.10 -33.03
CA TRP V 128 11.57 15.60 -33.35
C TRP V 128 12.62 15.13 -32.37
N CYS V 129 12.27 14.14 -31.55
CA CYS V 129 13.22 13.61 -30.58
C CYS V 129 13.96 12.40 -31.14
N ALA V 130 13.47 11.85 -32.24
CA ALA V 130 14.11 10.70 -32.85
C ALA V 130 15.31 11.13 -33.69
N PHE V 131 16.36 11.58 -33.01
CA PHE V 131 17.57 12.04 -33.68
C PHE V 131 18.80 11.39 -33.05
N ASP V 132 19.46 10.53 -33.82
CA ASP V 132 20.62 9.80 -33.31
C ASP V 132 21.71 10.70 -32.78
N ALA V 133 21.97 11.80 -33.47
CA ALA V 133 23.00 12.74 -33.06
C ALA V 133 22.44 13.89 -32.24
N PHE V 134 21.39 13.62 -31.46
CA PHE V 134 20.78 14.65 -30.64
C PHE V 134 21.77 15.22 -29.63
N ASP V 135 22.80 14.45 -29.29
CA ASP V 135 23.80 14.91 -28.33
C ASP V 135 24.54 16.13 -28.85
N GLY V 136 24.62 16.26 -30.17
CA GLY V 136 25.29 17.40 -30.79
C GLY V 136 24.49 18.68 -30.56
N LEU V 137 23.22 18.53 -30.21
CA LEU V 137 22.36 19.67 -29.95
C LEU V 137 22.75 20.35 -28.64
N TYR V 138 23.50 19.63 -27.82
CA TYR V 138 23.95 20.13 -26.54
C TYR V 138 25.46 20.31 -26.52
N ASP V 139 26.14 19.55 -27.37
CA ASP V 139 27.60 19.59 -27.46
C ASP V 139 28.11 20.98 -27.80
N PRO V 140 28.93 21.54 -26.91
CA PRO V 140 29.45 22.91 -27.06
C PRO V 140 30.37 23.06 -28.28
N THR V 141 30.90 21.95 -28.77
CA THR V 141 31.80 22.01 -29.92
C THR V 141 31.06 21.82 -31.23
N CYS V 142 29.79 21.44 -31.14
CA CYS V 142 28.99 21.19 -32.33
C CYS V 142 28.73 22.48 -33.12
N LEU V 143 28.87 22.39 -34.44
CA LEU V 143 28.66 23.52 -35.33
C LEU V 143 27.20 23.97 -35.30
N ALA V 144 26.96 25.27 -35.52
CA ALA V 144 25.59 25.78 -35.51
C ALA V 144 25.56 27.28 -35.78
N SER V 145 25.12 27.65 -36.98
CA SER V 145 25.00 29.05 -37.36
C SER V 145 23.68 29.64 -36.89
N GLU V 146 22.68 28.78 -36.70
CA GLU V 146 21.36 29.19 -36.24
C GLU V 146 20.40 28.02 -36.17
N LEU V 147 19.82 27.79 -34.99
CA LEU V 147 18.88 26.72 -34.79
C LEU V 147 17.45 27.29 -34.67
N PRO V 148 16.59 26.93 -35.63
CA PRO V 148 15.20 27.44 -35.68
C PRO V 148 14.40 27.12 -34.43
N TYR V 149 14.66 25.98 -33.81
CA TYR V 149 13.91 25.58 -32.62
C TYR V 149 14.81 25.00 -31.55
N ASP V 150 14.57 25.41 -30.31
CA ASP V 150 15.36 24.92 -29.19
C ASP V 150 15.01 23.49 -28.84
N ALA V 151 15.51 22.56 -29.67
CA ALA V 151 15.31 21.14 -29.46
C ALA V 151 16.00 20.69 -28.18
N PRO V 152 17.03 21.42 -27.75
CA PRO V 152 17.70 21.08 -26.50
C PRO V 152 16.77 21.14 -25.28
N SER V 153 15.61 21.78 -25.43
CA SER V 153 14.65 21.93 -24.32
C SER V 153 14.63 20.71 -23.41
N GLU V 154 14.63 20.96 -22.10
CA GLU V 154 14.70 19.91 -21.10
C GLU V 154 13.61 18.85 -21.30
N ILE V 155 12.43 19.26 -21.70
CA ILE V 155 11.37 18.30 -21.97
C ILE V 155 11.78 17.39 -23.09
N ASP V 156 12.37 17.99 -24.12
CA ASP V 156 12.88 17.24 -25.26
C ASP V 156 14.10 16.43 -24.84
N ARG V 157 14.83 16.93 -23.86
CA ARG V 157 16.01 16.25 -23.34
C ARG V 157 15.64 14.95 -22.65
N MET V 158 14.57 14.99 -21.87
CA MET V 158 14.09 13.77 -21.22
C MET V 158 13.49 12.87 -22.28
N ALA V 159 12.90 13.47 -23.31
CA ALA V 159 12.40 12.71 -24.43
C ALA V 159 13.57 12.10 -25.18
N TYR V 160 14.68 12.83 -25.23
CA TYR V 160 15.90 12.33 -25.85
C TYR V 160 16.46 11.19 -25.03
N ALA V 161 16.25 11.26 -23.71
CA ALA V 161 16.66 10.17 -22.84
C ALA V 161 15.83 8.95 -23.18
N THR V 162 14.53 9.16 -23.40
CA THR V 162 13.65 8.08 -23.79
C THR V 162 14.12 7.55 -25.14
N PHE V 163 14.53 8.47 -26.00
CA PHE V 163 15.11 8.12 -27.28
C PHE V 163 16.38 7.31 -27.09
N LYS V 164 17.16 7.66 -26.07
CA LYS V 164 18.37 6.93 -25.76
C LYS V 164 18.03 5.48 -25.45
N THR V 165 16.88 5.26 -24.82
CA THR V 165 16.43 3.91 -24.53
C THR V 165 16.31 3.12 -25.83
N ILE V 166 15.83 3.78 -26.88
CA ILE V 166 15.73 3.15 -28.19
C ILE V 166 17.12 2.76 -28.66
N GLN V 167 18.05 3.69 -28.51
CA GLN V 167 19.42 3.47 -28.92
C GLN V 167 20.04 2.33 -28.13
N ILE V 168 19.69 2.27 -26.84
CA ILE V 168 20.15 1.21 -25.96
C ILE V 168 19.55 -0.13 -26.36
N LYS V 169 18.25 -0.12 -26.65
CA LYS V 169 17.55 -1.33 -27.05
C LYS V 169 18.20 -1.93 -28.27
N ILE V 170 18.41 -1.11 -29.30
CA ILE V 170 19.01 -1.61 -30.52
C ILE V 170 20.43 -2.06 -30.24
N ALA V 171 21.12 -1.37 -29.35
CA ALA V 171 22.44 -1.79 -28.95
C ALA V 171 22.37 -3.17 -28.35
N ASN V 172 21.37 -3.40 -27.51
CA ASN V 172 21.19 -4.70 -26.90
C ASN V 172 20.87 -5.73 -27.98
N ASP V 173 20.17 -5.28 -29.01
CA ASP V 173 19.77 -6.14 -30.11
C ASP V 173 20.96 -6.52 -31.01
N GLN V 174 21.93 -5.62 -31.13
CA GLN V 174 23.08 -5.88 -31.99
C GLN V 174 24.41 -5.86 -31.24
N LYS V 175 24.63 -4.84 -30.44
CA LYS V 175 25.85 -4.73 -29.65
C LYS V 175 25.88 -5.81 -28.59
N GLY V 176 24.69 -6.26 -28.19
CA GLY V 176 24.55 -7.30 -27.18
C GLY V 176 24.97 -8.67 -27.72
N PHE V 177 25.26 -8.76 -29.01
CA PHE V 177 25.70 -10.01 -29.59
C PHE V 177 26.95 -10.49 -28.85
N ASN V 178 26.95 -11.76 -28.47
CA ASN V 178 28.05 -12.31 -27.70
C ASN V 178 29.22 -12.75 -28.57
N LEU V 179 30.27 -11.94 -28.59
CA LEU V 179 31.48 -12.29 -29.33
C LEU V 179 32.32 -13.22 -28.46
N ASN V 180 31.85 -14.45 -28.32
CA ASN V 180 32.49 -15.44 -27.49
C ASN V 180 33.59 -16.22 -28.21
N TYR V 181 33.80 -15.92 -29.48
CA TYR V 181 34.88 -16.56 -30.21
C TYR V 181 35.34 -15.74 -31.38
N ASN V 182 36.57 -15.99 -31.81
CA ASN V 182 37.11 -15.33 -32.97
C ASN V 182 37.24 -16.32 -34.12
N PRO V 183 38.11 -17.34 -33.96
CA PRO V 183 38.37 -18.29 -35.05
C PRO V 183 37.26 -19.33 -35.20
N ASN V 184 36.03 -18.87 -35.37
CA ASN V 184 34.91 -19.77 -35.59
C ASN V 184 34.78 -20.88 -34.55
N VAL V 185 34.93 -20.55 -33.28
CA VAL V 185 34.77 -21.59 -32.25
C VAL V 185 33.31 -21.84 -31.96
N THR V 186 32.63 -22.47 -32.91
CA THR V 186 31.23 -22.78 -32.79
C THR V 186 31.00 -23.96 -31.87
N GLN V 187 32.05 -24.70 -31.60
CA GLN V 187 31.97 -25.82 -30.68
C GLN V 187 31.74 -25.34 -29.26
N ALA V 188 32.14 -24.11 -28.97
CA ALA V 188 31.88 -23.53 -27.66
C ALA V 188 30.45 -23.03 -27.64
N ARG V 189 30.13 -22.20 -28.63
CA ARG V 189 28.78 -21.69 -28.81
C ARG V 189 28.46 -21.54 -30.29
N LEU V 190 27.37 -22.13 -30.71
CA LEU V 190 26.96 -22.14 -32.10
C LEU V 190 26.45 -20.77 -32.56
N PRO V 191 26.54 -20.53 -33.86
CA PRO V 191 26.05 -19.28 -34.44
C PRO V 191 24.58 -19.11 -34.12
N ASN V 192 24.20 -17.88 -33.78
CA ASN V 192 22.81 -17.56 -33.47
C ASN V 192 22.30 -18.26 -32.21
N ALA V 193 23.21 -18.82 -31.42
CA ALA V 193 22.83 -19.47 -30.18
C ALA V 193 22.36 -18.42 -29.16
N PRO V 194 22.90 -17.20 -29.26
CA PRO V 194 22.49 -16.11 -28.36
C PRO V 194 21.03 -15.70 -28.57
N LEU V 195 20.42 -16.15 -29.67
CA LEU V 195 19.03 -15.78 -29.93
C LEU V 195 18.13 -16.18 -28.77
N PRO V 196 17.35 -15.22 -28.26
CA PRO V 196 16.44 -15.46 -27.15
C PRO V 196 15.45 -16.57 -27.48
N ALA V 197 15.11 -17.37 -26.48
CA ALA V 197 14.15 -18.45 -26.66
C ALA V 197 12.76 -17.88 -26.88
N LEU V 198 11.92 -18.65 -27.56
CA LEU V 198 10.56 -18.21 -27.84
C LEU V 198 9.77 -18.05 -26.55
N PRO V 199 8.96 -17.01 -26.47
CA PRO V 199 8.18 -16.72 -25.27
C PRO V 199 7.12 -17.78 -25.03
N GLU V 200 6.97 -18.16 -23.77
CA GLU V 200 5.96 -19.14 -23.36
C GLU V 200 4.63 -18.45 -23.20
N PRO V 201 3.54 -19.21 -23.27
CA PRO V 201 2.20 -18.66 -23.08
C PRO V 201 1.86 -18.46 -21.61
N THR V 202 2.59 -19.13 -20.72
CA THR V 202 2.32 -19.05 -19.30
C THR V 202 2.98 -17.83 -18.68
N SER V 203 2.47 -17.40 -17.52
CA SER V 203 3.00 -16.24 -16.82
C SER V 203 4.32 -16.53 -16.13
N ASP V 204 4.58 -17.81 -15.87
CA ASP V 204 5.80 -18.21 -15.20
C ASP V 204 6.49 -19.34 -15.94
N GLN W 1 -1.29 1.24 63.77
CA GLN W 1 -1.66 2.05 62.62
C GLN W 1 -1.14 3.47 62.77
N PRO W 2 0.15 3.66 62.52
CA PRO W 2 0.79 4.97 62.69
C PRO W 2 0.18 6.02 61.77
N TRP W 3 -0.34 5.60 60.64
CA TRP W 3 -0.93 6.54 59.69
C TRP W 3 -2.28 7.06 60.18
N GLU W 4 -2.87 6.37 61.16
CA GLU W 4 -4.16 6.79 61.71
C GLU W 4 -3.97 7.82 62.82
N ALA W 5 -2.73 7.98 63.26
CA ALA W 5 -2.43 8.91 64.35
C ALA W 5 -2.46 10.35 63.87
N ILE W 6 -2.81 11.26 64.77
CA ILE W 6 -2.82 12.68 64.44
C ILE W 6 -1.43 13.25 64.67
N PHE W 7 -0.87 13.86 63.63
CA PHE W 7 0.50 14.36 63.71
C PHE W 7 0.64 15.55 64.65
N THR W 8 -0.43 16.31 64.82
CA THR W 8 -0.45 17.48 65.69
C THR W 8 0.30 18.65 65.06
N LYS W 9 -0.38 19.79 64.96
CA LYS W 9 0.18 20.99 64.33
C LYS W 9 1.48 21.43 64.99
N ASP W 10 1.57 21.25 66.29
CA ASP W 10 2.79 21.62 67.01
C ASP W 10 3.99 20.93 66.42
N ASP W 11 3.81 19.70 65.96
CA ASP W 11 4.87 18.93 65.36
C ASP W 11 5.07 19.32 63.90
N LEU W 12 3.98 19.68 63.22
CA LEU W 12 4.07 20.11 61.83
C LEU W 12 4.94 21.35 61.71
N ALA W 13 4.73 22.29 62.62
CA ALA W 13 5.47 23.55 62.64
C ALA W 13 6.94 23.32 63.02
N ALA W 14 7.21 22.19 63.67
CA ALA W 14 8.56 21.86 64.10
C ALA W 14 9.40 21.29 62.96
N ILE W 15 8.75 20.96 61.83
CA ILE W 15 9.46 20.38 60.70
C ILE W 15 10.36 21.39 60.00
N GLU W 16 9.81 22.58 59.72
CA GLU W 16 10.58 23.65 59.07
C GLU W 16 11.33 23.17 57.84
N PRO W 17 10.58 22.66 56.86
CA PRO W 17 11.17 22.12 55.63
C PRO W 17 11.64 23.22 54.69
N LYS W 18 12.40 22.82 53.68
CA LYS W 18 12.90 23.74 52.66
C LYS W 18 12.36 23.33 51.30
N PRO W 19 12.04 24.31 50.45
CA PRO W 19 11.56 24.02 49.10
C PRO W 19 12.59 23.18 48.35
N ALA W 20 12.12 22.26 47.52
CA ALA W 20 13.02 21.36 46.80
C ALA W 20 12.75 21.37 45.30
N SER W 21 13.22 22.41 44.64
CA SER W 21 13.05 22.52 43.19
C SER W 21 13.92 21.53 42.45
N ALA W 22 13.41 21.01 41.35
CA ALA W 22 14.15 20.06 40.53
C ALA W 22 14.82 20.75 39.35
N ASN W 23 14.66 22.06 39.25
CA ASN W 23 15.28 22.80 38.17
C ASN W 23 16.65 23.32 38.59
N VAL W 24 17.15 22.81 39.71
CA VAL W 24 18.48 23.17 40.17
C VAL W 24 19.31 21.90 40.28
N PRO W 25 20.61 22.03 40.08
CA PRO W 25 21.51 20.88 40.16
C PRO W 25 21.42 20.23 41.52
N ASN W 26 21.47 18.90 41.55
CA ASN W 26 21.47 18.16 42.80
C ASN W 26 22.72 18.48 43.57
N THR W 27 22.67 18.35 44.89
CA THR W 27 23.84 18.63 45.72
C THR W 27 25.08 17.95 45.16
N LYS W 28 24.93 16.67 44.78
CA LYS W 28 26.05 15.93 44.22
C LYS W 28 26.43 16.45 42.85
N GLN W 29 25.46 17.03 42.15
CA GLN W 29 25.73 17.61 40.85
C GLN W 29 26.43 18.94 41.02
N TRP W 30 26.08 19.66 42.08
CA TRP W 30 26.77 20.90 42.39
C TRP W 30 28.23 20.58 42.66
N ILE W 31 28.44 19.46 43.35
CA ILE W 31 29.78 18.97 43.63
C ILE W 31 30.46 18.54 42.35
N GLY W 32 29.69 17.90 41.47
CA GLY W 32 30.21 17.50 40.17
C GLY W 32 30.69 18.73 39.41
N ILE W 33 29.94 19.82 39.52
CA ILE W 33 30.33 21.06 38.88
C ILE W 33 31.63 21.55 39.49
N GLN W 34 31.75 21.43 40.81
CA GLN W 34 32.98 21.82 41.49
C GLN W 34 34.13 20.98 41.00
N ALA W 35 33.89 19.67 40.87
CA ALA W 35 34.93 18.76 40.42
C ALA W 35 35.46 19.17 39.06
N GLY W 36 34.59 19.74 38.24
CA GLY W 36 34.99 20.18 36.92
C GLY W 36 35.44 21.64 36.91
N LEU W 37 34.59 22.52 37.46
CA LEU W 37 34.84 23.95 37.46
C LEU W 37 36.04 24.34 38.30
N ILE W 38 36.16 23.75 39.49
CA ILE W 38 37.30 24.06 40.34
C ILE W 38 38.55 23.50 39.68
N LYS W 39 38.41 22.31 39.10
CA LYS W 39 39.49 21.68 38.36
C LYS W 39 39.89 22.53 37.16
N ALA W 40 38.91 23.22 36.60
CA ALA W 40 39.11 24.06 35.43
C ALA W 40 39.94 25.31 35.77
N GLY W 41 40.13 25.57 37.06
CA GLY W 41 40.92 26.72 37.47
C GLY W 41 40.16 27.68 38.38
N ALA W 42 38.86 27.44 38.55
CA ALA W 42 38.07 28.30 39.42
C ALA W 42 38.28 27.91 40.87
N THR W 43 38.09 28.86 41.78
CA THR W 43 38.25 28.56 43.20
C THR W 43 37.30 29.35 44.07
N ASP W 44 36.81 28.71 45.13
CA ASP W 44 35.94 29.33 46.11
C ASP W 44 34.79 30.12 45.48
N ALA W 45 34.77 31.43 45.73
CA ALA W 45 33.71 32.31 45.24
C ALA W 45 33.64 32.34 43.73
N ASN W 46 34.73 32.03 43.06
CA ASN W 46 34.76 32.02 41.62
C ASN W 46 33.82 30.97 41.06
N PHE W 47 33.51 29.98 41.90
CA PHE W 47 32.59 28.93 41.49
C PHE W 47 31.28 29.55 41.01
N MET W 48 30.68 30.39 41.86
CA MET W 48 29.44 31.06 41.50
C MET W 48 29.68 32.13 40.45
N LYS W 49 30.79 32.85 40.58
CA LYS W 49 31.09 33.93 39.65
C LYS W 49 31.13 33.45 38.21
N VAL W 50 31.84 32.34 37.98
CA VAL W 50 31.97 31.78 36.66
C VAL W 50 30.63 31.27 36.15
N LEU W 51 29.87 30.62 37.03
CA LEU W 51 28.57 30.10 36.67
C LEU W 51 27.63 31.24 36.32
N LEU W 52 27.79 32.37 37.01
CA LEU W 52 27.00 33.56 36.70
C LEU W 52 27.36 34.05 35.31
N GLY W 53 28.64 33.96 34.98
CA GLY W 53 29.09 34.33 33.65
C GLY W 53 28.32 33.51 32.61
N LEU W 54 28.27 32.21 32.85
CA LEU W 54 27.54 31.31 31.95
C LEU W 54 26.06 31.60 31.95
N SER W 55 25.50 31.96 33.10
CA SER W 55 24.08 32.27 33.16
C SER W 55 23.79 33.49 32.32
N LEU W 56 24.74 34.43 32.32
CA LEU W 56 24.62 35.63 31.51
C LEU W 56 24.73 35.25 30.05
N GLU W 57 25.56 34.26 29.76
CA GLU W 57 25.70 33.77 28.40
C GLU W 57 24.44 33.03 27.99
N ALA W 58 23.89 32.27 28.93
CA ALA W 58 22.66 31.52 28.69
C ALA W 58 21.52 32.47 28.42
N PHE W 59 21.59 33.64 29.04
CA PHE W 59 20.59 34.68 28.86
C PHE W 59 20.55 35.08 27.39
N ASP W 60 21.72 35.18 26.78
CA ASP W 60 21.82 35.53 25.37
C ASP W 60 22.05 34.33 24.45
N ARG W 61 22.29 33.15 25.02
CA ARG W 61 22.54 31.97 24.20
C ARG W 61 21.57 30.82 24.47
N GLY W 62 21.76 30.14 25.60
CA GLY W 62 20.91 29.01 25.95
C GLY W 62 21.73 27.84 26.50
N SER W 63 21.15 26.64 26.47
CA SER W 63 21.79 25.41 26.95
C SER W 63 23.15 25.17 26.29
N SER W 64 23.20 24.28 25.30
CA SER W 64 24.46 24.00 24.62
C SER W 64 24.95 25.22 23.88
N GLU W 65 24.06 26.17 23.65
CA GLU W 65 24.43 27.41 23.00
C GLU W 65 25.48 28.14 23.82
N ALA W 66 25.21 28.33 25.11
CA ALA W 66 26.17 28.98 25.99
C ALA W 66 27.39 28.08 26.16
N THR W 67 27.19 26.77 26.02
CA THR W 67 28.28 25.82 26.12
C THR W 67 29.29 26.07 25.02
N THR W 68 28.81 26.37 23.82
CA THR W 68 29.68 26.65 22.70
C THR W 68 30.33 28.03 22.83
N TRP W 69 29.68 28.92 23.56
CA TRP W 69 30.23 30.26 23.75
C TRP W 69 31.53 30.23 24.53
N ASP W 70 32.56 30.82 23.95
CA ASP W 70 33.88 30.89 24.56
C ASP W 70 34.05 32.17 25.39
N GLY W 71 35.27 32.40 25.85
CA GLY W 71 35.57 33.60 26.62
C GLY W 71 35.97 33.24 28.04
N ILE W 72 37.15 33.70 28.45
CA ILE W 72 37.65 33.41 29.77
C ILE W 72 37.04 34.36 30.79
N THR W 73 36.38 33.79 31.78
CA THR W 73 35.77 34.56 32.84
C THR W 73 36.79 34.85 33.91
N GLU W 74 36.32 35.37 35.03
CA GLU W 74 37.18 35.66 36.16
C GLU W 74 37.85 34.38 36.69
N GLY W 75 37.24 33.23 36.40
CA GLY W 75 37.80 31.97 36.85
C GLY W 75 38.31 31.09 35.70
N VAL W 76 37.51 30.99 34.63
CA VAL W 76 37.90 30.13 33.51
C VAL W 76 36.98 30.31 32.30
N GLU W 77 37.42 29.82 31.15
CA GLU W 77 36.67 29.87 29.90
C GLU W 77 35.25 29.33 30.09
N HIS W 78 34.29 30.03 29.50
CA HIS W 78 32.88 29.65 29.59
C HIS W 78 32.68 28.20 29.19
N ARG W 79 33.31 27.81 28.10
CA ARG W 79 33.18 26.45 27.59
C ARG W 79 33.71 25.43 28.59
N ALA W 80 34.83 25.76 29.23
CA ALA W 80 35.42 24.87 30.23
C ALA W 80 34.47 24.70 31.40
N ALA W 81 33.89 25.80 31.84
CA ALA W 81 32.93 25.77 32.94
C ALA W 81 31.68 25.01 32.52
N ALA W 82 31.29 25.18 31.25
CA ALA W 82 30.14 24.50 30.72
C ALA W 82 30.37 23.01 30.73
N ASN W 83 31.61 22.60 30.47
CA ASN W 83 31.97 21.20 30.48
C ASN W 83 31.78 20.63 31.87
N ALA W 84 32.13 21.42 32.88
CA ALA W 84 31.95 21.01 34.27
C ALA W 84 30.49 20.74 34.56
N ILE W 85 29.63 21.60 34.03
CA ILE W 85 28.19 21.45 34.20
C ILE W 85 27.74 20.16 33.53
N LYS W 86 28.29 19.89 32.35
CA LYS W 86 27.98 18.67 31.61
C LYS W 86 28.50 17.45 32.37
N GLU W 87 29.63 17.61 33.06
CA GLU W 87 30.19 16.52 33.86
C GLU W 87 29.22 16.15 34.97
N ALA W 88 28.48 17.15 35.46
CA ALA W 88 27.47 16.94 36.50
C ALA W 88 26.17 16.40 35.91
N ASN W 89 26.15 16.17 34.60
CA ASN W 89 24.99 15.67 33.90
C ASN W 89 23.85 16.69 33.90
N CYS W 90 24.21 17.96 33.83
CA CYS W 90 23.22 19.02 33.79
C CYS W 90 23.42 19.94 32.61
N PRO W 91 22.34 20.56 32.15
CA PRO W 91 22.45 21.59 31.13
C PRO W 91 22.80 22.92 31.80
N ILE W 92 23.37 23.85 31.05
CA ILE W 92 23.70 25.15 31.64
C ILE W 92 22.45 25.79 32.18
N HIS W 93 21.32 25.56 31.51
CA HIS W 93 20.03 26.06 31.95
C HIS W 93 19.73 25.60 33.37
N LYS W 94 20.12 24.38 33.70
CA LYS W 94 19.87 23.83 35.03
C LYS W 94 20.51 24.71 36.09
N VAL W 95 21.76 25.09 35.84
CA VAL W 95 22.47 25.98 36.74
C VAL W 95 21.89 27.38 36.69
N THR W 96 21.56 27.80 35.47
CA THR W 96 21.01 29.13 35.22
C THR W 96 19.69 29.31 35.93
N TYR W 97 18.91 28.24 36.04
CA TYR W 97 17.62 28.31 36.72
C TYR W 97 17.82 28.75 38.17
N TYR W 98 18.89 28.24 38.78
CA TYR W 98 19.24 28.63 40.14
C TYR W 98 19.74 30.06 40.20
N LEU W 99 20.52 30.43 39.19
CA LEU W 99 21.10 31.77 39.13
C LEU W 99 20.36 32.66 38.13
N ALA W 100 19.09 32.39 37.93
CA ALA W 100 18.28 33.16 36.98
C ALA W 100 18.02 34.58 37.43
N LYS W 101 17.65 34.74 38.71
CA LYS W 101 17.30 36.06 39.22
C LYS W 101 18.47 37.00 39.30
N PRO W 102 19.60 36.55 39.86
CA PRO W 102 20.79 37.40 39.96
C PRO W 102 21.26 37.75 38.58
N THR W 103 21.15 36.80 37.65
CA THR W 103 21.54 36.99 36.26
C THR W 103 20.70 38.08 35.62
N PHE W 104 19.40 37.94 35.76
CA PHE W 104 18.46 38.92 35.23
C PHE W 104 18.68 40.25 35.92
N ALA W 105 18.92 40.20 37.23
CA ALA W 105 19.15 41.39 38.03
C ALA W 105 20.35 42.17 37.52
N ILE W 106 21.40 41.45 37.13
CA ILE W 106 22.59 42.10 36.61
C ILE W 106 22.25 42.88 35.35
N ARG W 107 21.65 42.19 34.40
CA ARG W 107 21.30 42.79 33.13
C ARG W 107 20.22 43.85 33.27
N GLN W 108 19.33 43.65 34.23
CA GLN W 108 18.27 44.63 34.44
C GLN W 108 18.86 45.94 34.93
N SER W 109 19.87 45.86 35.78
CA SER W 109 20.54 47.04 36.28
C SER W 109 21.46 47.63 35.23
N LYS W 110 21.97 46.79 34.34
CA LYS W 110 22.85 47.25 33.27
C LYS W 110 22.07 47.50 31.98
N ASN W 111 20.77 47.23 32.02
CA ASN W 111 19.90 47.44 30.87
C ASN W 111 20.37 46.65 29.65
N LEU W 112 20.71 45.39 29.87
CA LEU W 112 21.18 44.52 28.78
C LEU W 112 20.13 43.47 28.44
N PRO W 113 19.26 43.78 27.48
CA PRO W 113 18.19 42.87 27.08
C PRO W 113 18.75 41.65 26.38
N PRO W 114 17.95 40.60 26.30
CA PRO W 114 18.39 39.34 25.70
C PRO W 114 18.72 39.52 24.23
N ALA W 115 19.87 39.00 23.83
CA ALA W 115 20.35 39.12 22.46
C ALA W 115 19.52 38.29 21.49
N ASN W 116 18.79 37.30 22.01
CA ASN W 116 17.97 36.45 21.17
C ASN W 116 16.55 36.99 21.05
N PHE W 117 16.34 38.17 21.62
CA PHE W 117 15.06 38.86 21.53
C PHE W 117 14.65 39.01 20.08
N ALA W 118 15.59 39.49 19.28
CA ALA W 118 15.38 39.69 17.85
C ALA W 118 15.07 38.39 17.14
N LYS W 119 15.84 37.36 17.47
CA LYS W 119 15.71 36.05 16.84
C LYS W 119 14.35 35.43 17.10
N LYS W 120 13.85 35.65 18.30
CA LYS W 120 12.57 35.08 18.72
C LYS W 120 11.38 35.92 18.28
N ASN W 121 11.66 37.08 17.68
CA ASN W 121 10.62 37.97 17.22
C ASN W 121 9.70 38.39 18.37
N VAL W 122 10.25 38.48 19.57
CA VAL W 122 9.48 38.88 20.73
C VAL W 122 9.13 40.34 20.64
N PRO W 123 7.85 40.67 20.86
CA PRO W 123 7.40 42.06 20.82
C PRO W 123 8.21 42.91 21.78
N SER W 124 8.46 44.17 21.39
CA SER W 124 9.23 45.09 22.22
C SER W 124 8.56 45.29 23.57
N GLN W 125 7.24 45.11 23.60
CA GLN W 125 6.47 45.20 24.83
C GLN W 125 6.97 44.17 25.83
N TYR W 126 7.47 43.06 25.31
CA TYR W 126 7.96 41.97 26.12
C TYR W 126 9.47 41.77 25.93
N LYS W 127 10.19 42.88 25.77
CA LYS W 127 11.62 42.85 25.54
C LYS W 127 12.39 42.06 26.58
N TRP W 128 11.96 42.15 27.84
CA TRP W 128 12.64 41.45 28.91
C TRP W 128 11.98 40.12 29.26
N CYS W 129 11.09 39.66 28.38
CA CYS W 129 10.41 38.41 28.61
C CYS W 129 11.13 37.26 27.93
N ALA W 130 12.05 37.59 27.02
CA ALA W 130 12.80 36.56 26.31
C ALA W 130 13.94 36.03 27.18
N PHE W 131 13.58 35.29 28.23
CA PHE W 131 14.56 34.73 29.16
C PHE W 131 14.29 33.25 29.38
N ASP W 132 15.20 32.40 28.89
CA ASP W 132 15.03 30.96 28.99
C ASP W 132 14.83 30.48 30.42
N ALA W 133 15.58 31.06 31.36
CA ALA W 133 15.48 30.67 32.75
C ALA W 133 14.55 31.58 33.54
N PHE W 134 13.51 32.09 32.87
CA PHE W 134 12.57 32.97 33.53
C PHE W 134 11.87 32.28 34.70
N ASP W 135 11.82 30.95 34.68
CA ASP W 135 11.17 30.21 35.75
C ASP W 135 11.90 30.43 37.08
N GLY W 136 13.19 30.72 37.01
CA GLY W 136 13.98 30.97 38.21
C GLY W 136 13.57 32.27 38.87
N LEU W 137 12.86 33.11 38.13
CA LEU W 137 12.39 34.39 38.65
C LEU W 137 11.26 34.17 39.64
N TYR W 138 10.66 32.99 39.58
CA TYR W 138 9.56 32.63 40.45
C TYR W 138 9.97 31.52 41.41
N ASP W 139 10.96 30.73 41.01
CA ASP W 139 11.45 29.62 41.81
C ASP W 139 11.93 30.07 43.17
N PRO W 140 11.31 29.54 44.23
CA PRO W 140 11.62 29.93 45.61
C PRO W 140 13.04 29.55 46.03
N THR W 141 13.65 28.61 45.32
CA THR W 141 15.00 28.18 45.67
C THR W 141 16.05 28.95 44.89
N CYS W 142 15.61 29.73 43.90
CA CYS W 142 16.54 30.49 43.08
C CYS W 142 17.23 31.60 43.88
N LEU W 143 18.54 31.73 43.65
CA LEU W 143 19.36 32.74 44.32
C LEU W 143 18.93 34.13 43.92
N ALA W 144 19.09 35.11 44.82
CA ALA W 144 18.71 36.48 44.53
C ALA W 144 18.98 37.41 45.70
N SER W 145 20.01 38.23 45.57
CA SER W 145 20.36 39.20 46.60
C SER W 145 19.55 40.49 46.45
N GLU W 146 19.08 40.75 45.24
CA GLU W 146 18.29 41.94 44.94
C GLU W 146 17.94 42.03 43.46
N LEU W 147 16.65 42.09 43.17
CA LEU W 147 16.18 42.20 41.79
C LEU W 147 15.68 43.63 41.52
N PRO W 148 16.36 44.33 40.61
CA PRO W 148 16.03 45.72 40.27
C PRO W 148 14.60 45.92 39.78
N TYR W 149 14.07 44.92 39.08
CA TYR W 149 12.71 45.04 38.54
C TYR W 149 11.92 43.76 38.72
N ASP W 150 10.67 43.90 39.13
CA ASP W 150 9.81 42.75 39.35
C ASP W 150 9.36 42.15 38.03
N ALA W 151 10.27 41.42 37.40
CA ALA W 151 10.00 40.73 36.15
C ALA W 151 8.95 39.63 36.35
N PRO W 152 8.84 39.13 37.58
CA PRO W 152 7.81 38.13 37.88
C PRO W 152 6.38 38.64 37.62
N SER W 153 6.21 39.96 37.51
CA SER W 153 4.89 40.56 37.29
C SER W 153 4.00 39.68 36.43
N GLU W 154 2.74 39.53 36.85
CA GLU W 154 1.78 38.67 36.18
C GLU W 154 1.66 38.97 34.68
N ILE W 155 1.72 40.25 34.33
CA ILE W 155 1.67 40.61 32.92
C ILE W 155 2.87 40.01 32.20
N ASP W 156 4.02 40.11 32.84
CA ASP W 156 5.24 39.53 32.30
C ASP W 156 5.17 38.02 32.36
N ARG W 157 4.42 37.50 33.33
CA ARG W 157 4.25 36.06 33.49
C ARG W 157 3.47 35.47 32.33
N MET W 158 2.43 36.17 31.92
CA MET W 158 1.66 35.73 30.77
C MET W 158 2.49 35.93 29.52
N ALA W 159 3.33 36.97 29.53
CA ALA W 159 4.26 37.19 28.44
C ALA W 159 5.30 36.08 28.44
N TYR W 160 5.66 35.61 29.63
CA TYR W 160 6.59 34.50 29.77
C TYR W 160 5.94 33.23 29.27
N ALA W 161 4.62 33.13 29.43
CA ALA W 161 3.89 32.00 28.89
C ALA W 161 3.96 32.06 27.38
N THR W 162 3.81 33.26 26.83
CA THR W 162 3.93 33.44 25.39
C THR W 162 5.35 33.06 24.99
N PHE W 163 6.31 33.44 25.83
CA PHE W 163 7.69 33.07 25.64
C PHE W 163 7.84 31.56 25.68
N LYS W 164 7.08 30.92 26.57
CA LYS W 164 7.12 29.46 26.66
C LYS W 164 6.70 28.86 25.34
N THR W 165 5.77 29.51 24.63
CA THR W 165 5.36 29.05 23.32
C THR W 165 6.56 28.99 22.39
N ILE W 166 7.45 29.97 22.51
CA ILE W 166 8.67 29.98 21.73
C ILE W 166 9.50 28.77 22.06
N GLN W 167 9.62 28.51 23.35
CA GLN W 167 10.39 27.38 23.85
C GLN W 167 9.78 26.08 23.36
N ILE W 168 8.46 26.03 23.34
CA ILE W 168 7.72 24.87 22.85
C ILE W 168 7.93 24.70 21.36
N LYS W 169 7.84 25.79 20.62
CA LYS W 169 8.02 25.76 19.19
C LYS W 169 9.37 25.18 18.82
N ILE W 170 10.42 25.69 19.45
CA ILE W 170 11.76 25.21 19.16
C ILE W 170 11.88 23.76 19.59
N ALA W 171 11.21 23.41 20.69
CA ALA W 171 11.20 22.03 21.12
C ALA W 171 10.57 21.17 20.04
N ASN W 172 9.48 21.65 19.45
CA ASN W 172 8.85 20.92 18.37
C ASN W 172 9.78 20.84 17.17
N ASP W 173 10.57 21.88 17.00
CA ASP W 173 11.52 21.95 15.89
C ASP W 173 12.70 21.00 16.07
N GLN W 174 13.10 20.76 17.32
CA GLN W 174 14.24 19.88 17.57
C GLN W 174 13.89 18.67 18.42
N LYS W 175 13.19 18.90 19.53
CA LYS W 175 12.77 17.81 20.41
C LYS W 175 11.75 16.95 19.71
N GLY W 176 11.02 17.55 18.76
CA GLY W 176 10.01 16.85 18.00
C GLY W 176 10.62 15.87 16.99
N PHE W 177 11.94 15.88 16.87
CA PHE W 177 12.60 14.94 15.97
C PHE W 177 12.23 13.52 16.37
N ASN W 178 11.85 12.72 15.38
CA ASN W 178 11.40 11.36 15.65
C ASN W 178 12.55 10.38 15.77
N LEU W 179 12.88 10.01 17.00
CA LEU W 179 13.90 9.01 17.24
C LEU W 179 13.30 7.62 17.07
N ASN W 180 13.03 7.27 15.82
CA ASN W 180 12.38 6.01 15.48
C ASN W 180 13.38 4.86 15.31
N TYR W 181 14.66 5.14 15.47
CA TYR W 181 15.64 4.08 15.39
C TYR W 181 16.92 4.44 16.12
N ASN W 182 17.65 3.41 16.51
CA ASN W 182 18.93 3.61 17.16
C ASN W 182 20.06 3.20 16.22
N PRO W 183 20.13 1.91 15.87
CA PRO W 183 21.23 1.40 15.04
C PRO W 183 21.07 1.73 13.57
N ASN W 184 20.90 3.00 13.25
CA ASN W 184 20.79 3.45 11.88
C ASN W 184 19.75 2.70 11.05
N VAL W 185 18.55 2.47 11.61
CA VAL W 185 17.52 1.79 10.84
C VAL W 185 16.83 2.75 9.89
N THR W 186 17.55 3.14 8.86
CA THR W 186 17.04 4.07 7.86
C THR W 186 16.08 3.38 6.92
N GLN W 187 16.10 2.06 6.92
CA GLN W 187 15.18 1.29 6.10
C GLN W 187 13.75 1.43 6.60
N ALA W 188 13.60 1.74 7.89
CA ALA W 188 12.28 1.98 8.44
C ALA W 188 11.87 3.40 8.08
N ARG W 189 12.75 4.35 8.43
CA ARG W 189 12.56 5.75 8.10
C ARG W 189 13.89 6.41 7.81
N LEU W 190 13.98 7.05 6.65
CA LEU W 190 15.21 7.68 6.21
C LEU W 190 15.52 8.94 6.99
N PRO W 191 16.80 9.30 7.02
CA PRO W 191 17.25 10.52 7.69
C PRO W 191 16.54 11.73 7.10
N ASN W 192 16.12 12.64 7.96
CA ASN W 192 15.44 13.86 7.54
C ASN W 192 14.08 13.59 6.89
N ALA W 193 13.57 12.37 7.05
CA ALA W 193 12.26 12.03 6.52
C ALA W 193 11.17 12.77 7.30
N PRO W 194 11.43 13.05 8.58
CA PRO W 194 10.46 13.80 9.40
C PRO W 194 10.27 15.24 8.93
N LEU W 195 11.14 15.72 8.04
CA LEU W 195 11.01 17.09 7.55
C LEU W 195 9.64 17.32 6.93
N PRO W 196 8.97 18.37 7.39
CA PRO W 196 7.63 18.72 6.88
C PRO W 196 7.67 18.95 5.38
N ALA W 197 6.61 18.55 4.71
CA ALA W 197 6.49 18.74 3.27
C ALA W 197 6.33 20.22 2.95
N LEU W 198 6.74 20.61 1.75
CA LEU W 198 6.64 22.00 1.34
C LEU W 198 5.19 22.44 1.25
N PRO W 199 4.90 23.65 1.69
CA PRO W 199 3.54 24.16 1.71
C PRO W 199 3.00 24.36 0.30
N GLU W 200 1.74 23.99 0.11
CA GLU W 200 1.06 24.15 -1.17
C GLU W 200 0.54 25.57 -1.29
N PRO W 201 0.30 26.01 -2.52
CA PRO W 201 -0.23 27.36 -2.75
C PRO W 201 -1.75 27.42 -2.53
N THR W 202 -2.40 26.25 -2.54
CA THR W 202 -3.85 26.21 -2.38
C THR W 202 -4.25 26.22 -0.92
N SER W 203 -5.49 26.61 -0.65
CA SER W 203 -6.01 26.70 0.71
C SER W 203 -6.32 25.33 1.30
N ASP W 204 -6.50 24.35 0.43
CA ASP W 204 -6.82 23.00 0.86
C ASP W 204 -5.92 21.97 0.17
N GLN X 1 -63.43 -7.44 19.14
CA GLN X 1 -62.47 -6.35 19.25
C GLN X 1 -62.31 -5.89 20.68
N PRO X 2 -61.59 -6.66 21.48
CA PRO X 2 -61.41 -6.36 22.91
C PRO X 2 -60.73 -5.02 23.13
N TRP X 3 -59.90 -4.60 22.18
CA TRP X 3 -59.20 -3.33 22.32
C TRP X 3 -60.12 -2.14 22.10
N GLU X 4 -61.29 -2.39 21.52
CA GLU X 4 -62.26 -1.32 21.28
C GLU X 4 -63.15 -1.11 22.49
N ALA X 5 -63.08 -2.04 23.44
CA ALA X 5 -63.91 -1.96 24.64
C ALA X 5 -63.38 -0.91 25.61
N ILE X 6 -64.29 -0.32 26.37
CA ILE X 6 -63.91 0.66 27.39
C ILE X 6 -63.55 -0.07 28.67
N PHE X 7 -62.34 0.17 29.16
CA PHE X 7 -61.87 -0.55 30.34
C PHE X 7 -62.60 -0.15 31.62
N THR X 8 -63.12 1.07 31.65
CA THR X 8 -63.85 1.59 32.81
C THR X 8 -62.91 1.93 33.96
N LYS X 9 -63.00 3.17 34.44
CA LYS X 9 -62.14 3.67 35.50
C LYS X 9 -62.22 2.83 36.76
N ASP X 10 -63.41 2.30 37.04
CA ASP X 10 -63.60 1.44 38.21
C ASP X 10 -62.63 0.28 38.19
N ASP X 11 -62.36 -0.23 36.98
CA ASP X 11 -61.45 -1.34 36.81
C ASP X 11 -60.00 -0.87 36.81
N LEU X 12 -59.76 0.34 36.30
CA LEU X 12 -58.42 0.90 36.29
C LEU X 12 -57.90 1.07 37.70
N ALA X 13 -58.76 1.57 38.58
CA ALA X 13 -58.41 1.79 39.98
C ALA X 13 -58.22 0.48 40.73
N ALA X 14 -58.79 -0.59 40.19
CA ALA X 14 -58.70 -1.91 40.81
C ALA X 14 -57.37 -2.59 40.50
N ILE X 15 -56.60 -2.02 39.58
CA ILE X 15 -55.32 -2.61 39.20
C ILE X 15 -54.27 -2.46 40.30
N GLU X 16 -54.14 -1.24 40.84
CA GLU X 16 -53.19 -0.97 41.91
C GLU X 16 -51.79 -1.51 41.61
N PRO X 17 -51.19 -1.03 40.52
CA PRO X 17 -49.88 -1.49 40.09
C PRO X 17 -48.76 -0.90 40.93
N LYS X 18 -47.56 -1.44 40.76
CA LYS X 18 -46.38 -0.97 41.46
C LYS X 18 -45.34 -0.49 40.47
N PRO X 19 -44.62 0.59 40.80
CA PRO X 19 -43.58 1.11 39.92
C PRO X 19 -42.55 0.02 39.64
N ALA X 20 -42.02 0.00 38.43
CA ALA X 20 -41.07 -1.03 38.02
C ALA X 20 -39.78 -0.44 37.45
N SER X 21 -38.92 0.04 38.34
CA SER X 21 -37.65 0.60 37.93
C SER X 21 -36.70 -0.48 37.43
N ALA X 22 -35.91 -0.12 36.42
CA ALA X 22 -34.93 -1.05 35.87
C ALA X 22 -33.55 -0.81 36.45
N ASN X 23 -33.43 0.15 37.36
CA ASN X 23 -32.14 0.44 37.98
C ASN X 23 -31.99 -0.36 39.26
N VAL X 24 -32.87 -1.33 39.46
CA VAL X 24 -32.77 -2.21 40.61
C VAL X 24 -32.63 -3.64 40.13
N PRO X 25 -31.95 -4.47 40.90
CA PRO X 25 -31.75 -5.87 40.54
C PRO X 25 -33.10 -6.57 40.36
N ASN X 26 -33.18 -7.44 39.37
CA ASN X 26 -34.39 -8.22 39.13
C ASN X 26 -34.61 -9.15 40.31
N THR X 27 -35.85 -9.53 40.55
CA THR X 27 -36.15 -10.43 41.65
C THR X 27 -35.21 -11.63 41.66
N LYS X 28 -34.99 -12.22 40.48
CA LYS X 28 -34.12 -13.37 40.37
C LYS X 28 -32.66 -12.96 40.60
N GLN X 29 -32.36 -11.71 40.31
CA GLN X 29 -31.01 -11.20 40.54
C GLN X 29 -30.81 -10.94 42.02
N TRP X 30 -31.88 -10.50 42.69
CA TRP X 30 -31.83 -10.32 44.13
C TRP X 30 -31.55 -11.66 44.77
N ILE X 31 -32.17 -12.69 44.21
CA ILE X 31 -31.97 -14.06 44.65
C ILE X 31 -30.54 -14.50 44.35
N GLY X 32 -30.06 -14.10 43.17
CA GLY X 32 -28.69 -14.39 42.78
C GLY X 32 -27.73 -13.79 43.78
N ILE X 33 -28.04 -12.59 44.25
CA ILE X 33 -27.23 -11.92 45.25
C ILE X 33 -27.27 -12.73 46.53
N GLN X 34 -28.45 -13.24 46.88
CA GLN X 34 -28.59 -14.08 48.06
C GLN X 34 -27.76 -15.34 47.92
N ALA X 35 -27.81 -15.94 46.73
CA ALA X 35 -27.07 -17.16 46.47
C ALA X 35 -25.58 -16.94 46.71
N GLY X 36 -25.11 -15.73 46.43
CA GLY X 36 -23.71 -15.40 46.63
C GLY X 36 -23.45 -14.82 48.01
N LEU X 37 -24.21 -13.80 48.36
CA LEU X 37 -24.03 -13.08 49.62
C LEU X 37 -24.34 -13.94 50.85
N ILE X 38 -25.42 -14.70 50.79
CA ILE X 38 -25.75 -15.57 51.91
C ILE X 38 -24.71 -16.67 51.98
N LYS X 39 -24.30 -17.16 50.82
CA LYS X 39 -23.25 -18.16 50.72
C LYS X 39 -21.94 -17.62 51.26
N ALA X 40 -21.74 -16.32 51.09
CA ALA X 40 -20.53 -15.64 51.53
C ALA X 40 -20.46 -15.56 53.06
N GLY X 41 -21.56 -15.86 53.74
CA GLY X 41 -21.57 -15.84 55.20
C GLY X 41 -22.64 -14.90 55.77
N ALA X 42 -23.30 -14.14 54.92
CA ALA X 42 -24.35 -13.24 55.37
C ALA X 42 -25.64 -14.03 55.60
N THR X 43 -26.49 -13.53 56.49
CA THR X 43 -27.75 -14.20 56.75
C THR X 43 -28.87 -13.23 57.07
N ASP X 44 -30.06 -13.55 56.60
CA ASP X 44 -31.26 -12.77 56.88
C ASP X 44 -31.06 -11.27 56.66
N ALA X 45 -31.22 -10.49 57.75
CA ALA X 45 -31.12 -9.04 57.70
C ALA X 45 -29.75 -8.57 57.25
N ASN X 46 -28.74 -9.42 57.43
CA ASN X 46 -27.38 -9.06 57.04
C ASN X 46 -27.30 -8.89 55.54
N PHE X 47 -28.25 -9.48 54.83
CA PHE X 47 -28.30 -9.35 53.38
C PHE X 47 -28.30 -7.88 53.01
N MET X 48 -29.26 -7.14 53.55
CA MET X 48 -29.36 -5.72 53.28
C MET X 48 -28.23 -4.95 53.95
N LYS X 49 -27.88 -5.34 55.17
CA LYS X 49 -26.83 -4.65 55.92
C LYS X 49 -25.52 -4.62 55.15
N VAL X 50 -25.12 -5.76 54.62
CA VAL X 50 -23.88 -5.86 53.89
C VAL X 50 -23.95 -5.07 52.59
N LEU X 51 -25.09 -5.15 51.92
CA LEU X 51 -25.27 -4.42 50.68
C LEU X 51 -25.24 -2.92 50.95
N LEU X 52 -25.75 -2.51 52.10
CA LEU X 52 -25.68 -1.11 52.49
C LEU X 52 -24.24 -0.71 52.70
N GLY X 53 -23.44 -1.63 53.24
CA GLY X 53 -22.01 -1.37 53.41
C GLY X 53 -21.41 -1.06 52.05
N LEU X 54 -21.72 -1.89 51.07
CA LEU X 54 -21.23 -1.69 49.70
C LEU X 54 -21.77 -0.41 49.11
N SER X 55 -23.02 -0.08 49.40
CA SER X 55 -23.60 1.15 48.86
C SER X 55 -22.86 2.35 49.42
N LEU X 56 -22.44 2.24 50.66
CA LEU X 56 -21.66 3.28 51.31
C LEU X 56 -20.29 3.35 50.66
N GLU X 57 -19.77 2.18 50.27
CA GLU X 57 -18.49 2.13 49.59
C GLU X 57 -18.64 2.70 48.19
N ALA X 58 -19.76 2.40 47.55
CA ALA X 58 -20.05 2.89 46.21
C ALA X 58 -20.17 4.39 46.24
N PHE X 59 -20.65 4.91 47.36
CA PHE X 59 -20.79 6.34 47.56
C PHE X 59 -19.42 7.01 47.43
N ASP X 60 -18.41 6.36 47.99
CA ASP X 60 -17.04 6.87 47.92
C ASP X 60 -16.19 6.19 46.85
N ARG X 61 -16.70 5.13 46.24
CA ARG X 61 -15.93 4.41 45.23
C ARG X 61 -16.61 4.34 43.87
N GLY X 62 -17.62 3.48 43.76
CA GLY X 62 -18.34 3.33 42.50
C GLY X 62 -18.61 1.84 42.21
N SER X 63 -18.88 1.54 40.94
CA SER X 63 -19.17 0.17 40.48
C SER X 63 -18.06 -0.82 40.87
N SER X 64 -17.18 -1.15 39.92
CA SER X 64 -16.10 -2.08 40.20
C SER X 64 -15.14 -1.49 41.23
N GLU X 65 -15.21 -0.17 41.40
CA GLU X 65 -14.39 0.49 42.39
C GLU X 65 -14.71 -0.04 43.78
N ALA X 66 -15.98 -0.06 44.14
CA ALA X 66 -16.39 -0.59 45.43
C ALA X 66 -16.15 -2.08 45.47
N THR X 67 -16.18 -2.72 44.30
CA THR X 67 -15.92 -4.15 44.19
C THR X 67 -14.50 -4.46 44.64
N THR X 68 -13.56 -3.60 44.27
CA THR X 68 -12.16 -3.78 44.66
C THR X 68 -11.96 -3.43 46.14
N TRP X 69 -12.82 -2.58 46.67
CA TRP X 69 -12.71 -2.20 48.07
C TRP X 69 -12.95 -3.38 49.00
N ASP X 70 -11.98 -3.62 49.87
CA ASP X 70 -12.05 -4.70 50.85
C ASP X 70 -12.65 -4.24 52.16
N GLY X 71 -12.61 -5.12 53.16
CA GLY X 71 -13.14 -4.79 54.48
C GLY X 71 -14.32 -5.68 54.82
N ILE X 72 -14.21 -6.37 55.95
CA ILE X 72 -15.26 -7.26 56.39
C ILE X 72 -16.37 -6.48 57.08
N THR X 73 -17.57 -6.60 56.54
CA THR X 73 -18.73 -5.95 57.09
C THR X 73 -19.33 -6.80 58.20
N GLU X 74 -20.51 -6.41 58.66
CA GLU X 74 -21.20 -7.17 59.68
C GLU X 74 -21.52 -8.58 59.22
N GLY X 75 -21.55 -8.78 57.89
CA GLY X 75 -21.84 -10.11 57.35
C GLY X 75 -20.64 -10.72 56.63
N VAL X 76 -19.96 -9.93 55.81
CA VAL X 76 -18.83 -10.46 55.03
C VAL X 76 -18.05 -9.35 54.32
N GLU X 77 -16.85 -9.69 53.86
CA GLU X 77 -15.99 -8.78 53.11
C GLU X 77 -16.73 -8.12 51.96
N HIS X 78 -16.51 -6.82 51.80
CA HIS X 78 -17.15 -6.04 50.74
C HIS X 78 -16.95 -6.70 49.39
N ARG X 79 -15.72 -7.13 49.12
CA ARG X 79 -15.38 -7.75 47.85
C ARG X 79 -16.17 -9.04 47.64
N ALA X 80 -16.33 -9.82 48.70
CA ALA X 80 -17.07 -11.06 48.61
C ALA X 80 -18.53 -10.78 48.28
N ALA X 81 -19.09 -9.78 48.94
CA ALA X 81 -20.46 -9.38 48.69
C ALA X 81 -20.59 -8.82 47.28
N ALA X 82 -19.56 -8.10 46.85
CA ALA X 82 -19.54 -7.53 45.51
C ALA X 82 -19.56 -8.64 44.48
N ASN X 83 -18.88 -9.73 44.79
CA ASN X 83 -18.84 -10.88 43.91
C ASN X 83 -20.24 -11.45 43.74
N ALA X 84 -20.99 -11.47 44.84
CA ALA X 84 -22.37 -11.97 44.81
C ALA X 84 -23.20 -11.12 43.87
N ILE X 85 -22.98 -9.82 43.91
CA ILE X 85 -23.70 -8.90 43.03
C ILE X 85 -23.33 -9.20 41.58
N LYS X 86 -22.04 -9.46 41.36
CA LYS X 86 -21.56 -9.81 40.03
C LYS X 86 -22.13 -11.15 39.57
N GLU X 87 -22.34 -12.07 40.53
CA GLU X 87 -22.94 -13.36 40.22
C GLU X 87 -24.36 -13.16 39.71
N ALA X 88 -25.02 -12.13 40.20
CA ALA X 88 -26.37 -11.78 39.77
C ALA X 88 -26.37 -11.01 38.45
N ASN X 89 -25.17 -10.80 37.90
CA ASN X 89 -24.99 -10.06 36.65
C ASN X 89 -25.36 -8.60 36.80
N CYS X 90 -25.08 -8.04 37.98
CA CYS X 90 -25.36 -6.65 38.24
C CYS X 90 -24.13 -5.91 38.73
N PRO X 91 -24.07 -4.62 38.49
CA PRO X 91 -23.01 -3.78 39.06
C PRO X 91 -23.42 -3.40 40.47
N ILE X 92 -22.45 -3.03 41.30
CA ILE X 92 -22.79 -2.62 42.66
C ILE X 92 -23.73 -1.43 42.62
N HIS X 93 -23.55 -0.58 41.61
CA HIS X 93 -24.41 0.57 41.42
C HIS X 93 -25.86 0.15 41.29
N LYS X 94 -26.10 -0.99 40.65
CA LYS X 94 -27.45 -1.49 40.46
C LYS X 94 -28.13 -1.70 41.80
N VAL X 95 -27.40 -2.32 42.73
CA VAL X 95 -27.92 -2.51 44.07
C VAL X 95 -27.99 -1.20 44.81
N THR X 96 -26.97 -0.38 44.62
CA THR X 96 -26.86 0.92 45.27
C THR X 96 -28.00 1.83 44.87
N TYR X 97 -28.47 1.70 43.64
CA TYR X 97 -29.58 2.52 43.16
C TYR X 97 -30.80 2.28 44.03
N TYR X 98 -31.01 1.02 44.40
CA TYR X 98 -32.11 0.65 45.28
C TYR X 98 -31.87 1.15 46.70
N LEU X 99 -30.62 1.08 47.14
CA LEU X 99 -30.27 1.50 48.48
C LEU X 99 -29.57 2.85 48.49
N ALA X 100 -29.88 3.69 47.51
CA ALA X 100 -29.25 4.99 47.38
C ALA X 100 -29.69 5.96 48.48
N LYS X 101 -30.99 6.01 48.74
CA LYS X 101 -31.52 6.95 49.72
C LYS X 101 -31.08 6.65 51.14
N PRO X 102 -31.22 5.40 51.58
CA PRO X 102 -30.80 5.02 52.93
C PRO X 102 -29.31 5.25 53.08
N THR X 103 -28.57 4.99 52.01
CA THR X 103 -27.13 5.18 51.99
C THR X 103 -26.77 6.63 52.18
N PHE X 104 -27.40 7.48 51.37
CA PHE X 104 -27.21 8.92 51.47
C PHE X 104 -27.67 9.40 52.83
N ALA X 105 -28.79 8.85 53.29
CA ALA X 105 -29.38 9.22 54.56
C ALA X 105 -28.40 8.95 55.70
N ILE X 106 -27.70 7.84 55.63
CA ILE X 106 -26.72 7.50 56.65
C ILE X 106 -25.64 8.56 56.71
N ARG X 107 -25.03 8.81 55.56
CA ARG X 107 -23.95 9.79 55.48
C ARG X 107 -24.43 11.19 55.74
N GLN X 108 -25.65 11.49 55.36
CA GLN X 108 -26.19 12.82 55.59
C GLN X 108 -26.33 13.08 57.07
N SER X 109 -26.74 12.06 57.82
CA SER X 109 -26.88 12.18 59.26
C SER X 109 -25.52 12.15 59.95
N LYS X 110 -24.55 11.48 59.31
CA LYS X 110 -23.21 11.39 59.86
C LYS X 110 -22.30 12.45 59.26
N ASN X 111 -22.84 13.23 58.33
CA ASN X 111 -22.10 14.30 57.67
C ASN X 111 -20.84 13.78 56.97
N LEU X 112 -20.99 12.68 56.25
CA LEU X 112 -19.87 12.08 55.53
C LEU X 112 -20.01 12.28 54.03
N PRO X 113 -19.44 13.36 53.51
CA PRO X 113 -19.53 13.69 52.09
C PRO X 113 -18.75 12.68 51.26
N PRO X 114 -19.06 12.65 49.96
CA PRO X 114 -18.41 11.69 49.06
C PRO X 114 -16.91 11.94 48.98
N ALA X 115 -16.14 10.87 49.10
CA ALA X 115 -14.68 10.96 49.07
C ALA X 115 -14.16 11.30 47.69
N ASN X 116 -14.98 11.08 46.66
CA ASN X 116 -14.56 11.37 45.30
C ASN X 116 -14.95 12.77 44.89
N PHE X 117 -15.49 13.53 45.84
CA PHE X 117 -15.85 14.93 45.64
C PHE X 117 -14.65 15.69 45.12
N ALA X 118 -13.52 15.51 45.79
CA ALA X 118 -12.28 16.16 45.44
C ALA X 118 -11.81 15.75 44.04
N LYS X 119 -11.90 14.46 43.76
CA LYS X 119 -11.45 13.91 42.49
C LYS X 119 -12.24 14.46 41.32
N LYS X 120 -13.53 14.65 41.54
CA LYS X 120 -14.42 15.12 40.51
C LYS X 120 -14.42 16.64 40.38
N ASN X 121 -13.68 17.31 41.27
CA ASN X 121 -13.59 18.76 41.25
C ASN X 121 -14.98 19.40 41.38
N VAL X 122 -15.87 18.73 42.10
CA VAL X 122 -17.21 19.25 42.30
C VAL X 122 -17.18 20.45 43.23
N PRO X 123 -17.82 21.53 42.82
CA PRO X 123 -17.88 22.75 43.65
C PRO X 123 -18.40 22.44 45.03
N SER X 124 -17.88 23.13 46.04
CA SER X 124 -18.30 22.93 47.42
C SER X 124 -19.78 23.21 47.58
N GLN X 125 -20.31 24.06 46.71
CA GLN X 125 -21.74 24.37 46.70
C GLN X 125 -22.54 23.09 46.47
N TYR X 126 -21.94 22.16 45.73
CA TYR X 126 -22.56 20.91 45.39
C TYR X 126 -21.83 19.73 46.02
N LYS X 127 -21.34 19.94 47.23
CA LYS X 127 -20.59 18.92 47.96
C LYS X 127 -21.32 17.59 48.06
N TRP X 128 -22.63 17.63 48.26
CA TRP X 128 -23.41 16.41 48.40
C TRP X 128 -24.06 15.99 47.09
N CYS X 129 -23.62 16.58 45.98
CA CYS X 129 -24.17 16.24 44.69
C CYS X 129 -23.34 15.17 44.00
N ALA X 130 -22.13 14.93 44.52
CA ALA X 130 -21.26 13.92 43.93
C ALA X 130 -21.67 12.52 44.41
N PHE X 131 -22.82 12.05 43.93
CA PHE X 131 -23.33 10.75 44.30
C PHE X 131 -23.74 9.96 43.07
N ASP X 132 -23.00 8.88 42.78
CA ASP X 132 -23.24 8.09 41.59
C ASP X 132 -24.68 7.56 41.50
N ALA X 133 -25.21 7.13 42.64
CA ALA X 133 -26.57 6.59 42.67
C ALA X 133 -27.58 7.65 43.08
N PHE X 134 -27.33 8.90 42.72
CA PHE X 134 -28.26 9.98 43.05
C PHE X 134 -29.63 9.77 42.46
N ASP X 135 -29.72 8.97 41.39
CA ASP X 135 -30.99 8.71 40.76
C ASP X 135 -31.93 7.97 41.70
N GLY X 136 -31.37 7.22 42.64
CA GLY X 136 -32.16 6.48 43.61
C GLY X 136 -32.85 7.43 44.58
N LEU X 137 -32.37 8.67 44.64
CA LEU X 137 -32.94 9.68 45.51
C LEU X 137 -34.30 10.12 44.98
N TYR X 138 -34.55 9.83 43.70
CA TYR X 138 -35.80 10.19 43.06
C TYR X 138 -36.60 8.96 42.70
N ASP X 139 -35.90 7.84 42.54
CA ASP X 139 -36.53 6.58 42.16
C ASP X 139 -37.58 6.15 43.18
N PRO X 140 -38.82 6.00 42.70
CA PRO X 140 -39.96 5.66 43.57
C PRO X 140 -39.83 4.27 44.20
N THR X 141 -39.01 3.41 43.60
CA THR X 141 -38.85 2.06 44.12
C THR X 141 -37.67 1.97 45.10
N CYS X 142 -36.88 3.04 45.18
CA CYS X 142 -35.72 3.04 46.06
C CYS X 142 -36.13 3.01 47.52
N LEU X 143 -35.42 2.19 48.30
CA LEU X 143 -35.67 2.04 49.73
C LEU X 143 -35.36 3.34 50.47
N ALA X 144 -36.07 3.59 51.56
CA ALA X 144 -35.85 4.80 52.34
C ALA X 144 -36.77 4.88 53.55
N SER X 145 -36.21 4.67 54.73
CA SER X 145 -36.97 4.74 55.97
C SER X 145 -37.06 6.18 56.48
N GLU X 146 -36.10 7.01 56.07
CA GLU X 146 -36.05 8.42 56.47
C GLU X 146 -34.81 9.11 55.92
N LEU X 147 -35.03 10.18 55.17
CA LEU X 147 -33.92 10.96 54.61
C LEU X 147 -33.76 12.28 55.35
N PRO X 148 -32.64 12.45 56.02
CA PRO X 148 -32.35 13.66 56.84
C PRO X 148 -32.43 14.95 56.04
N TYR X 149 -32.05 14.91 54.78
CA TYR X 149 -32.06 16.11 53.95
C TYR X 149 -32.60 15.85 52.56
N ASP X 150 -33.45 16.76 52.08
CA ASP X 150 -34.04 16.63 50.77
C ASP X 150 -33.03 16.91 49.67
N ALA X 151 -32.14 15.95 49.44
CA ALA X 151 -31.14 16.04 48.39
C ALA X 151 -31.80 16.08 47.02
N PRO X 152 -33.00 15.52 46.91
CA PRO X 152 -33.73 15.59 45.63
C PRO X 152 -34.00 17.02 45.16
N SER X 153 -33.88 18.00 46.06
CA SER X 153 -34.13 19.40 45.72
C SER X 153 -33.73 19.74 44.30
N GLU X 154 -34.61 20.47 43.60
CA GLU X 154 -34.40 20.81 42.20
C GLU X 154 -33.06 21.47 41.95
N ILE X 155 -32.61 22.31 42.87
CA ILE X 155 -31.31 22.94 42.72
C ILE X 155 -30.24 21.87 42.72
N ASP X 156 -30.39 20.92 43.64
CA ASP X 156 -29.47 19.80 43.72
C ASP X 156 -29.64 18.89 42.51
N ARG X 157 -30.85 18.86 41.96
CA ARG X 157 -31.16 18.05 40.79
C ARG X 157 -30.42 18.55 39.57
N MET X 158 -30.39 19.87 39.41
CA MET X 158 -29.64 20.46 38.31
C MET X 158 -28.15 20.30 38.58
N ALA X 159 -27.78 20.32 39.86
CA ALA X 159 -26.42 20.05 40.25
C ALA X 159 -26.09 18.59 39.97
N TYR X 160 -27.09 17.73 40.14
CA TYR X 160 -26.94 16.32 39.84
C TYR X 160 -26.80 16.13 38.34
N ALA X 161 -27.46 17.00 37.57
CA ALA X 161 -27.31 16.97 36.13
C ALA X 161 -25.88 17.35 35.78
N THR X 162 -25.34 18.35 36.48
CA THR X 162 -23.96 18.74 36.28
C THR X 162 -23.07 17.57 36.67
N PHE X 163 -23.47 16.89 37.74
CA PHE X 163 -22.79 15.68 38.17
C PHE X 163 -22.87 14.61 37.09
N LYS X 164 -24.01 14.54 36.41
CA LYS X 164 -24.18 13.59 35.33
C LYS X 164 -23.15 13.85 34.25
N THR X 165 -22.82 15.12 34.04
CA THR X 165 -21.78 15.49 33.07
C THR X 165 -20.48 14.80 33.43
N ILE X 166 -20.19 14.73 34.73
CA ILE X 166 -19.00 14.04 35.20
C ILE X 166 -19.09 12.58 34.81
N GLN X 167 -20.25 12.00 35.06
CA GLN X 167 -20.48 10.60 34.75
C GLN X 167 -20.34 10.35 33.26
N ILE X 168 -20.83 11.32 32.47
CA ILE X 168 -20.73 11.26 31.02
C ILE X 168 -19.29 11.38 30.57
N LYS X 169 -18.57 12.32 31.17
CA LYS X 169 -17.18 12.54 30.84
C LYS X 169 -16.37 11.27 31.04
N ILE X 170 -16.51 10.66 32.21
CA ILE X 170 -15.77 9.45 32.50
C ILE X 170 -16.22 8.34 31.55
N ALA X 171 -17.50 8.33 31.22
CA ALA X 171 -18.00 7.36 30.26
C ALA X 171 -17.29 7.57 28.94
N ASN X 172 -17.13 8.82 28.54
CA ASN X 172 -16.41 9.12 27.30
C ASN X 172 -14.97 8.69 27.42
N ASP X 173 -14.43 8.80 28.63
CA ASP X 173 -13.05 8.43 28.90
C ASP X 173 -12.83 6.92 28.87
N GLN X 174 -13.84 6.15 29.27
CA GLN X 174 -13.70 4.70 29.29
C GLN X 174 -14.71 3.99 28.39
N LYS X 175 -15.98 4.36 28.49
CA LYS X 175 -17.02 3.76 27.66
C LYS X 175 -16.81 4.16 26.20
N GLY X 176 -16.17 5.31 26.01
CA GLY X 176 -15.88 5.82 24.68
C GLY X 176 -14.80 5.02 23.97
N PHE X 177 -14.17 4.08 24.69
CA PHE X 177 -13.16 3.24 24.07
C PHE X 177 -13.76 2.52 22.87
N ASN X 178 -13.04 2.55 21.76
CA ASN X 178 -13.54 1.96 20.52
C ASN X 178 -13.28 0.48 20.43
N LEU X 179 -14.32 -0.31 20.67
CA LEU X 179 -14.22 -1.76 20.54
C LEU X 179 -14.38 -2.13 19.07
N ASN X 180 -13.35 -1.83 18.30
CA ASN X 180 -13.36 -2.06 16.87
C ASN X 180 -12.90 -3.45 16.48
N TYR X 181 -12.54 -4.26 17.46
CA TYR X 181 -12.16 -5.63 17.16
C TYR X 181 -12.34 -6.54 18.36
N ASN X 182 -12.48 -7.82 18.07
CA ASN X 182 -12.59 -8.81 19.13
C ASN X 182 -11.32 -9.66 19.18
N PRO X 183 -11.05 -10.43 18.12
CA PRO X 183 -9.90 -11.33 18.11
C PRO X 183 -8.58 -10.63 17.85
N ASN X 184 -8.27 -9.62 18.66
CA ASN X 184 -7.01 -8.91 18.55
C ASN X 184 -6.70 -8.40 17.15
N VAL X 185 -7.67 -7.81 16.47
CA VAL X 185 -7.40 -7.28 15.14
C VAL X 185 -6.73 -5.92 15.23
N THR X 186 -5.47 -5.93 15.65
CA THR X 186 -4.68 -4.73 15.80
C THR X 186 -4.21 -4.20 14.47
N GLN X 187 -4.30 -5.04 13.44
CA GLN X 187 -3.94 -4.63 12.10
C GLN X 187 -4.93 -3.63 11.56
N ALA X 188 -6.15 -3.66 12.07
CA ALA X 188 -7.15 -2.67 11.68
C ALA X 188 -6.89 -1.40 12.45
N ARG X 189 -6.82 -1.54 13.77
CA ARG X 189 -6.49 -0.43 14.66
C ARG X 189 -5.68 -0.93 15.84
N LEU X 190 -4.54 -0.30 16.06
CA LEU X 190 -3.62 -0.70 17.11
C LEU X 190 -4.15 -0.34 18.50
N PRO X 191 -3.66 -1.07 19.50
CA PRO X 191 -4.04 -0.81 20.89
C PRO X 191 -3.68 0.62 21.26
N ASN X 192 -4.58 1.28 21.98
CA ASN X 192 -4.37 2.65 22.43
C ASN X 192 -4.29 3.65 21.28
N ALA X 193 -4.72 3.23 20.09
CA ALA X 193 -4.75 4.12 18.94
C ALA X 193 -5.83 5.19 19.13
N PRO X 194 -6.90 4.83 19.86
CA PRO X 194 -7.97 5.80 20.13
C PRO X 194 -7.52 6.97 21.00
N LEU X 195 -6.34 6.85 21.61
CA LEU X 195 -5.86 7.93 22.47
C LEU X 195 -5.78 9.24 21.71
N PRO X 196 -6.40 10.28 22.28
CA PRO X 196 -6.40 11.60 21.65
C PRO X 196 -4.99 12.12 21.44
N ALA X 197 -4.79 12.83 20.33
CA ALA X 197 -3.49 13.40 20.01
C ALA X 197 -3.17 14.51 20.99
N LEU X 198 -1.88 14.78 21.18
CA LEU X 198 -1.44 15.82 22.09
C LEU X 198 -1.89 17.18 21.59
N PRO X 199 -2.32 18.04 22.50
CA PRO X 199 -2.83 19.36 22.14
C PRO X 199 -1.72 20.25 21.60
N GLU X 200 -2.04 21.00 20.55
CA GLU X 200 -1.10 21.93 19.93
C GLU X 200 -1.09 23.23 20.70
N PRO X 201 -0.04 24.00 20.57
CA PRO X 201 0.06 25.30 21.25
C PRO X 201 -0.70 26.39 20.51
N THR X 202 -1.01 26.15 19.24
CA THR X 202 -1.71 27.14 18.44
C THR X 202 -3.22 27.07 18.63
N SER X 203 -3.90 28.17 18.32
CA SER X 203 -5.35 28.24 18.48
C SER X 203 -6.10 27.46 17.40
N ASP X 204 -5.42 27.21 16.29
CA ASP X 204 -6.03 26.49 15.19
C ASP X 204 -5.12 25.37 14.70
N GLN Y 1 52.19 3.06 30.77
CA GLN Y 1 50.98 3.12 29.95
C GLN Y 1 50.82 4.49 29.30
N PRO Y 2 51.59 4.74 28.25
CA PRO Y 2 51.58 6.05 27.58
C PRO Y 2 50.20 6.39 27.02
N TRP Y 3 49.43 5.36 26.66
CA TRP Y 3 48.11 5.58 26.09
C TRP Y 3 47.11 6.04 27.15
N GLU Y 4 47.45 5.84 28.42
CA GLU Y 4 46.58 6.26 29.52
C GLU Y 4 46.81 7.71 29.89
N ALA Y 5 47.88 8.29 29.37
CA ALA Y 5 48.24 9.67 29.67
C ALA Y 5 47.35 10.65 28.93
N ILE Y 6 47.13 11.81 29.53
CA ILE Y 6 46.34 12.85 28.90
C ILE Y 6 47.24 13.69 28.00
N PHE Y 7 46.88 13.78 26.72
CA PHE Y 7 47.72 14.48 25.77
C PHE Y 7 47.77 15.98 25.99
N THR Y 8 46.71 16.53 26.58
CA THR Y 8 46.61 17.97 26.87
C THR Y 8 46.34 18.77 25.60
N LYS Y 9 45.28 19.57 25.64
CA LYS Y 9 44.87 20.37 24.49
C LYS Y 9 45.97 21.30 23.99
N ASP Y 10 46.77 21.81 24.90
CA ASP Y 10 47.87 22.69 24.54
C ASP Y 10 48.80 22.01 23.54
N ASP Y 11 48.96 20.70 23.70
CA ASP Y 11 49.80 19.93 22.82
C ASP Y 11 49.07 19.56 21.54
N LEU Y 12 47.75 19.35 21.65
CA LEU Y 12 46.95 19.04 20.47
C LEU Y 12 46.98 20.18 19.47
N ALA Y 13 46.87 21.40 19.98
CA ALA Y 13 46.89 22.59 19.14
C ALA Y 13 48.26 22.83 18.55
N ALA Y 14 49.28 22.25 19.16
CA ALA Y 14 50.66 22.41 18.70
C ALA Y 14 50.98 21.50 17.52
N ILE Y 15 50.09 20.56 17.24
CA ILE Y 15 50.31 19.61 16.14
C ILE Y 15 50.19 20.28 14.77
N GLU Y 16 49.12 21.05 14.58
CA GLU Y 16 48.91 21.77 13.32
C GLU Y 16 49.07 20.87 12.11
N PRO Y 17 48.26 19.83 12.02
CA PRO Y 17 48.34 18.85 10.94
C PRO Y 17 47.73 19.39 9.64
N LYS Y 18 47.98 18.68 8.55
CA LYS Y 18 47.45 19.04 7.24
C LYS Y 18 46.56 17.91 6.72
N PRO Y 19 45.46 18.27 6.05
CA PRO Y 19 44.57 17.25 5.48
C PRO Y 19 45.35 16.35 4.53
N ALA Y 20 44.99 15.07 4.50
CA ALA Y 20 45.70 14.10 3.68
C ALA Y 20 44.76 13.31 2.79
N SER Y 21 44.32 13.95 1.71
CA SER Y 21 43.44 13.31 0.75
C SER Y 21 44.16 12.23 -0.04
N ALA Y 22 43.46 11.15 -0.35
CA ALA Y 22 44.03 10.06 -1.12
C ALA Y 22 43.64 10.17 -2.60
N ASN Y 23 42.91 11.22 -2.95
CA ASN Y 23 42.50 11.40 -4.34
C ASN Y 23 43.52 12.29 -5.05
N VAL Y 24 44.67 12.50 -4.43
CA VAL Y 24 45.73 13.26 -5.05
C VAL Y 24 46.96 12.38 -5.14
N PRO Y 25 47.79 12.61 -6.16
CA PRO Y 25 49.01 11.83 -6.34
C PRO Y 25 49.90 11.94 -5.11
N ASN Y 26 50.53 10.83 -4.74
CA ASN Y 26 51.48 10.82 -3.63
C ASN Y 26 52.66 11.71 -3.98
N THR Y 27 53.33 12.23 -2.97
CA THR Y 27 54.49 13.08 -3.21
C THR Y 27 55.44 12.44 -4.19
N LYS Y 28 55.71 11.14 -4.00
CA LYS Y 28 56.61 10.42 -4.89
C LYS Y 28 55.98 10.25 -6.27
N GLN Y 29 54.66 10.23 -6.31
CA GLN Y 29 53.95 10.11 -7.58
C GLN Y 29 53.98 11.44 -8.30
N TRP Y 30 53.92 12.53 -7.53
CA TRP Y 30 54.06 13.86 -8.11
C TRP Y 30 55.42 13.96 -8.76
N ILE Y 31 56.42 13.39 -8.07
CA ILE Y 31 57.77 13.35 -8.58
C ILE Y 31 57.83 12.45 -9.81
N GLY Y 32 57.10 11.35 -9.77
CA GLY Y 32 57.03 10.44 -10.90
C GLY Y 32 56.48 11.18 -12.10
N ILE Y 33 55.48 12.04 -11.86
CA ILE Y 33 54.91 12.84 -12.93
C ILE Y 33 55.98 13.78 -13.46
N GLN Y 34 56.77 14.36 -12.57
CA GLN Y 34 57.86 15.25 -12.98
C GLN Y 34 58.86 14.48 -13.82
N ALA Y 35 59.19 13.27 -13.38
CA ALA Y 35 60.15 12.44 -14.09
C ALA Y 35 59.69 12.21 -15.53
N GLY Y 36 58.39 12.12 -15.72
CA GLY Y 36 57.83 11.91 -17.05
C GLY Y 36 57.53 13.23 -17.76
N LEU Y 37 56.77 14.09 -17.09
CA LEU Y 37 56.33 15.36 -17.66
C LEU Y 37 57.47 16.31 -17.94
N ILE Y 38 58.41 16.43 -17.00
CA ILE Y 38 59.54 17.31 -17.21
C ILE Y 38 60.40 16.72 -18.32
N LYS Y 39 60.55 15.39 -18.29
CA LYS Y 39 61.27 14.67 -19.33
C LYS Y 39 60.60 14.85 -20.68
N ALA Y 40 59.28 15.00 -20.66
CA ALA Y 40 58.49 15.16 -21.87
C ALA Y 40 58.73 16.53 -22.52
N GLY Y 41 59.38 17.44 -21.79
CA GLY Y 41 59.69 18.76 -22.34
C GLY Y 41 59.13 19.90 -21.48
N ALA Y 42 58.35 19.56 -20.46
CA ALA Y 42 57.80 20.58 -19.59
C ALA Y 42 58.85 21.01 -18.58
N THR Y 43 58.75 22.24 -18.09
CA THR Y 43 59.69 22.71 -17.09
C THR Y 43 59.05 23.67 -16.09
N ASP Y 44 59.50 23.57 -14.85
CA ASP Y 44 59.04 24.44 -13.76
C ASP Y 44 57.53 24.59 -13.72
N ALA Y 45 57.06 25.82 -13.91
CA ALA Y 45 55.63 26.15 -13.82
C ALA Y 45 54.81 25.41 -14.86
N ASN Y 46 55.46 24.99 -15.95
CA ASN Y 46 54.76 24.27 -17.01
C ASN Y 46 54.26 22.94 -16.48
N PHE Y 47 54.86 22.46 -15.40
CA PHE Y 47 54.43 21.22 -14.79
C PHE Y 47 52.95 21.28 -14.48
N MET Y 48 52.54 22.31 -13.75
CA MET Y 48 51.15 22.50 -13.40
C MET Y 48 50.33 22.92 -14.61
N LYS Y 49 50.91 23.79 -15.45
CA LYS Y 49 50.20 24.29 -16.61
C LYS Y 49 49.74 23.16 -17.52
N VAL Y 50 50.64 22.24 -17.81
CA VAL Y 50 50.32 21.12 -18.68
C VAL Y 50 49.31 20.20 -18.04
N LEU Y 51 49.46 19.96 -16.73
CA LEU Y 51 48.53 19.11 -16.01
C LEU Y 51 47.14 19.76 -15.99
N LEU Y 52 47.11 21.09 -15.93
CA LEU Y 52 45.84 21.80 -16.00
C LEU Y 52 45.21 21.60 -17.35
N GLY Y 53 46.05 21.55 -18.39
CA GLY Y 53 45.56 21.29 -19.73
C GLY Y 53 44.85 19.94 -19.73
N LEU Y 54 45.50 18.94 -19.16
CA LEU Y 54 44.90 17.61 -19.07
C LEU Y 54 43.66 17.60 -18.21
N SER Y 55 43.65 18.39 -17.13
CA SER Y 55 42.48 18.45 -16.28
C SER Y 55 41.30 19.02 -17.04
N LEU Y 56 41.60 19.97 -17.92
CA LEU Y 56 40.59 20.56 -18.77
C LEU Y 56 40.11 19.52 -19.77
N GLU Y 57 41.03 18.68 -20.23
CA GLU Y 57 40.68 17.61 -21.13
C GLU Y 57 39.86 16.57 -20.40
N ALA Y 58 40.24 16.30 -19.16
CA ALA Y 58 39.53 15.33 -18.33
C ALA Y 58 38.13 15.81 -18.08
N PHE Y 59 37.98 17.12 -18.01
CA PHE Y 59 36.68 17.75 -17.81
C PHE Y 59 35.74 17.34 -18.95
N ASP Y 60 36.27 17.32 -20.16
CA ASP Y 60 35.50 16.93 -21.34
C ASP Y 60 35.75 15.49 -21.78
N ARG Y 61 36.73 14.82 -21.19
CA ARG Y 61 37.03 13.45 -21.58
C ARG Y 61 36.95 12.45 -20.44
N GLY Y 62 37.94 12.45 -19.56
CA GLY Y 62 37.97 11.53 -18.43
C GLY Y 62 39.37 10.95 -18.23
N SER Y 63 39.45 9.82 -17.53
CA SER Y 63 40.71 9.13 -17.23
C SER Y 63 41.52 8.83 -18.51
N SER Y 64 41.46 7.58 -18.99
CA SER Y 64 42.19 7.21 -20.19
C SER Y 64 41.66 7.97 -21.39
N GLU Y 65 40.45 8.50 -21.26
CA GLU Y 65 39.86 9.29 -22.32
C GLU Y 65 40.74 10.51 -22.62
N ALA Y 66 41.09 11.26 -21.58
CA ALA Y 66 41.95 12.41 -21.76
C ALA Y 66 43.35 11.96 -22.15
N THR Y 67 43.70 10.74 -21.74
CA THR Y 67 45.00 10.17 -22.09
C THR Y 67 45.11 9.99 -23.59
N THR Y 68 44.01 9.57 -24.22
CA THR Y 68 43.99 9.40 -25.67
C THR Y 68 43.95 10.74 -26.39
N TRP Y 69 43.42 11.75 -25.71
CA TRP Y 69 43.33 13.08 -26.31
C TRP Y 69 44.71 13.67 -26.58
N ASP Y 70 44.94 14.06 -27.82
CA ASP Y 70 46.20 14.65 -28.26
C ASP Y 70 46.17 16.16 -28.15
N GLY Y 71 47.21 16.81 -28.67
CA GLY Y 71 47.29 18.26 -28.65
C GLY Y 71 48.45 18.73 -27.80
N ILE Y 72 49.33 19.52 -28.40
CA ILE Y 72 50.48 20.04 -27.69
C ILE Y 72 50.12 21.24 -26.85
N THR Y 73 50.36 21.13 -25.55
CA THR Y 73 50.08 22.22 -24.63
C THR Y 73 51.25 23.16 -24.60
N GLU Y 74 51.21 24.10 -23.65
CA GLU Y 74 52.30 25.05 -23.48
C GLU Y 74 53.61 24.34 -23.16
N GLY Y 75 53.52 23.11 -22.65
CA GLY Y 75 54.72 22.36 -22.32
C GLY Y 75 54.91 21.13 -23.21
N VAL Y 76 53.84 20.38 -23.44
CA VAL Y 76 53.96 19.15 -24.22
C VAL Y 76 52.59 18.54 -24.56
N GLU Y 77 52.58 17.62 -25.52
CA GLU Y 77 51.37 16.92 -25.92
C GLU Y 77 50.64 16.31 -24.74
N HIS Y 78 49.31 16.44 -24.74
CA HIS Y 78 48.48 15.93 -23.67
C HIS Y 78 48.76 14.47 -23.41
N ARG Y 79 48.88 13.69 -24.47
CA ARG Y 79 49.12 12.26 -24.36
C ARG Y 79 50.46 11.99 -23.70
N ALA Y 80 51.47 12.79 -24.04
CA ALA Y 80 52.79 12.62 -23.45
C ALA Y 80 52.75 12.90 -21.96
N ALA Y 81 52.03 13.95 -21.59
CA ALA Y 81 51.87 14.31 -20.20
C ALA Y 81 51.06 13.25 -19.48
N ALA Y 82 50.07 12.70 -20.18
CA ALA Y 82 49.24 11.65 -19.62
C ALA Y 82 50.07 10.43 -19.33
N ASN Y 83 51.05 10.17 -20.18
CA ASN Y 83 51.95 9.05 -20.01
C ASN Y 83 52.74 9.22 -18.72
N ALA Y 84 53.16 10.45 -18.45
CA ALA Y 84 53.89 10.78 -17.23
C ALA Y 84 53.05 10.44 -16.02
N ILE Y 85 51.77 10.76 -16.10
CA ILE Y 85 50.85 10.47 -15.01
C ILE Y 85 50.74 8.97 -14.82
N LYS Y 86 50.68 8.24 -15.94
CA LYS Y 86 50.63 6.78 -15.91
C LYS Y 86 51.92 6.21 -15.35
N GLU Y 87 53.05 6.88 -15.62
CA GLU Y 87 54.34 6.45 -15.09
C GLU Y 87 54.32 6.53 -13.57
N ALA Y 88 53.56 7.49 -13.04
CA ALA Y 88 53.42 7.67 -11.60
C ALA Y 88 52.39 6.69 -11.03
N ASN Y 89 51.83 5.84 -11.89
CA ASN Y 89 50.83 4.87 -11.50
C ASN Y 89 49.54 5.53 -11.07
N CYS Y 90 49.20 6.64 -11.71
CA CYS Y 90 47.98 7.36 -11.41
C CYS Y 90 47.14 7.58 -12.66
N PRO Y 91 45.83 7.70 -12.48
CA PRO Y 91 44.94 8.08 -13.57
C PRO Y 91 44.96 9.60 -13.70
N ILE Y 92 44.60 10.12 -14.86
CA ILE Y 92 44.57 11.57 -15.04
C ILE Y 92 43.62 12.17 -14.04
N HIS Y 93 42.55 11.45 -13.72
CA HIS Y 93 41.58 11.88 -12.74
C HIS Y 93 42.25 12.14 -11.41
N LYS Y 94 43.24 11.33 -11.06
CA LYS Y 94 43.95 11.49 -9.80
C LYS Y 94 44.57 12.88 -9.72
N VAL Y 95 45.22 13.29 -10.80
CA VAL Y 95 45.81 14.61 -10.85
C VAL Y 95 44.72 15.67 -10.94
N THR Y 96 43.68 15.37 -11.72
CA THR Y 96 42.57 16.28 -11.92
C THR Y 96 41.84 16.57 -10.63
N TYR Y 97 41.79 15.58 -9.74
CA TYR Y 97 41.12 15.76 -8.46
C TYR Y 97 41.79 16.89 -7.69
N TYR Y 98 43.12 16.95 -7.78
CA TYR Y 98 43.89 18.01 -7.15
C TYR Y 98 43.66 19.34 -7.84
N LEU Y 99 43.58 19.29 -9.17
CA LEU Y 99 43.40 20.48 -9.97
C LEU Y 99 41.96 20.62 -10.48
N ALA Y 100 41.02 20.08 -9.72
CA ALA Y 100 39.61 20.11 -10.11
C ALA Y 100 39.02 21.51 -10.03
N LYS Y 101 39.28 22.21 -8.94
CA LYS Y 101 38.69 23.53 -8.72
C LYS Y 101 39.21 24.58 -9.70
N PRO Y 102 40.53 24.67 -9.88
CA PRO Y 102 41.10 25.63 -10.81
C PRO Y 102 40.61 25.32 -12.21
N THR Y 103 40.49 24.03 -12.52
CA THR Y 103 40.02 23.57 -13.82
C THR Y 103 38.60 24.03 -14.06
N PHE Y 104 37.74 23.75 -13.08
CA PHE Y 104 36.35 24.17 -13.15
C PHE Y 104 36.27 25.68 -13.19
N ALA Y 105 37.12 26.33 -12.40
CA ALA Y 105 37.16 27.78 -12.31
C ALA Y 105 37.46 28.39 -13.66
N ILE Y 106 38.38 27.77 -14.41
CA ILE Y 106 38.73 28.26 -15.73
C ILE Y 106 37.51 28.23 -16.63
N ARG Y 107 36.90 27.07 -16.73
CA ARG Y 107 35.74 26.89 -17.58
C ARG Y 107 34.54 27.67 -17.10
N GLN Y 108 34.43 27.85 -15.78
CA GLN Y 108 33.31 28.59 -15.24
C GLN Y 108 33.41 30.05 -15.65
N SER Y 109 34.63 30.57 -15.68
CA SER Y 109 34.85 31.95 -16.08
C SER Y 109 34.76 32.09 -17.60
N LYS Y 110 35.07 31.01 -18.31
CA LYS Y 110 35.01 31.01 -19.76
C LYS Y 110 33.69 30.45 -20.26
N ASN Y 111 32.84 30.02 -19.33
CA ASN Y 111 31.53 29.47 -19.65
C ASN Y 111 31.63 28.27 -20.59
N LEU Y 112 32.55 27.36 -20.29
CA LEU Y 112 32.74 26.17 -21.10
C LEU Y 112 32.25 24.92 -20.38
N PRO Y 113 31.00 24.56 -20.60
CA PRO Y 113 30.39 23.40 -19.93
C PRO Y 113 31.01 22.12 -20.43
N PRO Y 114 30.83 21.05 -19.67
CA PRO Y 114 31.42 19.75 -20.01
C PRO Y 114 30.86 19.23 -21.32
N ALA Y 115 31.75 18.77 -22.19
CA ALA Y 115 31.39 18.28 -23.51
C ALA Y 115 30.65 16.95 -23.43
N ASN Y 116 30.80 16.25 -22.31
CA ASN Y 116 30.14 14.96 -22.13
C ASN Y 116 28.78 15.12 -21.47
N PHE Y 117 28.38 16.36 -21.26
CA PHE Y 117 27.07 16.69 -20.71
C PHE Y 117 25.99 16.03 -21.53
N ALA Y 118 26.09 16.19 -22.84
CA ALA Y 118 25.13 15.62 -23.79
C ALA Y 118 25.12 14.10 -23.71
N LYS Y 119 26.32 13.52 -23.67
CA LYS Y 119 26.49 12.08 -23.65
C LYS Y 119 25.86 11.44 -22.42
N LYS Y 120 25.98 12.14 -21.31
CA LYS Y 120 25.47 11.65 -20.04
C LYS Y 120 24.01 11.96 -19.83
N ASN Y 121 23.41 12.68 -20.77
CA ASN Y 121 22.01 13.03 -20.69
C ASN Y 121 21.69 13.80 -19.41
N VAL Y 122 22.66 14.57 -18.94
CA VAL Y 122 22.48 15.35 -17.72
C VAL Y 122 21.54 16.50 -17.98
N PRO Y 123 20.54 16.67 -17.12
CA PRO Y 123 19.56 17.75 -17.27
C PRO Y 123 20.27 19.09 -17.35
N SER Y 124 19.72 20.01 -18.14
CA SER Y 124 20.30 21.33 -18.31
C SER Y 124 20.37 22.07 -16.98
N GLN Y 125 19.47 21.70 -16.07
CA GLN Y 125 19.46 22.27 -14.73
C GLN Y 125 20.79 21.98 -14.03
N TYR Y 126 21.39 20.86 -14.41
CA TYR Y 126 22.63 20.41 -13.82
C TYR Y 126 23.76 20.41 -14.86
N LYS Y 127 23.73 21.39 -15.75
CA LYS Y 127 24.71 21.50 -16.83
C LYS Y 127 26.15 21.48 -16.34
N TRP Y 128 26.40 22.11 -15.20
CA TRP Y 128 27.76 22.17 -14.66
C TRP Y 128 28.01 21.10 -13.62
N CYS Y 129 27.12 20.12 -13.54
CA CYS Y 129 27.27 19.05 -12.57
C CYS Y 129 27.98 17.86 -13.18
N ALA Y 130 28.07 17.84 -14.51
CA ALA Y 130 28.75 16.74 -15.20
C ALA Y 130 30.26 16.92 -15.15
N PHE Y 131 30.84 16.76 -13.96
CA PHE Y 131 32.27 16.91 -13.76
C PHE Y 131 32.84 15.72 -13.00
N ASP Y 132 33.65 14.91 -13.68
CA ASP Y 132 34.20 13.71 -13.08
C ASP Y 132 34.97 13.98 -11.79
N ALA Y 133 35.74 15.06 -11.78
CA ALA Y 133 36.53 15.41 -10.60
C ALA Y 133 35.80 16.41 -9.72
N PHE Y 134 34.48 16.35 -9.68
CA PHE Y 134 33.71 17.27 -8.85
C PHE Y 134 34.07 17.14 -7.38
N ASP Y 135 34.61 16.00 -6.98
CA ASP Y 135 34.98 15.78 -5.59
C ASP Y 135 36.08 16.75 -5.17
N GLY Y 136 36.88 17.19 -6.12
CA GLY Y 136 37.96 18.13 -5.85
C GLY Y 136 37.40 19.50 -5.49
N LEU Y 137 36.14 19.73 -5.82
CA LEU Y 137 35.47 21.00 -5.51
C LEU Y 137 35.21 21.11 -4.02
N TYR Y 138 35.26 19.97 -3.34
CA TYR Y 138 35.02 19.91 -1.91
C TYR Y 138 36.29 19.53 -1.16
N ASP Y 139 37.17 18.83 -1.86
CA ASP Y 139 38.42 18.35 -1.27
C ASP Y 139 39.26 19.51 -0.74
N PRO Y 140 39.55 19.47 0.57
CA PRO Y 140 40.29 20.55 1.24
C PRO Y 140 41.73 20.68 0.74
N THR Y 141 42.26 19.64 0.11
CA THR Y 141 43.63 19.67 -0.38
C THR Y 141 43.69 20.12 -1.83
N CYS Y 142 42.53 20.21 -2.47
CA CYS Y 142 42.48 20.60 -3.88
C CYS Y 142 42.91 22.06 -4.07
N LEU Y 143 43.72 22.28 -5.10
CA LEU Y 143 44.23 23.61 -5.43
C LEU Y 143 43.09 24.52 -5.86
N ALA Y 144 43.23 25.82 -5.60
CA ALA Y 144 42.19 26.78 -5.98
C ALA Y 144 42.56 28.20 -5.58
N SER Y 145 42.91 29.01 -6.58
CA SER Y 145 43.26 30.41 -6.34
C SER Y 145 42.01 31.29 -6.31
N GLU Y 146 40.94 30.83 -6.95
CA GLU Y 146 39.68 31.56 -7.00
C GLU Y 146 38.65 30.83 -7.85
N LEU Y 147 37.50 30.52 -7.26
CA LEU Y 147 36.43 29.84 -7.97
C LEU Y 147 35.29 30.84 -8.26
N PRO Y 148 35.04 31.09 -9.55
CA PRO Y 148 34.01 32.06 -9.98
C PRO Y 148 32.61 31.72 -9.47
N TYR Y 149 32.30 30.44 -9.35
CA TYR Y 149 30.98 30.04 -8.89
C TYR Y 149 31.04 28.90 -7.89
N ASP Y 150 30.23 29.03 -6.84
CA ASP Y 150 30.19 28.00 -5.80
C ASP Y 150 29.48 26.76 -6.28
N ALA Y 151 30.17 25.97 -7.10
CA ALA Y 151 29.66 24.72 -7.61
C ALA Y 151 29.45 23.71 -6.48
N PRO Y 152 30.19 23.88 -5.38
CA PRO Y 152 30.00 23.00 -4.23
C PRO Y 152 28.59 23.07 -3.64
N SER Y 153 27.82 24.11 -4.01
CA SER Y 153 26.46 24.28 -3.49
C SER Y 153 25.75 22.94 -3.28
N GLU Y 154 25.08 22.82 -2.13
CA GLU Y 154 24.41 21.58 -1.74
C GLU Y 154 23.45 21.08 -2.82
N ILE Y 155 22.77 21.99 -3.49
CA ILE Y 155 21.87 21.59 -4.56
C ILE Y 155 22.68 20.92 -5.66
N ASP Y 156 23.81 21.53 -5.97
CA ASP Y 156 24.72 20.98 -6.97
C ASP Y 156 25.35 19.71 -6.44
N ARG Y 157 25.50 19.62 -5.12
CA ARG Y 157 26.09 18.46 -4.47
C ARG Y 157 25.19 17.25 -4.63
N MET Y 158 23.89 17.45 -4.47
CA MET Y 158 22.94 16.37 -4.67
C MET Y 158 22.87 16.05 -6.15
N ALA Y 159 23.05 17.08 -6.97
CA ALA Y 159 23.11 16.89 -8.41
C ALA Y 159 24.37 16.12 -8.75
N TYR Y 160 25.44 16.38 -7.99
CA TYR Y 160 26.70 15.66 -8.16
C TYR Y 160 26.52 14.22 -7.73
N ALA Y 161 25.65 14.00 -6.75
CA ALA Y 161 25.33 12.65 -6.33
C ALA Y 161 24.62 11.95 -7.48
N THR Y 162 23.71 12.67 -8.13
CA THR Y 162 23.01 12.12 -9.29
C THR Y 162 24.04 11.85 -10.36
N PHE Y 163 25.01 12.75 -10.49
CA PHE Y 163 26.12 12.58 -11.40
C PHE Y 163 26.92 11.34 -11.03
N LYS Y 164 27.07 11.10 -9.73
CA LYS Y 164 27.77 9.92 -9.25
C LYS Y 164 27.08 8.67 -9.75
N THR Y 165 25.75 8.73 -9.86
CA THR Y 165 24.99 7.60 -10.38
C THR Y 165 25.48 7.29 -11.80
N ILE Y 166 25.75 8.33 -12.57
CA ILE Y 166 26.28 8.16 -13.92
C ILE Y 166 27.60 7.43 -13.84
N GLN Y 167 28.45 7.88 -12.92
CA GLN Y 167 29.77 7.31 -12.74
C GLN Y 167 29.64 5.85 -12.33
N ILE Y 168 28.65 5.57 -11.48
CA ILE Y 168 28.38 4.22 -11.02
C ILE Y 168 27.87 3.36 -12.15
N LYS Y 169 26.96 3.91 -12.94
CA LYS Y 169 26.41 3.20 -14.08
C LYS Y 169 27.50 2.74 -15.03
N ILE Y 170 28.37 3.67 -15.40
CA ILE Y 170 29.44 3.36 -16.32
C ILE Y 170 30.37 2.35 -15.67
N ALA Y 171 30.57 2.50 -14.36
CA ALA Y 171 31.39 1.54 -13.63
C ALA Y 171 30.76 0.16 -13.76
N ASN Y 172 29.44 0.09 -13.62
CA ASN Y 172 28.74 -1.18 -13.78
C ASN Y 172 28.89 -1.69 -15.19
N ASP Y 173 28.94 -0.76 -16.15
CA ASP Y 173 29.07 -1.09 -17.55
C ASP Y 173 30.47 -1.61 -17.90
N GLN Y 174 31.50 -1.12 -17.20
CA GLN Y 174 32.86 -1.54 -17.49
C GLN Y 174 33.55 -2.21 -16.30
N LYS Y 175 33.47 -1.57 -15.14
CA LYS Y 175 34.07 -2.14 -13.93
C LYS Y 175 33.33 -3.39 -13.52
N GLY Y 176 32.06 -3.49 -13.91
CA GLY Y 176 31.23 -4.63 -13.61
C GLY Y 176 31.61 -5.86 -14.42
N PHE Y 177 32.55 -5.69 -15.36
CA PHE Y 177 33.02 -6.83 -16.14
C PHE Y 177 33.56 -7.89 -15.21
N ASN Y 178 33.14 -9.12 -15.43
CA ASN Y 178 33.54 -10.22 -14.56
C ASN Y 178 34.89 -10.80 -14.93
N LEU Y 179 35.91 -10.45 -14.15
CA LEU Y 179 37.23 -11.01 -14.35
C LEU Y 179 37.31 -12.37 -13.68
N ASN Y 180 36.64 -13.34 -14.29
CA ASN Y 180 36.55 -14.69 -13.75
C ASN Y 180 37.71 -15.58 -14.17
N TYR Y 181 38.63 -15.04 -14.96
CA TYR Y 181 39.79 -15.81 -15.34
C TYR Y 181 40.95 -14.93 -15.73
N ASN Y 182 42.15 -15.47 -15.63
CA ASN Y 182 43.34 -14.77 -16.05
C ASN Y 182 43.91 -15.40 -17.31
N PRO Y 183 44.36 -16.66 -17.23
CA PRO Y 183 45.00 -17.31 -18.38
C PRO Y 183 44.00 -17.81 -19.41
N ASN Y 184 43.16 -16.90 -19.91
CA ASN Y 184 42.21 -17.24 -20.95
C ASN Y 184 41.34 -18.46 -20.64
N VAL Y 185 40.83 -18.57 -19.42
CA VAL Y 185 39.98 -19.72 -19.11
C VAL Y 185 38.56 -19.49 -19.63
N THR Y 186 38.42 -19.55 -20.94
CA THR Y 186 37.14 -19.34 -21.60
C THR Y 186 36.25 -20.57 -21.45
N GLN Y 187 36.85 -21.69 -21.07
CA GLN Y 187 36.10 -22.90 -20.85
C GLN Y 187 35.22 -22.79 -19.62
N ALA Y 188 35.60 -21.90 -18.70
CA ALA Y 188 34.77 -21.64 -17.53
C ALA Y 188 33.67 -20.69 -17.94
N ARG Y 189 34.08 -19.56 -18.52
CA ARG Y 189 33.16 -18.57 -19.05
C ARG Y 189 33.72 -17.93 -20.30
N LEU Y 190 32.95 -17.95 -21.37
CA LEU Y 190 33.37 -17.42 -22.64
C LEU Y 190 33.42 -15.90 -22.66
N PRO Y 191 34.24 -15.37 -23.56
CA PRO Y 191 34.37 -13.92 -23.72
C PRO Y 191 33.02 -13.32 -24.04
N ASN Y 192 32.72 -12.17 -23.43
CA ASN Y 192 31.47 -11.47 -23.64
C ASN Y 192 30.25 -12.26 -23.17
N ALA Y 193 30.48 -13.30 -22.37
CA ALA Y 193 29.38 -14.07 -21.80
C ALA Y 193 28.61 -13.24 -20.78
N PRO Y 194 29.32 -12.31 -20.12
CA PRO Y 194 28.68 -11.44 -19.13
C PRO Y 194 27.66 -10.49 -19.76
N LEU Y 195 27.67 -10.37 -21.09
CA LEU Y 195 26.73 -9.47 -21.74
C LEU Y 195 25.29 -9.81 -21.38
N PRO Y 196 24.54 -8.81 -20.93
CA PRO Y 196 23.15 -9.01 -20.54
C PRO Y 196 22.33 -9.54 -21.71
N ALA Y 197 21.38 -10.41 -21.39
CA ALA Y 197 20.50 -10.98 -22.40
C ALA Y 197 19.58 -9.91 -22.95
N LEU Y 198 19.11 -10.11 -24.18
CA LEU Y 198 18.23 -9.15 -24.82
C LEU Y 198 16.91 -9.08 -24.07
N PRO Y 199 16.37 -7.87 -23.94
CA PRO Y 199 15.13 -7.66 -23.20
C PRO Y 199 13.94 -8.28 -23.91
N GLU Y 200 13.06 -8.91 -23.14
CA GLU Y 200 11.85 -9.53 -23.66
C GLU Y 200 10.78 -8.47 -23.83
N PRO Y 201 9.79 -8.75 -24.68
CA PRO Y 201 8.69 -7.80 -24.89
C PRO Y 201 7.64 -7.91 -23.78
N THR Y 202 7.65 -9.01 -23.04
CA THR Y 202 6.66 -9.22 -21.99
C THR Y 202 7.08 -8.53 -20.70
N SER Y 203 6.10 -8.29 -19.82
CA SER Y 203 6.36 -7.63 -18.55
C SER Y 203 7.01 -8.55 -17.54
N ASP Y 204 6.88 -9.85 -17.76
CA ASP Y 204 7.45 -10.83 -16.86
C ASP Y 204 8.23 -11.89 -17.62
#